data_1Y2M
#
_entry.id   1Y2M
#
_cell.length_a   104.759
_cell.length_b   151.612
_cell.length_c   179.922
_cell.angle_alpha   90.00
_cell.angle_beta   90.00
_cell.angle_gamma   90.00
#
_symmetry.space_group_name_H-M   'P 21 21 21'
#
loop_
_entity.id
_entity.type
_entity.pdbx_description
1 polymer 'Phenylalanine ammonia-lyase'
2 water water
#
_entity_poly.entity_id   1
_entity_poly.type   'polypeptide(L)'
_entity_poly.pdbx_seq_one_letter_code
;(MSE)APSLDSISHSFANGVASAKQAVNGASTNLAVAGSHLPTTQVTQVDIVEK(MSE)LAAPTDSTLELDGYSLNLGDV
VSAARKGRPVRVKDSDEIRSKIDKSVEFLRSQLS(MSE)SVYGVTTGFGGSADTRTEDAISLQKALLEHQLCGVLPSSFD
SFRLGRGLENSLPLEVVRGA(MSE)TIRVNSLTRGHSAVRLVVLEALTNFLNHGITPIVPLRGTISASGDLSPLSYIAAA
ISGHPDSKVHVVHEGKEKILYAREA(MSE)ALFNLEPVVLGPKEGLGLVNGTAVSAS(MSE)ATLALHDAH(MSE)LSLL
SQSLTA(MSE)TVEA(MSE)VGHAGSFHPFLHDVTRPHPTQIEVAGNIRKLLEGSRFAVHHEEEVKVKDDEGILRQDRYP
LRTSPQWLGPLVSDLIHAHAVLTIEAGQSTTDNPLIDVENKTSHHGGNFQAAAVANT(MSE)EKTRLGLAQIGKLNFTQL
TE(MSE)LNAG(MSE)NRGLPSCLAAEDPSLSYHCKGLDIAAAAYTSELGHLANPVTTHVQPAE(MSE)ANQAVNSLALI
SARRTTESNDVLSLLLATHLYCVLQAIDLRAIEFEFKKQFGPAIVSLIDQHFGSA(MSE)TGSNLRDELVEKVNKTLAKR
LEQTNSYDLVPRWHDAFSFAAGTVVEVLSSTSLSLAAVNAWKVAAAESAISLTRQVRETFWSAASTSSPALSYLSPRTQI
LYAFVREELGVKARRGDVFLGKQEVTIGSNVSKIYEAIKSGRINNVLLK(MSE)LA
;
_entity_poly.pdbx_strand_id   A,B,C,D
#
# COMPACT_ATOMS: atom_id res chain seq x y z
N ALA A 26 18.02 -18.07 -30.00
CA ALA A 26 18.12 -17.59 -28.58
C ALA A 26 19.28 -18.32 -27.87
N SER A 27 19.97 -17.62 -26.98
CA SER A 27 21.10 -18.22 -26.27
C SER A 27 20.59 -19.19 -25.21
N THR A 28 21.24 -20.35 -25.10
CA THR A 28 20.95 -21.30 -24.03
C THR A 28 21.92 -21.07 -22.89
N ASN A 29 22.81 -20.09 -23.02
CA ASN A 29 23.71 -19.71 -21.96
C ASN A 29 22.94 -18.97 -20.86
N LEU A 30 22.87 -19.57 -19.67
CA LEU A 30 22.07 -18.96 -18.58
C LEU A 30 22.55 -17.57 -18.17
N ALA A 31 23.85 -17.30 -18.35
CA ALA A 31 24.38 -15.94 -18.12
C ALA A 31 23.74 -14.90 -19.04
N VAL A 32 23.28 -15.35 -20.22
CA VAL A 32 22.47 -14.52 -21.11
C VAL A 32 20.99 -14.60 -20.73
N ALA A 33 20.52 -15.83 -20.52
CA ALA A 33 19.11 -16.12 -20.44
C ALA A 33 18.51 -15.85 -19.08
N GLY A 34 19.31 -15.79 -18.01
CA GLY A 34 18.74 -15.79 -16.63
C GLY A 34 18.09 -17.15 -16.35
N SER A 35 17.34 -17.25 -15.27
CA SER A 35 16.68 -18.52 -14.96
C SER A 35 15.37 -18.32 -14.23
N HIS A 36 14.34 -19.09 -14.62
CA HIS A 36 13.02 -19.02 -13.95
C HIS A 36 12.95 -19.74 -12.61
N LEU A 37 13.91 -20.61 -12.35
CA LEU A 37 14.05 -21.18 -11.02
C LEU A 37 15.42 -20.94 -10.38
N PRO A 38 15.47 -21.01 -9.05
CA PRO A 38 16.80 -21.02 -8.41
C PRO A 38 17.76 -22.12 -8.92
N THR A 39 19.01 -21.79 -9.21
CA THR A 39 19.97 -22.75 -9.68
C THR A 39 21.37 -22.27 -9.44
N THR A 40 22.24 -23.19 -9.03
CA THR A 40 23.65 -22.85 -8.86
C THR A 40 24.39 -22.77 -10.21
N GLN A 41 23.70 -23.12 -11.30
CA GLN A 41 24.30 -23.05 -12.64
C GLN A 41 24.42 -21.61 -13.17
N VAL A 42 23.82 -20.62 -12.52
CA VAL A 42 24.06 -19.24 -12.97
C VAL A 42 23.98 -18.29 -11.80
N THR A 43 24.70 -17.18 -11.93
CA THR A 43 24.73 -16.17 -10.90
C THR A 43 24.49 -14.77 -11.45
N GLN A 44 24.15 -13.83 -10.55
CA GLN A 44 23.98 -12.46 -10.94
C GLN A 44 25.26 -11.89 -11.50
N VAL A 45 26.40 -12.15 -10.87
CA VAL A 45 27.70 -11.74 -11.45
C VAL A 45 27.87 -12.23 -12.89
N ASP A 46 27.55 -13.51 -13.15
CA ASP A 46 27.63 -14.08 -14.53
C ASP A 46 26.76 -13.24 -15.50
N ILE A 47 25.53 -12.93 -15.06
CA ILE A 47 24.60 -12.13 -15.87
C ILE A 47 25.08 -10.70 -16.11
N VAL A 48 25.57 -10.06 -15.04
CA VAL A 48 26.19 -8.74 -15.16
C VAL A 48 27.38 -8.70 -16.11
N GLU A 49 28.29 -9.66 -15.95
CA GLU A 49 29.46 -9.75 -16.79
C GLU A 49 29.05 -9.77 -18.27
N LYS A 50 28.05 -10.59 -18.61
CA LYS A 50 27.59 -10.70 -20.00
C LYS A 50 26.99 -9.39 -20.49
N MSE A 51 26.18 -8.74 -19.66
CA MSE A 51 25.58 -7.45 -20.04
C MSE A 51 26.61 -6.39 -20.29
O MSE A 51 26.52 -5.66 -21.29
CB MSE A 51 24.59 -6.93 -18.95
CG MSE A 51 23.29 -7.63 -18.93
SE MSE A 51 22.04 -6.57 -17.79
CE MSE A 51 20.93 -5.73 -19.23
N LEU A 52 27.63 -6.31 -19.45
CA LEU A 52 28.64 -5.28 -19.56
C LEU A 52 29.59 -5.59 -20.69
N ALA A 53 29.53 -6.80 -21.21
CA ALA A 53 30.35 -7.15 -22.35
C ALA A 53 29.65 -6.90 -23.71
N ALA A 54 28.39 -6.46 -23.70
CA ALA A 54 27.68 -6.09 -24.94
C ALA A 54 28.54 -5.06 -25.71
N PRO A 55 28.79 -5.30 -27.01
CA PRO A 55 29.52 -4.32 -27.81
C PRO A 55 28.76 -3.00 -27.88
N THR A 56 29.49 -1.89 -27.96
CA THR A 56 28.87 -0.59 -28.13
C THR A 56 29.15 0.02 -29.50
N ASP A 57 30.08 -0.57 -30.25
CA ASP A 57 30.53 -0.01 -31.51
C ASP A 57 30.05 -0.80 -32.73
N SER A 58 30.21 -2.12 -32.67
CA SER A 58 29.77 -2.97 -33.76
C SER A 58 28.22 -2.97 -33.83
N THR A 59 27.70 -3.14 -35.04
CA THR A 59 26.28 -3.03 -35.27
C THR A 59 25.51 -4.18 -34.64
N LEU A 60 24.46 -3.84 -33.93
CA LEU A 60 23.54 -4.84 -33.43
C LEU A 60 22.63 -5.32 -34.54
N GLU A 61 22.76 -6.57 -34.96
CA GLU A 61 21.91 -7.11 -36.00
C GLU A 61 20.72 -7.80 -35.39
N LEU A 62 19.55 -7.33 -35.74
CA LEU A 62 18.32 -7.90 -35.16
C LEU A 62 17.78 -9.00 -36.06
N ASP A 63 17.57 -10.20 -35.49
CA ASP A 63 17.08 -11.36 -36.24
C ASP A 63 15.78 -11.97 -35.63
N GLY A 64 15.24 -11.32 -34.60
CA GLY A 64 13.94 -11.75 -33.98
C GLY A 64 14.09 -12.72 -32.81
N TYR A 65 15.31 -13.21 -32.56
CA TYR A 65 15.55 -14.26 -31.59
C TYR A 65 16.77 -14.07 -30.70
N SER A 66 17.83 -13.43 -31.21
CA SER A 66 19.14 -13.38 -30.51
C SER A 66 19.28 -12.21 -29.55
N LEU A 67 18.38 -11.25 -29.66
CA LEU A 67 18.56 -9.98 -28.91
C LEU A 67 18.50 -10.23 -27.41
N ASN A 68 19.52 -9.75 -26.69
CA ASN A 68 19.56 -9.93 -25.26
C ASN A 68 19.49 -8.60 -24.52
N LEU A 69 19.40 -8.67 -23.21
CA LEU A 69 19.17 -7.44 -22.47
C LEU A 69 20.37 -6.49 -22.50
N GLY A 70 21.56 -7.06 -22.44
CA GLY A 70 22.74 -6.23 -22.63
C GLY A 70 22.75 -5.46 -23.95
N ASP A 71 22.34 -6.12 -25.03
CA ASP A 71 22.25 -5.49 -26.34
C ASP A 71 21.26 -4.28 -26.28
N VAL A 72 20.08 -4.51 -25.71
CA VAL A 72 19.08 -3.45 -25.61
C VAL A 72 19.67 -2.21 -24.91
N VAL A 73 20.33 -2.40 -23.77
CA VAL A 73 20.94 -1.25 -23.04
C VAL A 73 22.02 -0.57 -23.94
N SER A 74 22.83 -1.36 -24.65
CA SER A 74 23.87 -0.77 -25.53
C SER A 74 23.28 0.14 -26.61
N ALA A 75 22.15 -0.28 -27.18
CA ALA A 75 21.42 0.52 -28.16
C ALA A 75 20.71 1.71 -27.54
N ALA A 76 20.07 1.50 -26.39
CA ALA A 76 19.30 2.55 -25.77
C ALA A 76 20.20 3.67 -25.26
N ARG A 77 21.25 3.29 -24.55
CA ARG A 77 22.11 4.22 -23.81
C ARG A 77 23.44 4.55 -24.42
N LYS A 78 24.02 3.66 -25.23
CA LYS A 78 25.40 3.87 -25.68
C LYS A 78 25.50 4.09 -27.16
N GLY A 79 24.37 4.30 -27.83
CA GLY A 79 24.42 4.72 -29.23
C GLY A 79 24.89 3.66 -30.19
N ARG A 80 24.79 2.40 -29.77
CA ARG A 80 25.21 1.35 -30.69
C ARG A 80 24.35 1.39 -31.94
N PRO A 81 24.98 1.30 -33.14
CA PRO A 81 24.19 1.16 -34.38
C PRO A 81 23.31 -0.10 -34.37
N VAL A 82 22.16 -0.01 -35.02
CA VAL A 82 21.19 -1.11 -35.08
C VAL A 82 20.69 -1.36 -36.51
N ARG A 83 20.64 -2.62 -36.93
CA ARG A 83 20.08 -2.96 -38.24
C ARG A 83 19.31 -4.27 -38.17
N VAL A 84 18.29 -4.41 -39.02
CA VAL A 84 17.74 -5.74 -39.28
C VAL A 84 18.85 -6.57 -39.90
N LYS A 85 19.07 -7.78 -39.39
CA LYS A 85 20.10 -8.65 -39.96
C LYS A 85 20.02 -8.76 -41.46
N ASP A 86 21.19 -8.70 -42.09
CA ASP A 86 21.35 -8.80 -43.53
C ASP A 86 21.32 -10.29 -43.94
N SER A 87 20.12 -10.78 -44.28
CA SER A 87 19.92 -12.18 -44.63
C SER A 87 18.68 -12.32 -45.52
N ASP A 88 18.79 -13.13 -46.56
CA ASP A 88 17.69 -13.35 -47.49
C ASP A 88 16.56 -14.00 -46.74
N GLU A 89 16.90 -14.90 -45.84
CA GLU A 89 15.92 -15.65 -45.09
C GLU A 89 15.01 -14.71 -44.26
N ILE A 90 15.63 -13.78 -43.55
CA ILE A 90 14.85 -12.81 -42.75
C ILE A 90 14.02 -11.89 -43.65
N ARG A 91 14.65 -11.40 -44.70
CA ARG A 91 13.99 -10.56 -45.67
C ARG A 91 12.80 -11.29 -46.31
N SER A 92 13.01 -12.53 -46.74
CA SER A 92 11.94 -13.28 -47.39
C SER A 92 10.78 -13.54 -46.43
N LYS A 93 11.13 -13.88 -45.19
CA LYS A 93 10.16 -14.15 -44.15
C LYS A 93 9.23 -12.93 -43.90
N ILE A 94 9.84 -11.76 -43.74
CA ILE A 94 9.11 -10.51 -43.56
C ILE A 94 8.23 -10.24 -44.79
N ASP A 95 8.87 -10.31 -45.97
CA ASP A 95 8.21 -10.04 -47.24
C ASP A 95 7.02 -10.99 -47.46
N LYS A 96 7.21 -12.27 -47.14
CA LYS A 96 6.14 -13.26 -47.31
C LYS A 96 4.93 -13.03 -46.41
N SER A 97 5.12 -12.52 -45.19
CA SER A 97 3.94 -12.22 -44.34
C SER A 97 3.12 -11.05 -44.89
N VAL A 98 3.82 -10.08 -45.48
CA VAL A 98 3.15 -8.93 -46.08
C VAL A 98 2.32 -9.41 -47.28
N GLU A 99 2.93 -10.25 -48.08
CA GLU A 99 2.30 -10.73 -49.30
C GLU A 99 1.10 -11.58 -48.94
N PHE A 100 1.25 -12.42 -47.91
CA PHE A 100 0.13 -13.24 -47.48
C PHE A 100 -1.09 -12.40 -47.07
N LEU A 101 -0.85 -11.36 -46.27
CA LEU A 101 -1.91 -10.51 -45.78
C LEU A 101 -2.58 -9.79 -46.95
N ARG A 102 -1.76 -9.31 -47.89
CA ARG A 102 -2.21 -8.54 -49.08
C ARG A 102 -2.78 -7.15 -48.75
N THR A 124 -7.18 0.88 -51.30
CA THR A 124 -5.86 1.10 -50.73
C THR A 124 -5.79 2.49 -50.05
N GLU A 125 -6.49 3.46 -50.65
CA GLU A 125 -6.77 4.74 -50.01
C GLU A 125 -7.49 4.49 -48.68
N ASP A 126 -8.41 3.52 -48.69
CA ASP A 126 -9.11 3.06 -47.49
C ASP A 126 -8.17 2.57 -46.37
N ALA A 127 -7.19 1.73 -46.72
CA ALA A 127 -6.32 1.16 -45.69
C ALA A 127 -5.42 2.23 -45.17
N ILE A 128 -4.98 3.14 -46.05
CA ILE A 128 -4.15 4.26 -45.62
C ILE A 128 -4.92 5.08 -44.60
N SER A 129 -6.20 5.35 -44.89
CA SER A 129 -7.05 6.12 -43.98
C SER A 129 -7.22 5.43 -42.61
N LEU A 130 -7.43 4.11 -42.64
CA LEU A 130 -7.60 3.37 -41.42
C LEU A 130 -6.41 3.51 -40.50
N GLN A 131 -5.20 3.44 -41.06
CA GLN A 131 -4.02 3.57 -40.23
C GLN A 131 -3.95 4.96 -39.62
N LYS A 132 -4.35 5.98 -40.40
CA LYS A 132 -4.36 7.36 -39.87
C LYS A 132 -5.38 7.53 -38.73
N ALA A 133 -6.55 6.89 -38.87
CA ALA A 133 -7.53 6.84 -37.76
C ALA A 133 -6.98 6.19 -36.52
N LEU A 134 -6.17 5.16 -36.69
CA LEU A 134 -5.61 4.48 -35.54
C LEU A 134 -4.65 5.43 -34.83
N LEU A 135 -3.73 6.10 -35.55
CA LEU A 135 -2.82 7.05 -34.91
C LEU A 135 -3.55 8.23 -34.30
N GLU A 136 -4.51 8.81 -35.04
CA GLU A 136 -5.23 10.00 -34.59
C GLU A 136 -5.63 9.87 -33.14
N HIS A 137 -6.35 8.81 -32.79
CA HIS A 137 -6.96 8.73 -31.47
C HIS A 137 -5.92 8.43 -30.40
N GLN A 138 -4.78 7.85 -30.81
CA GLN A 138 -3.75 7.46 -29.83
C GLN A 138 -2.74 8.56 -29.56
N LEU A 139 -2.75 9.61 -30.37
CA LEU A 139 -1.88 10.76 -30.15
C LEU A 139 -2.58 11.72 -29.21
N CYS A 140 -2.76 11.24 -27.97
CA CYS A 140 -3.65 11.90 -27.06
C CYS A 140 -3.01 12.23 -25.71
N GLY A 141 -1.68 12.17 -25.61
CA GLY A 141 -1.02 12.45 -24.38
C GLY A 141 -0.56 13.90 -24.26
N VAL A 142 -0.06 14.20 -23.07
CA VAL A 142 0.30 15.58 -22.70
C VAL A 142 1.82 15.80 -22.79
N LEU A 143 2.17 16.86 -23.51
CA LEU A 143 3.57 17.33 -23.71
C LEU A 143 3.48 18.85 -23.65
N PRO A 144 4.60 19.52 -23.33
CA PRO A 144 4.63 20.99 -23.33
C PRO A 144 4.27 21.56 -24.71
N SER A 145 3.46 22.61 -24.73
CA SER A 145 2.97 23.17 -25.97
C SER A 145 4.04 23.96 -26.69
N SER A 146 5.00 24.48 -25.93
CA SER A 146 5.96 25.44 -26.46
C SER A 146 7.22 25.34 -25.67
N PHE A 147 8.30 25.88 -26.23
CA PHE A 147 9.50 26.08 -25.45
C PHE A 147 9.35 27.19 -24.42
N ASP A 148 8.30 28.00 -24.52
CA ASP A 148 8.11 29.09 -23.58
C ASP A 148 7.99 28.59 -22.16
N SER A 149 7.57 27.34 -21.97
CA SER A 149 7.43 26.82 -20.59
C SER A 149 8.74 26.29 -19.99
N PHE A 150 9.76 26.09 -20.83
CA PHE A 150 11.03 25.51 -20.34
C PHE A 150 11.76 26.51 -19.48
N ARG A 151 12.45 25.97 -18.50
CA ARG A 151 13.26 26.74 -17.56
C ARG A 151 14.56 25.98 -17.40
N LEU A 152 15.57 26.67 -16.92
CA LEU A 152 16.84 26.03 -16.58
C LEU A 152 16.62 24.72 -15.79
N GLY A 153 17.16 23.63 -16.34
CA GLY A 153 17.11 22.33 -15.71
C GLY A 153 15.72 21.68 -15.73
N ARG A 154 14.75 22.24 -16.48
CA ARG A 154 13.39 21.75 -16.43
C ARG A 154 12.75 21.84 -17.81
N GLY A 155 11.61 21.16 -17.98
CA GLY A 155 10.76 21.35 -19.15
C GLY A 155 10.22 20.12 -19.81
N LEU A 156 10.94 18.99 -19.73
CA LEU A 156 10.56 17.78 -20.47
C LEU A 156 10.09 16.66 -19.51
N GLU A 157 9.70 17.05 -18.29
CA GLU A 157 9.21 16.14 -17.28
C GLU A 157 8.04 15.29 -17.76
N ASN A 158 7.21 15.85 -18.65
CA ASN A 158 6.04 15.05 -19.15
C ASN A 158 6.33 14.22 -20.41
N SER A 159 7.62 14.02 -20.70
CA SER A 159 8.05 13.15 -21.81
C SER A 159 8.85 11.95 -21.34
N LEU A 160 8.75 10.89 -22.13
CA LEU A 160 9.56 9.71 -21.82
C LEU A 160 11.04 9.98 -21.99
N PRO A 161 11.87 9.40 -21.10
CA PRO A 161 13.30 9.59 -21.32
C PRO A 161 13.73 9.11 -22.72
N LEU A 162 14.72 9.75 -23.29
CA LEU A 162 15.09 9.43 -24.67
C LEU A 162 15.62 7.99 -24.75
N GLU A 163 16.34 7.55 -23.70
CA GLU A 163 16.88 6.21 -23.69
C GLU A 163 15.77 5.16 -23.75
N VAL A 164 14.63 5.44 -23.11
CA VAL A 164 13.50 4.51 -23.13
C VAL A 164 12.93 4.38 -24.55
N VAL A 165 12.83 5.51 -25.24
CA VAL A 165 12.27 5.51 -26.59
C VAL A 165 13.23 4.78 -27.56
N ARG A 166 14.54 4.99 -27.40
CA ARG A 166 15.51 4.26 -28.24
C ARG A 166 15.44 2.74 -28.00
N GLY A 167 15.36 2.33 -26.74
CA GLY A 167 15.22 0.91 -26.45
C GLY A 167 13.93 0.36 -27.02
N ALA A 168 12.87 1.16 -26.99
CA ALA A 168 11.58 0.73 -27.49
C ALA A 168 11.65 0.49 -28.98
N MSE A 169 12.28 1.42 -29.69
CA MSE A 169 12.36 1.30 -31.15
C MSE A 169 13.14 0.03 -31.48
O MSE A 169 12.80 -0.66 -32.43
CB MSE A 169 12.96 2.55 -31.77
CG MSE A 169 12.10 3.75 -31.58
SE MSE A 169 12.66 5.26 -32.80
CE MSE A 169 14.27 5.86 -31.78
N THR A 170 14.16 -0.28 -30.68
CA THR A 170 15.03 -1.42 -30.93
C THR A 170 14.23 -2.72 -30.74
N ILE A 171 13.55 -2.86 -29.62
CA ILE A 171 12.70 -4.01 -29.40
C ILE A 171 11.57 -4.11 -30.41
N ARG A 172 10.93 -2.99 -30.76
CA ARG A 172 9.83 -2.99 -31.75
C ARG A 172 10.31 -3.63 -33.04
N VAL A 173 11.47 -3.22 -33.49
CA VAL A 173 11.98 -3.75 -34.72
C VAL A 173 12.39 -5.19 -34.70
N ASN A 174 13.11 -5.62 -33.67
CA ASN A 174 13.16 -7.04 -33.29
C ASN A 174 11.94 -7.86 -33.37
N SER A 175 10.91 -7.42 -32.67
CA SER A 175 9.66 -8.16 -32.58
C SER A 175 8.95 -8.31 -33.93
N LEU A 176 9.22 -7.41 -34.87
CA LEU A 176 8.58 -7.44 -36.18
C LEU A 176 9.41 -8.14 -37.25
N THR A 177 10.69 -8.41 -36.97
CA THR A 177 11.53 -9.20 -37.88
C THR A 177 11.18 -10.70 -37.87
N ARG A 178 10.30 -11.11 -36.96
CA ARG A 178 10.01 -12.53 -36.76
C ARG A 178 9.04 -13.07 -37.79
N GLY A 179 8.44 -12.19 -38.60
CA GLY A 179 7.67 -12.64 -39.74
C GLY A 179 6.22 -13.00 -39.45
N HIS A 180 5.73 -12.62 -38.26
CA HIS A 180 4.36 -12.92 -37.84
C HIS A 180 3.41 -11.71 -37.98
N SER A 181 3.92 -10.57 -38.46
CA SER A 181 3.25 -9.28 -38.31
C SER A 181 2.79 -8.54 -39.57
N ALA A 182 3.39 -8.86 -40.72
CA ALA A 182 3.06 -8.19 -41.98
C ALA A 182 3.36 -6.70 -41.98
N VAL A 183 4.44 -6.31 -41.31
CA VAL A 183 4.95 -4.95 -41.38
C VAL A 183 6.15 -4.99 -42.35
N ARG A 184 6.18 -4.13 -43.37
CA ARG A 184 7.24 -4.13 -44.39
C ARG A 184 8.60 -3.84 -43.83
N LEU A 185 9.63 -4.41 -44.46
CA LEU A 185 11.00 -4.12 -44.08
C LEU A 185 11.31 -2.63 -44.14
N VAL A 186 10.77 -1.91 -45.12
CA VAL A 186 11.06 -0.46 -45.26
C VAL A 186 10.57 0.32 -44.04
N VAL A 187 9.54 -0.22 -43.39
CA VAL A 187 9.01 0.42 -42.17
C VAL A 187 9.99 0.13 -41.02
N LEU A 188 10.47 -1.12 -40.90
CA LEU A 188 11.48 -1.44 -39.91
C LEU A 188 12.75 -0.62 -40.09
N GLU A 189 13.16 -0.43 -41.35
CA GLU A 189 14.33 0.39 -41.67
C GLU A 189 14.14 1.87 -41.30
N ALA A 190 12.89 2.33 -41.33
CA ALA A 190 12.59 3.69 -40.91
C ALA A 190 12.94 3.90 -39.46
N LEU A 191 12.61 2.91 -38.64
CA LEU A 191 12.98 2.93 -37.23
C LEU A 191 14.50 2.78 -37.00
N THR A 192 15.15 1.87 -37.73
CA THR A 192 16.59 1.71 -37.59
C THR A 192 17.32 2.97 -38.05
N ASN A 193 16.79 3.63 -39.09
CA ASN A 193 17.36 4.91 -39.52
C ASN A 193 17.23 6.00 -38.47
N PHE A 194 16.09 6.08 -37.80
CA PHE A 194 15.92 6.99 -36.66
C PHE A 194 16.96 6.70 -35.55
N LEU A 195 17.10 5.42 -35.22
CA LEU A 195 18.08 5.03 -34.23
C LEU A 195 19.48 5.42 -34.66
N ASN A 196 19.86 5.06 -35.88
CA ASN A 196 21.25 5.28 -36.33
C ASN A 196 21.63 6.73 -36.58
N HIS A 197 20.63 7.58 -36.80
CA HIS A 197 20.85 9.02 -36.94
C HIS A 197 20.49 9.78 -35.65
N GLY A 198 20.18 9.05 -34.58
CA GLY A 198 19.95 9.72 -33.31
C GLY A 198 18.74 10.65 -33.35
N ILE A 199 17.73 10.22 -34.08
CA ILE A 199 16.43 10.90 -34.08
C ILE A 199 15.49 10.16 -33.09
N THR A 200 15.09 10.83 -32.01
CA THR A 200 14.31 10.20 -30.95
C THR A 200 12.95 10.89 -30.76
N PRO A 201 11.85 10.22 -31.10
CA PRO A 201 10.52 10.81 -30.90
C PRO A 201 10.29 11.32 -29.49
N ILE A 202 9.66 12.49 -29.42
CA ILE A 202 9.23 13.05 -28.15
C ILE A 202 7.87 12.41 -27.87
N VAL A 203 7.77 11.70 -26.77
CA VAL A 203 6.65 10.83 -26.46
C VAL A 203 6.13 11.21 -25.08
N PRO A 204 4.81 11.37 -24.92
CA PRO A 204 4.30 11.66 -23.56
C PRO A 204 4.70 10.56 -22.52
N LEU A 205 4.97 10.98 -21.29
CA LEU A 205 5.36 10.06 -20.24
C LEU A 205 4.19 9.12 -19.83
N ARG A 206 2.98 9.71 -19.80
CA ARG A 206 1.79 9.06 -19.28
C ARG A 206 0.69 8.90 -20.32
N GLY A 207 -0.17 7.93 -20.07
CA GLY A 207 -1.38 7.74 -20.89
C GLY A 207 -1.60 6.29 -21.26
N THR A 208 -0.57 5.45 -21.17
CA THR A 208 -0.77 4.02 -21.53
C THR A 208 -1.03 3.17 -20.31
N ILE A 209 -1.90 2.17 -20.50
CA ILE A 209 -2.16 1.10 -19.54
C ILE A 209 -1.41 -0.20 -19.90
N SER A 210 -0.59 -0.13 -20.94
CA SER A 210 0.26 -1.24 -21.33
C SER A 210 -0.53 -2.54 -21.58
N ALA A 211 -1.65 -2.43 -22.31
CA ALA A 211 -2.35 -3.59 -22.89
C ALA A 211 -2.50 -3.34 -24.38
N SER A 212 -3.56 -3.45 -25.15
CA SER A 212 -3.19 -3.57 -26.56
C SER A 212 -1.77 -3.08 -26.54
N GLY A 213 -1.30 -3.07 -25.30
CA GLY A 213 0.05 -2.85 -24.93
C GLY A 213 0.20 -1.35 -24.79
N ASP A 214 1.41 -0.90 -25.13
CA ASP A 214 1.83 0.49 -24.98
C ASP A 214 1.37 1.34 -26.16
N LEU A 215 0.05 1.38 -26.36
CA LEU A 215 -0.56 1.94 -27.56
C LEU A 215 -0.19 3.41 -27.82
N SER A 216 -0.41 4.28 -26.83
CA SER A 216 -0.20 5.69 -27.08
C SER A 216 1.27 5.95 -27.42
N PRO A 217 2.21 5.53 -26.54
CA PRO A 217 3.59 5.90 -26.89
C PRO A 217 4.12 5.27 -28.18
N LEU A 218 3.71 4.01 -28.46
CA LEU A 218 4.07 3.41 -29.71
C LEU A 218 3.45 4.16 -30.89
N SER A 219 2.28 4.76 -30.70
CA SER A 219 1.66 5.57 -31.79
C SER A 219 2.45 6.84 -32.06
N TYR A 220 3.02 7.45 -31.01
CA TYR A 220 3.92 8.59 -31.21
C TYR A 220 5.14 8.20 -32.08
N ILE A 221 5.70 7.03 -31.83
CA ILE A 221 6.84 6.56 -32.63
C ILE A 221 6.39 6.31 -34.10
N ALA A 222 5.25 5.66 -34.27
CA ALA A 222 4.69 5.44 -35.62
C ALA A 222 4.38 6.72 -36.40
N ALA A 223 3.79 7.69 -35.70
CA ALA A 223 3.49 8.97 -36.30
C ALA A 223 4.77 9.70 -36.71
N ALA A 224 5.84 9.53 -35.94
CA ALA A 224 7.09 10.22 -36.28
C ALA A 224 7.72 9.64 -37.57
N ILE A 225 7.81 8.32 -37.68
CA ILE A 225 8.43 7.77 -38.90
C ILE A 225 7.54 7.96 -40.15
N SER A 226 6.23 8.22 -39.93
CA SER A 226 5.34 8.51 -41.03
C SER A 226 5.15 10.02 -41.27
N GLY A 227 5.91 10.86 -40.55
CA GLY A 227 5.91 12.29 -40.80
C GLY A 227 4.58 12.99 -40.52
N HIS A 228 3.92 12.57 -39.45
CA HIS A 228 2.72 13.25 -39.00
C HIS A 228 3.09 14.74 -38.83
N PRO A 229 2.21 15.63 -39.30
CA PRO A 229 2.51 17.07 -39.22
C PRO A 229 2.72 17.66 -37.81
N ASP A 230 2.21 16.96 -36.80
CA ASP A 230 2.27 17.43 -35.40
C ASP A 230 3.25 16.59 -34.56
N SER A 231 4.06 15.76 -35.23
CA SER A 231 5.00 14.89 -34.54
C SER A 231 6.32 15.63 -34.29
N LYS A 232 6.80 15.59 -33.04
CA LYS A 232 8.08 16.16 -32.68
C LYS A 232 9.11 15.09 -32.36
N VAL A 233 10.36 15.42 -32.71
CA VAL A 233 11.48 14.55 -32.45
C VAL A 233 12.67 15.33 -31.91
N HIS A 234 13.53 14.63 -31.18
CA HIS A 234 14.76 15.14 -30.60
C HIS A 234 15.93 14.68 -31.48
N VAL A 235 16.83 15.61 -31.77
CA VAL A 235 18.05 15.27 -32.51
C VAL A 235 19.15 16.17 -31.97
N VAL A 236 20.39 15.74 -32.11
CA VAL A 236 21.55 16.58 -31.83
C VAL A 236 22.05 16.97 -33.18
N HIS A 237 22.18 18.27 -33.43
CA HIS A 237 22.52 18.76 -34.74
C HIS A 237 23.26 20.10 -34.58
N GLU A 238 24.38 20.23 -35.29
CA GLU A 238 25.25 21.40 -35.19
C GLU A 238 25.62 21.63 -33.73
N GLY A 239 25.94 20.54 -33.04
CA GLY A 239 26.40 20.61 -31.67
C GLY A 239 25.39 21.01 -30.61
N LYS A 240 24.10 21.07 -30.95
CA LYS A 240 23.08 21.33 -29.92
C LYS A 240 21.95 20.35 -30.03
N GLU A 241 21.29 20.15 -28.90
CA GLU A 241 20.01 19.42 -28.85
C GLU A 241 18.91 20.29 -29.48
N LYS A 242 18.12 19.67 -30.33
CA LYS A 242 17.00 20.33 -30.97
C LYS A 242 15.77 19.44 -30.89
N ILE A 243 14.62 20.08 -30.77
CA ILE A 243 13.36 19.43 -31.01
C ILE A 243 12.77 20.03 -32.27
N LEU A 244 12.55 19.17 -33.26
CA LEU A 244 12.04 19.55 -34.55
C LEU A 244 10.78 18.78 -34.89
N TYR A 245 10.04 19.23 -35.92
CA TYR A 245 9.01 18.39 -36.51
C TYR A 245 9.65 17.17 -37.17
N ALA A 246 8.92 16.05 -37.19
CA ALA A 246 9.46 14.81 -37.72
C ALA A 246 9.97 14.98 -39.17
N ARG A 247 9.18 15.65 -40.03
CA ARG A 247 9.61 15.86 -41.41
C ARG A 247 10.86 16.71 -41.55
N GLU A 248 11.00 17.74 -40.70
CA GLU A 248 12.22 18.56 -40.65
C GLU A 248 13.44 17.72 -40.37
N ALA A 249 13.33 16.90 -39.32
CA ALA A 249 14.44 16.08 -38.91
C ALA A 249 14.82 15.14 -40.03
N MSE A 250 13.82 14.56 -40.69
CA MSE A 250 14.09 13.56 -41.72
C MSE A 250 14.80 14.19 -42.91
O MSE A 250 15.68 13.58 -43.52
CB MSE A 250 12.79 12.85 -42.13
CG MSE A 250 12.31 11.85 -41.06
SE MSE A 250 10.75 10.73 -41.60
CE MSE A 250 10.12 11.94 -42.68
N ALA A 251 14.43 15.44 -43.23
CA ALA A 251 15.09 16.17 -44.32
C ALA A 251 16.55 16.44 -44.00
N LEU A 252 16.92 16.57 -42.72
CA LEU A 252 18.32 16.74 -42.35
C LEU A 252 19.13 15.52 -42.74
N PHE A 253 18.52 14.35 -42.68
CA PHE A 253 19.23 13.10 -42.95
C PHE A 253 18.82 12.44 -44.25
N ASN A 254 18.08 13.15 -45.09
CA ASN A 254 17.67 12.59 -46.38
C ASN A 254 16.79 11.33 -46.21
N LEU A 255 16.02 11.31 -45.14
CA LEU A 255 15.10 10.20 -44.86
C LEU A 255 13.72 10.53 -45.43
N GLU A 256 13.04 9.50 -45.94
CA GLU A 256 11.68 9.64 -46.48
C GLU A 256 10.66 9.07 -45.47
N PRO A 257 9.55 9.76 -45.27
CA PRO A 257 8.50 9.21 -44.41
C PRO A 257 7.92 7.95 -45.03
N VAL A 258 7.47 7.01 -44.20
CA VAL A 258 6.72 5.85 -44.69
C VAL A 258 5.25 6.17 -44.69
N VAL A 259 4.51 5.52 -45.55
CA VAL A 259 3.06 5.66 -45.56
C VAL A 259 2.56 4.31 -45.08
N LEU A 260 1.85 4.34 -43.98
CA LEU A 260 1.40 3.08 -43.38
C LEU A 260 0.31 2.37 -44.19
N GLY A 261 0.54 1.08 -44.45
CA GLY A 261 -0.44 0.25 -45.13
C GLY A 261 -1.24 -0.69 -44.25
N PRO A 262 -1.90 -1.65 -44.88
CA PRO A 262 -2.75 -2.61 -44.17
C PRO A 262 -1.97 -3.33 -43.07
N LYS A 263 -2.55 -3.35 -41.88
CA LYS A 263 -1.98 -3.99 -40.71
C LYS A 263 -0.80 -3.23 -40.08
N GLU A 264 -0.22 -2.25 -40.78
CA GLU A 264 1.00 -1.64 -40.28
C GLU A 264 0.77 -0.72 -39.07
N GLY A 265 -0.41 -0.12 -38.98
CA GLY A 265 -0.78 0.64 -37.82
C GLY A 265 -0.79 -0.23 -36.56
N LEU A 266 -1.56 -1.29 -36.58
CA LEU A 266 -1.58 -2.24 -35.46
C LEU A 266 -0.24 -2.91 -35.24
N GLY A 267 0.45 -3.23 -36.35
CA GLY A 267 1.77 -3.85 -36.30
C GLY A 267 2.77 -3.00 -35.53
N LEU A 268 2.68 -1.70 -35.72
CA LEU A 268 3.53 -0.77 -34.95
C LEU A 268 3.06 -0.39 -33.58
N VAL A 269 1.77 -0.20 -33.40
CA VAL A 269 1.25 0.35 -32.15
C VAL A 269 0.83 -0.69 -31.08
N ASN A 270 0.52 -1.92 -31.51
CA ASN A 270 0.11 -2.98 -30.57
C ASN A 270 1.39 -3.65 -30.10
N GLY A 271 1.59 -3.76 -28.81
CA GLY A 271 2.82 -4.38 -28.34
C GLY A 271 3.37 -3.84 -27.05
N THR A 272 4.46 -4.44 -26.62
CA THR A 272 4.99 -4.18 -25.25
C THR A 272 6.38 -3.49 -25.22
N ALA A 273 6.83 -2.97 -26.36
CA ALA A 273 8.23 -2.54 -26.48
C ALA A 273 8.62 -1.38 -25.55
N VAL A 274 7.65 -0.53 -25.21
CA VAL A 274 7.97 0.62 -24.40
C VAL A 274 8.18 0.22 -22.94
N SER A 275 7.21 -0.53 -22.44
CA SER A 275 7.35 -1.11 -21.13
C SER A 275 8.60 -1.97 -21.06
N ALA A 276 8.83 -2.79 -22.09
CA ALA A 276 9.93 -3.75 -22.01
C ALA A 276 11.26 -3.02 -22.02
N SER A 277 11.29 -1.94 -22.80
CA SER A 277 12.47 -1.09 -22.84
C SER A 277 12.79 -0.51 -21.46
N MSE A 278 11.80 0.14 -20.87
CA MSE A 278 12.07 0.83 -19.58
C MSE A 278 12.41 -0.20 -18.50
O MSE A 278 13.31 0.02 -17.64
CB MSE A 278 10.91 1.70 -19.11
CG MSE A 278 11.39 2.61 -18.06
SE MSE A 278 10.07 4.07 -17.76
CE MSE A 278 11.28 5.35 -16.80
N ALA A 279 11.74 -1.35 -18.56
CA ALA A 279 11.96 -2.46 -17.61
C ALA A 279 13.36 -3.07 -17.71
N THR A 280 13.82 -3.17 -18.96
CA THR A 280 15.14 -3.70 -19.22
C THR A 280 16.20 -2.79 -18.60
N LEU A 281 16.06 -1.49 -18.83
CA LEU A 281 16.97 -0.51 -18.26
C LEU A 281 16.93 -0.56 -16.75
N ALA A 282 15.74 -0.61 -16.17
CA ALA A 282 15.59 -0.67 -14.70
C ALA A 282 16.18 -1.96 -14.15
N LEU A 283 15.97 -3.10 -14.83
CA LEU A 283 16.54 -4.33 -14.32
C LEU A 283 18.07 -4.30 -14.36
N HIS A 284 18.64 -3.84 -15.47
CA HIS A 284 20.08 -3.61 -15.58
C HIS A 284 20.61 -2.83 -14.38
N ASP A 285 19.98 -1.69 -14.10
CA ASP A 285 20.43 -0.84 -12.97
C ASP A 285 20.24 -1.55 -11.63
N ALA A 286 19.12 -2.25 -11.44
CA ALA A 286 18.92 -3.01 -10.22
C ALA A 286 20.00 -4.08 -9.96
N HIS A 287 20.36 -4.84 -11.00
CA HIS A 287 21.44 -5.84 -10.86
C HIS A 287 22.70 -5.15 -10.28
N MSE A 288 23.01 -3.96 -10.76
CA MSE A 288 24.24 -3.28 -10.29
C MSE A 288 24.10 -2.87 -8.81
O MSE A 288 24.99 -3.01 -7.99
CB MSE A 288 24.50 -2.04 -11.11
CG MSE A 288 24.60 -2.29 -12.61
SE MSE A 288 25.82 -3.73 -13.11
CE MSE A 288 24.95 -4.00 -15.01
N LEU A 289 22.90 -2.45 -8.44
CA LEU A 289 22.67 -2.01 -7.07
C LEU A 289 22.70 -3.21 -6.12
N SER A 290 22.16 -4.34 -6.60
CA SER A 290 22.23 -5.58 -5.83
C SER A 290 23.73 -5.94 -5.53
N LEU A 291 24.57 -5.88 -6.54
CA LEU A 291 26.02 -6.17 -6.34
C LEU A 291 26.69 -5.14 -5.42
N LEU A 292 26.31 -3.87 -5.60
CA LEU A 292 26.82 -2.80 -4.73
C LEU A 292 26.43 -3.04 -3.26
N SER A 293 25.18 -3.48 -3.04
CA SER A 293 24.71 -3.79 -1.70
C SER A 293 25.62 -4.81 -1.03
N GLN A 294 26.04 -5.82 -1.78
CA GLN A 294 26.90 -6.89 -1.26
C GLN A 294 28.31 -6.37 -0.98
N SER A 295 28.80 -5.51 -1.87
CA SER A 295 30.11 -4.90 -1.64
C SER A 295 30.09 -4.01 -0.39
N LEU A 296 28.99 -3.28 -0.21
CA LEU A 296 28.82 -2.48 0.98
C LEU A 296 28.71 -3.31 2.25
N THR A 297 28.07 -4.47 2.14
CA THR A 297 28.00 -5.38 3.27
C THR A 297 29.40 -5.77 3.71
N ALA A 298 30.21 -6.26 2.77
CA ALA A 298 31.60 -6.62 3.06
C ALA A 298 32.36 -5.48 3.72
N MSE A 299 32.23 -4.28 3.17
CA MSE A 299 33.03 -3.16 3.64
C MSE A 299 32.57 -2.68 5.00
O MSE A 299 33.37 -2.23 5.80
CB MSE A 299 33.00 -2.02 2.62
CG MSE A 299 33.84 -2.40 1.42
SE MSE A 299 33.90 -0.97 0.08
CE MSE A 299 35.58 -0.14 0.77
N THR A 300 31.28 -2.85 5.28
CA THR A 300 30.75 -2.55 6.62
C THR A 300 31.24 -3.58 7.62
N VAL A 301 31.27 -4.87 7.24
CA VAL A 301 31.91 -5.86 8.11
C VAL A 301 33.35 -5.39 8.47
N GLU A 302 34.09 -4.93 7.46
CA GLU A 302 35.46 -4.45 7.74
C GLU A 302 35.49 -3.25 8.69
N ALA A 303 34.68 -2.24 8.39
CA ALA A 303 34.64 -1.04 9.23
C ALA A 303 34.18 -1.36 10.66
N MSE A 304 33.31 -2.37 10.81
CA MSE A 304 32.79 -2.77 12.12
C MSE A 304 33.65 -3.77 12.84
O MSE A 304 33.32 -4.16 13.98
CB MSE A 304 31.40 -3.36 11.93
CG MSE A 304 30.41 -2.33 11.48
SE MSE A 304 29.81 -1.18 13.02
CE MSE A 304 28.92 -2.56 14.17
N VAL A 305 34.78 -4.11 12.25
CA VAL A 305 35.63 -5.22 12.71
C VAL A 305 34.73 -6.42 13.15
N GLY A 306 33.80 -6.71 12.25
CA GLY A 306 32.85 -7.78 12.39
C GLY A 306 33.41 -9.10 11.88
N HIS A 307 32.53 -10.06 11.77
CA HIS A 307 32.92 -11.44 11.61
C HIS A 307 32.73 -11.96 10.21
N ALA A 308 33.83 -12.38 9.61
CA ALA A 308 33.78 -13.02 8.29
C ALA A 308 33.07 -14.37 8.37
N GLY A 309 32.95 -14.93 9.59
CA GLY A 309 32.40 -16.25 9.81
C GLY A 309 30.95 -16.42 9.40
N SER A 310 30.23 -15.31 9.31
CA SER A 310 28.79 -15.36 8.92
C SER A 310 28.64 -15.90 7.50
N PHE A 311 29.74 -15.85 6.71
CA PHE A 311 29.69 -16.19 5.28
C PHE A 311 30.36 -17.50 4.96
N HIS A 312 30.75 -18.25 5.99
CA HIS A 312 31.32 -19.58 5.79
C HIS A 312 30.37 -20.52 5.10
N PRO A 313 30.88 -21.30 4.12
CA PRO A 313 29.95 -22.14 3.39
C PRO A 313 29.14 -23.18 4.20
N PHE A 314 29.61 -23.55 5.39
CA PHE A 314 28.83 -24.48 6.22
C PHE A 314 27.44 -23.86 6.49
N LEU A 315 27.41 -22.54 6.60
CA LEU A 315 26.21 -21.81 7.02
C LEU A 315 25.27 -21.58 5.85
N HIS A 316 25.63 -22.05 4.66
CA HIS A 316 24.83 -21.78 3.48
C HIS A 316 24.76 -23.04 2.65
N ASP A 317 25.86 -23.30 1.95
CA ASP A 317 25.92 -24.47 1.08
C ASP A 317 25.52 -25.77 1.75
N VAL A 318 25.96 -25.96 2.99
CA VAL A 318 25.74 -27.23 3.65
C VAL A 318 24.38 -27.20 4.35
N THR A 319 24.09 -26.13 5.07
CA THR A 319 22.93 -26.19 6.00
C THR A 319 21.59 -25.64 5.48
N ARG A 320 21.63 -24.67 4.57
CA ARG A 320 20.45 -24.03 4.00
C ARG A 320 20.66 -23.64 2.54
N PRO A 321 20.69 -24.65 1.66
CA PRO A 321 21.22 -24.47 0.30
C PRO A 321 20.31 -23.83 -0.71
N HIS A 322 19.70 -22.73 -0.34
CA HIS A 322 19.03 -21.87 -1.35
C HIS A 322 20.14 -21.38 -2.31
N PRO A 323 20.03 -21.69 -3.63
CA PRO A 323 21.14 -21.34 -4.53
C PRO A 323 21.59 -19.90 -4.45
N THR A 324 20.66 -18.95 -4.27
CA THR A 324 21.10 -17.53 -4.25
C THR A 324 21.61 -17.05 -2.90
N GLN A 325 21.22 -17.75 -1.85
CA GLN A 325 21.86 -17.51 -0.54
C GLN A 325 23.33 -17.95 -0.61
N ILE A 326 23.55 -19.13 -1.16
CA ILE A 326 24.91 -19.63 -1.43
C ILE A 326 25.74 -18.58 -2.23
N GLU A 327 25.11 -18.03 -3.28
CA GLU A 327 25.73 -17.05 -4.15
C GLU A 327 26.13 -15.79 -3.40
N VAL A 328 25.20 -15.24 -2.65
CA VAL A 328 25.47 -14.00 -1.94
C VAL A 328 26.52 -14.23 -0.87
N ALA A 329 26.39 -15.32 -0.11
CA ALA A 329 27.43 -15.60 0.89
C ALA A 329 28.79 -15.77 0.24
N GLY A 330 28.83 -16.45 -0.91
CA GLY A 330 30.09 -16.66 -1.62
C GLY A 330 30.70 -15.33 -2.10
N ASN A 331 29.89 -14.38 -2.58
CA ASN A 331 30.37 -13.08 -3.04
C ASN A 331 30.99 -12.34 -1.84
N ILE A 332 30.28 -12.30 -0.74
CA ILE A 332 30.78 -11.56 0.43
C ILE A 332 32.04 -12.26 1.01
N ARG A 333 32.00 -13.59 1.08
CA ARG A 333 33.16 -14.35 1.52
C ARG A 333 34.39 -14.00 0.67
N LYS A 334 34.23 -14.00 -0.64
CA LYS A 334 35.31 -13.66 -1.56
C LYS A 334 35.83 -12.23 -1.32
N LEU A 335 34.91 -11.28 -1.16
CA LEU A 335 35.31 -9.91 -0.87
C LEU A 335 36.09 -9.74 0.46
N LEU A 336 35.74 -10.53 1.47
CA LEU A 336 36.41 -10.45 2.77
C LEU A 336 37.74 -11.22 2.86
N GLU A 337 38.04 -12.05 1.87
CA GLU A 337 39.26 -12.86 1.91
C GLU A 337 40.43 -11.88 2.02
N GLY A 338 41.32 -12.14 2.97
CA GLY A 338 42.52 -11.32 3.11
C GLY A 338 42.34 -10.00 3.85
N SER A 339 41.13 -9.71 4.30
CA SER A 339 40.92 -8.50 5.10
C SER A 339 41.64 -8.64 6.42
N ARG A 340 42.27 -7.57 6.89
CA ARG A 340 42.81 -7.53 8.24
C ARG A 340 41.93 -6.67 9.17
N PHE A 341 40.79 -6.22 8.66
CA PHE A 341 39.81 -5.55 9.47
C PHE A 341 38.78 -6.58 10.00
N ALA A 342 38.23 -7.38 9.08
CA ALA A 342 37.25 -8.41 9.45
C ALA A 342 37.97 -9.49 10.26
N VAL A 343 37.26 -10.05 11.21
CA VAL A 343 37.77 -11.12 12.08
C VAL A 343 37.52 -12.45 11.37
N HIS A 344 38.57 -13.27 11.25
CA HIS A 344 38.47 -14.53 10.53
C HIS A 344 38.33 -15.75 11.41
N HIS A 345 37.75 -16.81 10.82
CA HIS A 345 37.30 -18.03 11.50
C HIS A 345 38.45 -19.02 11.63
N GLU A 346 39.24 -19.15 10.56
CA GLU A 346 40.53 -19.85 10.66
C GLU A 346 41.52 -19.02 11.52
N GLU A 347 40.98 -18.09 12.29
CA GLU A 347 41.63 -17.51 13.47
C GLU A 347 40.66 -17.55 14.67
N GLU A 348 39.53 -16.82 14.57
CA GLU A 348 38.56 -16.61 15.67
C GLU A 348 38.33 -17.82 16.58
N VAL A 349 38.21 -19.01 15.97
CA VAL A 349 38.06 -20.26 16.72
C VAL A 349 39.43 -20.74 17.22
N ASP A 354 28.52 -12.62 32.07
CA ASP A 354 27.79 -11.93 33.14
C ASP A 354 27.90 -10.39 33.09
N GLU A 355 28.15 -9.86 31.88
CA GLU A 355 28.16 -8.42 31.64
C GLU A 355 27.34 -8.01 30.43
N GLY A 356 26.58 -8.95 29.87
CA GLY A 356 25.72 -8.66 28.74
C GLY A 356 26.46 -8.24 27.49
N ILE A 357 27.68 -8.76 27.32
CA ILE A 357 28.48 -8.42 26.14
C ILE A 357 27.92 -9.12 24.90
N LEU A 358 27.77 -8.36 23.81
CA LEU A 358 27.29 -8.87 22.54
C LEU A 358 28.46 -9.53 21.82
N ARG A 359 28.42 -10.83 21.65
CA ARG A 359 29.58 -11.55 21.08
C ARG A 359 29.43 -11.87 19.60
N GLN A 360 28.23 -11.72 19.05
N GLN A 360 28.23 -11.74 19.04
CA GLN A 360 28.05 -11.97 17.63
CA GLN A 360 28.04 -11.99 17.62
C GLN A 360 27.46 -10.77 16.90
C GLN A 360 27.52 -10.75 16.92
N ASP A 361 27.77 -10.67 15.61
CA ASP A 361 27.29 -9.54 14.78
C ASP A 361 25.74 -9.46 14.82
N ARG A 362 25.22 -8.26 14.69
CA ARG A 362 23.77 -8.06 14.60
C ARG A 362 23.26 -8.47 13.22
N TYR A 363 21.95 -8.54 13.08
CA TYR A 363 21.41 -9.16 11.87
C TYR A 363 21.73 -8.50 10.55
N PRO A 364 21.87 -7.16 10.51
CA PRO A 364 22.21 -6.52 9.19
C PRO A 364 23.43 -7.08 8.48
N LEU A 365 24.42 -7.51 9.27
CA LEU A 365 25.60 -8.19 8.71
C LEU A 365 25.42 -9.70 8.74
N ARG A 366 25.01 -10.27 9.88
CA ARG A 366 25.02 -11.71 10.04
C ARG A 366 23.93 -12.43 9.19
N THR A 367 22.83 -11.73 8.89
CA THR A 367 21.74 -12.35 8.11
C THR A 367 21.68 -11.85 6.68
N SER A 368 22.73 -11.17 6.26
CA SER A 368 22.76 -10.50 4.97
C SER A 368 22.56 -11.45 3.77
N PRO A 369 23.19 -12.64 3.78
CA PRO A 369 22.91 -13.56 2.65
C PRO A 369 21.44 -14.07 2.63
N GLN A 370 20.88 -14.31 3.80
CA GLN A 370 19.52 -14.81 3.95
C GLN A 370 18.51 -13.71 3.59
N TRP A 371 18.94 -12.46 3.76
CA TRP A 371 18.10 -11.32 3.37
C TRP A 371 18.15 -11.03 1.89
N LEU A 372 19.35 -10.96 1.34
CA LEU A 372 19.51 -10.63 -0.06
C LEU A 372 19.23 -11.83 -1.00
N GLY A 373 19.53 -13.05 -0.56
CA GLY A 373 19.32 -14.21 -1.42
C GLY A 373 17.98 -14.23 -2.14
N PRO A 374 16.88 -14.12 -1.38
CA PRO A 374 15.58 -14.22 -2.05
C PRO A 374 15.33 -13.20 -3.14
N LEU A 375 15.71 -11.94 -2.89
CA LEU A 375 15.48 -10.89 -3.86
C LEU A 375 16.42 -11.02 -5.08
N VAL A 376 17.63 -11.60 -4.88
CA VAL A 376 18.51 -11.90 -6.01
C VAL A 376 17.91 -12.95 -6.92
N SER A 377 17.28 -13.97 -6.34
CA SER A 377 16.61 -15.00 -7.14
C SER A 377 15.50 -14.35 -7.99
N ASP A 378 14.78 -13.38 -7.41
CA ASP A 378 13.76 -12.65 -8.15
C ASP A 378 14.33 -11.86 -9.32
N LEU A 379 15.47 -11.22 -9.10
CA LEU A 379 16.17 -10.46 -10.16
C LEU A 379 16.65 -11.36 -11.30
N ILE A 380 17.13 -12.54 -10.95
CA ILE A 380 17.50 -13.55 -11.95
C ILE A 380 16.27 -14.04 -12.71
N HIS A 381 15.17 -14.26 -12.02
CA HIS A 381 13.93 -14.65 -12.64
C HIS A 381 13.42 -13.58 -13.60
N ALA A 382 13.43 -12.31 -13.15
CA ALA A 382 13.05 -11.17 -13.97
C ALA A 382 13.89 -11.12 -15.24
N HIS A 383 15.16 -11.48 -15.11
CA HIS A 383 16.07 -11.45 -16.22
C HIS A 383 15.64 -12.45 -17.29
N ALA A 384 15.27 -13.66 -16.88
CA ALA A 384 14.78 -14.64 -17.85
C ALA A 384 13.48 -14.20 -18.51
N VAL A 385 12.60 -13.61 -17.74
CA VAL A 385 11.31 -13.17 -18.27
C VAL A 385 11.54 -12.08 -19.30
N LEU A 386 12.28 -11.03 -18.94
CA LEU A 386 12.52 -9.91 -19.86
C LEU A 386 13.34 -10.30 -21.09
N THR A 387 14.23 -11.30 -20.94
CA THR A 387 14.96 -11.78 -22.09
C THR A 387 14.03 -12.33 -23.17
N ILE A 388 13.03 -13.11 -22.78
CA ILE A 388 12.06 -13.60 -23.75
C ILE A 388 11.21 -12.46 -24.30
N GLU A 389 10.74 -11.59 -23.42
CA GLU A 389 9.83 -10.55 -23.83
C GLU A 389 10.48 -9.54 -24.81
N ALA A 390 11.69 -9.12 -24.44
CA ALA A 390 12.40 -8.12 -25.23
C ALA A 390 13.03 -8.69 -26.49
N GLY A 391 13.49 -9.95 -26.42
CA GLY A 391 14.34 -10.53 -27.46
C GLY A 391 13.74 -11.63 -28.33
N GLN A 392 12.63 -12.24 -27.89
CA GLN A 392 12.13 -13.44 -28.55
C GLN A 392 10.61 -13.49 -28.70
N SER A 393 9.97 -12.32 -28.66
CA SER A 393 8.51 -12.22 -28.64
C SER A 393 7.94 -11.29 -29.71
N THR A 394 6.86 -11.78 -30.32
CA THR A 394 6.03 -10.98 -31.19
C THR A 394 4.85 -10.53 -30.31
N THR A 395 4.65 -9.22 -30.21
CA THR A 395 3.68 -8.69 -29.26
C THR A 395 2.59 -7.84 -29.89
N ASP A 396 2.52 -7.80 -31.21
CA ASP A 396 1.40 -7.16 -31.85
C ASP A 396 0.28 -8.18 -32.07
N ASN A 397 -0.73 -7.81 -32.85
CA ASN A 397 -1.94 -8.59 -33.02
C ASN A 397 -2.71 -7.92 -34.18
N PRO A 398 -3.53 -8.66 -34.91
CA PRO A 398 -3.49 -10.11 -35.06
C PRO A 398 -2.19 -10.57 -35.68
N LEU A 399 -1.92 -11.84 -35.56
CA LEU A 399 -0.65 -12.42 -35.97
C LEU A 399 -0.89 -13.41 -37.09
N ILE A 400 0.09 -13.48 -38.00
CA ILE A 400 -0.08 -14.15 -39.27
C ILE A 400 0.75 -15.42 -39.31
N ASP A 401 0.11 -16.57 -39.56
CA ASP A 401 0.83 -17.82 -39.72
C ASP A 401 0.87 -18.14 -41.20
N VAL A 402 2.00 -17.83 -41.80
CA VAL A 402 2.13 -17.93 -43.26
C VAL A 402 2.17 -19.38 -43.69
N GLU A 403 2.83 -20.21 -42.90
CA GLU A 403 3.02 -21.62 -43.24
C GLU A 403 1.67 -22.34 -43.31
N ASN A 404 0.74 -21.94 -42.46
CA ASN A 404 -0.60 -22.50 -42.46
C ASN A 404 -1.66 -21.58 -43.05
N LYS A 405 -1.22 -20.50 -43.67
CA LYS A 405 -2.09 -19.60 -44.40
C LYS A 405 -3.28 -19.14 -43.58
N THR A 406 -2.97 -18.68 -42.37
CA THR A 406 -4.04 -18.26 -41.46
C THR A 406 -3.57 -17.14 -40.55
N SER A 407 -4.54 -16.45 -39.99
CA SER A 407 -4.23 -15.45 -38.99
C SER A 407 -4.92 -15.80 -37.70
N HIS A 408 -4.40 -15.26 -36.61
CA HIS A 408 -4.83 -15.60 -35.25
C HIS A 408 -5.02 -14.32 -34.44
N HIS A 409 -6.09 -14.31 -33.62
CA HIS A 409 -6.46 -13.18 -32.81
C HIS A 409 -6.18 -13.49 -31.36
N GLY A 410 -5.16 -12.85 -30.84
CA GLY A 410 -4.68 -13.20 -29.50
C GLY A 410 -4.45 -11.99 -28.63
N GLY A 411 -3.51 -12.13 -27.69
CA GLY A 411 -3.30 -11.10 -26.65
C GLY A 411 -1.89 -10.85 -26.20
N ASN A 412 -0.95 -11.03 -27.15
CA ASN A 412 0.48 -10.90 -26.83
C ASN A 412 0.95 -9.50 -26.51
N PHE A 413 0.07 -8.51 -26.68
CA PHE A 413 0.35 -7.14 -26.26
C PHE A 413 0.05 -6.89 -24.74
N GLN A 414 -0.53 -7.88 -24.06
CA GLN A 414 -0.84 -7.75 -22.62
C GLN A 414 0.48 -7.89 -21.84
N ALA A 415 1.05 -6.76 -21.41
CA ALA A 415 2.40 -6.76 -20.88
C ALA A 415 2.51 -7.21 -19.43
N ALA A 416 1.73 -8.20 -19.04
CA ALA A 416 1.77 -8.59 -17.62
C ALA A 416 3.14 -9.17 -17.24
N ALA A 417 3.78 -9.87 -18.18
CA ALA A 417 5.13 -10.42 -17.94
C ALA A 417 6.09 -9.30 -17.53
N VAL A 418 6.02 -8.16 -18.22
CA VAL A 418 6.88 -7.04 -17.92
C VAL A 418 6.46 -6.47 -16.56
N ALA A 419 5.18 -6.20 -16.38
CA ALA A 419 4.74 -5.66 -15.08
C ALA A 419 5.14 -6.51 -13.91
N ASN A 420 5.00 -7.82 -14.06
CA ASN A 420 5.43 -8.80 -13.05
C ASN A 420 6.88 -8.55 -12.60
N THR A 421 7.78 -8.39 -13.56
CA THR A 421 9.19 -8.15 -13.22
C THR A 421 9.37 -6.88 -12.47
N MSE A 422 8.59 -5.86 -12.83
CA MSE A 422 8.81 -4.54 -12.24
C MSE A 422 8.25 -4.45 -10.82
O MSE A 422 8.83 -3.82 -9.95
CB MSE A 422 8.24 -3.44 -13.12
CG MSE A 422 8.99 -3.25 -14.43
SE MSE A 422 10.79 -2.59 -14.09
CE MSE A 422 11.83 -4.38 -14.10
N GLU A 423 7.16 -5.19 -10.56
CA GLU A 423 6.57 -5.19 -9.23
C GLU A 423 7.54 -5.87 -8.25
N LYS A 424 8.08 -7.02 -8.66
CA LYS A 424 8.99 -7.76 -7.77
C LYS A 424 10.28 -7.00 -7.57
N THR A 425 10.78 -6.43 -8.65
CA THR A 425 12.04 -5.68 -8.59
C THR A 425 11.91 -4.50 -7.61
N ARG A 426 10.80 -3.77 -7.67
CA ARG A 426 10.63 -2.61 -6.82
C ARG A 426 10.55 -3.01 -5.35
N LEU A 427 9.90 -4.13 -5.03
CA LEU A 427 9.89 -4.61 -3.65
C LEU A 427 11.31 -5.04 -3.23
N GLY A 428 12.01 -5.71 -4.12
CA GLY A 428 13.41 -6.06 -3.87
C GLY A 428 14.31 -4.85 -3.56
N LEU A 429 14.13 -3.77 -4.31
CA LEU A 429 14.90 -2.53 -4.08
C LEU A 429 14.66 -1.98 -2.71
N ALA A 430 13.43 -2.04 -2.25
CA ALA A 430 13.10 -1.59 -0.91
C ALA A 430 13.80 -2.49 0.13
N GLN A 431 13.86 -3.78 -0.16
CA GLN A 431 14.47 -4.74 0.77
C GLN A 431 15.99 -4.53 0.86
N ILE A 432 16.61 -4.32 -0.27
CA ILE A 432 18.05 -3.98 -0.30
C ILE A 432 18.23 -2.68 0.51
N GLY A 433 17.40 -1.68 0.22
CA GLY A 433 17.50 -0.39 0.93
C GLY A 433 17.42 -0.56 2.45
N LYS A 434 16.40 -1.31 2.91
CA LYS A 434 16.24 -1.54 4.34
C LYS A 434 17.51 -2.18 4.91
N LEU A 435 18.07 -3.16 4.20
CA LEU A 435 19.28 -3.80 4.72
C LEU A 435 20.46 -2.84 4.86
N ASN A 436 20.79 -2.17 3.78
CA ASN A 436 21.92 -1.24 3.82
C ASN A 436 21.67 -0.08 4.79
N PHE A 437 20.42 0.37 4.90
CA PHE A 437 20.11 1.41 5.89
C PHE A 437 20.45 0.90 7.30
N THR A 438 20.00 -0.31 7.60
CA THR A 438 20.21 -0.84 8.98
C THR A 438 21.69 -1.03 9.25
N GLN A 439 22.44 -1.44 8.22
CA GLN A 439 23.93 -1.54 8.38
C GLN A 439 24.57 -0.20 8.67
N LEU A 440 24.24 0.76 7.84
CA LEU A 440 24.71 2.13 7.96
C LEU A 440 24.37 2.78 9.27
N THR A 441 23.11 2.74 9.66
CA THR A 441 22.71 3.40 10.89
C THR A 441 23.30 2.73 12.14
N GLU A 442 23.59 1.44 12.10
CA GLU A 442 24.29 0.80 13.22
C GLU A 442 25.72 1.35 13.30
N MSE A 443 26.36 1.41 12.15
CA MSE A 443 27.71 1.95 12.06
C MSE A 443 27.84 3.42 12.50
O MSE A 443 28.89 3.85 12.99
CB MSE A 443 28.25 1.77 10.64
CG MSE A 443 29.65 2.25 10.46
SE MSE A 443 30.37 1.76 8.66
CE MSE A 443 29.30 3.08 7.62
N LEU A 444 26.78 4.20 12.31
CA LEU A 444 26.76 5.63 12.68
C LEU A 444 26.26 5.86 14.11
N ASN A 445 26.00 4.78 14.84
CA ASN A 445 25.52 4.82 16.22
C ASN A 445 26.68 4.50 17.14
N ALA A 446 27.08 5.51 17.93
CA ALA A 446 28.28 5.40 18.76
C ALA A 446 28.16 4.29 19.81
N GLY A 447 26.93 3.96 20.18
CA GLY A 447 26.68 2.93 21.19
C GLY A 447 26.83 1.53 20.63
N MSE A 448 26.80 1.42 19.31
CA MSE A 448 26.77 0.12 18.62
C MSE A 448 27.95 -0.17 17.69
O MSE A 448 28.07 -1.31 17.23
CB MSE A 448 25.47 0.01 17.78
CG MSE A 448 24.27 0.45 18.52
SE MSE A 448 22.69 0.32 17.28
CE MSE A 448 22.61 -1.58 17.10
N ASN A 449 28.84 0.79 17.41
CA ASN A 449 29.81 0.66 16.32
C ASN A 449 31.22 0.31 16.76
N ARG A 450 31.36 -0.33 17.90
CA ARG A 450 32.62 -0.84 18.36
C ARG A 450 33.66 0.25 18.42
N GLY A 451 33.27 1.41 18.93
CA GLY A 451 34.25 2.46 19.20
C GLY A 451 34.66 3.37 18.05
N LEU A 452 33.93 3.32 16.92
CA LEU A 452 34.18 4.35 15.91
C LEU A 452 33.79 5.71 16.44
N PRO A 453 34.53 6.74 16.04
CA PRO A 453 34.16 8.09 16.52
C PRO A 453 32.69 8.45 16.28
N SER A 454 32.09 9.17 17.21
CA SER A 454 30.72 9.63 17.08
C SER A 454 30.57 10.36 15.74
N CYS A 455 29.50 10.02 15.04
CA CYS A 455 29.19 10.63 13.70
C CYS A 455 30.29 10.48 12.66
N LEU A 456 31.22 9.54 12.89
CA LEU A 456 32.44 9.44 12.07
C LEU A 456 33.18 10.77 11.93
N ALA A 457 33.12 11.55 13.01
CA ALA A 457 33.93 12.75 13.11
C ALA A 457 35.39 12.37 13.24
N ALA A 458 36.25 13.04 12.47
CA ALA A 458 37.69 12.77 12.53
C ALA A 458 38.40 13.50 13.69
N GLU A 459 37.78 14.55 14.21
CA GLU A 459 38.37 15.38 15.28
C GLU A 459 37.34 15.51 16.39
N ASP A 460 37.48 16.46 17.31
CA ASP A 460 36.61 16.45 18.50
C ASP A 460 35.14 16.48 18.13
N PRO A 461 34.38 15.49 18.63
CA PRO A 461 32.95 15.42 18.32
C PRO A 461 32.08 16.58 18.83
N SER A 462 32.56 17.37 19.79
CA SER A 462 31.74 18.46 20.29
C SER A 462 31.49 19.51 19.21
N LEU A 463 32.37 19.59 18.21
CA LEU A 463 32.25 20.58 17.13
C LEU A 463 32.28 19.92 15.76
N SER A 464 31.91 18.64 15.72
CA SER A 464 31.88 17.94 14.42
C SER A 464 30.87 16.80 14.48
N TYR A 465 29.84 16.86 13.61
CA TYR A 465 28.75 15.88 13.60
C TYR A 465 28.70 15.19 12.23
N HIS A 466 29.89 15.07 11.64
CA HIS A 466 30.16 14.70 10.25
C HIS A 466 28.99 14.02 9.57
N CYS A 467 28.77 12.75 9.91
CA CYS A 467 27.80 11.94 9.14
C CYS A 467 26.38 11.90 9.71
N LYS A 468 26.06 12.75 10.69
CA LYS A 468 24.72 12.71 11.30
C LYS A 468 23.61 13.03 10.28
N GLY A 469 23.88 14.01 9.41
CA GLY A 469 22.92 14.43 8.40
C GLY A 469 22.64 13.26 7.46
N LEU A 470 23.71 12.55 7.13
CA LEU A 470 23.62 11.38 6.24
C LEU A 470 22.86 10.22 6.86
N ASP A 471 23.00 10.05 8.17
CA ASP A 471 22.19 9.08 8.91
C ASP A 471 20.70 9.36 8.71
N ILE A 472 20.34 10.63 8.82
CA ILE A 472 18.95 11.06 8.65
C ILE A 472 18.50 10.92 7.18
N ALA A 473 19.37 11.32 6.27
CA ALA A 473 19.06 11.19 4.84
C ALA A 473 18.85 9.72 4.47
N ALA A 474 19.72 8.85 4.96
CA ALA A 474 19.52 7.41 4.70
C ALA A 474 18.13 6.94 5.18
N ALA A 475 17.68 7.41 6.34
CA ALA A 475 16.31 7.09 6.77
C ALA A 475 15.27 7.58 5.77
N ALA A 476 15.44 8.83 5.34
CA ALA A 476 14.50 9.40 4.38
C ALA A 476 14.44 8.60 3.11
N TYR A 477 15.61 8.24 2.56
CA TYR A 477 15.61 7.46 1.32
C TYR A 477 14.89 6.11 1.50
N THR A 478 15.15 5.46 2.65
CA THR A 478 14.54 4.17 2.98
C THR A 478 13.01 4.27 3.07
N SER A 479 12.52 5.29 3.77
CA SER A 479 11.12 5.50 3.89
C SER A 479 10.45 5.66 2.51
N GLU A 480 11.07 6.47 1.65
CA GLU A 480 10.55 6.70 0.29
C GLU A 480 10.53 5.42 -0.52
N LEU A 481 11.57 4.59 -0.39
CA LEU A 481 11.57 3.27 -1.05
C LEU A 481 10.41 2.37 -0.61
N GLY A 482 10.05 2.45 0.69
CA GLY A 482 8.99 1.62 1.23
C GLY A 482 7.66 1.95 0.58
N HIS A 483 7.37 3.24 0.48
CA HIS A 483 6.12 3.67 -0.14
C HIS A 483 6.10 3.33 -1.63
N LEU A 484 7.25 3.47 -2.29
CA LEU A 484 7.31 3.16 -3.75
C LEU A 484 6.98 1.69 -3.99
N ALA A 485 7.38 0.84 -3.06
CA ALA A 485 7.24 -0.63 -3.25
C ALA A 485 5.85 -1.23 -3.25
N ASN A 486 4.81 -0.47 -2.87
CA ASN A 486 3.44 -1.00 -3.01
C ASN A 486 3.19 -1.28 -4.50
N PRO A 487 2.35 -2.29 -4.79
CA PRO A 487 2.13 -2.67 -6.19
C PRO A 487 1.32 -1.61 -6.94
N VAL A 488 1.65 -1.46 -8.23
CA VAL A 488 0.81 -0.68 -9.13
C VAL A 488 -0.30 -1.57 -9.70
N THR A 489 -0.01 -2.86 -9.85
CA THR A 489 -0.90 -3.78 -10.60
C THR A 489 -2.23 -4.10 -9.96
N THR A 490 -2.42 -3.70 -8.70
CA THR A 490 -3.70 -3.80 -8.06
C THR A 490 -4.67 -2.65 -8.35
N HIS A 491 -4.23 -1.70 -9.22
CA HIS A 491 -5.01 -0.48 -9.50
C HIS A 491 -5.60 -0.46 -10.92
N VAL A 492 -5.83 -1.66 -11.45
CA VAL A 492 -6.38 -1.81 -12.82
C VAL A 492 -7.79 -1.29 -12.89
N GLN A 493 -8.03 -0.40 -13.86
CA GLN A 493 -9.36 0.14 -14.18
C GLN A 493 -9.99 -0.55 -15.39
N PRO A 494 -11.33 -0.53 -15.48
CA PRO A 494 -12.06 -1.12 -16.61
C PRO A 494 -11.98 -0.31 -17.89
N ALA A 495 -10.82 -0.30 -18.48
CA ALA A 495 -10.53 0.59 -19.58
C ALA A 495 -11.23 0.25 -20.89
N GLU A 496 -11.55 1.32 -21.63
CA GLU A 496 -12.02 1.22 -23.02
C GLU A 496 -13.30 0.39 -23.16
N MSE A 497 -14.38 0.90 -22.58
CA MSE A 497 -15.66 0.17 -22.58
C MSE A 497 -15.55 -1.26 -22.02
O MSE A 497 -16.32 -2.13 -22.41
CB MSE A 497 -16.24 0.14 -23.98
CG MSE A 497 -16.54 1.50 -24.45
SE MSE A 497 -17.40 1.46 -26.26
CE MSE A 497 -18.94 0.36 -25.94
N ALA A 498 -14.62 -1.43 -21.08
CA ALA A 498 -14.26 -2.73 -20.51
C ALA A 498 -13.77 -3.74 -21.54
N ASN A 499 -13.42 -3.32 -22.76
CA ASN A 499 -12.73 -4.23 -23.67
C ASN A 499 -11.37 -4.55 -23.06
N GLN A 500 -10.76 -3.53 -22.46
CA GLN A 500 -9.46 -3.69 -21.81
C GLN A 500 -9.61 -3.80 -20.28
N ALA A 501 -10.56 -4.63 -19.84
CA ALA A 501 -10.93 -4.67 -18.41
C ALA A 501 -9.80 -5.17 -17.51
N VAL A 502 -8.86 -5.91 -18.12
CA VAL A 502 -7.58 -6.26 -17.49
C VAL A 502 -6.51 -5.62 -18.33
N ASN A 503 -5.61 -4.90 -17.67
CA ASN A 503 -4.51 -4.21 -18.38
C ASN A 503 -3.30 -4.21 -17.43
N SER A 504 -2.10 -4.41 -17.98
CA SER A 504 -0.94 -4.77 -17.14
C SER A 504 -0.33 -3.66 -16.32
N LEU A 505 -0.49 -2.43 -16.78
CA LEU A 505 0.09 -1.26 -16.15
C LEU A 505 1.63 -1.34 -16.06
N ALA A 506 2.23 -2.03 -17.06
CA ALA A 506 3.70 -2.29 -17.00
C ALA A 506 4.47 -1.00 -17.00
N LEU A 507 4.11 -0.04 -17.86
CA LEU A 507 4.98 1.16 -18.00
C LEU A 507 4.95 1.97 -16.68
N ILE A 508 3.75 2.10 -16.12
CA ILE A 508 3.63 2.82 -14.84
C ILE A 508 4.51 2.12 -13.78
N SER A 509 4.41 0.80 -13.72
CA SER A 509 5.22 0.03 -12.77
C SER A 509 6.70 0.26 -13.04
N ALA A 510 7.10 0.15 -14.29
CA ALA A 510 8.50 0.39 -14.66
C ALA A 510 8.97 1.77 -14.30
N ARG A 511 8.08 2.77 -14.41
CA ARG A 511 8.45 4.12 -14.01
C ARG A 511 8.71 4.20 -12.53
N ARG A 512 7.87 3.53 -11.75
CA ARG A 512 8.08 3.53 -10.30
C ARG A 512 9.34 2.74 -9.91
N THR A 513 9.62 1.64 -10.58
CA THR A 513 10.85 0.87 -10.26
C THR A 513 12.09 1.71 -10.61
N THR A 514 12.03 2.46 -11.71
CA THR A 514 13.10 3.39 -12.11
C THR A 514 13.36 4.43 -11.03
N GLU A 515 12.30 4.94 -10.45
CA GLU A 515 12.43 5.92 -9.34
C GLU A 515 13.07 5.24 -8.11
N SER A 516 12.61 4.03 -7.80
CA SER A 516 13.26 3.26 -6.74
C SER A 516 14.76 3.03 -6.97
N ASN A 517 15.17 2.72 -8.20
CA ASN A 517 16.61 2.61 -8.50
C ASN A 517 17.33 3.92 -8.18
N ASP A 518 16.67 5.04 -8.45
CA ASP A 518 17.29 6.35 -8.22
C ASP A 518 17.46 6.60 -6.74
N VAL A 519 16.40 6.35 -5.99
CA VAL A 519 16.43 6.55 -4.55
C VAL A 519 17.40 5.58 -3.87
N LEU A 520 17.43 4.33 -4.32
CA LEU A 520 18.40 3.38 -3.74
C LEU A 520 19.81 3.82 -4.10
N SER A 521 20.00 4.42 -5.28
CA SER A 521 21.33 4.96 -5.63
C SER A 521 21.78 6.08 -4.70
N LEU A 522 20.84 6.93 -4.30
CA LEU A 522 21.14 7.97 -3.31
C LEU A 522 21.57 7.29 -1.99
N LEU A 523 20.83 6.27 -1.57
CA LEU A 523 21.14 5.61 -0.32
C LEU A 523 22.45 4.88 -0.34
N LEU A 524 22.72 4.16 -1.42
CA LEU A 524 23.97 3.41 -1.49
C LEU A 524 25.19 4.31 -1.69
N ALA A 525 25.02 5.44 -2.40
CA ALA A 525 26.08 6.46 -2.52
C ALA A 525 26.41 6.96 -1.10
N THR A 526 25.36 7.17 -0.31
CA THR A 526 25.48 7.69 1.05
C THR A 526 26.21 6.67 1.94
N HIS A 527 25.78 5.40 1.88
CA HIS A 527 26.43 4.32 2.64
C HIS A 527 27.92 4.25 2.24
N LEU A 528 28.21 4.30 0.94
CA LEU A 528 29.59 4.16 0.45
C LEU A 528 30.47 5.27 0.99
N TYR A 529 29.97 6.49 0.94
CA TYR A 529 30.65 7.67 1.48
C TYR A 529 31.00 7.41 2.98
N CYS A 530 29.99 7.01 3.74
CA CYS A 530 30.16 6.79 5.16
C CYS A 530 31.12 5.63 5.46
N VAL A 531 31.04 4.54 4.72
CA VAL A 531 31.83 3.37 5.10
C VAL A 531 33.31 3.68 4.84
N LEU A 532 33.58 4.52 3.85
CA LEU A 532 34.99 4.85 3.53
C LEU A 532 35.59 5.69 4.64
N GLN A 533 34.82 6.65 5.16
CA GLN A 533 35.26 7.41 6.34
C GLN A 533 35.49 6.51 7.54
N ALA A 534 34.56 5.61 7.77
CA ALA A 534 34.69 4.65 8.90
C ALA A 534 35.97 3.81 8.77
N ILE A 535 36.21 3.33 7.57
CA ILE A 535 37.41 2.56 7.28
C ILE A 535 38.71 3.36 7.54
N ASP A 536 38.77 4.61 7.11
CA ASP A 536 39.94 5.46 7.42
C ASP A 536 40.07 5.71 8.93
N LEU A 537 38.95 5.91 9.62
CA LEU A 537 38.99 6.12 11.07
C LEU A 537 39.44 4.85 11.81
N ARG A 538 39.05 3.70 11.29
CA ARG A 538 39.43 2.43 11.92
C ARG A 538 40.93 2.17 11.67
N ALA A 539 41.40 2.56 10.48
CA ALA A 539 42.84 2.47 10.17
C ALA A 539 43.65 3.33 11.12
N ILE A 540 43.17 4.55 11.36
CA ILE A 540 43.82 5.44 12.32
C ILE A 540 43.87 4.80 13.73
N GLU A 541 42.78 4.18 14.14
CA GLU A 541 42.75 3.47 15.44
C GLU A 541 43.80 2.38 15.48
N PHE A 542 43.88 1.61 14.39
CA PHE A 542 44.85 0.51 14.35
C PHE A 542 46.29 1.01 14.44
N GLU A 543 46.59 2.09 13.72
CA GLU A 543 47.95 2.66 13.74
C GLU A 543 48.27 3.15 15.16
N PHE A 544 47.27 3.77 15.79
CA PHE A 544 47.42 4.25 17.16
C PHE A 544 47.73 3.11 18.10
N LYS A 545 46.93 2.05 18.02
CA LYS A 545 47.11 0.90 18.91
C LYS A 545 48.52 0.27 18.74
N LYS A 546 49.02 0.20 17.52
CA LYS A 546 50.37 -0.33 17.27
C LYS A 546 51.41 0.41 18.10
N GLN A 547 51.27 1.72 18.15
CA GLN A 547 52.23 2.55 18.83
C GLN A 547 51.92 2.71 20.29
N PHE A 548 50.65 2.64 20.68
CA PHE A 548 50.32 2.92 22.09
C PHE A 548 50.59 1.73 22.99
N GLY A 549 50.48 0.50 22.47
CA GLY A 549 50.74 -0.67 23.29
C GLY A 549 52.10 -0.61 23.97
N PRO A 550 53.18 -0.43 23.20
CA PRO A 550 54.48 -0.24 23.85
C PRO A 550 54.56 0.96 24.79
N ALA A 551 53.80 2.02 24.49
CA ALA A 551 53.90 3.24 25.30
C ALA A 551 53.33 2.94 26.67
N ILE A 552 52.28 2.16 26.71
CA ILE A 552 51.67 1.78 27.97
C ILE A 552 52.66 1.03 28.85
N VAL A 553 53.35 0.05 28.27
CA VAL A 553 54.33 -0.72 29.04
C VAL A 553 55.46 0.18 29.49
N SER A 554 55.90 1.04 28.62
CA SER A 554 56.98 1.96 28.97
C SER A 554 56.61 2.88 30.15
N LEU A 555 55.40 3.43 30.12
CA LEU A 555 54.95 4.29 31.21
C LEU A 555 54.75 3.52 32.51
N ILE A 556 54.23 2.31 32.42
CA ILE A 556 54.14 1.43 33.61
C ILE A 556 55.52 1.16 34.21
N ASP A 557 56.48 0.84 33.37
CA ASP A 557 57.84 0.63 33.85
C ASP A 557 58.44 1.86 34.50
N GLN A 558 58.29 3.01 33.84
CA GLN A 558 58.83 4.25 34.33
C GLN A 558 58.29 4.60 35.70
N HIS A 559 56.96 4.52 35.86
CA HIS A 559 56.33 4.98 37.08
C HIS A 559 56.25 3.91 38.17
N PHE A 560 56.09 2.66 37.75
CA PHE A 560 55.83 1.57 38.70
C PHE A 560 56.90 0.49 38.79
N GLY A 561 57.94 0.60 37.94
CA GLY A 561 58.95 -0.45 37.87
C GLY A 561 59.58 -0.73 39.21
N SER A 562 60.03 0.32 39.88
CA SER A 562 60.69 0.18 41.18
C SER A 562 59.76 -0.48 42.17
N ALA A 563 58.52 -0.01 42.23
CA ALA A 563 57.55 -0.55 43.19
C ALA A 563 57.24 -2.04 42.96
N MSE A 564 57.39 -2.50 41.73
CA MSE A 564 57.08 -3.91 41.36
C MSE A 564 58.30 -4.80 41.46
O MSE A 564 58.19 -6.01 41.20
CB MSE A 564 56.51 -3.97 39.94
CG MSE A 564 55.20 -3.27 39.84
SE MSE A 564 54.38 -3.46 38.10
CE MSE A 564 55.85 -2.64 36.89
N THR A 565 59.43 -4.22 41.84
CA THR A 565 60.68 -4.99 41.83
C THR A 565 60.56 -6.14 42.82
N GLY A 566 60.95 -7.33 42.35
CA GLY A 566 60.94 -8.53 43.17
C GLY A 566 59.59 -9.25 43.11
N SER A 567 58.63 -8.72 42.33
CA SER A 567 57.25 -9.23 42.27
C SER A 567 56.95 -9.82 40.92
N ASN A 568 55.85 -10.56 40.82
CA ASN A 568 55.36 -11.05 39.54
C ASN A 568 54.26 -10.17 38.95
N LEU A 569 54.13 -8.90 39.38
CA LEU A 569 52.90 -8.13 39.12
C LEU A 569 52.83 -7.47 37.74
N ARG A 570 53.97 -7.36 37.10
CA ARG A 570 54.03 -6.57 35.90
C ARG A 570 53.15 -7.07 34.77
N ASP A 571 53.23 -8.35 34.48
CA ASP A 571 52.43 -8.89 33.38
C ASP A 571 50.92 -8.72 33.64
N GLU A 572 50.51 -9.02 34.87
CA GLU A 572 49.10 -8.87 35.27
C GLU A 572 48.68 -7.39 35.13
N LEU A 573 49.54 -6.48 35.58
CA LEU A 573 49.17 -5.05 35.45
C LEU A 573 48.95 -4.64 33.99
N VAL A 574 49.89 -5.00 33.13
CA VAL A 574 49.80 -4.63 31.74
C VAL A 574 48.54 -5.22 31.15
N GLU A 575 48.30 -6.50 31.39
CA GLU A 575 47.12 -7.14 30.84
C GLU A 575 45.82 -6.45 31.29
N LYS A 576 45.71 -6.24 32.59
CA LYS A 576 44.46 -5.68 33.13
C LYS A 576 44.28 -4.20 32.84
N VAL A 577 45.37 -3.43 32.81
CA VAL A 577 45.29 -2.04 32.34
C VAL A 577 44.79 -1.97 30.88
N ASN A 578 45.41 -2.78 30.01
CA ASN A 578 44.97 -2.86 28.63
C ASN A 578 43.48 -3.20 28.53
N LYS A 579 43.03 -4.21 29.27
CA LYS A 579 41.61 -4.61 29.23
C LYS A 579 40.72 -3.49 29.70
N THR A 580 41.09 -2.83 30.79
CA THR A 580 40.31 -1.72 31.28
C THR A 580 40.21 -0.60 30.25
N LEU A 581 41.35 -0.20 29.70
CA LEU A 581 41.36 0.88 28.69
C LEU A 581 40.46 0.50 27.52
N ALA A 582 40.69 -0.71 26.98
CA ALA A 582 39.91 -1.15 25.80
C ALA A 582 38.42 -1.13 26.03
N LYS A 583 37.96 -1.62 27.17
CA LYS A 583 36.54 -1.68 27.40
C LYS A 583 35.97 -0.28 27.56
N ARG A 584 36.74 0.62 28.21
CA ARG A 584 36.21 1.93 28.51
C ARG A 584 36.17 2.76 27.24
N LEU A 585 37.19 2.62 26.41
CA LEU A 585 37.33 3.47 25.27
C LEU A 585 36.23 3.20 24.26
N GLU A 586 35.70 1.98 24.27
CA GLU A 586 34.62 1.64 23.33
C GLU A 586 33.36 2.46 23.57
N GLN A 587 33.18 2.92 24.81
CA GLN A 587 32.02 3.62 25.24
C GLN A 587 32.20 5.13 25.32
N THR A 588 33.40 5.64 25.07
CA THR A 588 33.67 7.06 25.25
C THR A 588 34.03 7.72 23.91
N ASN A 589 33.52 7.12 22.84
CA ASN A 589 33.76 7.58 21.50
C ASN A 589 33.05 8.88 21.13
N SER A 590 32.20 9.40 22.02
CA SER A 590 31.61 10.70 21.82
C SER A 590 32.27 11.79 22.64
N TYR A 591 33.30 11.41 23.43
CA TYR A 591 34.06 12.37 24.22
C TYR A 591 35.09 13.07 23.35
N ASP A 592 35.40 14.31 23.71
CA ASP A 592 36.54 15.02 23.12
C ASP A 592 37.84 14.40 23.62
N LEU A 593 38.90 14.61 22.85
CA LEU A 593 40.14 13.88 23.04
C LEU A 593 40.71 13.98 24.44
N VAL A 594 40.83 15.21 24.93
CA VAL A 594 41.48 15.43 26.20
C VAL A 594 40.70 14.77 27.37
N PRO A 595 39.42 15.09 27.55
CA PRO A 595 38.69 14.38 28.61
C PRO A 595 38.53 12.87 28.39
N ARG A 596 38.49 12.45 27.13
CA ARG A 596 38.45 11.00 26.88
C ARG A 596 39.59 10.21 27.56
N TRP A 597 40.79 10.70 27.36
CA TRP A 597 41.99 10.04 27.82
C TRP A 597 42.14 10.14 29.34
N HIS A 598 41.77 11.29 29.90
CA HIS A 598 41.81 11.39 31.35
C HIS A 598 40.78 10.44 31.96
N ASP A 599 39.60 10.32 31.33
CA ASP A 599 38.59 9.37 31.81
C ASP A 599 39.11 7.92 31.75
N ALA A 600 39.71 7.56 30.62
CA ALA A 600 40.19 6.17 30.41
C ALA A 600 41.24 5.81 31.46
N PHE A 601 42.23 6.69 31.64
CA PHE A 601 43.28 6.43 32.65
C PHE A 601 42.86 6.63 34.11
N SER A 602 41.80 7.41 34.37
CA SER A 602 41.19 7.45 35.70
C SER A 602 40.62 6.06 36.02
N PHE A 603 39.98 5.43 35.05
CA PHE A 603 39.46 4.07 35.23
C PHE A 603 40.62 3.10 35.43
N ALA A 604 41.66 3.25 34.62
CA ALA A 604 42.78 2.33 34.72
C ALA A 604 43.52 2.50 36.08
N ALA A 605 43.50 3.70 36.63
CA ALA A 605 44.11 3.93 37.93
C ALA A 605 43.45 3.06 38.99
N GLY A 606 42.14 2.81 38.84
CA GLY A 606 41.40 1.93 39.73
C GLY A 606 41.94 0.51 39.64
N THR A 607 42.23 0.10 38.42
CA THR A 607 42.89 -1.17 38.18
C THR A 607 44.26 -1.25 38.84
N VAL A 608 45.04 -0.17 38.76
CA VAL A 608 46.35 -0.12 39.41
C VAL A 608 46.23 -0.32 40.93
N VAL A 609 45.21 0.33 41.52
CA VAL A 609 44.98 0.26 42.97
C VAL A 609 44.78 -1.21 43.33
N GLU A 610 44.03 -1.95 42.51
CA GLU A 610 43.79 -3.35 42.80
C GLU A 610 45.02 -4.21 42.58
N VAL A 611 45.57 -4.18 41.37
CA VAL A 611 46.66 -5.07 41.02
C VAL A 611 47.91 -4.82 41.87
N LEU A 612 48.18 -3.53 42.14
CA LEU A 612 49.35 -3.15 42.89
C LEU A 612 49.01 -2.82 44.35
N SER A 613 47.91 -3.39 44.85
CA SER A 613 47.45 -3.15 46.22
C SER A 613 48.46 -3.47 47.30
N SER A 614 49.42 -4.37 47.04
CA SER A 614 50.40 -4.77 48.02
C SER A 614 51.69 -3.93 47.98
N THR A 615 51.77 -2.97 47.06
CA THR A 615 53.01 -2.21 46.85
C THR A 615 53.01 -0.94 47.70
N SER A 616 54.14 -0.25 47.67
CA SER A 616 54.39 0.92 48.49
C SER A 616 54.04 2.23 47.78
N LEU A 617 53.41 2.19 46.62
CA LEU A 617 53.16 3.36 45.83
C LEU A 617 52.23 4.32 46.56
N SER A 618 52.49 5.61 46.41
CA SER A 618 51.61 6.64 46.95
C SER A 618 50.49 6.89 45.98
N LEU A 619 49.43 7.52 46.45
CA LEU A 619 48.41 7.96 45.54
C LEU A 619 48.91 9.06 44.55
N ALA A 620 49.85 9.90 44.99
CA ALA A 620 50.45 10.90 44.10
C ALA A 620 51.15 10.26 42.91
N ALA A 621 51.86 9.15 43.19
CA ALA A 621 52.59 8.40 42.15
C ALA A 621 51.61 7.80 41.12
N VAL A 622 50.51 7.23 41.59
CA VAL A 622 49.57 6.63 40.67
C VAL A 622 48.87 7.73 39.84
N ASN A 623 48.49 8.82 40.51
CA ASN A 623 47.86 9.94 39.79
C ASN A 623 48.82 10.53 38.74
N ALA A 624 50.10 10.59 39.09
CA ALA A 624 51.09 11.13 38.18
C ALA A 624 51.22 10.26 36.94
N TRP A 625 51.19 8.95 37.12
CA TRP A 625 51.17 8.02 36.00
C TRP A 625 49.95 8.26 35.14
N LYS A 626 48.80 8.38 35.80
CA LYS A 626 47.53 8.60 35.09
C LYS A 626 47.60 9.85 34.19
N VAL A 627 48.13 10.93 34.74
CA VAL A 627 48.23 12.16 34.00
C VAL A 627 49.22 12.02 32.83
N ALA A 628 50.39 11.44 33.08
CA ALA A 628 51.44 11.28 32.03
C ALA A 628 50.91 10.37 30.95
N ALA A 629 50.20 9.33 31.36
CA ALA A 629 49.68 8.39 30.39
C ALA A 629 48.60 9.00 29.53
N ALA A 630 47.66 9.73 30.15
CA ALA A 630 46.66 10.44 29.35
C ALA A 630 47.32 11.41 28.37
N GLU A 631 48.27 12.18 28.87
CA GLU A 631 48.99 13.15 28.02
C GLU A 631 49.68 12.46 26.86
N SER A 632 50.29 11.32 27.15
CA SER A 632 50.98 10.54 26.11
C SER A 632 49.98 10.08 25.03
N ALA A 633 48.83 9.56 25.45
CA ALA A 633 47.82 9.10 24.50
C ALA A 633 47.29 10.24 23.65
N ILE A 634 47.07 11.37 24.30
CA ILE A 634 46.56 12.58 23.61
C ILE A 634 47.56 13.01 22.53
N SER A 635 48.82 13.20 22.92
CA SER A 635 49.85 13.62 21.96
C SER A 635 50.01 12.58 20.84
N LEU A 636 49.98 11.28 21.17
CA LEU A 636 50.12 10.24 20.15
C LEU A 636 48.96 10.26 19.17
N THR A 637 47.75 10.46 19.68
CA THR A 637 46.58 10.55 18.80
C THR A 637 46.74 11.70 17.81
N ARG A 638 47.22 12.86 18.28
CA ARG A 638 47.39 14.01 17.42
C ARG A 638 48.40 13.67 16.33
N GLN A 639 49.50 13.00 16.69
CA GLN A 639 50.54 12.61 15.75
C GLN A 639 50.04 11.60 14.69
N VAL A 640 49.32 10.58 15.14
CA VAL A 640 48.81 9.58 14.23
C VAL A 640 47.82 10.23 13.24
N ARG A 641 47.02 11.15 13.74
CA ARG A 641 46.11 11.90 12.87
C ARG A 641 46.88 12.71 11.84
N GLU A 642 47.84 13.48 12.28
CA GLU A 642 48.65 14.30 11.37
C GLU A 642 49.35 13.46 10.29
N THR A 643 49.88 12.32 10.69
CA THR A 643 50.51 11.40 9.76
C THR A 643 49.52 10.96 8.65
N PHE A 644 48.29 10.65 9.05
CA PHE A 644 47.23 10.31 8.08
C PHE A 644 46.91 11.45 7.13
N TRP A 645 46.71 12.64 7.68
CA TRP A 645 46.21 13.77 6.90
C TRP A 645 47.29 14.40 6.03
N SER A 646 48.58 14.17 6.35
CA SER A 646 49.72 14.75 5.65
C SER A 646 50.10 13.97 4.42
N ALA A 647 49.68 12.72 4.38
CA ALA A 647 50.06 11.84 3.28
C ALA A 647 48.95 11.81 2.26
N ALA A 648 49.29 11.37 1.06
CA ALA A 648 48.29 11.21 0.01
C ALA A 648 47.44 9.99 0.36
N SER A 649 46.23 9.95 -0.17
CA SER A 649 45.31 8.83 0.05
C SER A 649 45.80 7.56 -0.59
N THR A 650 46.69 7.67 -1.56
CA THR A 650 47.34 6.51 -2.18
C THR A 650 48.31 5.83 -1.21
N SER A 651 48.63 6.52 -0.10
CA SER A 651 49.36 5.95 1.03
C SER A 651 48.51 5.83 2.29
N SER A 652 47.19 5.79 2.14
CA SER A 652 46.34 5.66 3.29
C SER A 652 46.68 4.38 4.06
N PRO A 653 46.68 4.45 5.39
CA PRO A 653 46.90 3.24 6.18
C PRO A 653 45.78 2.26 6.04
N ALA A 654 44.59 2.71 5.60
CA ALA A 654 43.53 1.78 5.24
C ALA A 654 44.00 0.68 4.29
N LEU A 655 44.91 1.03 3.39
CA LEU A 655 45.41 0.09 2.39
C LEU A 655 46.23 -1.04 3.04
N SER A 656 46.68 -0.85 4.28
CA SER A 656 47.36 -1.93 5.00
C SER A 656 46.40 -3.02 5.54
N TYR A 657 45.10 -2.75 5.61
CA TYR A 657 44.17 -3.65 6.31
C TYR A 657 42.96 -4.10 5.45
N LEU A 658 42.59 -3.30 4.45
CA LEU A 658 41.48 -3.66 3.57
C LEU A 658 41.83 -4.90 2.79
N SER A 659 40.83 -5.75 2.59
CA SER A 659 40.93 -6.85 1.68
C SER A 659 41.36 -6.32 0.30
N PRO A 660 42.05 -7.15 -0.49
CA PRO A 660 42.52 -6.66 -1.80
C PRO A 660 41.41 -6.34 -2.78
N ARG A 661 40.30 -7.05 -2.66
CA ARG A 661 39.10 -6.75 -3.47
C ARG A 661 38.37 -5.50 -2.99
N THR A 662 38.24 -5.28 -1.69
CA THR A 662 37.52 -4.07 -1.27
C THR A 662 38.37 -2.83 -1.45
N GLN A 663 39.70 -3.00 -1.46
CA GLN A 663 40.61 -1.91 -1.81
C GLN A 663 40.28 -1.29 -3.20
N ILE A 664 39.75 -2.12 -4.09
CA ILE A 664 39.41 -1.69 -5.43
C ILE A 664 38.33 -0.57 -5.37
N LEU A 665 37.29 -0.77 -4.59
CA LEU A 665 36.24 0.22 -4.48
C LEU A 665 36.75 1.45 -3.69
N TYR A 666 37.56 1.21 -2.66
CA TYR A 666 38.13 2.30 -1.89
C TYR A 666 38.93 3.23 -2.80
N ALA A 667 39.80 2.66 -3.63
CA ALA A 667 40.62 3.45 -4.56
C ALA A 667 39.75 4.16 -5.62
N PHE A 668 38.70 3.49 -6.10
CA PHE A 668 37.83 4.12 -7.10
C PHE A 668 37.26 5.43 -6.56
N VAL A 669 36.74 5.40 -5.35
CA VAL A 669 36.13 6.59 -4.79
C VAL A 669 37.14 7.61 -4.34
N ARG A 670 38.17 7.17 -3.60
CA ARG A 670 39.19 8.09 -3.05
C ARG A 670 40.06 8.70 -4.14
N GLU A 671 40.41 7.89 -5.14
CA GLU A 671 41.29 8.34 -6.20
C GLU A 671 40.51 8.79 -7.45
N GLU A 672 39.78 7.90 -8.09
CA GLU A 672 39.16 8.28 -9.36
C GLU A 672 38.07 9.35 -9.20
N LEU A 673 37.22 9.22 -8.19
CA LEU A 673 36.18 10.23 -7.94
C LEU A 673 36.70 11.41 -7.12
N GLY A 674 37.85 11.24 -6.46
CA GLY A 674 38.48 12.32 -5.71
C GLY A 674 37.77 12.70 -4.42
N VAL A 675 36.96 11.78 -3.89
CA VAL A 675 36.21 11.98 -2.66
C VAL A 675 37.09 11.49 -1.48
N LYS A 676 37.55 12.45 -0.66
CA LYS A 676 38.52 12.15 0.36
C LYS A 676 37.82 12.06 1.69
N ALA A 677 38.50 11.47 2.65
CA ALA A 677 38.07 11.57 4.03
C ALA A 677 37.94 13.07 4.42
N ARG A 678 37.06 13.35 5.37
CA ARG A 678 36.71 14.72 5.76
C ARG A 678 37.22 14.95 7.16
N ARG A 679 38.05 15.97 7.34
CA ARG A 679 38.68 16.20 8.64
C ARG A 679 37.77 16.99 9.58
N GLY A 680 36.98 17.92 9.04
CA GLY A 680 36.07 18.73 9.87
C GLY A 680 36.21 20.23 9.65
N ASP A 681 35.12 20.88 9.27
CA ASP A 681 35.17 22.34 9.00
C ASP A 681 35.70 23.18 10.17
N VAL A 682 35.27 22.84 11.38
CA VAL A 682 35.68 23.60 12.56
C VAL A 682 37.16 23.34 12.86
N PHE A 683 37.59 22.08 12.87
CA PHE A 683 39.01 21.82 13.08
C PHE A 683 39.91 22.59 12.09
N LEU A 684 39.53 22.54 10.81
CA LEU A 684 40.29 23.18 9.74
C LEU A 684 40.18 24.71 9.68
N GLY A 685 39.17 25.25 10.33
CA GLY A 685 38.89 26.67 10.27
C GLY A 685 38.42 27.06 8.90
N LYS A 686 37.77 26.13 8.20
CA LYS A 686 37.19 26.50 6.92
C LYS A 686 36.06 25.62 6.49
N GLN A 687 35.16 26.21 5.74
CA GLN A 687 33.96 25.54 5.28
C GLN A 687 34.25 24.92 3.94
N GLU A 688 34.64 23.66 3.98
CA GLU A 688 35.03 22.96 2.75
C GLU A 688 33.81 22.64 1.90
N VAL A 689 34.07 22.32 0.65
CA VAL A 689 33.08 21.74 -0.26
C VAL A 689 32.27 20.69 0.50
N THR A 690 30.98 20.77 0.35
CA THR A 690 30.09 20.06 1.27
C THR A 690 30.14 18.56 1.12
N ILE A 691 29.71 17.92 2.19
CA ILE A 691 29.48 16.47 2.24
C ILE A 691 28.58 16.07 1.06
N GLY A 692 27.52 16.84 0.86
CA GLY A 692 26.56 16.56 -0.23
C GLY A 692 27.17 16.59 -1.61
N SER A 693 28.05 17.57 -1.85
CA SER A 693 28.77 17.65 -3.10
C SER A 693 29.58 16.37 -3.37
N ASN A 694 30.17 15.83 -2.32
CA ASN A 694 30.96 14.64 -2.44
C ASN A 694 30.11 13.39 -2.63
N VAL A 695 29.06 13.22 -1.81
CA VAL A 695 28.13 12.14 -2.05
C VAL A 695 27.57 12.21 -3.50
N SER A 696 27.31 13.42 -4.01
CA SER A 696 26.80 13.58 -5.37
C SER A 696 27.75 13.01 -6.43
N LYS A 697 29.04 13.13 -6.18
CA LYS A 697 30.00 12.54 -7.12
C LYS A 697 29.88 11.04 -7.19
N ILE A 698 29.70 10.44 -6.01
CA ILE A 698 29.49 9.02 -5.91
C ILE A 698 28.16 8.62 -6.59
N TYR A 699 27.08 9.32 -6.28
CA TYR A 699 25.77 9.09 -6.92
C TYR A 699 25.87 9.15 -8.42
N GLU A 700 26.56 10.18 -8.92
CA GLU A 700 26.74 10.30 -10.37
C GLU A 700 27.45 9.13 -11.03
N ALA A 701 28.47 8.58 -10.37
CA ALA A 701 29.20 7.39 -10.80
C ALA A 701 28.37 6.14 -10.82
N ILE A 702 27.39 6.03 -9.93
CA ILE A 702 26.46 4.95 -9.91
C ILE A 702 25.49 5.10 -11.08
N LYS A 703 24.87 6.27 -11.18
CA LYS A 703 23.86 6.48 -12.23
C LYS A 703 24.40 6.35 -13.65
N SER A 704 25.63 6.80 -13.88
CA SER A 704 26.26 6.75 -15.21
C SER A 704 26.73 5.35 -15.54
N GLY A 705 26.81 4.50 -14.54
CA GLY A 705 27.37 3.15 -14.74
C GLY A 705 28.88 3.07 -14.63
N ARG A 706 29.55 4.17 -14.34
CA ARG A 706 31.00 4.16 -14.25
C ARG A 706 31.44 3.13 -13.16
N ILE A 707 30.65 2.99 -12.09
CA ILE A 707 30.98 2.05 -11.02
C ILE A 707 30.85 0.55 -11.41
N ASN A 708 30.13 0.27 -12.49
CA ASN A 708 29.75 -1.09 -12.82
C ASN A 708 30.95 -1.99 -13.06
N ASN A 709 31.92 -1.52 -13.85
CA ASN A 709 33.14 -2.35 -14.09
C ASN A 709 33.97 -2.53 -12.81
N VAL A 710 33.84 -1.59 -11.90
CA VAL A 710 34.53 -1.68 -10.62
C VAL A 710 33.96 -2.84 -9.80
N LEU A 711 32.62 -2.88 -9.75
CA LEU A 711 31.92 -3.96 -9.05
C LEU A 711 32.28 -5.30 -9.70
N LEU A 712 32.33 -5.31 -11.03
CA LEU A 712 32.69 -6.54 -11.73
C LEU A 712 34.09 -7.00 -11.37
N LYS A 713 35.06 -6.10 -11.47
CA LYS A 713 36.45 -6.38 -11.08
C LYS A 713 36.60 -6.96 -9.67
N MSE A 714 35.89 -6.39 -8.70
CA MSE A 714 35.98 -6.83 -7.31
C MSE A 714 35.47 -8.24 -7.13
O MSE A 714 35.93 -8.95 -6.26
CB MSE A 714 35.15 -5.97 -6.39
CG MSE A 714 35.50 -4.55 -6.29
SE MSE A 714 33.89 -3.66 -5.45
CE MSE A 714 34.42 -4.10 -3.53
N LEU A 715 34.45 -8.61 -7.90
CA LEU A 715 33.75 -9.89 -7.75
C LEU A 715 34.20 -10.85 -8.85
N ALA B 26 16.94 -35.68 -1.45
CA ALA B 26 16.15 -34.55 -2.08
C ALA B 26 15.86 -34.83 -3.56
N SER B 27 14.61 -34.70 -3.98
CA SER B 27 14.20 -35.09 -5.33
C SER B 27 14.69 -34.11 -6.41
N THR B 28 15.23 -34.66 -7.50
CA THR B 28 15.60 -33.90 -8.70
C THR B 28 14.44 -33.82 -9.71
N ASN B 29 13.33 -34.49 -9.41
CA ASN B 29 12.13 -34.41 -10.23
C ASN B 29 11.55 -33.02 -10.04
N LEU B 30 11.45 -32.27 -11.12
CA LEU B 30 10.99 -30.88 -11.02
C LEU B 30 9.53 -30.79 -10.54
N ALA B 31 8.73 -31.84 -10.79
CA ALA B 31 7.33 -31.90 -10.25
C ALA B 31 7.33 -31.93 -8.71
N VAL B 32 8.42 -32.41 -8.11
CA VAL B 32 8.57 -32.30 -6.65
C VAL B 32 9.25 -30.97 -6.25
N ALA B 33 10.29 -30.64 -7.00
CA ALA B 33 11.24 -29.59 -6.64
C ALA B 33 10.81 -28.15 -6.93
N GLY B 34 9.76 -27.91 -7.72
CA GLY B 34 9.46 -26.57 -8.27
C GLY B 34 10.56 -26.15 -9.24
N THR B 39 10.59 -22.64 -17.29
CA THR B 39 10.91 -23.85 -18.02
C THR B 39 9.69 -24.64 -18.42
N THR B 40 9.74 -25.18 -19.64
CA THR B 40 8.67 -25.99 -20.18
C THR B 40 8.71 -27.41 -19.58
N GLN B 41 9.78 -27.73 -18.85
CA GLN B 41 9.95 -29.10 -18.34
C GLN B 41 9.25 -29.35 -16.99
N VAL B 42 8.51 -28.38 -16.45
CA VAL B 42 7.67 -28.66 -15.29
C VAL B 42 6.49 -27.73 -15.32
N THR B 43 5.35 -28.22 -14.88
CA THR B 43 4.16 -27.40 -14.92
C THR B 43 3.49 -27.42 -13.56
N GLN B 44 2.55 -26.49 -13.39
CA GLN B 44 1.81 -26.42 -12.16
C GLN B 44 0.95 -27.66 -12.00
N VAL B 45 0.33 -28.13 -13.09
CA VAL B 45 -0.40 -29.38 -12.99
C VAL B 45 0.49 -30.54 -12.52
N ASP B 46 1.72 -30.66 -13.07
CA ASP B 46 2.68 -31.70 -12.61
C ASP B 46 2.91 -31.59 -11.08
N ILE B 47 3.12 -30.36 -10.61
CA ILE B 47 3.36 -30.06 -9.20
C ILE B 47 2.17 -30.45 -8.32
N VAL B 48 0.98 -30.06 -8.79
CA VAL B 48 -0.25 -30.41 -8.09
C VAL B 48 -0.48 -31.92 -8.03
N GLU B 49 -0.25 -32.59 -9.15
CA GLU B 49 -0.50 -34.02 -9.20
C GLU B 49 0.38 -34.70 -8.16
N LYS B 50 1.62 -34.25 -8.03
CA LYS B 50 2.52 -34.90 -7.08
C LYS B 50 2.09 -34.60 -5.66
N MSE B 51 1.66 -33.38 -5.42
CA MSE B 51 1.17 -33.03 -4.06
C MSE B 51 -0.01 -33.86 -3.64
O MSE B 51 -0.08 -34.36 -2.51
CB MSE B 51 0.78 -31.55 -3.98
CG MSE B 51 1.91 -30.61 -4.05
SE MSE B 51 1.35 -28.86 -3.25
CE MSE B 51 1.67 -29.25 -1.28
N LEU B 52 -0.96 -34.02 -4.55
CA LEU B 52 -2.20 -34.70 -4.25
C LEU B 52 -1.98 -36.19 -4.12
N ALA B 53 -0.87 -36.68 -4.67
CA ALA B 53 -0.49 -38.09 -4.56
C ALA B 53 0.21 -38.43 -3.23
N ALA B 54 0.53 -37.44 -2.40
CA ALA B 54 1.16 -37.73 -1.10
C ALA B 54 0.30 -38.72 -0.32
N PRO B 55 0.90 -39.84 0.17
CA PRO B 55 0.18 -40.78 1.06
C PRO B 55 -0.42 -40.08 2.27
N THR B 56 -1.57 -40.55 2.75
CA THR B 56 -2.10 -40.04 4.03
C THR B 56 -2.12 -41.09 5.15
N ASP B 57 -1.95 -42.35 4.77
CA ASP B 57 -2.08 -43.47 5.69
C ASP B 57 -0.72 -43.98 6.15
N SER B 58 0.23 -44.07 5.21
CA SER B 58 1.51 -44.66 5.52
C SER B 58 2.40 -43.61 6.16
N THR B 59 3.37 -44.08 6.91
CA THR B 59 4.10 -43.15 7.75
C THR B 59 5.05 -42.30 6.94
N LEU B 60 5.05 -41.03 7.27
CA LEU B 60 6.00 -40.08 6.70
C LEU B 60 7.28 -40.19 7.49
N GLU B 61 8.31 -40.72 6.85
CA GLU B 61 9.62 -40.89 7.43
C GLU B 61 10.51 -39.70 7.14
N LEU B 62 10.91 -38.99 8.20
CA LEU B 62 11.69 -37.77 8.07
C LEU B 62 13.19 -38.07 8.14
N ASP B 63 13.91 -37.64 7.10
CA ASP B 63 15.32 -37.90 7.01
C ASP B 63 16.18 -36.65 6.84
N GLY B 64 15.57 -35.47 6.92
CA GLY B 64 16.30 -34.20 6.80
C GLY B 64 16.42 -33.64 5.38
N TYR B 65 16.05 -34.42 4.36
CA TYR B 65 16.32 -34.04 2.94
C TYR B 65 15.18 -34.32 1.95
N SER B 66 14.37 -35.36 2.21
CA SER B 66 13.35 -35.88 1.30
C SER B 66 12.02 -35.22 1.42
N LEU B 67 11.78 -34.52 2.53
CA LEU B 67 10.45 -34.01 2.82
C LEU B 67 10.03 -33.06 1.72
N ASN B 68 8.82 -33.24 1.20
CA ASN B 68 8.30 -32.32 0.17
C ASN B 68 7.02 -31.65 0.62
N LEU B 69 6.50 -30.74 -0.16
CA LEU B 69 5.41 -29.92 0.30
C LEU B 69 4.09 -30.65 0.39
N GLY B 70 3.86 -31.59 -0.52
CA GLY B 70 2.71 -32.47 -0.39
C GLY B 70 2.74 -33.27 0.90
N ASP B 71 3.94 -33.75 1.29
CA ASP B 71 4.11 -34.49 2.54
C ASP B 71 3.73 -33.60 3.72
N VAL B 72 4.20 -32.34 3.68
CA VAL B 72 3.91 -31.39 4.78
C VAL B 72 2.40 -31.22 4.95
N VAL B 73 1.72 -30.99 3.84
CA VAL B 73 0.26 -30.83 3.89
C VAL B 73 -0.40 -32.12 4.41
N SER B 74 0.07 -33.29 3.97
CA SER B 74 -0.53 -34.55 4.48
C SER B 74 -0.42 -34.70 5.99
N ALA B 75 0.73 -34.30 6.55
CA ALA B 75 0.93 -34.40 8.02
C ALA B 75 0.12 -33.31 8.71
N ALA B 76 0.10 -32.11 8.16
CA ALA B 76 -0.59 -30.97 8.81
C ALA B 76 -2.11 -31.13 8.81
N ARG B 77 -2.67 -31.48 7.65
CA ARG B 77 -4.13 -31.54 7.44
C ARG B 77 -4.79 -32.89 7.43
N LYS B 78 -4.05 -33.93 7.08
CA LYS B 78 -4.67 -35.26 6.86
C LYS B 78 -4.35 -36.32 7.90
N GLY B 79 -3.74 -35.91 9.01
CA GLY B 79 -3.44 -36.83 10.09
C GLY B 79 -2.44 -37.94 9.78
N ARG B 80 -1.60 -37.74 8.78
CA ARG B 80 -0.64 -38.75 8.43
C ARG B 80 0.36 -38.97 9.53
N PRO B 81 0.66 -40.25 9.86
CA PRO B 81 1.64 -40.50 10.91
C PRO B 81 3.01 -39.99 10.48
N VAL B 82 3.83 -39.56 11.43
CA VAL B 82 5.13 -38.97 11.14
C VAL B 82 6.14 -39.60 12.10
N ARG B 83 7.30 -39.99 11.59
CA ARG B 83 8.40 -40.41 12.43
C ARG B 83 9.76 -40.04 11.85
N VAL B 84 10.76 -39.90 12.70
CA VAL B 84 12.13 -39.86 12.24
C VAL B 84 12.45 -41.18 11.59
N LYS B 85 13.06 -41.13 10.42
CA LYS B 85 13.40 -42.34 9.70
C LYS B 85 14.11 -43.35 10.61
N ASP B 86 13.64 -44.60 10.52
CA ASP B 86 14.17 -45.71 11.29
C ASP B 86 15.45 -46.13 10.58
N SER B 87 16.55 -45.45 10.91
CA SER B 87 17.83 -45.67 10.23
C SER B 87 18.98 -45.43 11.20
N ASP B 88 19.94 -46.34 11.22
CA ASP B 88 21.11 -46.18 12.06
C ASP B 88 21.95 -44.97 11.68
N GLU B 89 22.02 -44.68 10.38
CA GLU B 89 22.74 -43.51 9.88
C GLU B 89 22.16 -42.20 10.43
N ILE B 90 20.85 -42.06 10.35
CA ILE B 90 20.18 -40.86 10.84
C ILE B 90 20.40 -40.75 12.34
N ARG B 91 20.05 -41.81 13.07
CA ARG B 91 20.24 -41.80 14.53
C ARG B 91 21.64 -41.44 14.92
N SER B 92 22.62 -42.03 14.26
CA SER B 92 24.00 -41.78 14.57
C SER B 92 24.42 -40.33 14.30
N LYS B 93 23.93 -39.76 13.22
CA LYS B 93 24.17 -38.36 12.93
C LYS B 93 23.58 -37.46 14.04
N ILE B 94 22.34 -37.74 14.43
CA ILE B 94 21.71 -36.98 15.51
C ILE B 94 22.52 -37.15 16.78
N ASP B 95 22.77 -38.41 17.15
CA ASP B 95 23.44 -38.67 18.42
C ASP B 95 24.84 -38.04 18.43
N LYS B 96 25.55 -38.11 17.30
CA LYS B 96 26.92 -37.61 17.27
C LYS B 96 27.05 -36.09 17.43
N SER B 97 26.03 -35.32 17.03
CA SER B 97 26.10 -33.86 17.24
C SER B 97 25.91 -33.53 18.70
N VAL B 98 25.02 -34.29 19.36
CA VAL B 98 24.82 -34.09 20.80
C VAL B 98 26.10 -34.42 21.56
N GLU B 99 26.69 -35.55 21.17
CA GLU B 99 27.91 -36.03 21.84
C GLU B 99 29.04 -35.06 21.64
N PHE B 100 29.13 -34.49 20.43
CA PHE B 100 30.18 -33.53 20.14
C PHE B 100 30.10 -32.40 21.13
N LEU B 101 28.91 -31.82 21.23
CA LEU B 101 28.72 -30.70 22.12
C LEU B 101 29.05 -31.08 23.56
N ARG B 102 28.56 -32.23 24.01
CA ARG B 102 28.79 -32.71 25.37
C ARG B 102 30.29 -32.84 25.64
N SER B 103 30.96 -33.55 24.75
CA SER B 103 32.39 -33.81 24.91
C SER B 103 33.18 -32.51 24.85
N GLN B 104 32.86 -31.61 23.92
CA GLN B 104 33.52 -30.32 23.87
C GLN B 104 33.34 -29.59 25.18
N LEU B 105 32.16 -29.71 25.76
CA LEU B 105 31.88 -29.05 27.04
C LEU B 105 32.69 -29.64 28.18
N SER B 106 32.77 -30.96 28.23
CA SER B 106 33.52 -31.66 29.27
C SER B 106 35.02 -31.40 29.15
N MSE B 107 35.49 -31.12 27.94
CA MSE B 107 36.91 -30.87 27.71
C MSE B 107 37.30 -29.40 27.84
O MSE B 107 38.48 -29.10 27.80
CB MSE B 107 37.30 -31.33 26.33
CG MSE B 107 37.45 -32.80 26.20
SE MSE B 107 37.94 -33.14 24.35
CE MSE B 107 39.91 -32.72 24.44
N SER B 108 36.33 -28.50 27.97
CA SER B 108 36.67 -27.08 27.98
C SER B 108 37.31 -26.73 29.32
N THR B 124 25.24 -28.70 34.97
CA THR B 124 24.09 -29.14 34.19
C THR B 124 22.75 -28.53 34.67
N GLU B 125 22.74 -28.12 35.94
CA GLU B 125 21.67 -27.32 36.53
C GLU B 125 21.52 -25.99 35.76
N ASP B 126 22.64 -25.27 35.61
CA ASP B 126 22.61 -23.95 34.99
C ASP B 126 22.19 -24.05 33.51
N ALA B 127 22.69 -25.07 32.80
CA ALA B 127 22.22 -25.31 31.42
C ALA B 127 20.72 -25.54 31.40
N ILE B 128 20.21 -26.29 32.37
CA ILE B 128 18.77 -26.53 32.44
C ILE B 128 18.06 -25.18 32.67
N SER B 129 18.60 -24.39 33.60
CA SER B 129 18.08 -23.03 33.89
C SER B 129 18.10 -22.06 32.68
N LEU B 130 19.16 -22.14 31.88
CA LEU B 130 19.29 -21.28 30.70
C LEU B 130 18.18 -21.58 29.73
N GLN B 131 17.85 -22.86 29.54
CA GLN B 131 16.81 -23.18 28.57
C GLN B 131 15.50 -22.58 29.09
N LYS B 132 15.30 -22.68 30.41
CA LYS B 132 14.09 -22.14 31.05
C LYS B 132 14.01 -20.60 30.90
N ALA B 133 15.12 -19.92 31.02
CA ALA B 133 15.11 -18.45 30.76
C ALA B 133 14.81 -18.13 29.31
N LEU B 134 15.28 -18.97 28.39
CA LEU B 134 14.93 -18.77 26.99
C LEU B 134 13.44 -18.86 26.74
N LEU B 135 12.81 -19.91 27.30
CA LEU B 135 11.35 -20.10 27.09
C LEU B 135 10.60 -19.02 27.82
N GLU B 136 11.03 -18.72 29.04
CA GLU B 136 10.31 -17.77 29.88
C GLU B 136 9.93 -16.50 29.09
N HIS B 137 10.94 -15.85 28.52
CA HIS B 137 10.72 -14.54 27.86
C HIS B 137 9.94 -14.64 26.54
N GLN B 138 9.97 -15.83 25.90
CA GLN B 138 9.31 -16.03 24.64
C GLN B 138 7.84 -16.47 24.76
N LEU B 139 7.43 -16.88 25.96
CA LEU B 139 6.04 -17.24 26.21
C LEU B 139 5.29 -15.96 26.59
N CYS B 140 5.21 -15.07 25.61
CA CYS B 140 4.79 -13.71 25.85
C CYS B 140 3.66 -13.23 24.99
N GLY B 141 2.95 -14.17 24.34
CA GLY B 141 1.87 -13.83 23.41
C GLY B 141 0.53 -13.91 24.09
N VAL B 142 -0.49 -13.44 23.38
CA VAL B 142 -1.84 -13.32 23.91
C VAL B 142 -2.72 -14.46 23.41
N LEU B 143 -3.40 -15.06 24.39
CA LEU B 143 -4.36 -16.14 24.23
C LEU B 143 -5.51 -15.89 25.20
N PRO B 144 -6.72 -16.49 24.97
CA PRO B 144 -7.79 -16.31 25.92
C PRO B 144 -7.42 -16.85 27.28
N SER B 145 -7.78 -16.12 28.32
CA SER B 145 -7.40 -16.51 29.68
C SER B 145 -8.25 -17.70 30.17
N SER B 146 -9.45 -17.86 29.62
CA SER B 146 -10.48 -18.77 30.16
C SER B 146 -11.45 -19.17 29.08
N PHE B 147 -12.14 -20.28 29.34
CA PHE B 147 -13.21 -20.70 28.47
C PHE B 147 -14.42 -19.78 28.62
N ASP B 148 -14.45 -18.97 29.67
CA ASP B 148 -15.59 -18.07 29.92
C ASP B 148 -15.80 -17.09 28.78
N SER B 149 -14.76 -16.81 27.98
CA SER B 149 -14.88 -15.86 26.88
C SER B 149 -15.35 -16.49 25.57
N PHE B 150 -15.36 -17.83 25.52
CA PHE B 150 -15.74 -18.53 24.27
C PHE B 150 -17.24 -18.44 24.09
N ARG B 151 -17.62 -18.37 22.83
CA ARG B 151 -19.02 -18.22 22.39
C ARG B 151 -19.19 -19.18 21.24
N LEU B 152 -20.43 -19.43 20.85
CA LEU B 152 -20.71 -20.34 19.79
C LEU B 152 -20.01 -19.84 18.53
N GLY B 153 -19.18 -20.69 17.93
CA GLY B 153 -18.49 -20.37 16.69
C GLY B 153 -17.35 -19.41 16.84
N ARG B 154 -16.98 -19.12 18.09
CA ARG B 154 -15.93 -18.13 18.35
C ARG B 154 -15.05 -18.55 19.53
N GLY B 155 -13.90 -17.88 19.64
CA GLY B 155 -13.08 -17.96 20.85
C GLY B 155 -11.58 -18.20 20.72
N LEU B 156 -11.15 -18.83 19.63
CA LEU B 156 -9.72 -19.13 19.43
C LEU B 156 -9.09 -18.29 18.33
N GLU B 157 -9.73 -17.13 18.06
CA GLU B 157 -9.21 -16.22 17.00
C GLU B 157 -7.80 -15.77 17.24
N ASN B 158 -7.38 -15.70 18.49
CA ASN B 158 -6.00 -15.29 18.80
C ASN B 158 -4.97 -16.42 18.88
N SER B 159 -5.33 -17.58 18.38
CA SER B 159 -4.40 -18.72 18.31
C SER B 159 -4.16 -19.18 16.90
N LEU B 160 -3.00 -19.77 16.70
CA LEU B 160 -2.62 -20.25 15.38
C LEU B 160 -3.51 -21.46 15.04
N PRO B 161 -3.92 -21.57 13.76
CA PRO B 161 -4.64 -22.73 13.36
C PRO B 161 -3.92 -24.04 13.69
N LEU B 162 -4.69 -25.05 14.06
CA LEU B 162 -4.11 -26.33 14.49
C LEU B 162 -3.22 -26.91 13.34
N GLU B 163 -3.69 -26.80 12.09
CA GLU B 163 -2.94 -27.37 10.96
C GLU B 163 -1.56 -26.70 10.82
N VAL B 164 -1.48 -25.40 11.12
CA VAL B 164 -0.23 -24.71 10.97
C VAL B 164 0.74 -25.23 11.99
N VAL B 165 0.24 -25.40 13.20
CA VAL B 165 1.05 -25.96 14.30
C VAL B 165 1.56 -27.36 14.00
N ARG B 166 0.69 -28.22 13.46
CA ARG B 166 1.12 -29.56 13.07
C ARG B 166 2.19 -29.51 11.97
N GLY B 167 1.97 -28.67 10.94
CA GLY B 167 2.96 -28.54 9.89
C GLY B 167 4.29 -28.05 10.45
N ALA B 168 4.23 -27.17 11.45
CA ALA B 168 5.43 -26.59 12.07
C ALA B 168 6.21 -27.64 12.83
N MSE B 169 5.49 -28.48 13.55
CA MSE B 169 6.16 -29.57 14.29
C MSE B 169 6.85 -30.53 13.34
O MSE B 169 7.94 -31.02 13.64
CB MSE B 169 5.22 -30.31 15.23
CG MSE B 169 4.71 -29.36 16.27
SE MSE B 169 3.82 -30.37 17.76
CE MSE B 169 2.05 -30.75 16.87
N THR B 170 6.22 -30.81 12.19
CA THR B 170 6.74 -31.75 11.22
C THR B 170 8.07 -31.20 10.64
N ILE B 171 8.01 -29.94 10.19
CA ILE B 171 9.19 -29.28 9.57
C ILE B 171 10.27 -29.15 10.63
N ARG B 172 9.87 -28.79 11.85
CA ARG B 172 10.86 -28.64 12.93
C ARG B 172 11.63 -29.94 13.13
N VAL B 173 10.93 -31.07 13.17
CA VAL B 173 11.61 -32.35 13.32
C VAL B 173 12.56 -32.61 12.16
N ASN B 174 12.06 -32.44 10.95
CA ASN B 174 12.88 -32.70 9.78
C ASN B 174 14.14 -31.88 9.85
N SER B 175 14.02 -30.61 10.19
CA SER B 175 15.17 -29.68 10.18
C SER B 175 16.23 -30.03 11.24
N LEU B 176 15.81 -30.75 12.27
CA LEU B 176 16.74 -31.22 13.32
C LEU B 176 17.33 -32.62 13.09
N THR B 177 16.78 -33.38 12.12
CA THR B 177 17.30 -34.70 11.82
C THR B 177 18.59 -34.60 11.03
N ARG B 178 18.90 -33.38 10.57
CA ARG B 178 20.03 -33.14 9.67
C ARG B 178 21.38 -33.18 10.38
N GLY B 179 21.38 -33.18 11.72
CA GLY B 179 22.61 -33.40 12.48
C GLY B 179 23.48 -32.18 12.74
N HIS B 180 22.90 -30.99 12.57
CA HIS B 180 23.65 -29.71 12.68
C HIS B 180 23.40 -28.89 13.97
N SER B 181 22.47 -29.50 14.74
CA SER B 181 21.79 -28.80 15.78
C SER B 181 21.98 -29.29 17.24
N ALA B 182 22.40 -30.55 17.44
CA ALA B 182 22.67 -31.09 18.78
C ALA B 182 21.43 -31.16 19.65
N VAL B 183 20.30 -31.49 19.02
CA VAL B 183 19.08 -31.79 19.77
C VAL B 183 18.90 -33.32 19.79
N ARG B 184 18.62 -33.88 20.97
CA ARG B 184 18.50 -35.33 21.08
C ARG B 184 17.30 -35.92 20.32
N LEU B 185 17.48 -37.15 19.92
CA LEU B 185 16.42 -37.91 19.27
C LEU B 185 15.17 -37.98 20.13
N VAL B 186 15.33 -38.15 21.44
CA VAL B 186 14.18 -38.21 22.32
C VAL B 186 13.29 -36.94 22.24
N VAL B 187 13.91 -35.80 22.02
CA VAL B 187 13.21 -34.54 21.85
C VAL B 187 12.41 -34.56 20.52
N LEU B 188 13.03 -35.05 19.45
CA LEU B 188 12.35 -35.10 18.17
C LEU B 188 11.18 -36.07 18.26
N GLU B 189 11.41 -37.20 18.94
CA GLU B 189 10.35 -38.14 19.22
C GLU B 189 9.20 -37.57 20.05
N ALA B 190 9.50 -36.61 20.92
CA ALA B 190 8.43 -35.96 21.70
C ALA B 190 7.47 -35.22 20.77
N LEU B 191 8.04 -34.57 19.77
CA LEU B 191 7.27 -33.90 18.73
C LEU B 191 6.49 -34.86 17.85
N THR B 192 7.16 -35.92 17.40
CA THR B 192 6.43 -36.88 16.55
C THR B 192 5.33 -37.61 17.35
N ASN B 193 5.56 -37.82 18.64
CA ASN B 193 4.48 -38.39 19.48
C ASN B 193 3.32 -37.42 19.64
N PHE B 194 3.58 -36.12 19.78
CA PHE B 194 2.49 -35.15 19.74
C PHE B 194 1.72 -35.24 18.45
N LEU B 195 2.44 -35.27 17.32
CA LEU B 195 1.76 -35.40 16.05
C LEU B 195 0.89 -36.67 15.98
N ASN B 196 1.46 -37.78 16.37
CA ASN B 196 0.83 -39.08 16.11
C ASN B 196 -0.30 -39.35 17.06
N HIS B 197 -0.30 -38.65 18.19
CA HIS B 197 -1.41 -38.73 19.16
C HIS B 197 -2.36 -37.52 19.07
N GLY B 198 -2.17 -36.64 18.08
CA GLY B 198 -3.08 -35.53 17.87
C GLY B 198 -3.10 -34.54 19.02
N ILE B 199 -1.94 -34.31 19.61
CA ILE B 199 -1.77 -33.26 20.64
C ILE B 199 -1.18 -32.05 19.94
N THR B 200 -1.89 -30.92 19.93
CA THR B 200 -1.48 -29.75 19.18
C THR B 200 -1.44 -28.56 20.12
N PRO B 201 -0.22 -28.03 20.35
CA PRO B 201 -0.07 -26.89 21.22
C PRO B 201 -0.93 -25.71 20.81
N ILE B 202 -1.44 -25.02 21.81
CA ILE B 202 -2.19 -23.81 21.60
C ILE B 202 -1.14 -22.68 21.59
N VAL B 203 -1.04 -21.97 20.47
CA VAL B 203 0.04 -21.03 20.28
C VAL B 203 -0.58 -19.70 19.86
N PRO B 204 -0.10 -18.59 20.42
CA PRO B 204 -0.63 -17.29 19.97
C PRO B 204 -0.46 -17.06 18.47
N LEU B 205 -1.42 -16.35 17.89
CA LEU B 205 -1.43 -16.04 16.46
C LEU B 205 -0.32 -15.06 16.15
N ARG B 206 -0.18 -14.09 17.05
CA ARG B 206 0.71 -12.96 16.83
C ARG B 206 1.86 -12.85 17.82
N GLY B 207 2.91 -12.13 17.39
CA GLY B 207 4.01 -11.81 18.25
C GLY B 207 5.37 -12.08 17.67
N THR B 208 5.45 -12.88 16.60
CA THR B 208 6.74 -13.11 15.97
C THR B 208 6.97 -12.15 14.80
N ILE B 209 8.25 -11.79 14.61
CA ILE B 209 8.75 -11.08 13.42
C ILE B 209 9.51 -12.04 12.49
N SER B 210 9.48 -13.37 12.78
CA SER B 210 10.04 -14.38 11.93
C SER B 210 11.52 -14.15 11.57
N ALA B 211 12.32 -13.79 12.60
CA ALA B 211 13.81 -13.79 12.49
C ALA B 211 14.26 -14.63 13.71
N SER B 212 15.25 -14.41 14.58
CA SER B 212 15.78 -15.62 15.19
C SER B 212 14.70 -16.58 14.85
N GLY B 213 13.99 -16.13 13.83
CA GLY B 213 12.87 -16.82 13.27
C GLY B 213 11.65 -16.66 14.10
N ASP B 214 10.88 -17.74 14.05
CA ASP B 214 9.52 -17.79 14.63
C ASP B 214 9.64 -18.12 16.12
N LEU B 215 10.38 -17.26 16.86
CA LEU B 215 10.78 -17.58 18.23
C LEU B 215 9.61 -17.86 19.19
N SER B 216 8.69 -16.94 19.27
CA SER B 216 7.65 -17.07 20.24
C SER B 216 6.79 -18.31 19.97
N PRO B 217 6.26 -18.46 18.75
CA PRO B 217 5.42 -19.67 18.57
C PRO B 217 6.18 -20.98 18.76
N LEU B 218 7.42 -21.04 18.29
CA LEU B 218 8.22 -22.24 18.49
C LEU B 218 8.48 -22.46 20.00
N SER B 219 8.59 -21.38 20.77
CA SER B 219 8.73 -21.52 22.24
C SER B 219 7.51 -22.16 22.86
N TYR B 220 6.32 -21.85 22.35
CA TYR B 220 5.12 -22.50 22.85
C TYR B 220 5.16 -24.00 22.56
N ILE B 221 5.65 -24.38 21.38
CA ILE B 221 5.79 -25.80 21.08
C ILE B 221 6.78 -26.48 22.02
N ALA B 222 7.92 -25.86 22.24
CA ALA B 222 8.92 -26.39 23.14
C ALA B 222 8.43 -26.50 24.58
N ALA B 223 7.71 -25.48 25.04
CA ALA B 223 7.13 -25.50 26.37
C ALA B 223 6.11 -26.66 26.56
N ALA B 224 5.34 -26.94 25.52
CA ALA B 224 4.37 -27.99 25.56
C ALA B 224 5.05 -29.37 25.71
N ILE B 225 6.01 -29.72 24.85
CA ILE B 225 6.67 -31.01 24.98
C ILE B 225 7.47 -31.16 26.28
N SER B 226 7.88 -30.03 26.85
CA SER B 226 8.61 -30.05 28.10
C SER B 226 7.69 -29.90 29.34
N GLY B 227 6.38 -29.81 29.13
CA GLY B 227 5.45 -29.82 30.24
C GLY B 227 5.49 -28.57 31.12
N HIS B 228 5.77 -27.41 30.50
CA HIS B 228 5.68 -26.13 31.23
C HIS B 228 4.33 -26.09 31.95
N PRO B 229 4.31 -25.65 33.21
CA PRO B 229 3.04 -25.62 33.96
C PRO B 229 1.88 -24.80 33.41
N ASP B 230 2.19 -23.85 32.54
CA ASP B 230 1.20 -22.93 31.96
C ASP B 230 1.04 -23.17 30.48
N SER B 231 1.51 -24.30 29.97
CA SER B 231 1.35 -24.66 28.58
C SER B 231 0.03 -25.43 28.34
N LYS B 232 -0.73 -24.99 27.33
CA LYS B 232 -2.02 -25.61 26.96
C LYS B 232 -1.92 -26.29 25.61
N VAL B 233 -2.64 -27.40 25.45
CA VAL B 233 -2.65 -28.15 24.20
C VAL B 233 -4.05 -28.58 23.88
N HIS B 234 -4.32 -28.80 22.59
CA HIS B 234 -5.60 -29.24 22.09
C HIS B 234 -5.47 -30.75 21.79
N VAL B 235 -6.47 -31.52 22.23
CA VAL B 235 -6.61 -32.94 21.94
C VAL B 235 -8.08 -33.24 21.71
N VAL B 236 -8.33 -34.31 20.96
CA VAL B 236 -9.66 -34.92 21.00
C VAL B 236 -9.63 -36.12 21.95
N HIS B 237 -10.51 -36.11 22.95
CA HIS B 237 -10.57 -37.13 23.95
C HIS B 237 -12.03 -37.39 24.24
N GLU B 238 -12.40 -38.67 24.30
CA GLU B 238 -13.79 -39.07 24.59
C GLU B 238 -14.75 -38.30 23.67
N GLY B 239 -14.39 -38.24 22.41
CA GLY B 239 -15.28 -37.70 21.41
C GLY B 239 -15.39 -36.20 21.37
N LYS B 240 -14.60 -35.50 22.18
CA LYS B 240 -14.72 -34.04 22.35
C LYS B 240 -13.38 -33.39 22.17
N GLU B 241 -13.36 -32.23 21.50
CA GLU B 241 -12.19 -31.39 21.54
C GLU B 241 -12.04 -30.85 22.95
N LYS B 242 -10.83 -30.91 23.49
CA LYS B 242 -10.51 -30.38 24.80
C LYS B 242 -9.23 -29.58 24.72
N ILE B 243 -9.12 -28.56 25.58
CA ILE B 243 -7.86 -27.86 25.81
C ILE B 243 -7.44 -28.14 27.23
N LEU B 244 -6.28 -28.77 27.38
CA LEU B 244 -5.76 -29.22 28.64
C LEU B 244 -4.34 -28.70 28.87
N TYR B 245 -3.90 -28.69 30.11
CA TYR B 245 -2.50 -28.45 30.35
C TYR B 245 -1.69 -29.55 29.68
N ALA B 246 -0.49 -29.16 29.22
CA ALA B 246 0.35 -30.10 28.47
C ALA B 246 0.60 -31.38 29.26
N ARG B 247 0.92 -31.26 30.56
CA ARG B 247 1.14 -32.50 31.36
C ARG B 247 -0.07 -33.41 31.48
N GLU B 248 -1.26 -32.82 31.61
CA GLU B 248 -2.49 -33.62 31.61
C GLU B 248 -2.64 -34.38 30.28
N ALA B 249 -2.44 -33.70 29.18
CA ALA B 249 -2.59 -34.35 27.88
C ALA B 249 -1.57 -35.46 27.73
N MSE B 250 -0.33 -35.21 28.12
CA MSE B 250 0.69 -36.21 27.98
C MSE B 250 0.40 -37.44 28.81
O MSE B 250 0.68 -38.58 28.38
CB MSE B 250 2.04 -35.64 28.35
CG MSE B 250 2.53 -34.74 27.22
SE MSE B 250 4.38 -34.15 27.43
CE MSE B 250 3.96 -32.68 28.78
N ALA B 251 -0.19 -37.24 29.98
CA ALA B 251 -0.49 -38.36 30.90
C ALA B 251 -1.57 -39.26 30.30
N LEU B 252 -2.56 -38.67 29.60
CA LEU B 252 -3.57 -39.46 28.86
C LEU B 252 -2.92 -40.40 27.87
N PHE B 253 -1.82 -39.99 27.26
CA PHE B 253 -1.16 -40.79 26.24
C PHE B 253 0.09 -41.49 26.72
N ASN B 254 0.33 -41.50 28.04
CA ASN B 254 1.57 -41.98 28.68
C ASN B 254 2.88 -41.47 28.03
N LEU B 255 2.88 -40.19 27.66
CA LEU B 255 4.05 -39.55 27.10
C LEU B 255 4.80 -38.85 28.22
N GLU B 256 6.12 -38.89 28.15
CA GLU B 256 6.96 -38.26 29.15
C GLU B 256 7.43 -36.88 28.70
N PRO B 257 7.25 -35.85 29.55
CA PRO B 257 7.84 -34.52 29.28
C PRO B 257 9.33 -34.63 29.13
N VAL B 258 9.88 -33.89 28.18
CA VAL B 258 11.33 -33.79 28.03
C VAL B 258 11.87 -32.68 28.90
N VAL B 259 13.11 -32.84 29.34
CA VAL B 259 13.84 -31.78 30.04
C VAL B 259 14.92 -31.29 29.09
N LEU B 260 14.86 -30.00 28.74
CA LEU B 260 15.74 -29.45 27.72
C LEU B 260 17.14 -29.25 28.27
N GLY B 261 18.10 -29.72 27.48
CA GLY B 261 19.50 -29.61 27.83
C GLY B 261 20.20 -28.55 27.02
N PRO B 262 21.55 -28.56 27.08
CA PRO B 262 22.37 -27.60 26.37
C PRO B 262 22.02 -27.56 24.88
N LYS B 263 21.83 -26.34 24.41
CA LYS B 263 21.53 -26.00 23.02
C LYS B 263 20.12 -26.41 22.58
N GLU B 264 19.41 -27.17 23.40
CA GLU B 264 18.06 -27.60 22.97
C GLU B 264 16.97 -26.52 22.96
N GLY B 265 17.09 -25.53 23.84
CA GLY B 265 16.26 -24.37 23.76
C GLY B 265 16.40 -23.65 22.43
N LEU B 266 17.62 -23.27 22.07
CA LEU B 266 17.83 -22.58 20.78
C LEU B 266 17.53 -23.48 19.63
N GLY B 267 17.87 -24.76 19.77
CA GLY B 267 17.60 -25.77 18.74
C GLY B 267 16.12 -25.91 18.39
N LEU B 268 15.26 -25.73 19.39
CA LEU B 268 13.83 -25.83 19.17
C LEU B 268 13.23 -24.51 18.80
N VAL B 269 13.69 -23.41 19.39
CA VAL B 269 13.01 -22.11 19.20
C VAL B 269 13.49 -21.22 18.07
N ASN B 270 14.75 -21.37 17.66
CA ASN B 270 15.34 -20.64 16.51
C ASN B 270 14.96 -21.37 15.27
N GLY B 271 14.42 -20.67 14.28
CA GLY B 271 14.09 -21.32 13.02
C GLY B 271 12.84 -20.81 12.40
N THR B 272 12.51 -21.39 11.26
CA THR B 272 11.53 -20.83 10.38
C THR B 272 10.30 -21.78 10.20
N ALA B 273 10.20 -22.79 11.06
CA ALA B 273 9.18 -23.83 10.82
C ALA B 273 7.74 -23.37 10.80
N VAL B 274 7.40 -22.35 11.60
CA VAL B 274 6.00 -21.95 11.69
C VAL B 274 5.60 -21.19 10.43
N SER B 275 6.40 -20.21 10.05
N SER B 275 6.44 -20.22 10.09
CA SER B 275 6.11 -19.50 8.79
CA SER B 275 6.30 -19.48 8.82
C SER B 275 6.21 -20.43 7.58
C SER B 275 6.24 -20.42 7.64
N ALA B 276 7.21 -21.32 7.56
CA ALA B 276 7.29 -22.29 6.46
C ALA B 276 6.04 -23.18 6.41
N SER B 277 5.57 -23.62 7.58
CA SER B 277 4.37 -24.42 7.63
C SER B 277 3.20 -23.66 7.01
N MSE B 278 2.91 -22.49 7.54
CA MSE B 278 1.75 -21.74 7.05
C MSE B 278 1.88 -21.37 5.56
O MSE B 278 0.87 -21.39 4.80
CB MSE B 278 1.48 -20.48 7.86
CG MSE B 278 0.12 -19.95 7.56
SE MSE B 278 -0.44 -18.66 8.95
CE MSE B 278 -2.46 -18.82 8.73
N ALA B 279 3.09 -21.02 5.17
CA ALA B 279 3.41 -20.72 3.79
C ALA B 279 3.18 -21.92 2.87
N THR B 280 3.57 -23.11 3.32
CA THR B 280 3.36 -24.32 2.51
C THR B 280 1.88 -24.57 2.30
N LEU B 281 1.07 -24.45 3.35
CA LEU B 281 -0.37 -24.62 3.24
C LEU B 281 -0.95 -23.59 2.28
N ALA B 282 -0.49 -22.36 2.41
CA ALA B 282 -1.01 -21.27 1.56
C ALA B 282 -0.64 -21.46 0.09
N LEU B 283 0.59 -21.93 -0.16
CA LEU B 283 0.99 -22.16 -1.54
C LEU B 283 0.23 -23.32 -2.16
N HIS B 284 0.08 -24.41 -1.39
CA HIS B 284 -0.78 -25.52 -1.83
C HIS B 284 -2.16 -25.02 -2.27
N ASP B 285 -2.76 -24.17 -1.45
CA ASP B 285 -4.12 -23.75 -1.75
C ASP B 285 -4.14 -22.81 -2.97
N ALA B 286 -3.11 -21.98 -3.07
CA ALA B 286 -2.99 -21.04 -4.20
C ALA B 286 -2.84 -21.79 -5.48
N HIS B 287 -2.10 -22.90 -5.47
CA HIS B 287 -1.96 -23.67 -6.73
C HIS B 287 -3.32 -24.14 -7.23
N MSE B 288 -4.14 -24.59 -6.29
CA MSE B 288 -5.47 -25.10 -6.65
C MSE B 288 -6.35 -24.00 -7.23
O MSE B 288 -7.08 -24.19 -8.20
CB MSE B 288 -6.20 -25.73 -5.47
CG MSE B 288 -5.42 -26.75 -4.74
SE MSE B 288 -4.73 -28.19 -5.90
CE MSE B 288 -3.47 -28.90 -4.50
N LEU B 289 -6.23 -22.80 -6.65
CA LEU B 289 -7.06 -21.69 -7.03
C LEU B 289 -6.58 -21.20 -8.42
N SER B 290 -5.29 -21.33 -8.71
CA SER B 290 -4.75 -20.98 -10.02
C SER B 290 -5.34 -21.90 -11.06
N LEU B 291 -5.41 -23.21 -10.74
CA LEU B 291 -5.99 -24.18 -11.69
C LEU B 291 -7.48 -23.94 -11.87
N LEU B 292 -8.15 -23.61 -10.80
CA LEU B 292 -9.59 -23.31 -10.85
C LEU B 292 -9.88 -22.06 -11.71
N SER B 293 -9.00 -21.07 -11.62
CA SER B 293 -9.11 -19.84 -12.43
C SER B 293 -9.06 -20.19 -13.92
N GLN B 294 -8.20 -21.13 -14.27
CA GLN B 294 -8.06 -21.58 -15.66
C GLN B 294 -9.30 -22.34 -16.12
N SER B 295 -9.80 -23.20 -15.26
CA SER B 295 -11.02 -23.93 -15.52
C SER B 295 -12.23 -23.00 -15.72
N LEU B 296 -12.34 -21.98 -14.88
CA LEU B 296 -13.39 -21.00 -14.97
C LEU B 296 -13.25 -20.16 -16.22
N THR B 297 -12.04 -19.85 -16.63
CA THR B 297 -11.78 -19.20 -17.91
C THR B 297 -12.40 -20.01 -19.08
N ALA B 298 -12.10 -21.30 -19.10
CA ALA B 298 -12.60 -22.20 -20.15
C ALA B 298 -14.15 -22.20 -20.11
N MSE B 299 -14.72 -22.36 -18.93
CA MSE B 299 -16.19 -22.47 -18.85
C MSE B 299 -16.89 -21.18 -19.23
O MSE B 299 -18.01 -21.14 -19.75
CB MSE B 299 -16.59 -22.98 -17.48
CG MSE B 299 -16.07 -24.33 -17.30
SE MSE B 299 -16.64 -25.14 -15.61
CE MSE B 299 -18.29 -25.85 -16.21
N THR B 300 -16.22 -20.08 -18.91
CA THR B 300 -16.72 -18.76 -19.36
C THR B 300 -16.66 -18.59 -20.87
N VAL B 301 -15.59 -19.06 -21.51
CA VAL B 301 -15.54 -18.99 -22.97
C VAL B 301 -16.75 -19.76 -23.49
N GLU B 302 -17.04 -20.91 -22.89
CA GLU B 302 -18.20 -21.70 -23.33
C GLU B 302 -19.54 -20.95 -23.12
N ALA B 303 -19.75 -20.39 -21.93
CA ALA B 303 -21.00 -19.68 -21.65
C ALA B 303 -21.15 -18.45 -22.56
N MSE B 304 -20.02 -17.84 -22.95
CA MSE B 304 -20.04 -16.63 -23.78
C MSE B 304 -20.02 -16.95 -25.26
O MSE B 304 -19.98 -16.04 -26.07
CB MSE B 304 -18.83 -15.77 -23.43
CG MSE B 304 -18.85 -15.23 -22.02
SE MSE B 304 -20.05 -13.63 -22.01
CE MSE B 304 -18.93 -12.31 -23.01
N VAL B 305 -20.11 -18.22 -25.61
CA VAL B 305 -19.91 -18.71 -26.99
C VAL B 305 -18.73 -17.96 -27.62
N GLY B 306 -17.64 -17.92 -26.87
CA GLY B 306 -16.45 -17.22 -27.27
C GLY B 306 -15.48 -18.06 -28.04
N HIS B 307 -14.29 -17.51 -28.25
CA HIS B 307 -13.33 -18.10 -29.17
C HIS B 307 -12.29 -18.96 -28.48
N ALA B 308 -12.27 -20.25 -28.82
CA ALA B 308 -11.20 -21.11 -28.33
C ALA B 308 -9.87 -20.73 -29.02
N GLY B 309 -9.94 -20.01 -30.13
CA GLY B 309 -8.76 -19.61 -30.92
C GLY B 309 -7.74 -18.82 -30.10
N SER B 310 -8.19 -18.12 -29.06
CA SER B 310 -7.26 -17.34 -28.20
C SER B 310 -6.13 -18.21 -27.65
N PHE B 311 -6.36 -19.52 -27.58
CA PHE B 311 -5.46 -20.44 -26.88
C PHE B 311 -4.66 -21.32 -27.83
N HIS B 312 -4.72 -21.02 -29.12
CA HIS B 312 -4.03 -21.76 -30.15
C HIS B 312 -2.52 -21.69 -29.94
N PRO B 313 -1.78 -22.81 -30.15
CA PRO B 313 -0.32 -22.77 -29.96
C PRO B 313 0.42 -21.69 -30.73
N PHE B 314 -0.07 -21.27 -31.90
CA PHE B 314 0.66 -20.26 -32.65
C PHE B 314 0.80 -18.98 -31.82
N LEU B 315 -0.22 -18.69 -31.02
CA LEU B 315 -0.30 -17.44 -30.26
C LEU B 315 0.52 -17.46 -29.00
N HIS B 316 1.11 -18.60 -28.68
CA HIS B 316 1.89 -18.73 -27.46
C HIS B 316 3.24 -19.41 -27.74
N ASP B 317 3.18 -20.72 -27.98
CA ASP B 317 4.36 -21.54 -28.26
C ASP B 317 5.28 -20.94 -29.34
N VAL B 318 4.67 -20.44 -30.43
CA VAL B 318 5.45 -19.96 -31.54
C VAL B 318 5.83 -18.50 -31.32
N THR B 319 4.84 -17.69 -30.99
CA THR B 319 5.02 -16.25 -31.06
C THR B 319 5.52 -15.54 -29.79
N ARG B 320 5.20 -16.09 -28.62
CA ARG B 320 5.58 -15.41 -27.37
C ARG B 320 5.84 -16.47 -26.29
N PRO B 321 7.01 -17.13 -26.41
CA PRO B 321 7.21 -18.40 -25.74
C PRO B 321 7.64 -18.33 -24.27
N HIS B 322 6.89 -17.59 -23.46
CA HIS B 322 7.05 -17.61 -22.04
C HIS B 322 6.52 -18.95 -21.58
N PRO B 323 7.37 -19.75 -20.93
CA PRO B 323 6.92 -21.11 -20.60
C PRO B 323 5.58 -21.23 -19.90
N THR B 324 5.28 -20.35 -18.96
CA THR B 324 4.02 -20.47 -18.22
C THR B 324 2.87 -19.87 -19.00
N GLN B 325 3.13 -18.99 -19.96
CA GLN B 325 2.07 -18.58 -20.86
C GLN B 325 1.64 -19.78 -21.74
N ILE B 326 2.63 -20.46 -22.29
CA ILE B 326 2.41 -21.70 -23.05
C ILE B 326 1.62 -22.68 -22.21
N GLU B 327 2.02 -22.84 -20.96
CA GLU B 327 1.35 -23.76 -20.06
C GLU B 327 -0.13 -23.46 -19.88
N VAL B 328 -0.41 -22.21 -19.55
CA VAL B 328 -1.81 -21.82 -19.26
C VAL B 328 -2.69 -21.96 -20.55
N ALA B 329 -2.21 -21.47 -21.67
CA ALA B 329 -2.93 -21.59 -22.94
C ALA B 329 -3.20 -23.06 -23.26
N GLY B 330 -2.20 -23.89 -23.01
CA GLY B 330 -2.36 -25.33 -23.23
C GLY B 330 -3.41 -25.96 -22.33
N ASN B 331 -3.43 -25.58 -21.06
CA ASN B 331 -4.48 -26.09 -20.13
C ASN B 331 -5.85 -25.69 -20.63
N ILE B 332 -6.02 -24.41 -20.98
CA ILE B 332 -7.33 -23.93 -21.41
C ILE B 332 -7.68 -24.54 -22.78
N ARG B 333 -6.71 -24.64 -23.68
CA ARG B 333 -6.93 -25.32 -24.95
C ARG B 333 -7.45 -26.76 -24.74
N LYS B 334 -6.81 -27.49 -23.84
CA LYS B 334 -7.18 -28.87 -23.51
C LYS B 334 -8.63 -28.92 -23.02
N LEU B 335 -8.97 -28.01 -22.11
CA LEU B 335 -10.32 -27.98 -21.56
C LEU B 335 -11.37 -27.67 -22.60
N LEU B 336 -11.07 -26.82 -23.59
CA LEU B 336 -12.06 -26.44 -24.60
C LEU B 336 -12.23 -27.43 -25.76
N GLU B 337 -11.32 -28.38 -25.91
CA GLU B 337 -11.45 -29.38 -26.96
C GLU B 337 -12.76 -30.10 -26.81
N GLY B 338 -13.47 -30.20 -27.91
CA GLY B 338 -14.72 -30.93 -27.89
C GLY B 338 -15.93 -30.12 -27.45
N SER B 339 -15.72 -28.89 -26.99
CA SER B 339 -16.83 -28.00 -26.68
C SER B 339 -17.67 -27.70 -27.92
N ARG B 340 -18.99 -27.76 -27.78
CA ARG B 340 -19.89 -27.29 -28.82
C ARG B 340 -20.45 -25.92 -28.46
N PHE B 341 -19.97 -25.31 -27.38
CA PHE B 341 -20.33 -23.93 -27.04
C PHE B 341 -19.24 -22.94 -27.58
N ALA B 342 -17.99 -23.24 -27.25
CA ALA B 342 -16.87 -22.41 -27.74
C ALA B 342 -16.71 -22.62 -29.24
N VAL B 343 -16.33 -21.54 -29.93
CA VAL B 343 -16.03 -21.54 -31.37
C VAL B 343 -14.56 -21.93 -31.61
N HIS B 344 -14.36 -22.91 -32.50
CA HIS B 344 -13.02 -23.48 -32.73
C HIS B 344 -12.31 -22.89 -33.95
N HIS B 345 -11.00 -22.59 -33.82
CA HIS B 345 -10.24 -21.90 -34.90
C HIS B 345 -10.31 -22.74 -36.17
N GLU B 346 -10.15 -24.05 -36.01
CA GLU B 346 -10.09 -24.94 -37.16
C GLU B 346 -11.42 -25.03 -37.91
N GLU B 347 -12.52 -24.66 -37.25
CA GLU B 347 -13.82 -24.54 -37.95
C GLU B 347 -13.95 -23.15 -38.55
N GLU B 348 -13.51 -22.13 -37.79
CA GLU B 348 -13.61 -20.73 -38.26
C GLU B 348 -12.86 -20.47 -39.56
N VAL B 349 -11.69 -21.08 -39.68
CA VAL B 349 -10.86 -20.95 -40.88
C VAL B 349 -11.58 -21.44 -42.13
N LYS B 350 -12.66 -22.21 -41.94
CA LYS B 350 -13.53 -22.57 -43.06
C LYS B 350 -14.63 -21.50 -43.13
N ASP B 354 -20.04 -1.71 -40.87
CA ASP B 354 -20.42 -0.30 -40.71
C ASP B 354 -21.38 -0.10 -39.53
N GLU B 355 -21.17 -0.94 -38.50
CA GLU B 355 -22.00 -0.98 -37.28
C GLU B 355 -21.21 -1.00 -35.97
N GLY B 356 -19.88 -1.09 -36.06
CA GLY B 356 -19.01 -1.29 -34.88
C GLY B 356 -19.15 -2.68 -34.27
N ILE B 357 -19.23 -3.70 -35.12
CA ILE B 357 -19.49 -5.09 -34.69
C ILE B 357 -18.29 -5.64 -33.91
N LEU B 358 -18.52 -6.03 -32.65
CA LEU B 358 -17.47 -6.63 -31.80
C LEU B 358 -17.40 -8.13 -32.08
N ARG B 359 -16.42 -8.51 -32.89
CA ARG B 359 -16.24 -9.89 -33.36
C ARG B 359 -15.23 -10.65 -32.53
N GLN B 360 -14.38 -9.96 -31.78
N GLN B 360 -14.33 -9.92 -31.84
CA GLN B 360 -13.41 -10.68 -31.00
CA GLN B 360 -13.28 -10.52 -31.01
C GLN B 360 -13.65 -10.54 -29.51
C GLN B 360 -13.80 -10.66 -29.56
N ASP B 361 -13.19 -11.56 -28.79
CA ASP B 361 -13.42 -11.62 -27.34
C ASP B 361 -12.71 -10.48 -26.67
N ARG B 362 -13.21 -10.04 -25.52
CA ARG B 362 -12.55 -9.00 -24.80
C ARG B 362 -11.38 -9.57 -24.00
N TYR B 363 -10.66 -8.69 -23.30
CA TYR B 363 -9.38 -9.10 -22.76
C TYR B 363 -9.46 -10.12 -21.64
N PRO B 364 -10.53 -10.09 -20.80
CA PRO B 364 -10.58 -11.10 -19.74
C PRO B 364 -10.46 -12.55 -20.21
N LEU B 365 -10.95 -12.83 -21.41
CA LEU B 365 -10.83 -14.14 -22.02
C LEU B 365 -9.60 -14.21 -22.95
N ARG B 366 -9.48 -13.25 -23.87
CA ARG B 366 -8.47 -13.33 -24.94
C ARG B 366 -7.04 -13.13 -24.43
N THR B 367 -6.87 -12.42 -23.31
CA THR B 367 -5.51 -12.22 -22.76
C THR B 367 -5.25 -13.04 -21.51
N SER B 368 -6.12 -14.04 -21.24
CA SER B 368 -5.99 -14.83 -20.01
C SER B 368 -4.64 -15.54 -19.86
N PRO B 369 -4.11 -16.17 -20.95
CA PRO B 369 -2.77 -16.83 -20.73
C PRO B 369 -1.66 -15.81 -20.41
N GLN B 370 -1.74 -14.67 -21.08
CA GLN B 370 -0.79 -13.62 -20.90
C GLN B 370 -0.94 -13.00 -19.49
N TRP B 371 -2.14 -13.03 -18.93
CA TRP B 371 -2.38 -12.47 -17.61
C TRP B 371 -1.98 -13.48 -16.52
N LEU B 372 -2.36 -14.74 -16.70
CA LEU B 372 -2.09 -15.74 -15.67
C LEU B 372 -0.65 -16.29 -15.72
N GLY B 373 -0.04 -16.32 -16.91
CA GLY B 373 1.27 -16.93 -17.07
C GLY B 373 2.31 -16.40 -16.08
N PRO B 374 2.44 -15.08 -15.99
CA PRO B 374 3.46 -14.55 -15.10
C PRO B 374 3.32 -14.96 -13.66
N LEU B 375 2.10 -14.92 -13.15
CA LEU B 375 1.89 -15.25 -11.77
C LEU B 375 2.05 -16.77 -11.53
N VAL B 376 1.78 -17.57 -12.55
CA VAL B 376 2.01 -19.00 -12.43
C VAL B 376 3.47 -19.28 -12.31
N SER B 377 4.31 -18.56 -13.06
CA SER B 377 5.74 -18.72 -12.91
C SER B 377 6.18 -18.42 -11.49
N ASP B 378 5.58 -17.40 -10.87
CA ASP B 378 5.88 -17.02 -9.51
C ASP B 378 5.47 -18.13 -8.57
N LEU B 379 4.33 -18.76 -8.79
CA LEU B 379 3.94 -19.86 -7.91
C LEU B 379 4.87 -21.07 -8.02
N ILE B 380 5.30 -21.38 -9.23
CA ILE B 380 6.30 -22.46 -9.41
C ILE B 380 7.68 -22.14 -8.75
N HIS B 381 8.08 -20.87 -8.88
CA HIS B 381 9.29 -20.42 -8.17
C HIS B 381 9.15 -20.56 -6.66
N ALA B 382 8.03 -20.07 -6.13
CA ALA B 382 7.77 -20.21 -4.71
C ALA B 382 7.83 -21.67 -4.26
N HIS B 383 7.30 -22.56 -5.09
CA HIS B 383 7.32 -23.98 -4.76
C HIS B 383 8.79 -24.43 -4.62
N ALA B 384 9.64 -24.01 -5.55
CA ALA B 384 11.05 -24.41 -5.45
C ALA B 384 11.69 -23.88 -4.16
N VAL B 385 11.38 -22.64 -3.81
CA VAL B 385 11.95 -22.00 -2.59
C VAL B 385 11.47 -22.75 -1.33
N LEU B 386 10.16 -22.93 -1.20
CA LEU B 386 9.60 -23.51 0.02
C LEU B 386 9.98 -24.98 0.12
N THR B 387 10.20 -25.66 -1.00
CA THR B 387 10.64 -27.04 -0.91
C THR B 387 12.00 -27.14 -0.20
N ILE B 388 12.92 -26.27 -0.58
CA ILE B 388 14.24 -26.25 0.09
C ILE B 388 14.06 -25.82 1.54
N GLU B 389 13.22 -24.81 1.77
CA GLU B 389 13.08 -24.25 3.12
C GLU B 389 12.46 -25.28 4.06
N ALA B 390 11.37 -25.91 3.65
CA ALA B 390 10.61 -26.82 4.51
C ALA B 390 11.28 -28.17 4.58
N GLY B 391 11.92 -28.59 3.50
CA GLY B 391 12.42 -29.96 3.38
C GLY B 391 13.88 -30.28 3.51
N GLN B 392 14.73 -29.26 3.29
CA GLN B 392 16.16 -29.45 3.14
C GLN B 392 16.97 -28.38 3.84
N SER B 393 16.44 -27.75 4.87
CA SER B 393 17.19 -26.70 5.54
C SER B 393 17.24 -26.88 7.05
N THR B 394 18.38 -26.49 7.58
CA THR B 394 18.60 -26.30 9.00
C THR B 394 18.49 -24.81 9.30
N THR B 395 17.56 -24.47 10.19
CA THR B 395 17.24 -23.08 10.39
C THR B 395 17.46 -22.59 11.81
N ASP B 396 17.96 -23.44 12.70
CA ASP B 396 18.38 -22.96 14.01
C ASP B 396 19.78 -22.34 13.98
N ASN B 397 20.35 -22.08 15.15
CA ASN B 397 21.64 -21.40 15.29
C ASN B 397 22.05 -21.47 16.76
N PRO B 398 23.35 -21.42 17.07
CA PRO B 398 24.45 -21.77 16.18
C PRO B 398 24.37 -23.20 15.66
N LEU B 399 25.06 -23.47 14.55
CA LEU B 399 25.03 -24.76 13.86
C LEU B 399 26.37 -25.46 13.99
N ILE B 400 26.32 -26.78 14.13
CA ILE B 400 27.50 -27.54 14.55
C ILE B 400 28.02 -28.38 13.40
N ASP B 401 29.30 -28.17 13.06
CA ASP B 401 30.00 -28.94 12.05
C ASP B 401 30.89 -29.93 12.79
N VAL B 402 30.41 -31.17 12.91
CA VAL B 402 31.05 -32.14 13.82
C VAL B 402 32.37 -32.60 13.20
N GLU B 403 32.34 -32.83 11.88
CA GLU B 403 33.52 -33.28 11.14
C GLU B 403 34.72 -32.35 11.38
N ASN B 404 34.46 -31.05 11.30
CA ASN B 404 35.48 -30.04 11.54
C ASN B 404 35.46 -29.41 12.93
N LYS B 405 34.77 -30.08 13.86
CA LYS B 405 34.72 -29.67 15.25
C LYS B 405 34.52 -28.18 15.45
N THR B 406 33.55 -27.61 14.75
CA THR B 406 33.32 -26.19 14.80
C THR B 406 31.83 -25.86 14.95
N SER B 407 31.56 -24.81 15.72
CA SER B 407 30.22 -24.27 15.87
C SER B 407 30.19 -22.91 15.14
N HIS B 408 29.19 -22.72 14.27
CA HIS B 408 29.15 -21.56 13.39
C HIS B 408 27.99 -20.67 13.76
N HIS B 409 28.23 -19.35 13.73
CA HIS B 409 27.22 -18.37 14.11
C HIS B 409 26.71 -17.70 12.84
N GLY B 410 25.47 -18.01 12.45
CA GLY B 410 24.91 -17.56 11.20
C GLY B 410 23.52 -16.99 11.35
N GLY B 411 22.74 -17.07 10.28
CA GLY B 411 21.48 -16.35 10.17
C GLY B 411 20.39 -17.16 9.51
N ASN B 412 20.47 -18.48 9.58
CA ASN B 412 19.47 -19.28 8.84
C ASN B 412 18.03 -19.27 9.37
N PHE B 413 17.83 -18.62 10.50
CA PHE B 413 16.51 -18.38 11.02
C PHE B 413 15.80 -17.16 10.37
N GLN B 414 16.52 -16.41 9.52
CA GLN B 414 15.95 -15.22 8.90
C GLN B 414 15.07 -15.69 7.74
N ALA B 415 13.79 -15.64 7.95
CA ALA B 415 12.83 -16.35 7.07
C ALA B 415 12.46 -15.51 5.83
N ALA B 416 13.42 -14.77 5.25
CA ALA B 416 13.17 -13.92 4.08
C ALA B 416 12.77 -14.76 2.87
N ALA B 417 13.31 -15.95 2.76
CA ALA B 417 12.93 -16.82 1.61
C ALA B 417 11.43 -17.10 1.72
N VAL B 418 10.94 -17.33 2.93
CA VAL B 418 9.50 -17.66 3.13
C VAL B 418 8.65 -16.42 2.89
N ALA B 419 9.09 -15.27 3.44
CA ALA B 419 8.31 -14.05 3.30
C ALA B 419 8.20 -13.72 1.82
N ASN B 420 9.30 -13.92 1.10
CA ASN B 420 9.34 -13.68 -0.35
C ASN B 420 8.25 -14.42 -1.09
N THR B 421 8.10 -15.70 -0.77
CA THR B 421 7.09 -16.49 -1.46
C THR B 421 5.70 -15.96 -1.19
N MSE B 422 5.51 -15.52 0.04
CA MSE B 422 4.15 -15.07 0.46
C MSE B 422 3.76 -13.71 -0.14
O MSE B 422 2.62 -13.48 -0.52
CB MSE B 422 4.09 -15.05 1.95
CG MSE B 422 4.11 -16.44 2.56
SE MSE B 422 2.55 -17.54 2.00
CE MSE B 422 3.25 -18.57 0.46
N GLU B 423 4.73 -12.80 -0.21
CA GLU B 423 4.47 -11.45 -0.80
C GLU B 423 4.04 -11.68 -2.25
N LYS B 424 4.84 -12.46 -2.99
CA LYS B 424 4.56 -12.70 -4.43
C LYS B 424 3.25 -13.44 -4.64
N THR B 425 3.00 -14.43 -3.80
CA THR B 425 1.77 -15.21 -3.96
C THR B 425 0.55 -14.30 -3.70
N ARG B 426 0.62 -13.40 -2.71
CA ARG B 426 -0.58 -12.62 -2.38
C ARG B 426 -0.92 -11.64 -3.51
N LEU B 427 0.11 -11.16 -4.15
CA LEU B 427 -0.09 -10.27 -5.29
C LEU B 427 -0.67 -11.08 -6.42
N GLY B 428 -0.13 -12.27 -6.66
CA GLY B 428 -0.75 -13.18 -7.64
C GLY B 428 -2.21 -13.50 -7.45
N LEU B 429 -2.59 -13.74 -6.20
CA LEU B 429 -3.99 -14.03 -5.84
C LEU B 429 -4.87 -12.85 -6.23
N ALA B 430 -4.37 -11.64 -6.03
CA ALA B 430 -5.14 -10.45 -6.37
C ALA B 430 -5.28 -10.35 -7.90
N GLN B 431 -4.25 -10.75 -8.63
CA GLN B 431 -4.28 -10.71 -10.09
C GLN B 431 -5.24 -11.78 -10.66
N ILE B 432 -5.20 -12.99 -10.11
CA ILE B 432 -6.19 -14.01 -10.47
C ILE B 432 -7.59 -13.47 -10.19
N GLY B 433 -7.80 -12.94 -8.98
CA GLY B 433 -9.11 -12.39 -8.62
C GLY B 433 -9.57 -11.31 -9.62
N LYS B 434 -8.73 -10.34 -9.95
CA LYS B 434 -9.12 -9.33 -10.92
C LYS B 434 -9.52 -9.95 -12.26
N LEU B 435 -8.77 -10.94 -12.74
CA LEU B 435 -9.15 -11.62 -13.98
C LEU B 435 -10.53 -12.25 -13.94
N ASN B 436 -10.71 -13.12 -12.97
CA ASN B 436 -11.99 -13.82 -12.92
C ASN B 436 -13.12 -12.85 -12.60
N PHE B 437 -12.89 -11.82 -11.80
CA PHE B 437 -13.97 -10.83 -11.57
C PHE B 437 -14.35 -10.22 -12.95
N THR B 438 -13.36 -9.81 -13.73
CA THR B 438 -13.65 -9.14 -15.00
C THR B 438 -14.35 -10.07 -15.97
N GLN B 439 -13.98 -11.34 -15.92
CA GLN B 439 -14.74 -12.37 -16.75
C GLN B 439 -16.19 -12.48 -16.30
N LEU B 440 -16.39 -12.61 -15.01
CA LEU B 440 -17.71 -12.81 -14.44
C LEU B 440 -18.57 -11.57 -14.68
N THR B 441 -18.03 -10.36 -14.45
CA THR B 441 -18.88 -9.17 -14.51
C THR B 441 -19.28 -8.86 -15.96
N GLU B 442 -18.46 -9.26 -16.92
CA GLU B 442 -18.81 -9.16 -18.33
C GLU B 442 -19.98 -10.09 -18.64
N MSE B 443 -19.86 -11.31 -18.15
CA MSE B 443 -20.89 -12.32 -18.35
C MSE B 443 -22.23 -11.93 -17.73
O MSE B 443 -23.27 -12.34 -18.26
CB MSE B 443 -20.44 -13.70 -17.77
CG MSE B 443 -21.31 -14.78 -18.16
SE MSE B 443 -20.57 -16.53 -17.60
CE MSE B 443 -20.46 -16.15 -15.66
N LEU B 444 -22.20 -11.19 -16.62
CA LEU B 444 -23.39 -10.72 -15.92
C LEU B 444 -23.92 -9.37 -16.45
N ASN B 445 -23.29 -8.86 -17.49
CA ASN B 445 -23.69 -7.60 -18.15
C ASN B 445 -24.46 -7.89 -19.41
N ALA B 446 -25.76 -7.56 -19.36
CA ALA B 446 -26.69 -7.88 -20.46
C ALA B 446 -26.26 -7.24 -21.76
N GLY B 447 -25.62 -6.09 -21.66
CA GLY B 447 -25.09 -5.39 -22.81
C GLY B 447 -23.86 -6.01 -23.41
N MSE B 448 -23.18 -6.90 -22.70
CA MSE B 448 -21.91 -7.46 -23.17
C MSE B 448 -21.89 -8.98 -23.35
O MSE B 448 -20.94 -9.51 -23.82
CB MSE B 448 -20.80 -7.11 -22.17
CG MSE B 448 -20.67 -5.68 -21.92
SE MSE B 448 -19.35 -5.24 -20.46
CE MSE B 448 -17.84 -5.61 -21.47
N ASN B 449 -22.92 -9.70 -22.87
CA ASN B 449 -22.86 -11.15 -22.68
C ASN B 449 -23.46 -11.98 -23.78
N ARG B 450 -23.48 -11.41 -24.98
CA ARG B 450 -23.87 -12.16 -26.18
C ARG B 450 -25.24 -12.81 -26.01
N GLY B 451 -26.16 -12.05 -25.42
CA GLY B 451 -27.54 -12.47 -25.36
C GLY B 451 -27.98 -13.37 -24.22
N LEU B 452 -27.11 -13.55 -23.22
CA LEU B 452 -27.54 -14.32 -22.05
C LEU B 452 -28.59 -13.47 -21.34
N PRO B 453 -29.55 -14.12 -20.67
CA PRO B 453 -30.59 -13.39 -19.96
C PRO B 453 -30.02 -12.42 -18.94
N SER B 454 -30.63 -11.26 -18.82
CA SER B 454 -30.27 -10.28 -17.77
C SER B 454 -30.15 -10.96 -16.40
N CYS B 455 -29.03 -10.72 -15.73
CA CYS B 455 -28.75 -11.23 -14.39
C CYS B 455 -28.74 -12.75 -14.31
N LEU B 456 -28.67 -13.42 -15.47
CA LEU B 456 -28.84 -14.87 -15.56
C LEU B 456 -30.16 -15.34 -14.94
N ALA B 457 -31.17 -14.49 -15.07
CA ALA B 457 -32.48 -14.86 -14.62
C ALA B 457 -33.06 -15.91 -15.60
N ALA B 458 -33.63 -16.97 -15.07
CA ALA B 458 -34.21 -18.03 -15.92
C ALA B 458 -35.57 -17.66 -16.52
N GLU B 459 -36.28 -16.79 -15.83
CA GLU B 459 -37.64 -16.41 -16.21
C GLU B 459 -37.69 -14.92 -16.44
N ASP B 460 -38.88 -14.33 -16.48
CA ASP B 460 -38.97 -12.88 -16.80
C ASP B 460 -38.12 -12.02 -15.88
N PRO B 461 -37.23 -11.19 -16.46
CA PRO B 461 -36.31 -10.40 -15.66
C PRO B 461 -36.97 -9.29 -14.88
N SER B 462 -38.19 -8.91 -15.23
CA SER B 462 -38.89 -7.86 -14.48
C SER B 462 -39.06 -8.20 -13.02
N LEU B 463 -39.03 -9.48 -12.70
CA LEU B 463 -39.23 -9.94 -11.31
C LEU B 463 -38.19 -10.94 -10.89
N SER B 464 -37.04 -10.87 -11.53
CA SER B 464 -35.93 -11.77 -11.19
C SER B 464 -34.62 -11.13 -11.57
N TYR B 465 -33.79 -10.93 -10.55
CA TYR B 465 -32.47 -10.29 -10.66
C TYR B 465 -31.35 -11.27 -10.25
N HIS B 466 -31.59 -12.54 -10.46
CA HIS B 466 -30.80 -13.65 -9.99
C HIS B 466 -29.41 -13.35 -9.51
N CYS B 467 -28.44 -13.15 -10.45
CA CYS B 467 -27.00 -13.05 -10.07
C CYS B 467 -26.49 -11.60 -9.82
N LYS B 468 -27.39 -10.62 -9.76
CA LYS B 468 -27.01 -9.20 -9.55
C LYS B 468 -26.25 -9.01 -8.22
N GLY B 469 -26.72 -9.68 -7.16
CA GLY B 469 -26.07 -9.57 -5.89
C GLY B 469 -24.70 -10.17 -5.95
N LEU B 470 -24.57 -11.26 -6.67
CA LEU B 470 -23.27 -11.91 -6.85
C LEU B 470 -22.27 -11.06 -7.66
N ASP B 471 -22.78 -10.31 -8.64
CA ASP B 471 -21.95 -9.36 -9.37
C ASP B 471 -21.33 -8.39 -8.38
N ILE B 472 -22.17 -7.88 -7.49
CA ILE B 472 -21.72 -6.93 -6.46
C ILE B 472 -20.76 -7.63 -5.47
N ALA B 473 -21.10 -8.84 -5.01
CA ALA B 473 -20.18 -9.58 -4.15
C ALA B 473 -18.81 -9.78 -4.77
N ALA B 474 -18.76 -10.13 -6.07
CA ALA B 474 -17.54 -10.38 -6.75
C ALA B 474 -16.68 -9.11 -6.70
N ALA B 475 -17.31 -7.97 -6.90
CA ALA B 475 -16.59 -6.69 -6.83
C ALA B 475 -15.98 -6.55 -5.43
N ALA B 476 -16.79 -6.81 -4.42
CA ALA B 476 -16.35 -6.62 -3.03
C ALA B 476 -15.11 -7.51 -2.73
N TYR B 477 -15.17 -8.77 -3.19
CA TYR B 477 -14.07 -9.69 -2.90
C TYR B 477 -12.82 -9.20 -3.60
N THR B 478 -12.98 -8.72 -4.83
CA THR B 478 -11.86 -8.25 -5.62
C THR B 478 -11.23 -7.03 -4.94
N SER B 479 -12.04 -6.09 -4.44
CA SER B 479 -11.49 -4.92 -3.75
C SER B 479 -10.67 -5.37 -2.55
N GLU B 480 -11.23 -6.31 -1.79
CA GLU B 480 -10.55 -6.81 -0.59
C GLU B 480 -9.20 -7.47 -0.90
N LEU B 481 -9.17 -8.24 -1.99
CA LEU B 481 -7.91 -8.79 -2.47
C LEU B 481 -6.87 -7.72 -2.79
N GLY B 482 -7.31 -6.59 -3.38
CA GLY B 482 -6.37 -5.54 -3.77
C GLY B 482 -5.64 -5.00 -2.54
N HIS B 483 -6.39 -4.63 -1.51
CA HIS B 483 -5.75 -4.10 -0.30
C HIS B 483 -4.87 -5.13 0.36
N LEU B 484 -5.31 -6.39 0.40
CA LEU B 484 -4.51 -7.45 1.02
C LEU B 484 -3.12 -7.52 0.37
N ALA B 485 -3.07 -7.34 -0.95
CA ALA B 485 -1.85 -7.52 -1.82
C ALA B 485 -0.70 -6.59 -1.56
N ASN B 486 -0.89 -5.48 -0.84
CA ASN B 486 0.24 -4.62 -0.46
C ASN B 486 1.24 -5.40 0.35
N PRO B 487 2.51 -5.07 0.22
CA PRO B 487 3.51 -5.88 0.95
C PRO B 487 3.50 -5.64 2.46
N VAL B 488 3.76 -6.72 3.20
CA VAL B 488 4.03 -6.61 4.61
C VAL B 488 5.50 -6.32 4.89
N THR B 489 6.39 -6.78 4.00
CA THR B 489 7.81 -6.73 4.26
C THR B 489 8.49 -5.35 4.20
N THR B 490 7.77 -4.34 3.78
CA THR B 490 8.24 -2.95 3.86
C THR B 490 7.95 -2.31 5.23
N HIS B 491 7.42 -3.09 6.16
CA HIS B 491 7.02 -2.57 7.49
C HIS B 491 7.90 -3.08 8.63
N VAL B 492 9.11 -3.45 8.29
CA VAL B 492 10.11 -3.94 9.27
C VAL B 492 10.48 -2.82 10.27
N GLN B 493 10.44 -3.20 11.56
CA GLN B 493 10.77 -2.36 12.69
C GLN B 493 12.12 -2.78 13.26
N PRO B 494 12.81 -1.86 13.93
CA PRO B 494 14.12 -2.13 14.58
C PRO B 494 14.08 -2.94 15.85
N ALA B 495 13.77 -4.20 15.72
CA ALA B 495 13.49 -5.03 16.86
C ALA B 495 14.65 -5.44 17.73
N GLU B 496 14.35 -5.56 19.01
CA GLU B 496 15.28 -6.12 19.98
C GLU B 496 16.62 -5.38 20.11
N MSE B 497 16.56 -4.09 20.46
CA MSE B 497 17.75 -3.24 20.57
C MSE B 497 18.50 -3.15 19.25
O MSE B 497 19.73 -3.00 19.23
CB MSE B 497 18.68 -3.70 21.68
CG MSE B 497 17.95 -3.78 22.98
SE MSE B 497 19.21 -4.23 24.45
CE MSE B 497 20.77 -3.16 24.18
N ALA B 498 17.72 -3.24 18.18
CA ALA B 498 18.24 -3.27 16.84
C ALA B 498 19.18 -4.44 16.56
N ASN B 499 19.25 -5.45 17.46
CA ASN B 499 19.92 -6.71 17.09
C ASN B 499 19.19 -7.30 15.91
N GLN B 500 17.85 -7.22 15.94
CA GLN B 500 17.03 -7.78 14.86
C GLN B 500 16.52 -6.64 13.97
N ALA B 501 17.43 -5.77 13.53
CA ALA B 501 17.01 -4.58 12.81
C ALA B 501 16.41 -4.89 11.42
N VAL B 502 16.82 -6.01 10.85
CA VAL B 502 16.11 -6.62 9.73
C VAL B 502 15.46 -7.90 10.26
N ASN B 503 14.18 -8.07 9.92
CA ASN B 503 13.40 -9.26 10.31
C ASN B 503 12.41 -9.52 9.19
N SER B 504 12.17 -10.79 8.87
CA SER B 504 11.47 -11.18 7.64
C SER B 504 9.96 -10.89 7.60
N LEU B 505 9.31 -10.94 8.77
CA LEU B 505 7.85 -10.81 8.87
C LEU B 505 7.11 -11.91 8.06
N ALA B 506 7.76 -13.08 7.91
CA ALA B 506 7.20 -14.14 7.06
C ALA B 506 5.85 -14.61 7.59
N LEU B 507 5.70 -14.81 8.90
CA LEU B 507 4.45 -15.39 9.41
C LEU B 507 3.27 -14.43 9.17
N ILE B 508 3.55 -13.15 9.41
CA ILE B 508 2.49 -12.10 9.15
C ILE B 508 2.14 -12.12 7.66
N SER B 509 3.17 -12.14 6.83
CA SER B 509 2.91 -12.22 5.37
C SER B 509 2.07 -13.48 5.04
N ALA B 510 2.45 -14.64 5.61
CA ALA B 510 1.75 -15.91 5.36
C ALA B 510 0.27 -15.83 5.75
N ARG B 511 0.03 -15.16 6.89
CA ARG B 511 -1.32 -14.94 7.38
C ARG B 511 -2.13 -14.15 6.39
N ARG B 512 -1.53 -13.09 5.87
CA ARG B 512 -2.29 -12.27 4.90
C ARG B 512 -2.53 -13.04 3.61
N THR B 513 -1.55 -13.81 3.16
CA THR B 513 -1.76 -14.59 1.93
C THR B 513 -2.85 -15.68 2.16
N THR B 514 -2.93 -16.29 3.38
CA THR B 514 -3.95 -17.25 3.71
C THR B 514 -5.31 -16.59 3.63
N GLU B 515 -5.42 -15.33 4.07
CA GLU B 515 -6.69 -14.61 3.99
C GLU B 515 -7.02 -14.35 2.52
N SER B 516 -6.02 -13.98 1.70
CA SER B 516 -6.28 -13.79 0.28
C SER B 516 -6.75 -15.09 -0.37
N ASN B 517 -6.20 -16.25 0.05
CA ASN B 517 -6.72 -17.52 -0.45
C ASN B 517 -8.20 -17.65 -0.16
N ASP B 518 -8.60 -17.25 1.04
CA ASP B 518 -9.97 -17.40 1.49
C ASP B 518 -10.88 -16.51 0.65
N VAL B 519 -10.49 -15.24 0.51
CA VAL B 519 -11.29 -14.31 -0.30
C VAL B 519 -11.37 -14.72 -1.73
N LEU B 520 -10.25 -15.19 -2.28
CA LEU B 520 -10.27 -15.66 -3.68
C LEU B 520 -11.20 -16.86 -3.78
N SER B 521 -11.25 -17.74 -2.76
CA SER B 521 -12.14 -18.91 -2.80
C SER B 521 -13.59 -18.45 -2.84
N LEU B 522 -13.91 -17.39 -2.12
CA LEU B 522 -15.29 -16.86 -2.17
C LEU B 522 -15.60 -16.38 -3.58
N LEU B 523 -14.67 -15.64 -4.17
CA LEU B 523 -14.84 -15.11 -5.53
C LEU B 523 -14.98 -16.23 -6.54
N LEU B 524 -14.08 -17.22 -6.47
CA LEU B 524 -14.10 -18.26 -7.49
C LEU B 524 -15.34 -19.18 -7.31
N ALA B 525 -15.77 -19.38 -6.06
CA ALA B 525 -17.04 -20.14 -5.79
C ALA B 525 -18.22 -19.39 -6.45
N THR B 526 -18.24 -18.09 -6.27
CA THR B 526 -19.25 -17.22 -6.90
C THR B 526 -19.26 -17.34 -8.44
N HIS B 527 -18.08 -17.20 -9.02
CA HIS B 527 -17.95 -17.31 -10.47
C HIS B 527 -18.43 -18.69 -10.93
N LEU B 528 -17.99 -19.74 -10.27
CA LEU B 528 -18.44 -21.10 -10.65
C LEU B 528 -19.95 -21.23 -10.56
N TYR B 529 -20.54 -20.71 -9.48
CA TYR B 529 -22.01 -20.72 -9.37
C TYR B 529 -22.62 -20.09 -10.61
N CYS B 530 -22.12 -18.90 -10.96
CA CYS B 530 -22.72 -18.12 -12.08
C CYS B 530 -22.51 -18.76 -13.45
N VAL B 531 -21.29 -19.22 -13.71
CA VAL B 531 -20.99 -19.78 -15.03
C VAL B 531 -21.85 -21.00 -15.30
N LEU B 532 -22.16 -21.78 -14.27
CA LEU B 532 -22.98 -22.98 -14.49
C LEU B 532 -24.42 -22.58 -14.85
N GLN B 533 -24.93 -21.55 -14.17
CA GLN B 533 -26.25 -21.00 -14.56
C GLN B 533 -26.22 -20.54 -15.99
N ALA B 534 -25.18 -19.78 -16.35
CA ALA B 534 -25.06 -19.27 -17.72
C ALA B 534 -25.01 -20.41 -18.74
N ILE B 535 -24.26 -21.47 -18.39
CA ILE B 535 -24.15 -22.66 -19.27
C ILE B 535 -25.53 -23.31 -19.51
N ASP B 536 -26.30 -23.47 -18.44
CA ASP B 536 -27.63 -24.03 -18.58
C ASP B 536 -28.55 -23.10 -19.41
N LEU B 537 -28.45 -21.79 -19.23
CA LEU B 537 -29.27 -20.85 -20.01
C LEU B 537 -28.86 -20.86 -21.48
N ARG B 538 -27.56 -20.94 -21.71
CA ARG B 538 -27.10 -21.07 -23.08
C ARG B 538 -27.59 -22.36 -23.74
N ALA B 539 -27.60 -23.44 -22.98
CA ALA B 539 -28.08 -24.72 -23.51
C ALA B 539 -29.56 -24.64 -23.89
N ILE B 540 -30.37 -23.96 -23.05
CA ILE B 540 -31.78 -23.68 -23.37
C ILE B 540 -31.92 -22.89 -24.68
N GLU B 541 -31.07 -21.88 -24.84
CA GLU B 541 -31.03 -21.12 -26.09
C GLU B 541 -30.75 -22.03 -27.27
N PHE B 542 -29.76 -22.90 -27.12
CA PHE B 542 -29.43 -23.86 -28.19
C PHE B 542 -30.55 -24.82 -28.50
N GLU B 543 -31.21 -25.36 -27.46
CA GLU B 543 -32.37 -26.25 -27.69
C GLU B 543 -33.51 -25.54 -28.41
N PHE B 544 -33.75 -24.30 -28.00
CA PHE B 544 -34.77 -23.45 -28.64
C PHE B 544 -34.46 -23.25 -30.14
N LYS B 545 -33.23 -22.82 -30.43
CA LYS B 545 -32.81 -22.56 -31.80
C LYS B 545 -32.97 -23.82 -32.70
N LYS B 546 -32.73 -25.01 -32.16
CA LYS B 546 -32.92 -26.23 -32.96
C LYS B 546 -34.32 -26.30 -33.51
N GLN B 547 -35.27 -25.92 -32.67
CA GLN B 547 -36.66 -26.00 -33.07
C GLN B 547 -37.17 -24.76 -33.76
N PHE B 548 -36.63 -23.61 -33.38
CA PHE B 548 -37.15 -22.39 -33.93
C PHE B 548 -36.69 -22.06 -35.35
N GLY B 549 -35.44 -22.41 -35.68
CA GLY B 549 -34.97 -22.29 -37.08
C GLY B 549 -35.95 -22.83 -38.12
N PRO B 550 -36.32 -24.11 -38.00
CA PRO B 550 -37.35 -24.68 -38.86
C PRO B 550 -38.72 -24.02 -38.80
N ALA B 551 -39.11 -23.61 -37.61
CA ALA B 551 -40.40 -22.93 -37.38
C ALA B 551 -40.50 -21.62 -38.19
N ILE B 552 -39.41 -20.89 -38.23
CA ILE B 552 -39.32 -19.64 -39.01
C ILE B 552 -39.57 -19.91 -40.48
N VAL B 553 -38.83 -20.86 -41.00
CA VAL B 553 -38.97 -21.25 -42.40
C VAL B 553 -40.43 -21.62 -42.68
N SER B 554 -40.99 -22.45 -41.81
CA SER B 554 -42.33 -22.96 -41.99
C SER B 554 -43.39 -21.87 -42.00
N LEU B 555 -43.26 -20.93 -41.06
CA LEU B 555 -44.22 -19.82 -40.97
C LEU B 555 -44.09 -18.90 -42.16
N ILE B 556 -42.85 -18.65 -42.60
CA ILE B 556 -42.61 -17.89 -43.82
C ILE B 556 -43.27 -18.58 -45.02
N ASP B 557 -43.14 -19.90 -45.10
CA ASP B 557 -43.78 -20.61 -46.22
C ASP B 557 -45.28 -20.53 -46.17
N GLN B 558 -45.82 -20.74 -44.98
CA GLN B 558 -47.24 -20.72 -44.79
C GLN B 558 -47.83 -19.36 -45.13
N HIS B 559 -47.17 -18.29 -44.69
CA HIS B 559 -47.75 -16.95 -44.84
C HIS B 559 -47.47 -16.32 -46.18
N PHE B 560 -46.26 -16.52 -46.69
CA PHE B 560 -45.76 -15.80 -47.84
C PHE B 560 -45.45 -16.66 -49.04
N GLY B 561 -45.49 -17.99 -48.90
CA GLY B 561 -45.06 -18.85 -49.99
C GLY B 561 -45.78 -18.56 -51.30
N SER B 562 -47.08 -18.35 -51.26
CA SER B 562 -47.80 -18.15 -52.52
C SER B 562 -47.44 -16.82 -53.16
N ALA B 563 -47.28 -15.79 -52.34
CA ALA B 563 -46.86 -14.49 -52.86
C ALA B 563 -45.43 -14.53 -53.45
N MSE B 564 -44.60 -15.52 -53.05
CA MSE B 564 -43.23 -15.61 -53.57
C MSE B 564 -43.09 -16.62 -54.71
O MSE B 564 -42.01 -16.83 -55.23
CB MSE B 564 -42.26 -16.00 -52.45
CG MSE B 564 -42.28 -15.06 -51.32
SE MSE B 564 -40.90 -15.53 -49.96
CE MSE B 564 -41.62 -17.34 -49.39
N THR B 565 -44.19 -17.26 -55.09
CA THR B 565 -44.08 -18.30 -56.10
C THR B 565 -43.53 -17.69 -57.42
N GLY B 566 -42.59 -18.37 -58.06
CA GLY B 566 -42.03 -17.91 -59.33
C GLY B 566 -40.96 -16.87 -59.17
N SER B 567 -40.62 -16.55 -57.93
CA SER B 567 -39.60 -15.55 -57.68
C SER B 567 -38.33 -16.20 -57.13
N ASN B 568 -37.33 -15.37 -56.97
CA ASN B 568 -36.12 -15.78 -56.30
C ASN B 568 -35.99 -15.00 -55.00
N LEU B 569 -37.11 -14.90 -54.27
CA LEU B 569 -37.16 -14.14 -52.99
C LEU B 569 -37.05 -14.96 -51.71
N ARG B 570 -37.26 -16.27 -51.79
CA ARG B 570 -37.33 -17.09 -50.56
C ARG B 570 -36.01 -17.24 -49.81
N ASP B 571 -34.94 -17.65 -50.51
CA ASP B 571 -33.59 -17.70 -49.92
C ASP B 571 -33.24 -16.39 -49.26
N GLU B 572 -33.40 -15.31 -50.02
CA GLU B 572 -33.05 -13.99 -49.50
C GLU B 572 -33.84 -13.68 -48.23
N LEU B 573 -35.15 -13.97 -48.27
CA LEU B 573 -36.00 -13.59 -47.14
C LEU B 573 -35.61 -14.36 -45.88
N VAL B 574 -35.47 -15.68 -46.02
CA VAL B 574 -35.13 -16.50 -44.85
C VAL B 574 -33.81 -16.04 -44.27
N GLU B 575 -32.83 -15.81 -45.14
CA GLU B 575 -31.51 -15.39 -44.68
C GLU B 575 -31.63 -14.09 -43.90
N LYS B 576 -32.34 -13.11 -44.48
CA LYS B 576 -32.33 -11.75 -43.92
C LYS B 576 -33.21 -11.65 -42.68
N VAL B 577 -34.30 -12.40 -42.65
CA VAL B 577 -35.16 -12.48 -41.43
C VAL B 577 -34.35 -13.09 -40.28
N ASN B 578 -33.65 -14.18 -40.55
CA ASN B 578 -32.79 -14.78 -39.52
C ASN B 578 -31.74 -13.81 -39.02
N LYS B 579 -31.15 -13.02 -39.90
CA LYS B 579 -30.10 -12.14 -39.47
C LYS B 579 -30.69 -11.01 -38.63
N THR B 580 -31.86 -10.53 -39.03
CA THR B 580 -32.48 -9.44 -38.29
C THR B 580 -32.88 -9.92 -36.89
N LEU B 581 -33.48 -11.09 -36.82
CA LEU B 581 -33.87 -11.65 -35.52
C LEU B 581 -32.64 -11.86 -34.61
N ALA B 582 -31.58 -12.42 -35.16
CA ALA B 582 -30.39 -12.72 -34.34
C ALA B 582 -29.83 -11.46 -33.76
N LYS B 583 -29.62 -10.48 -34.60
CA LYS B 583 -28.97 -9.26 -34.16
C LYS B 583 -29.85 -8.56 -33.11
N ARG B 584 -31.16 -8.54 -33.33
CA ARG B 584 -32.05 -7.84 -32.40
C ARG B 584 -32.16 -8.57 -31.05
N LEU B 585 -32.33 -9.88 -31.09
CA LEU B 585 -32.51 -10.62 -29.83
C LEU B 585 -31.30 -10.49 -28.91
N GLU B 586 -30.10 -10.37 -29.48
CA GLU B 586 -28.89 -10.22 -28.63
C GLU B 586 -29.01 -9.01 -27.71
N GLN B 587 -29.80 -8.04 -28.11
CA GLN B 587 -29.87 -6.81 -27.39
C GLN B 587 -31.15 -6.60 -26.57
N THR B 588 -32.10 -7.53 -26.68
CA THR B 588 -33.34 -7.45 -25.91
C THR B 588 -33.39 -8.53 -24.83
N ASN B 589 -32.21 -8.90 -24.32
CA ASN B 589 -32.09 -9.92 -23.31
C ASN B 589 -32.54 -9.47 -21.90
N SER B 590 -32.92 -8.18 -21.76
CA SER B 590 -33.55 -7.68 -20.52
C SER B 590 -35.05 -7.51 -20.64
N TYR B 591 -35.65 -7.84 -21.79
CA TYR B 591 -37.08 -7.76 -22.00
C TYR B 591 -37.75 -9.00 -21.48
N ASP B 592 -38.97 -8.81 -20.96
CA ASP B 592 -39.83 -9.91 -20.64
C ASP B 592 -40.23 -10.66 -21.93
N LEU B 593 -40.61 -11.91 -21.76
CA LEU B 593 -40.73 -12.83 -22.89
C LEU B 593 -41.70 -12.36 -23.96
N VAL B 594 -42.89 -11.98 -23.54
CA VAL B 594 -43.91 -11.60 -24.51
C VAL B 594 -43.50 -10.34 -25.30
N PRO B 595 -43.20 -9.23 -24.61
CA PRO B 595 -42.78 -8.08 -25.46
C PRO B 595 -41.49 -8.32 -26.26
N ARG B 596 -40.57 -9.14 -25.76
CA ARG B 596 -39.36 -9.47 -26.48
C ARG B 596 -39.66 -10.01 -27.85
N TRP B 597 -40.55 -10.98 -27.91
CA TRP B 597 -40.83 -11.65 -29.19
C TRP B 597 -41.64 -10.78 -30.13
N HIS B 598 -42.55 -9.97 -29.61
CA HIS B 598 -43.26 -9.02 -30.44
C HIS B 598 -42.32 -7.96 -30.97
N ASP B 599 -41.38 -7.52 -30.16
CA ASP B 599 -40.35 -6.60 -30.64
C ASP B 599 -39.48 -7.18 -31.78
N ALA B 600 -39.02 -8.40 -31.58
CA ALA B 600 -38.16 -9.04 -32.58
C ALA B 600 -38.84 -9.20 -33.94
N PHE B 601 -40.05 -9.71 -33.92
CA PHE B 601 -40.80 -9.87 -35.16
C PHE B 601 -41.31 -8.58 -35.76
N SER B 602 -41.48 -7.54 -34.95
CA SER B 602 -41.78 -6.22 -35.46
C SER B 602 -40.63 -5.75 -36.35
N PHE B 603 -39.42 -5.88 -35.80
CA PHE B 603 -38.22 -5.56 -36.56
C PHE B 603 -38.16 -6.43 -37.81
N ALA B 604 -38.39 -7.75 -37.65
CA ALA B 604 -38.37 -8.64 -38.83
C ALA B 604 -39.40 -8.24 -39.93
N ALA B 605 -40.53 -7.70 -39.50
CA ALA B 605 -41.56 -7.29 -40.44
C ALA B 605 -41.04 -6.17 -41.37
N GLY B 606 -40.19 -5.27 -40.83
CA GLY B 606 -39.51 -4.27 -41.66
C GLY B 606 -38.66 -4.91 -42.74
N THR B 607 -38.00 -6.03 -42.38
CA THR B 607 -37.17 -6.77 -43.36
C THR B 607 -38.10 -7.37 -44.41
N VAL B 608 -39.24 -7.90 -43.98
CA VAL B 608 -40.21 -8.42 -44.94
C VAL B 608 -40.69 -7.36 -45.94
N VAL B 609 -40.98 -6.14 -45.43
CA VAL B 609 -41.42 -5.04 -46.28
C VAL B 609 -40.39 -4.78 -47.42
N GLU B 610 -39.09 -4.77 -47.07
CA GLU B 610 -38.04 -4.57 -48.04
C GLU B 610 -37.93 -5.75 -49.01
N VAL B 611 -37.74 -6.93 -48.44
CA VAL B 611 -37.40 -8.10 -49.28
C VAL B 611 -38.56 -8.48 -50.21
N LEU B 612 -39.78 -8.34 -49.69
CA LEU B 612 -40.97 -8.69 -50.45
C LEU B 612 -41.70 -7.44 -50.97
N SER B 613 -40.99 -6.32 -51.09
CA SER B 613 -41.65 -5.10 -51.55
C SER B 613 -42.27 -5.21 -52.94
N SER B 614 -41.81 -6.15 -53.77
CA SER B 614 -42.41 -6.36 -55.10
C SER B 614 -43.74 -7.16 -55.13
N THR B 615 -44.11 -7.75 -53.99
CA THR B 615 -45.23 -8.68 -53.91
C THR B 615 -46.58 -8.04 -53.60
N SER B 616 -47.61 -8.86 -53.68
CA SER B 616 -48.98 -8.41 -53.52
C SER B 616 -49.49 -8.49 -52.06
N LEU B 617 -48.62 -8.84 -51.12
CA LEU B 617 -49.00 -9.05 -49.72
C LEU B 617 -49.59 -7.80 -49.11
N SER B 618 -50.68 -7.96 -48.37
CA SER B 618 -51.22 -6.85 -47.61
C SER B 618 -50.47 -6.62 -46.31
N LEU B 619 -50.60 -5.40 -45.77
CA LEU B 619 -50.03 -5.13 -44.46
C LEU B 619 -50.67 -6.05 -43.43
N ALA B 620 -51.95 -6.35 -43.61
CA ALA B 620 -52.64 -7.24 -42.66
C ALA B 620 -51.98 -8.63 -42.62
N ALA B 621 -51.58 -9.10 -43.81
CA ALA B 621 -50.96 -10.42 -43.98
C ALA B 621 -49.59 -10.47 -43.36
N VAL B 622 -48.81 -9.41 -43.57
CA VAL B 622 -47.50 -9.32 -42.93
C VAL B 622 -47.66 -9.22 -41.42
N ASN B 623 -48.61 -8.42 -40.96
CA ASN B 623 -48.80 -8.28 -39.50
C ASN B 623 -49.23 -9.62 -38.88
N ALA B 624 -50.06 -10.35 -39.62
CA ALA B 624 -50.52 -11.68 -39.18
C ALA B 624 -49.38 -12.66 -38.99
N TRP B 625 -48.46 -12.68 -39.96
CA TRP B 625 -47.24 -13.46 -39.85
C TRP B 625 -46.45 -13.07 -38.59
N LYS B 626 -46.24 -11.77 -38.43
CA LYS B 626 -45.55 -11.23 -37.27
C LYS B 626 -46.14 -11.74 -35.94
N VAL B 627 -47.45 -11.66 -35.84
CA VAL B 627 -48.13 -12.07 -34.60
C VAL B 627 -48.00 -13.59 -34.42
N ALA B 628 -48.27 -14.34 -35.47
CA ALA B 628 -48.18 -15.81 -35.36
C ALA B 628 -46.75 -16.22 -35.03
N ALA B 629 -45.77 -15.56 -35.62
CA ALA B 629 -44.41 -15.95 -35.36
C ALA B 629 -44.01 -15.65 -33.92
N ALA B 630 -44.39 -14.47 -33.43
CA ALA B 630 -44.11 -14.13 -32.04
C ALA B 630 -44.77 -15.14 -31.07
N GLU B 631 -46.05 -15.46 -31.33
CA GLU B 631 -46.78 -16.42 -30.46
C GLU B 631 -46.10 -17.76 -30.47
N SER B 632 -45.64 -18.16 -31.64
CA SER B 632 -44.93 -19.41 -31.79
C SER B 632 -43.65 -19.42 -30.97
N ALA B 633 -42.87 -18.33 -31.05
CA ALA B 633 -41.63 -18.22 -30.28
C ALA B 633 -41.87 -18.21 -28.75
N ILE B 634 -42.93 -17.53 -28.34
CA ILE B 634 -43.29 -17.46 -26.94
C ILE B 634 -43.65 -18.88 -26.43
N SER B 635 -44.51 -19.58 -27.15
CA SER B 635 -44.85 -20.95 -26.78
C SER B 635 -43.68 -21.86 -26.80
N LEU B 636 -42.87 -21.80 -27.84
CA LEU B 636 -41.73 -22.69 -27.90
C LEU B 636 -40.74 -22.45 -26.73
N THR B 637 -40.51 -21.18 -26.39
CA THR B 637 -39.65 -20.85 -25.26
C THR B 637 -40.18 -21.50 -23.98
N ARG B 638 -41.48 -21.36 -23.76
CA ARG B 638 -42.06 -21.91 -22.53
C ARG B 638 -41.87 -23.43 -22.51
N GLN B 639 -42.04 -24.07 -23.67
CA GLN B 639 -41.95 -25.54 -23.72
C GLN B 639 -40.53 -26.04 -23.52
N VAL B 640 -39.58 -25.34 -24.09
CA VAL B 640 -38.17 -25.69 -23.91
C VAL B 640 -37.72 -25.50 -22.45
N ARG B 641 -38.17 -24.41 -21.85
CA ARG B 641 -37.91 -24.21 -20.44
C ARG B 641 -38.54 -25.33 -19.61
N GLU B 642 -39.79 -25.69 -19.88
CA GLU B 642 -40.44 -26.74 -19.08
C GLU B 642 -39.72 -28.06 -19.24
N THR B 643 -39.26 -28.36 -20.45
CA THR B 643 -38.53 -29.59 -20.69
C THR B 643 -37.26 -29.63 -19.82
N PHE B 644 -36.51 -28.52 -19.75
CA PHE B 644 -35.36 -28.42 -18.84
C PHE B 644 -35.75 -28.61 -17.37
N TRP B 645 -36.70 -27.82 -16.90
CA TRP B 645 -36.94 -27.77 -15.45
C TRP B 645 -37.69 -28.97 -14.91
N SER B 646 -38.40 -29.69 -15.75
CA SER B 646 -39.23 -30.77 -15.26
C SER B 646 -38.44 -32.09 -15.13
N ALA B 647 -37.22 -32.08 -15.67
CA ALA B 647 -36.35 -33.24 -15.64
C ALA B 647 -35.22 -33.00 -14.66
N ALA B 648 -34.64 -34.10 -14.18
CA ALA B 648 -33.45 -33.99 -13.31
C ALA B 648 -32.26 -33.30 -13.99
N SER B 649 -31.36 -32.74 -13.19
CA SER B 649 -30.15 -32.11 -13.70
C SER B 649 -29.24 -33.08 -14.46
N THR B 650 -29.35 -34.38 -14.15
CA THR B 650 -28.62 -35.40 -14.88
C THR B 650 -29.07 -35.49 -16.34
N SER B 651 -30.20 -34.84 -16.69
CA SER B 651 -30.68 -34.80 -18.09
C SER B 651 -30.46 -33.43 -18.72
N SER B 652 -29.68 -32.58 -18.08
CA SER B 652 -29.53 -31.21 -18.57
C SER B 652 -29.02 -31.18 -20.01
N PRO B 653 -29.61 -30.31 -20.87
CA PRO B 653 -29.12 -30.20 -22.23
C PRO B 653 -27.69 -29.68 -22.31
N ALA B 654 -27.18 -29.05 -21.26
CA ALA B 654 -25.79 -28.61 -21.22
C ALA B 654 -24.84 -29.79 -21.47
N LEU B 655 -25.24 -30.98 -21.02
CA LEU B 655 -24.38 -32.16 -21.22
C LEU B 655 -24.20 -32.47 -22.70
N SER B 656 -25.07 -31.94 -23.55
CA SER B 656 -24.98 -32.11 -25.02
C SER B 656 -23.92 -31.23 -25.69
N TYR B 657 -23.46 -30.18 -25.01
CA TYR B 657 -22.64 -29.18 -25.62
C TYR B 657 -21.33 -28.94 -24.91
N LEU B 658 -21.27 -29.23 -23.61
CA LEU B 658 -20.04 -28.97 -22.86
C LEU B 658 -18.92 -29.81 -23.42
N SER B 659 -17.70 -29.30 -23.28
CA SER B 659 -16.49 -30.13 -23.44
C SER B 659 -16.58 -31.29 -22.54
N PRO B 660 -16.01 -32.44 -22.95
CA PRO B 660 -15.97 -33.54 -22.00
C PRO B 660 -15.25 -33.25 -20.70
N ARG B 661 -14.25 -32.36 -20.75
CA ARG B 661 -13.44 -32.03 -19.59
C ARG B 661 -14.15 -31.03 -18.73
N THR B 662 -14.86 -30.08 -19.32
CA THR B 662 -15.55 -29.10 -18.46
C THR B 662 -16.83 -29.71 -17.86
N GLN B 663 -17.38 -30.73 -18.53
CA GLN B 663 -18.52 -31.45 -17.99
C GLN B 663 -18.18 -32.07 -16.59
N ILE B 664 -16.92 -32.42 -16.37
CA ILE B 664 -16.48 -32.99 -15.09
C ILE B 664 -16.82 -32.06 -13.94
N LEU B 665 -16.48 -30.78 -14.12
CA LEU B 665 -16.69 -29.78 -13.07
C LEU B 665 -18.18 -29.49 -12.97
N TYR B 666 -18.85 -29.41 -14.10
CA TYR B 666 -20.30 -29.19 -14.11
C TYR B 666 -21.04 -30.26 -13.29
N ALA B 667 -20.75 -31.52 -13.60
CA ALA B 667 -21.33 -32.65 -12.88
C ALA B 667 -20.96 -32.62 -11.41
N PHE B 668 -19.73 -32.25 -11.10
CA PHE B 668 -19.33 -32.20 -9.69
C PHE B 668 -20.20 -31.27 -8.89
N VAL B 669 -20.43 -30.07 -9.44
CA VAL B 669 -21.18 -29.06 -8.68
C VAL B 669 -22.68 -29.39 -8.70
N ARG B 670 -23.23 -29.71 -9.85
CA ARG B 670 -24.64 -29.92 -10.01
C ARG B 670 -25.11 -31.20 -9.29
N GLU B 671 -24.30 -32.27 -9.37
CA GLU B 671 -24.67 -33.56 -8.81
C GLU B 671 -24.03 -33.80 -7.47
N GLU B 672 -22.70 -33.82 -7.37
CA GLU B 672 -22.11 -34.17 -6.08
C GLU B 672 -22.36 -33.13 -5.00
N LEU B 673 -22.30 -31.85 -5.36
CA LEU B 673 -22.54 -30.78 -4.41
C LEU B 673 -24.03 -30.42 -4.30
N GLY B 674 -24.84 -30.87 -5.25
CA GLY B 674 -26.27 -30.62 -5.20
C GLY B 674 -26.71 -29.21 -5.53
N VAL B 675 -25.85 -28.42 -6.17
CA VAL B 675 -26.11 -27.02 -6.47
C VAL B 675 -26.75 -26.94 -7.86
N LYS B 676 -28.04 -26.61 -7.90
CA LYS B 676 -28.87 -26.69 -9.08
C LYS B 676 -28.97 -25.30 -9.74
N ALA B 677 -29.30 -25.30 -11.02
CA ALA B 677 -29.79 -24.07 -11.65
C ALA B 677 -30.98 -23.52 -10.83
N ARG B 678 -31.18 -22.21 -10.89
CA ARG B 678 -32.20 -21.53 -10.12
C ARG B 678 -33.22 -20.90 -11.02
N ARG B 679 -34.46 -21.30 -10.85
CA ARG B 679 -35.52 -20.82 -11.75
C ARG B 679 -36.10 -19.49 -11.38
N GLY B 680 -36.15 -19.16 -10.07
CA GLY B 680 -36.57 -17.85 -9.63
C GLY B 680 -37.70 -17.90 -8.62
N ASP B 681 -37.49 -17.24 -7.47
CA ASP B 681 -38.49 -17.27 -6.39
C ASP B 681 -39.88 -16.77 -6.84
N VAL B 682 -39.93 -15.73 -7.64
CA VAL B 682 -41.22 -15.17 -8.02
C VAL B 682 -41.93 -16.11 -9.00
N PHE B 683 -41.24 -16.58 -10.03
CA PHE B 683 -41.84 -17.53 -10.96
C PHE B 683 -42.40 -18.74 -10.20
N LEU B 684 -41.62 -19.24 -9.25
CA LEU B 684 -41.99 -20.44 -8.50
C LEU B 684 -43.04 -20.19 -7.41
N GLY B 685 -43.26 -18.96 -7.03
CA GLY B 685 -44.08 -18.63 -5.87
C GLY B 685 -43.56 -19.27 -4.60
N LYS B 686 -42.25 -19.39 -4.50
CA LYS B 686 -41.59 -20.02 -3.37
C LYS B 686 -40.25 -19.34 -3.16
N GLN B 687 -39.96 -18.99 -1.91
CA GLN B 687 -38.64 -18.44 -1.56
C GLN B 687 -37.71 -19.59 -1.24
N GLU B 688 -36.95 -20.04 -2.26
CA GLU B 688 -36.13 -21.22 -2.13
C GLU B 688 -34.89 -20.93 -1.31
N VAL B 689 -34.27 -22.01 -0.83
CA VAL B 689 -32.96 -21.94 -0.18
C VAL B 689 -32.10 -20.99 -0.98
N THR B 690 -31.38 -20.09 -0.32
CA THR B 690 -30.84 -18.92 -0.94
C THR B 690 -29.69 -19.21 -1.85
N ILE B 691 -29.45 -18.24 -2.72
CA ILE B 691 -28.26 -18.25 -3.56
C ILE B 691 -26.99 -18.42 -2.72
N GLY B 692 -26.92 -17.67 -1.62
CA GLY B 692 -25.75 -17.74 -0.74
C GLY B 692 -25.50 -19.12 -0.16
N SER B 693 -26.59 -19.80 0.23
CA SER B 693 -26.50 -21.16 0.76
C SER B 693 -25.88 -22.09 -0.26
N ASN B 694 -26.22 -21.88 -1.54
CA ASN B 694 -25.65 -22.70 -2.64
C ASN B 694 -24.18 -22.34 -2.93
N VAL B 695 -23.88 -21.06 -3.07
CA VAL B 695 -22.49 -20.64 -3.24
C VAL B 695 -21.62 -21.20 -2.07
N SER B 696 -22.16 -21.14 -0.86
CA SER B 696 -21.46 -21.68 0.31
C SER B 696 -21.01 -23.11 0.13
N LYS B 697 -21.86 -23.96 -0.45
CA LYS B 697 -21.50 -25.34 -0.69
C LYS B 697 -20.32 -25.47 -1.64
N ILE B 698 -20.24 -24.58 -2.63
CA ILE B 698 -19.10 -24.57 -3.56
C ILE B 698 -17.82 -24.16 -2.83
N TYR B 699 -17.93 -23.01 -2.16
CA TYR B 699 -16.83 -22.50 -1.29
C TYR B 699 -16.32 -23.61 -0.35
N GLU B 700 -17.22 -24.32 0.31
CA GLU B 700 -16.79 -25.33 1.28
C GLU B 700 -16.02 -26.46 0.59
N ALA B 701 -16.43 -26.83 -0.62
CA ALA B 701 -15.71 -27.80 -1.44
C ALA B 701 -14.35 -27.33 -1.92
N ILE B 702 -14.18 -26.03 -2.08
CA ILE B 702 -12.86 -25.44 -2.39
C ILE B 702 -12.01 -25.52 -1.12
N LYS B 703 -12.52 -25.01 -0.02
CA LYS B 703 -11.71 -24.90 1.21
C LYS B 703 -11.27 -26.25 1.76
N SER B 704 -12.12 -27.24 1.62
CA SER B 704 -11.85 -28.59 2.10
C SER B 704 -10.89 -29.33 1.17
N GLY B 705 -10.69 -28.83 -0.04
CA GLY B 705 -9.88 -29.50 -1.06
C GLY B 705 -10.63 -30.60 -1.79
N ARG B 706 -11.92 -30.79 -1.52
CA ARG B 706 -12.73 -31.73 -2.27
C ARG B 706 -12.67 -31.52 -3.77
N ILE B 707 -12.61 -30.25 -4.19
CA ILE B 707 -12.57 -29.89 -5.61
C ILE B 707 -11.23 -30.25 -6.27
N ASN B 708 -10.20 -30.47 -5.44
CA ASN B 708 -8.85 -30.62 -5.97
C ASN B 708 -8.68 -31.77 -6.92
N ASN B 709 -9.18 -32.95 -6.57
CA ASN B 709 -9.06 -34.10 -7.50
C ASN B 709 -9.90 -33.93 -8.77
N VAL B 710 -10.94 -33.13 -8.68
CA VAL B 710 -11.75 -32.75 -9.86
C VAL B 710 -10.96 -31.93 -10.86
N LEU B 711 -10.25 -30.91 -10.38
CA LEU B 711 -9.36 -30.08 -11.21
C LEU B 711 -8.30 -30.95 -11.84
N LEU B 712 -7.78 -31.90 -11.06
CA LEU B 712 -6.72 -32.78 -11.59
C LEU B 712 -7.27 -33.65 -12.70
N LYS B 713 -8.43 -34.25 -12.47
CA LYS B 713 -9.03 -35.12 -13.48
C LYS B 713 -9.32 -34.35 -14.80
N MSE B 714 -9.80 -33.13 -14.69
CA MSE B 714 -10.08 -32.31 -15.85
C MSE B 714 -8.85 -31.98 -16.65
O MSE B 714 -8.92 -31.88 -17.86
CB MSE B 714 -10.77 -30.98 -15.49
CG MSE B 714 -12.08 -31.02 -14.80
SE MSE B 714 -12.23 -29.17 -13.99
CE MSE B 714 -12.71 -28.20 -15.62
N LEU B 715 -7.72 -31.74 -15.98
CA LEU B 715 -6.49 -31.27 -16.62
C LEU B 715 -5.53 -32.38 -16.92
N ALA B 716 -5.99 -33.62 -16.75
CA ALA B 716 -5.17 -34.81 -16.98
C ALA B 716 -4.67 -34.88 -18.41
N ALA C 26 -4.33 36.78 13.98
CA ALA C 26 -4.89 35.56 13.28
C ALA C 26 -6.36 35.77 12.94
N SER C 27 -6.74 35.54 11.68
CA SER C 27 -8.13 35.82 11.26
C SER C 27 -9.13 34.89 11.92
N THR C 28 -10.27 35.44 12.33
CA THR C 28 -11.39 34.61 12.80
C THR C 28 -12.40 34.37 11.69
N ASN C 29 -12.07 34.80 10.46
CA ASN C 29 -12.96 34.55 9.33
C ASN C 29 -12.70 33.12 8.88
N LEU C 30 -13.72 32.26 8.95
CA LEU C 30 -13.56 30.86 8.56
C LEU C 30 -13.10 30.73 7.10
N ALA C 31 -13.48 31.69 6.23
CA ALA C 31 -13.01 31.64 4.84
C ALA C 31 -11.48 31.73 4.77
N VAL C 32 -10.87 32.38 5.77
CA VAL C 32 -9.39 32.39 5.88
C VAL C 32 -8.88 31.17 6.65
N ALA C 33 -9.52 30.92 7.78
CA ALA C 33 -9.01 29.95 8.75
C ALA C 33 -9.29 28.50 8.37
N GLY C 34 -10.21 28.22 7.45
CA GLY C 34 -10.75 26.83 7.33
C GLY C 34 -11.47 26.37 8.61
N SER C 35 -11.79 25.06 8.69
CA SER C 35 -12.45 24.53 9.87
C SER C 35 -12.07 23.11 10.18
N HIS C 36 -11.74 22.84 11.45
CA HIS C 36 -11.38 21.46 11.93
C HIS C 36 -12.56 20.51 12.08
N LEU C 37 -13.74 21.08 12.13
CA LEU C 37 -15.02 20.38 12.06
C LEU C 37 -15.91 20.69 10.81
N PRO C 38 -16.73 19.72 10.41
CA PRO C 38 -17.74 20.10 9.38
C PRO C 38 -18.72 21.19 9.88
N THR C 39 -19.03 22.16 9.01
CA THR C 39 -19.91 23.24 9.34
C THR C 39 -20.44 23.95 8.11
N THR C 40 -21.70 24.32 8.16
CA THR C 40 -22.28 25.07 7.06
C THR C 40 -21.83 26.53 7.09
N GLN C 41 -21.03 26.92 8.11
CA GLN C 41 -20.58 28.32 8.20
C GLN C 41 -19.43 28.67 7.24
N VAL C 42 -18.85 27.68 6.56
CA VAL C 42 -17.76 27.95 5.59
C VAL C 42 -17.76 26.90 4.49
N THR C 43 -17.40 27.32 3.29
CA THR C 43 -17.35 26.42 2.14
C THR C 43 -16.00 26.52 1.47
N GLN C 44 -15.71 25.49 0.68
CA GLN C 44 -14.49 25.50 -0.13
C GLN C 44 -14.47 26.66 -1.13
N VAL C 45 -15.62 27.01 -1.72
CA VAL C 45 -15.64 28.17 -2.57
C VAL C 45 -15.22 29.43 -1.80
N ASP C 46 -15.72 29.60 -0.59
CA ASP C 46 -15.36 30.78 0.26
C ASP C 46 -13.87 30.82 0.46
N ILE C 47 -13.30 29.65 0.76
CA ILE C 47 -11.87 29.55 0.98
C ILE C 47 -11.05 29.90 -0.25
N VAL C 48 -11.48 29.41 -1.42
CA VAL C 48 -10.76 29.66 -2.65
C VAL C 48 -10.89 31.11 -3.01
N GLU C 49 -12.08 31.67 -2.81
CA GLU C 49 -12.27 33.09 -3.10
C GLU C 49 -11.27 33.94 -2.33
N LYS C 50 -11.13 33.66 -1.04
CA LYS C 50 -10.17 34.39 -0.22
C LYS C 50 -8.72 34.17 -0.68
N MSE C 51 -8.35 32.94 -1.03
CA MSE C 51 -6.96 32.71 -1.51
C MSE C 51 -6.70 33.47 -2.78
O MSE C 51 -5.66 34.11 -2.97
CB MSE C 51 -6.70 31.23 -1.79
CG MSE C 51 -6.73 30.41 -0.58
SE MSE C 51 -5.85 28.63 -0.99
CE MSE C 51 -3.92 29.22 -0.79
N LEU C 52 -7.64 33.40 -3.72
CA LEU C 52 -7.42 34.08 -4.99
C LEU C 52 -7.42 35.60 -4.89
N ALA C 53 -8.00 36.13 -3.82
CA ALA C 53 -7.98 37.56 -3.57
C ALA C 53 -6.66 38.08 -2.98
N ALA C 54 -5.72 37.21 -2.62
CA ALA C 54 -4.45 37.69 -2.03
C ALA C 54 -3.77 38.66 -2.99
N PRO C 55 -3.35 39.83 -2.48
CA PRO C 55 -2.57 40.77 -3.29
C PRO C 55 -1.30 40.12 -3.83
N THR C 56 -0.89 40.54 -5.02
CA THR C 56 0.40 40.09 -5.57
C THR C 56 1.40 41.22 -5.70
N ASP C 57 0.92 42.46 -5.61
CA ASP C 57 1.73 43.65 -5.85
C ASP C 57 2.20 44.35 -4.57
N SER C 58 1.29 44.50 -3.62
CA SER C 58 1.60 45.16 -2.36
C SER C 58 2.38 44.21 -1.46
N THR C 59 3.07 44.79 -0.49
CA THR C 59 4.00 44.05 0.31
C THR C 59 3.28 43.23 1.35
N LEU C 60 3.68 41.97 1.43
CA LEU C 60 3.23 41.08 2.49
C LEU C 60 4.09 41.37 3.74
N GLU C 61 3.43 41.89 4.78
CA GLU C 61 4.08 42.23 6.00
C GLU C 61 3.86 41.08 6.97
N LEU C 62 4.95 40.49 7.44
CA LEU C 62 4.88 39.32 8.30
C LEU C 62 4.95 39.76 9.76
N ASP C 63 3.99 39.34 10.58
CA ASP C 63 3.91 39.73 11.97
C ASP C 63 3.86 38.53 12.93
N GLY C 64 3.93 37.32 12.39
CA GLY C 64 3.96 36.14 13.24
C GLY C 64 2.60 35.47 13.43
N TYR C 65 1.52 36.09 13.01
CA TYR C 65 0.15 35.69 13.34
C TYR C 65 -0.83 35.80 12.18
N SER C 66 -0.64 36.82 11.31
CA SER C 66 -1.60 37.16 10.23
C SER C 66 -1.48 36.37 8.93
N LEU C 67 -0.35 35.74 8.71
CA LEU C 67 -0.04 35.11 7.43
C LEU C 67 -1.06 34.02 7.16
N ASN C 68 -1.67 34.07 5.98
CA ASN C 68 -2.59 33.02 5.58
C ASN C 68 -2.09 32.25 4.36
N LEU C 69 -2.84 31.24 3.95
CA LEU C 69 -2.33 30.39 2.87
C LEU C 69 -2.32 31.11 1.51
N GLY C 70 -3.32 31.92 1.23
CA GLY C 70 -3.28 32.68 -0.06
C GLY C 70 -2.03 33.56 -0.10
N ASP C 71 -1.68 34.14 1.05
CA ASP C 71 -0.47 34.97 1.12
C ASP C 71 0.76 34.16 0.77
N VAL C 72 0.86 32.97 1.37
CA VAL C 72 2.03 32.13 1.12
C VAL C 72 2.16 31.86 -0.37
N VAL C 73 1.05 31.51 -1.02
CA VAL C 73 1.06 31.22 -2.46
C VAL C 73 1.47 32.46 -3.25
N SER C 74 1.02 33.62 -2.79
CA SER C 74 1.34 34.85 -3.56
C SER C 74 2.83 35.16 -3.50
N ALA C 75 3.45 34.90 -2.35
CA ALA C 75 4.89 35.08 -2.18
C ALA C 75 5.67 34.02 -2.95
N ALA C 76 5.23 32.77 -2.89
CA ALA C 76 5.97 31.65 -3.51
C ALA C 76 5.93 31.67 -5.03
N ARG C 77 4.74 31.91 -5.59
CA ARG C 77 4.50 31.80 -7.02
C ARG C 77 4.41 33.10 -7.77
N LYS C 78 3.96 34.16 -7.09
CA LYS C 78 3.56 35.36 -7.80
C LYS C 78 4.50 36.52 -7.55
N GLY C 79 5.62 36.26 -6.87
CA GLY C 79 6.67 37.26 -6.74
C GLY C 79 6.32 38.40 -5.79
N ARG C 80 5.36 38.19 -4.90
CA ARG C 80 4.89 39.27 -4.05
C ARG C 80 6.03 39.69 -3.12
N PRO C 81 6.31 41.00 -2.99
CA PRO C 81 7.31 41.43 -2.01
C PRO C 81 6.92 41.03 -0.59
N VAL C 82 7.93 40.78 0.23
CA VAL C 82 7.76 40.28 1.58
C VAL C 82 8.70 41.02 2.52
N ARG C 83 8.19 41.46 3.68
CA ARG C 83 9.01 42.09 4.70
C ARG C 83 8.48 41.74 6.08
N VAL C 84 9.36 41.76 7.06
CA VAL C 84 8.95 41.78 8.44
C VAL C 84 8.18 43.08 8.65
N LYS C 85 7.02 42.99 9.29
CA LYS C 85 6.18 44.13 9.59
C LYS C 85 6.99 45.23 10.21
N ASP C 86 6.83 46.43 9.64
CA ASP C 86 7.51 47.62 10.09
C ASP C 86 6.85 48.10 11.38
N SER C 87 7.38 47.63 12.51
CA SER C 87 6.71 47.74 13.80
C SER C 87 7.73 47.75 14.96
N ASP C 88 7.58 48.71 15.88
CA ASP C 88 8.39 48.73 17.10
C ASP C 88 8.08 47.55 18.00
N GLU C 89 6.82 47.15 18.14
CA GLU C 89 6.54 46.06 19.06
C GLU C 89 7.17 44.74 18.56
N ILE C 90 7.13 44.52 17.25
CA ILE C 90 7.73 43.32 16.64
C ILE C 90 9.24 43.37 16.79
N ARG C 91 9.83 44.49 16.41
CA ARG C 91 11.28 44.64 16.54
C ARG C 91 11.73 44.42 17.94
N SER C 92 11.02 44.99 18.90
CA SER C 92 11.41 44.86 20.30
C SER C 92 11.31 43.41 20.77
N LYS C 93 10.20 42.74 20.43
CA LYS C 93 10.03 41.33 20.77
C LYS C 93 11.20 40.48 20.29
N ILE C 94 11.60 40.69 19.04
CA ILE C 94 12.72 39.97 18.43
C ILE C 94 14.01 40.32 19.16
N ASP C 95 14.23 41.61 19.39
CA ASP C 95 15.49 42.07 19.98
C ASP C 95 15.62 41.57 21.42
N LYS C 96 14.52 41.55 22.16
CA LYS C 96 14.53 41.07 23.54
C LYS C 96 14.83 39.59 23.65
N SER C 97 14.28 38.76 22.76
CA SER C 97 14.60 37.34 22.82
C SER C 97 16.09 37.13 22.59
N VAL C 98 16.70 37.89 21.69
CA VAL C 98 18.14 37.76 21.46
C VAL C 98 18.95 38.16 22.72
N GLU C 99 18.61 39.30 23.29
CA GLU C 99 19.25 39.79 24.49
C GLU C 99 19.06 38.85 25.71
N PHE C 100 17.87 38.31 25.88
CA PHE C 100 17.68 37.35 26.96
C PHE C 100 18.60 36.14 26.78
N LEU C 101 18.58 35.55 25.59
CA LEU C 101 19.42 34.40 25.30
C LEU C 101 20.89 34.75 25.49
N ARG C 102 21.26 35.96 25.06
CA ARG C 102 22.61 36.48 25.24
C ARG C 102 23.02 36.55 26.71
N SER C 103 22.13 37.08 27.56
CA SER C 103 22.38 37.14 29.01
C SER C 103 22.25 35.78 29.70
N GLU C 125 33.49 33.31 19.05
CA GLU C 125 34.05 32.49 17.98
C GLU C 125 33.72 31.00 18.14
N ASP C 126 33.59 30.54 19.39
CA ASP C 126 33.17 29.17 19.60
C ASP C 126 31.71 29.03 19.19
N ALA C 127 30.89 30.02 19.51
CA ALA C 127 29.47 30.00 19.07
C ALA C 127 29.38 30.06 17.54
N ILE C 128 30.26 30.85 16.92
CA ILE C 128 30.30 30.94 15.47
C ILE C 128 30.64 29.56 14.89
N SER C 129 31.66 28.91 15.47
CA SER C 129 32.08 27.58 15.01
C SER C 129 30.95 26.56 15.15
N LEU C 130 30.23 26.61 16.27
CA LEU C 130 29.15 25.67 16.49
C LEU C 130 28.05 25.78 15.43
N GLN C 131 27.66 26.99 15.04
CA GLN C 131 26.69 27.11 13.96
C GLN C 131 27.24 26.50 12.66
N LYS C 132 28.53 26.65 12.40
CA LYS C 132 29.14 26.08 11.18
C LYS C 132 29.18 24.54 11.19
N ALA C 133 29.39 23.95 12.37
CA ALA C 133 29.28 22.47 12.54
C ALA C 133 27.84 22.02 12.32
N LEU C 134 26.88 22.86 12.70
CA LEU C 134 25.48 22.52 12.51
C LEU C 134 25.18 22.46 11.04
N LEU C 135 25.65 23.47 10.27
CA LEU C 135 25.37 23.45 8.86
C LEU C 135 26.14 22.37 8.15
N GLU C 136 27.41 22.22 8.54
CA GLU C 136 28.34 21.30 7.88
C GLU C 136 27.68 19.96 7.65
N HIS C 137 27.16 19.37 8.72
CA HIS C 137 26.62 18.01 8.62
C HIS C 137 25.29 17.91 7.89
N GLN C 138 24.57 19.02 7.82
CA GLN C 138 23.26 19.04 7.18
C GLN C 138 23.27 19.32 5.68
N LEU C 139 24.40 19.80 5.17
CA LEU C 139 24.62 20.06 3.75
C LEU C 139 25.07 18.77 3.11
N CYS C 140 24.18 17.78 3.16
CA CYS C 140 24.54 16.41 2.84
C CYS C 140 23.71 15.78 1.75
N GLY C 141 22.99 16.60 0.99
CA GLY C 141 22.05 16.12 0.00
C GLY C 141 22.63 16.16 -1.38
N VAL C 142 21.96 15.45 -2.29
CA VAL C 142 22.43 15.28 -3.67
C VAL C 142 21.85 16.31 -4.62
N LEU C 143 22.79 16.93 -5.35
CA LEU C 143 22.52 17.89 -6.42
C LEU C 143 23.51 17.62 -7.56
N PRO C 144 23.19 18.09 -8.79
CA PRO C 144 24.14 17.90 -9.88
C PRO C 144 25.47 18.57 -9.57
N SER C 145 26.56 17.91 -9.92
CA SER C 145 27.86 18.45 -9.61
C SER C 145 28.26 19.60 -10.57
N SER C 146 27.73 19.56 -11.80
CA SER C 146 28.09 20.52 -12.87
C SER C 146 26.94 20.77 -13.80
N PHE C 147 27.02 21.87 -14.54
CA PHE C 147 26.12 22.06 -15.69
C PHE C 147 26.37 21.06 -16.82
N ASP C 148 27.49 20.32 -16.78
CA ASP C 148 27.79 19.36 -17.84
C ASP C 148 26.74 18.28 -17.94
N SER C 149 25.97 18.05 -16.88
CA SER C 149 24.94 17.01 -16.88
C SER C 149 23.58 17.49 -17.40
N PHE C 150 23.39 18.81 -17.49
CA PHE C 150 22.12 19.40 -17.93
C PHE C 150 21.90 19.12 -19.39
N ARG C 151 20.67 18.78 -19.73
CA ARG C 151 20.29 18.60 -21.11
C ARG C 151 19.02 19.43 -21.36
N LEU C 152 18.58 19.46 -22.59
CA LEU C 152 17.42 20.23 -22.91
C LEU C 152 16.25 19.68 -22.09
N GLY C 153 15.56 20.52 -21.32
CA GLY C 153 14.38 20.13 -20.60
C GLY C 153 14.63 19.28 -19.37
N ARG C 154 15.90 19.14 -18.98
CA ARG C 154 16.29 18.29 -17.87
C ARG C 154 17.46 18.93 -17.09
N GLY C 155 17.67 18.46 -15.86
CA GLY C 155 18.93 18.70 -15.14
C GLY C 155 18.77 19.05 -13.68
N LEU C 156 17.63 19.62 -13.30
CA LEU C 156 17.38 20.00 -11.88
C LEU C 156 16.34 19.15 -11.13
N GLU C 157 16.14 17.95 -11.65
CA GLU C 157 15.24 16.99 -11.03
C GLU C 157 15.56 16.70 -9.59
N ASN C 158 16.84 16.71 -9.21
CA ASN C 158 17.21 16.44 -7.82
C ASN C 158 17.19 17.67 -6.90
N SER C 159 16.61 18.79 -7.37
CA SER C 159 16.41 20.00 -6.53
C SER C 159 14.94 20.32 -6.26
N LEU C 160 14.71 20.98 -5.13
CA LEU C 160 13.38 21.41 -4.78
C LEU C 160 12.90 22.48 -5.77
N PRO C 161 11.63 22.46 -6.14
CA PRO C 161 11.09 23.54 -6.99
C PRO C 161 11.33 24.90 -6.35
N LEU C 162 11.63 25.89 -7.18
CA LEU C 162 11.98 27.24 -6.70
C LEU C 162 10.80 27.84 -5.87
N GLU C 163 9.57 27.56 -6.30
CA GLU C 163 8.41 28.06 -5.57
C GLU C 163 8.38 27.52 -4.15
N VAL C 164 8.76 26.26 -3.94
CA VAL C 164 8.74 25.67 -2.61
C VAL C 164 9.72 26.38 -1.71
N VAL C 165 10.88 26.67 -2.29
CA VAL C 165 11.95 27.31 -1.52
C VAL C 165 11.49 28.74 -1.12
N ARG C 166 10.82 29.42 -2.05
CA ARG C 166 10.35 30.78 -1.75
C ARG C 166 9.27 30.77 -0.66
N GLY C 167 8.34 29.83 -0.76
CA GLY C 167 7.33 29.66 0.29
C GLY C 167 7.97 29.34 1.63
N ALA C 168 9.05 28.55 1.59
CA ALA C 168 9.73 28.12 2.82
C ALA C 168 10.42 29.30 3.52
N MSE C 169 11.06 30.16 2.72
CA MSE C 169 11.73 31.34 3.29
C MSE C 169 10.67 32.29 3.94
O MSE C 169 10.86 32.87 5.03
CB MSE C 169 12.60 32.03 2.23
CG MSE C 169 13.77 31.16 1.78
SE MSE C 169 15.06 32.23 0.79
CE MSE C 169 13.99 32.37 -0.90
N THR C 170 9.53 32.40 3.28
CA THR C 170 8.47 33.27 3.78
C THR C 170 7.93 32.75 5.14
N ILE C 171 7.64 31.44 5.17
CA ILE C 171 7.10 30.85 6.43
C ILE C 171 8.16 30.89 7.56
N ARG C 172 9.38 30.55 7.20
CA ARG C 172 10.53 30.59 8.14
C ARG C 172 10.63 31.98 8.77
N VAL C 173 10.58 33.04 7.96
CA VAL C 173 10.65 34.39 8.50
C VAL C 173 9.48 34.66 9.44
N ASN C 174 8.29 34.32 8.96
CA ASN C 174 7.10 34.57 9.77
C ASN C 174 7.23 33.90 11.14
N SER C 175 7.68 32.63 11.12
CA SER C 175 7.79 31.82 12.32
C SER C 175 8.78 32.37 13.34
N LEU C 176 9.74 33.14 12.87
CA LEU C 176 10.78 33.74 13.71
C LEU C 176 10.47 35.18 14.16
N THR C 177 9.45 35.81 13.59
CA THR C 177 9.05 37.14 14.05
C THR C 177 8.27 37.07 15.35
N ARG C 178 7.97 35.87 15.83
CA ARG C 178 7.09 35.67 16.99
C ARG C 178 7.78 35.89 18.32
N GLY C 179 9.10 36.00 18.29
CA GLY C 179 9.80 36.39 19.48
C GLY C 179 10.17 35.27 20.43
N HIS C 180 10.06 34.03 19.96
CA HIS C 180 10.34 32.85 20.78
C HIS C 180 11.69 32.19 20.47
N SER C 181 12.43 32.74 19.53
CA SER C 181 13.54 31.99 18.89
C SER C 181 14.94 32.55 19.03
N ALA C 182 15.04 33.83 19.38
CA ALA C 182 16.33 34.50 19.50
C ALA C 182 17.16 34.54 18.22
N VAL C 183 16.49 34.69 17.09
CA VAL C 183 17.16 34.93 15.83
C VAL C 183 17.10 36.44 15.50
N ARG C 184 18.23 37.07 15.21
CA ARG C 184 18.23 38.52 14.96
C ARG C 184 17.39 38.93 13.76
N LEU C 185 16.85 40.14 13.84
CA LEU C 185 16.16 40.76 12.71
C LEU C 185 17.00 40.81 11.45
N VAL C 186 18.29 41.10 11.61
CA VAL C 186 19.16 41.21 10.44
C VAL C 186 19.19 39.85 9.68
N VAL C 187 19.07 38.74 10.40
CA VAL C 187 18.98 37.41 9.77
C VAL C 187 17.67 37.25 8.99
N LEU C 188 16.57 37.65 9.61
CA LEU C 188 15.27 37.60 8.94
C LEU C 188 15.26 38.48 7.72
N GLU C 189 15.91 39.64 7.80
CA GLU C 189 16.00 40.55 6.66
C GLU C 189 16.86 39.96 5.54
N ALA C 190 17.80 39.10 5.91
CA ALA C 190 18.62 38.47 4.86
C ALA C 190 17.75 37.56 4.01
N LEU C 191 16.78 36.89 4.64
CA LEU C 191 15.83 36.01 3.92
C LEU C 191 14.84 36.84 3.12
N THR C 192 14.31 37.93 3.69
CA THR C 192 13.38 38.79 2.91
C THR C 192 14.10 39.48 1.73
N ASN C 193 15.36 39.84 1.91
CA ASN C 193 16.16 40.36 0.80
C ASN C 193 16.36 39.32 -0.31
N PHE C 194 16.50 38.05 0.08
CA PHE C 194 16.61 37.00 -0.93
C PHE C 194 15.30 36.92 -1.71
N LEU C 195 14.20 36.96 -0.98
CA LEU C 195 12.89 36.87 -1.59
C LEU C 195 12.68 38.03 -2.55
N ASN C 196 12.99 39.23 -2.08
CA ASN C 196 12.64 40.42 -2.85
C ASN C 196 13.56 40.69 -4.02
N HIS C 197 14.75 40.11 -3.97
CA HIS C 197 15.68 40.16 -5.10
C HIS C 197 15.62 38.92 -5.98
N GLY C 198 14.71 37.99 -5.68
CA GLY C 198 14.55 36.84 -6.55
C GLY C 198 15.73 35.90 -6.51
N ILE C 199 16.34 35.79 -5.33
CA ILE C 199 17.47 34.87 -5.10
C ILE C 199 16.91 33.65 -4.38
N THR C 200 16.97 32.49 -5.05
CA THR C 200 16.38 31.28 -4.49
C THR C 200 17.40 30.18 -4.32
N PRO C 201 17.74 29.82 -3.07
CA PRO C 201 18.71 28.75 -2.89
C PRO C 201 18.38 27.49 -3.67
N ILE C 202 19.41 26.88 -4.22
CA ILE C 202 19.32 25.54 -4.80
C ILE C 202 19.44 24.53 -3.65
N VAL C 203 18.40 23.71 -3.54
CA VAL C 203 18.24 22.83 -2.36
C VAL C 203 17.95 21.42 -2.86
N PRO C 204 18.61 20.44 -2.30
CA PRO C 204 18.27 19.07 -2.68
C PRO C 204 16.83 18.71 -2.45
N LEU C 205 16.30 17.89 -3.36
CA LEU C 205 14.92 17.43 -3.26
C LEU C 205 14.65 16.51 -2.05
N ARG C 206 15.62 15.63 -1.81
CA ARG C 206 15.54 14.57 -0.86
C ARG C 206 16.59 14.66 0.23
N GLY C 207 16.26 14.00 1.34
CA GLY C 207 17.16 13.81 2.46
C GLY C 207 16.55 14.15 3.79
N THR C 208 15.47 14.90 3.83
CA THR C 208 14.83 15.20 5.13
C THR C 208 13.73 14.18 5.49
N ILE C 209 13.65 13.89 6.77
CA ILE C 209 12.55 13.18 7.37
C ILE C 209 11.52 14.08 8.09
N SER C 210 11.73 15.41 8.01
CA SER C 210 10.79 16.38 8.48
C SER C 210 10.48 16.25 9.98
N ALA C 211 11.54 16.07 10.77
CA ALA C 211 11.46 16.14 12.23
C ALA C 211 12.52 17.15 12.66
N SER C 212 13.47 17.05 13.61
CA SER C 212 13.94 18.36 14.02
C SER C 212 13.50 19.17 12.82
N GLY C 213 12.48 18.60 12.18
CA GLY C 213 11.88 19.14 11.00
C GLY C 213 12.70 18.98 9.76
N ASP C 214 12.62 19.98 8.89
CA ASP C 214 13.15 19.92 7.57
C ASP C 214 14.61 20.37 7.62
N LEU C 215 15.40 19.65 8.43
CA LEU C 215 16.74 20.08 8.77
C LEU C 215 17.64 20.33 7.57
N SER C 216 17.80 19.35 6.71
CA SER C 216 18.69 19.52 5.56
C SER C 216 18.31 20.69 4.64
N PRO C 217 17.09 20.69 4.10
CA PRO C 217 16.78 21.80 3.19
C PRO C 217 16.88 23.18 3.87
N LEU C 218 16.42 23.30 5.12
CA LEU C 218 16.55 24.58 5.83
C LEU C 218 18.03 24.96 6.02
N SER C 219 18.90 23.95 6.14
CA SER C 219 20.35 24.19 6.24
C SER C 219 20.93 24.82 4.97
N TYR C 220 20.45 24.37 3.81
CA TYR C 220 20.86 24.98 2.56
C TYR C 220 20.47 26.45 2.49
N ILE C 221 19.31 26.75 3.03
CA ILE C 221 18.83 28.13 3.00
C ILE C 221 19.72 29.00 3.92
N ALA C 222 19.97 28.47 5.12
CA ALA C 222 20.84 29.11 6.11
C ALA C 222 22.24 29.30 5.55
N ALA C 223 22.77 28.29 4.85
CA ALA C 223 24.10 28.40 4.29
C ALA C 223 24.18 29.48 3.20
N ALA C 224 23.11 29.60 2.42
CA ALA C 224 23.02 30.59 1.35
C ALA C 224 23.09 32.01 1.91
N ILE C 225 22.27 32.33 2.92
CA ILE C 225 22.27 33.73 3.43
C ILE C 225 23.53 34.05 4.21
N SER C 226 24.25 33.02 4.65
CA SER C 226 25.54 33.24 5.28
C SER C 226 26.76 33.05 4.33
N GLY C 227 26.50 32.85 3.04
CA GLY C 227 27.59 32.92 2.07
C GLY C 227 28.54 31.75 2.17
N HIS C 228 28.01 30.59 2.51
CA HIS C 228 28.85 29.40 2.55
C HIS C 228 29.53 29.29 1.17
N PRO C 229 30.85 28.98 1.13
CA PRO C 229 31.55 28.90 -0.18
C PRO C 229 31.02 27.92 -1.24
N ASP C 230 30.26 26.90 -0.82
CA ASP C 230 29.77 25.85 -1.72
C ASP C 230 28.25 25.93 -1.86
N SER C 231 27.68 27.08 -1.50
CA SER C 231 26.25 27.30 -1.60
C SER C 231 25.91 27.88 -2.99
N LYS C 232 24.90 27.30 -3.64
CA LYS C 232 24.46 27.79 -4.92
C LYS C 232 23.03 28.34 -4.84
N VAL C 233 22.79 29.37 -5.62
CA VAL C 233 21.49 30.04 -5.68
C VAL C 233 21.11 30.32 -7.11
N HIS C 234 19.81 30.38 -7.34
CA HIS C 234 19.21 30.71 -8.63
C HIS C 234 18.76 32.17 -8.60
N VAL C 235 19.08 32.89 -9.68
CA VAL C 235 18.60 34.27 -9.87
C VAL C 235 18.30 34.45 -11.35
N VAL C 236 17.43 35.40 -11.67
CA VAL C 236 17.32 35.84 -13.04
C VAL C 236 18.12 37.13 -13.15
N HIS C 237 19.15 37.12 -14.00
CA HIS C 237 20.05 38.26 -14.13
C HIS C 237 20.21 38.56 -15.60
N GLU C 238 20.07 39.84 -15.97
CA GLU C 238 20.18 40.24 -17.37
C GLU C 238 19.31 39.34 -18.24
N GLY C 239 18.06 39.16 -17.82
CA GLY C 239 17.10 38.40 -18.58
C GLY C 239 17.34 36.91 -18.71
N LYS C 240 18.31 36.35 -17.98
CA LYS C 240 18.44 34.90 -18.05
C LYS C 240 18.57 34.27 -16.68
N GLU C 241 18.07 33.04 -16.55
CA GLU C 241 18.23 32.27 -15.31
C GLU C 241 19.68 31.88 -15.17
N LYS C 242 20.24 32.07 -13.99
CA LYS C 242 21.63 31.72 -13.73
C LYS C 242 21.70 30.99 -12.40
N ILE C 243 22.66 30.08 -12.27
CA ILE C 243 22.98 29.51 -10.95
C ILE C 243 24.37 29.98 -10.63
N LEU C 244 24.49 30.64 -9.47
CA LEU C 244 25.69 31.28 -8.98
C LEU C 244 25.99 30.80 -7.56
N TYR C 245 27.22 31.04 -7.10
CA TYR C 245 27.50 30.96 -5.68
C TYR C 245 26.76 32.06 -4.93
N ALA C 246 26.30 31.73 -3.73
CA ALA C 246 25.60 32.67 -2.87
C ALA C 246 26.27 34.06 -2.81
N ARG C 247 27.59 34.10 -2.58
CA ARG C 247 28.29 35.36 -2.42
C ARG C 247 28.30 36.19 -3.72
N GLU C 248 28.43 35.51 -4.86
CA GLU C 248 28.28 36.14 -6.19
C GLU C 248 26.91 36.78 -6.39
N ALA C 249 25.84 36.07 -6.04
CA ALA C 249 24.53 36.65 -6.21
C ALA C 249 24.38 37.83 -5.25
N MSE C 250 24.91 37.70 -4.03
CA MSE C 250 24.75 38.76 -3.04
C MSE C 250 25.42 40.04 -3.52
O MSE C 250 24.86 41.12 -3.38
CB MSE C 250 25.31 38.38 -1.68
CG MSE C 250 24.23 37.51 -0.97
CG MSE C 250 24.60 37.48 -0.76
SE MSE C 250 24.39 36.90 0.89
SE MSE C 250 26.02 37.15 0.63
CE MSE C 250 25.61 35.44 0.61
CE MSE C 250 25.28 35.53 1.35
N ALA C 251 26.62 39.88 -4.09
CA ALA C 251 27.34 41.01 -4.64
C ALA C 251 26.57 41.71 -5.74
N LEU C 252 25.81 40.97 -6.55
CA LEU C 252 24.94 41.60 -7.54
C LEU C 252 23.95 42.62 -6.99
N PHE C 253 23.56 42.47 -5.72
CA PHE C 253 22.55 43.35 -5.09
C PHE C 253 23.07 44.06 -3.86
N ASN C 254 24.40 44.11 -3.71
CA ASN C 254 25.02 44.69 -2.53
C ASN C 254 24.47 44.16 -1.21
N LEU C 255 24.19 42.86 -1.20
CA LEU C 255 23.79 42.20 0.02
C LEU C 255 24.99 41.68 0.78
N GLU C 256 24.91 41.72 2.11
CA GLU C 256 25.99 41.23 2.98
C GLU C 256 25.64 39.89 3.58
N PRO C 257 26.62 38.97 3.61
CA PRO C 257 26.26 37.71 4.28
C PRO C 257 26.04 37.96 5.75
N VAL C 258 25.24 37.12 6.38
CA VAL C 258 25.16 37.11 7.84
C VAL C 258 26.13 36.09 8.43
N VAL C 259 26.58 36.35 9.65
CA VAL C 259 27.40 35.42 10.41
C VAL C 259 26.50 34.94 11.55
N LEU C 260 26.22 33.63 11.56
CA LEU C 260 25.28 33.09 12.50
C LEU C 260 25.87 33.05 13.91
N GLY C 261 25.10 33.53 14.87
CA GLY C 261 25.50 33.60 16.26
C GLY C 261 24.78 32.55 17.10
N PRO C 262 24.88 32.66 18.43
CA PRO C 262 24.26 31.67 19.33
C PRO C 262 22.80 31.45 19.02
N LYS C 263 22.38 30.19 19.04
CA LYS C 263 20.99 29.77 18.73
C LYS C 263 20.53 29.94 17.29
N GLU C 264 21.28 30.68 16.46
CA GLU C 264 20.76 31.05 15.14
C GLU C 264 20.78 29.90 14.14
N GLY C 265 21.69 28.96 14.34
CA GLY C 265 21.76 27.75 13.50
C GLY C 265 20.48 26.94 13.68
N LEU C 266 20.24 26.53 14.92
CA LEU C 266 18.97 25.81 15.27
C LEU C 266 17.75 26.63 14.95
N GLY C 267 17.78 27.94 15.21
CA GLY C 267 16.65 28.78 14.89
C GLY C 267 16.27 28.77 13.41
N LEU C 268 17.27 28.68 12.53
CA LEU C 268 17.02 28.63 11.09
C LEU C 268 16.75 27.24 10.54
N VAL C 269 17.43 26.25 11.10
CA VAL C 269 17.34 24.87 10.56
C VAL C 269 16.29 23.97 11.19
N ASN C 270 15.92 24.21 12.46
CA ASN C 270 14.89 23.38 13.12
C ASN C 270 13.53 23.95 12.77
N GLY C 271 12.67 23.14 12.21
CA GLY C 271 11.32 23.65 11.89
C GLY C 271 10.70 23.02 10.68
N THR C 272 9.51 23.51 10.36
CA THR C 272 8.66 22.78 9.40
C THR C 272 8.35 23.58 8.13
N ALA C 273 9.07 24.64 7.90
CA ALA C 273 8.69 25.57 6.85
C ALA C 273 8.75 25.01 5.43
N VAL C 274 9.64 24.03 5.18
CA VAL C 274 9.78 23.54 3.79
C VAL C 274 8.64 22.61 3.46
N SER C 275 8.32 21.72 4.39
CA SER C 275 7.15 20.84 4.19
C SER C 275 5.85 21.66 4.23
N ALA C 276 5.81 22.67 5.11
CA ALA C 276 4.62 23.53 5.18
C ALA C 276 4.38 24.31 3.89
N SER C 277 5.47 24.75 3.26
CA SER C 277 5.36 25.47 1.99
C SER C 277 4.84 24.57 0.89
N MSE C 278 5.53 23.44 0.70
CA MSE C 278 5.09 22.54 -0.39
C MSE C 278 3.65 22.07 -0.13
O MSE C 278 2.81 21.98 -1.06
CB MSE C 278 6.01 21.34 -0.58
CG MSE C 278 5.74 20.70 -1.89
SE MSE C 278 7.19 19.46 -2.28
CE MSE C 278 7.02 19.46 -4.31
N ALA C 279 3.31 21.79 1.12
CA ALA C 279 1.95 21.40 1.44
C ALA C 279 0.91 22.46 1.14
N THR C 280 1.24 23.68 1.50
CA THR C 280 0.38 24.84 1.18
C THR C 280 0.11 24.97 -0.31
N LEU C 281 1.15 24.92 -1.12
CA LEU C 281 1.02 24.93 -2.57
C LEU C 281 0.12 23.76 -3.02
N ALA C 282 0.39 22.56 -2.48
CA ALA C 282 -0.37 21.37 -2.90
C ALA C 282 -1.87 21.52 -2.51
N LEU C 283 -2.14 21.99 -1.31
CA LEU C 283 -3.55 22.14 -0.86
C LEU C 283 -4.27 23.17 -1.75
N HIS C 284 -3.61 24.30 -2.00
CA HIS C 284 -4.13 25.33 -2.89
C HIS C 284 -4.57 24.67 -4.18
N ASP C 285 -3.68 23.90 -4.79
CA ASP C 285 -3.99 23.26 -6.06
C ASP C 285 -5.10 22.21 -5.97
N ALA C 286 -5.09 21.44 -4.88
CA ALA C 286 -6.12 20.49 -4.62
C ALA C 286 -7.53 21.11 -4.48
N HIS C 287 -7.62 22.28 -3.81
CA HIS C 287 -8.92 22.97 -3.73
C HIS C 287 -9.46 23.24 -5.12
N MSE C 288 -8.57 23.70 -6.00
CA MSE C 288 -9.02 24.04 -7.39
C MSE C 288 -9.48 22.77 -8.14
O MSE C 288 -10.54 22.75 -8.81
CB MSE C 288 -7.89 24.71 -8.19
CG MSE C 288 -7.25 25.92 -7.56
SE MSE C 288 -8.55 27.22 -6.95
CE MSE C 288 -7.23 28.24 -5.85
N LEU C 289 -8.75 21.69 -7.99
CA LEU C 289 -9.16 20.42 -8.64
C LEU C 289 -10.51 19.90 -8.11
N SER C 290 -10.72 20.07 -6.81
CA SER C 290 -12.02 19.74 -6.20
C SER C 290 -13.16 20.51 -6.87
N LEU C 291 -12.99 21.82 -7.03
CA LEU C 291 -14.01 22.65 -7.69
C LEU C 291 -14.16 22.24 -9.15
N LEU C 292 -13.03 21.99 -9.85
CA LEU C 292 -13.11 21.55 -11.26
C LEU C 292 -13.89 20.20 -11.38
N SER C 293 -13.65 19.26 -10.47
CA SER C 293 -14.38 18.00 -10.46
C SER C 293 -15.92 18.18 -10.41
N GLN C 294 -16.37 19.11 -9.56
CA GLN C 294 -17.76 19.47 -9.43
C GLN C 294 -18.31 20.10 -10.71
N SER C 295 -17.55 21.05 -11.26
CA SER C 295 -17.89 21.61 -12.59
C SER C 295 -18.03 20.54 -13.67
N LEU C 296 -17.09 19.60 -13.73
CA LEU C 296 -17.15 18.49 -14.67
C LEU C 296 -18.34 17.59 -14.42
N THR C 297 -18.67 17.37 -13.16
CA THR C 297 -19.84 16.61 -12.80
C THR C 297 -21.10 17.22 -13.43
N ALA C 298 -21.22 18.54 -13.26
CA ALA C 298 -22.36 19.29 -13.81
C ALA C 298 -22.39 19.13 -15.34
N MSE C 299 -21.25 19.34 -15.97
CA MSE C 299 -21.19 19.34 -17.44
C MSE C 299 -21.44 17.96 -17.99
O MSE C 299 -21.99 17.81 -19.09
CB MSE C 299 -19.89 19.94 -17.96
CG MSE C 299 -19.79 21.35 -17.58
SE MSE C 299 -18.19 22.27 -18.29
CE MSE C 299 -18.88 22.76 -20.05
N THR C 300 -21.06 16.93 -17.23
CA THR C 300 -21.33 15.55 -17.66
C THR C 300 -22.81 15.24 -17.53
N VAL C 301 -23.47 15.78 -16.49
CA VAL C 301 -24.90 15.60 -16.39
C VAL C 301 -25.54 16.19 -17.66
N GLU C 302 -25.10 17.39 -18.07
CA GLU C 302 -25.66 18.03 -19.28
C GLU C 302 -25.38 17.16 -20.49
N ALA C 303 -24.11 16.72 -20.67
CA ALA C 303 -23.79 15.89 -21.86
C ALA C 303 -24.59 14.59 -21.90
N MSE C 304 -24.86 14.02 -20.72
CA MSE C 304 -25.59 12.79 -20.63
C MSE C 304 -27.12 12.92 -20.60
O MSE C 304 -27.83 11.91 -20.41
CB MSE C 304 -25.14 12.04 -19.37
CG MSE C 304 -23.68 11.66 -19.36
SE MSE C 304 -23.58 9.99 -20.44
CE MSE C 304 -24.59 8.74 -19.24
N VAL C 305 -27.60 14.17 -20.75
CA VAL C 305 -29.00 14.51 -20.58
C VAL C 305 -29.52 13.81 -19.31
N GLY C 306 -28.72 13.95 -18.28
CA GLY C 306 -28.99 13.35 -16.98
C GLY C 306 -29.84 14.25 -16.08
N HIS C 307 -30.00 13.83 -14.81
CA HIS C 307 -30.99 14.42 -13.94
C HIS C 307 -30.42 15.43 -12.95
N ALA C 308 -30.93 16.64 -13.06
CA ALA C 308 -30.60 17.65 -12.08
C ALA C 308 -31.16 17.31 -10.69
N GLY C 309 -32.15 16.40 -10.64
CA GLY C 309 -32.87 16.09 -9.43
C GLY C 309 -31.96 15.50 -8.36
N SER C 310 -30.85 14.90 -8.78
CA SER C 310 -29.92 14.28 -7.86
C SER C 310 -29.39 15.29 -6.82
N PHE C 311 -29.48 16.57 -7.15
CA PHE C 311 -28.89 17.65 -6.37
C PHE C 311 -29.91 18.51 -5.64
N HIS C 312 -31.18 18.08 -5.63
CA HIS C 312 -32.24 18.80 -4.97
C HIS C 312 -31.98 18.83 -3.48
N PRO C 313 -32.21 19.98 -2.81
CA PRO C 313 -31.85 20.04 -1.39
C PRO C 313 -32.53 19.05 -0.45
N PHE C 314 -33.68 18.53 -0.83
CA PHE C 314 -34.36 17.52 -0.01
C PHE C 314 -33.42 16.31 0.18
N LEU C 315 -32.65 16.01 -0.87
CA LEU C 315 -31.78 14.84 -0.86
C LEU C 315 -30.46 15.03 -0.06
N HIS C 316 -30.23 16.22 0.49
CA HIS C 316 -28.97 16.54 1.15
C HIS C 316 -29.30 17.27 2.43
N ASP C 317 -29.65 18.55 2.30
CA ASP C 317 -29.97 19.39 3.40
C ASP C 317 -31.01 18.79 4.37
N VAL C 318 -32.08 18.21 3.85
CA VAL C 318 -33.13 17.69 4.67
C VAL C 318 -32.80 16.27 5.17
N THR C 319 -32.39 15.41 4.27
CA THR C 319 -32.32 13.98 4.56
C THR C 319 -31.01 13.48 5.11
N ARG C 320 -29.87 14.05 4.69
CA ARG C 320 -28.56 13.55 5.12
C ARG C 320 -27.57 14.72 5.23
N PRO C 321 -27.76 15.52 6.30
CA PRO C 321 -27.18 16.84 6.35
C PRO C 321 -25.71 16.98 6.74
N HIS C 322 -24.85 16.17 6.13
CA HIS C 322 -23.41 16.39 6.23
C HIS C 322 -23.11 17.75 5.57
N PRO C 323 -22.50 18.68 6.32
CA PRO C 323 -22.32 20.05 5.79
C PRO C 323 -21.70 20.09 4.39
N THR C 324 -20.71 19.24 4.16
CA THR C 324 -20.02 19.31 2.88
C THR C 324 -20.75 18.55 1.77
N GLN C 325 -21.61 17.60 2.14
CA GLN C 325 -22.50 17.03 1.13
C GLN C 325 -23.46 18.09 0.62
N ILE C 326 -24.04 18.84 1.56
CA ILE C 326 -24.91 19.98 1.24
C ILE C 326 -24.20 20.95 0.29
N GLU C 327 -22.97 21.27 0.65
CA GLU C 327 -22.14 22.22 -0.09
C GLU C 327 -21.96 21.76 -1.53
N VAL C 328 -21.50 20.51 -1.73
CA VAL C 328 -21.26 20.00 -3.10
C VAL C 328 -22.57 19.94 -3.91
N ALA C 329 -23.62 19.41 -3.29
CA ALA C 329 -24.95 19.31 -3.96
C ALA C 329 -25.37 20.74 -4.39
N GLY C 330 -25.16 21.72 -3.52
CA GLY C 330 -25.52 23.10 -3.83
C GLY C 330 -24.72 23.67 -4.98
N ASN C 331 -23.41 23.37 -5.04
CA ASN C 331 -22.56 23.87 -6.11
C ASN C 331 -23.06 23.30 -7.39
N ILE C 332 -23.32 21.98 -7.43
CA ILE C 332 -23.73 21.35 -8.68
C ILE C 332 -25.12 21.83 -9.10
N ARG C 333 -26.04 21.93 -8.13
CA ARG C 333 -27.38 22.48 -8.38
C ARG C 333 -27.30 23.89 -8.98
N LYS C 334 -26.45 24.75 -8.41
CA LYS C 334 -26.24 26.11 -8.95
C LYS C 334 -25.79 26.04 -10.41
N LEU C 335 -24.79 25.20 -10.67
CA LEU C 335 -24.24 25.06 -12.02
C LEU C 335 -25.27 24.63 -13.06
N LEU C 336 -26.20 23.77 -12.65
CA LEU C 336 -27.22 23.21 -13.56
C LEU C 336 -28.47 24.07 -13.74
N GLU C 337 -28.65 25.05 -12.88
CA GLU C 337 -29.76 25.98 -13.03
C GLU C 337 -29.79 26.55 -14.45
N GLY C 338 -30.94 26.47 -15.10
CA GLY C 338 -31.08 26.99 -16.45
C GLY C 338 -30.57 26.13 -17.60
N SER C 339 -29.95 25.01 -17.31
CA SER C 339 -29.59 24.07 -18.35
C SER C 339 -30.79 23.58 -19.13
N ARG C 340 -30.72 23.50 -20.45
CA ARG C 340 -31.74 22.80 -21.25
C ARG C 340 -31.23 21.46 -21.72
N PHE C 341 -30.05 21.08 -21.25
CA PHE C 341 -29.56 19.73 -21.48
C PHE C 341 -29.97 18.79 -20.28
N ALA C 342 -29.69 19.23 -19.06
CA ALA C 342 -30.05 18.43 -17.88
C ALA C 342 -31.56 18.47 -17.74
N VAL C 343 -32.13 17.42 -17.19
CA VAL C 343 -33.55 17.32 -16.96
C VAL C 343 -33.89 17.77 -15.58
N HIS C 344 -34.93 18.60 -15.46
CA HIS C 344 -35.29 19.22 -14.19
C HIS C 344 -36.54 18.65 -13.56
N HIS C 345 -37.57 18.35 -14.34
CA HIS C 345 -38.82 17.85 -13.79
C HIS C 345 -38.80 16.38 -14.06
N GLU C 346 -38.82 15.56 -13.02
CA GLU C 346 -38.90 14.11 -13.17
C GLU C 346 -39.96 13.67 -14.15
N GLU C 347 -39.66 12.56 -14.83
CA GLU C 347 -40.37 12.15 -16.03
C GLU C 347 -41.54 11.18 -15.76
N ASP C 354 -41.11 -3.58 -18.19
CA ASP C 354 -40.88 -4.95 -18.76
C ASP C 354 -39.76 -5.01 -19.82
N GLU C 355 -38.87 -4.03 -19.81
CA GLU C 355 -37.76 -3.99 -20.77
C GLU C 355 -36.41 -3.77 -20.13
N GLY C 356 -36.39 -3.65 -18.80
CA GLY C 356 -35.16 -3.44 -18.06
C GLY C 356 -34.54 -2.09 -18.34
N ILE C 357 -35.37 -1.10 -18.61
CA ILE C 357 -34.86 0.24 -18.92
C ILE C 357 -34.37 0.85 -17.63
N LEU C 358 -33.21 1.49 -17.72
CA LEU C 358 -32.63 2.17 -16.60
C LEU C 358 -33.16 3.58 -16.65
N ARG C 359 -33.93 3.97 -15.63
CA ARG C 359 -34.60 5.28 -15.61
C ARG C 359 -33.85 6.34 -14.78
N GLN C 360 -32.91 5.87 -13.97
N GLN C 360 -32.94 5.88 -13.91
CA GLN C 360 -32.17 6.78 -13.13
CA GLN C 360 -32.20 6.75 -13.00
C GLN C 360 -30.71 6.83 -13.54
C GLN C 360 -30.71 6.75 -13.33
N ASP C 361 -30.07 7.92 -13.18
CA ASP C 361 -28.65 8.09 -13.47
C ASP C 361 -27.85 7.08 -12.67
N ARG C 362 -26.74 6.63 -13.23
CA ARG C 362 -25.80 5.75 -12.50
C ARG C 362 -25.03 6.53 -11.43
N TYR C 363 -24.30 5.83 -10.60
CA TYR C 363 -23.77 6.47 -9.43
C TYR C 363 -22.73 7.55 -9.61
N PRO C 364 -21.90 7.44 -10.65
CA PRO C 364 -20.94 8.54 -10.81
C PRO C 364 -21.56 9.94 -10.84
N LEU C 365 -22.78 10.04 -11.37
CA LEU C 365 -23.51 11.31 -11.32
C LEU C 365 -24.39 11.42 -10.08
N ARG C 366 -25.21 10.39 -9.87
CA ARG C 366 -26.27 10.46 -8.84
C ARG C 366 -25.72 10.42 -7.41
N THR C 367 -24.53 9.84 -7.21
CA THR C 367 -23.95 9.84 -5.84
C THR C 367 -22.78 10.78 -5.70
N SER C 368 -22.63 11.73 -6.63
CA SER C 368 -21.47 12.59 -6.63
C SER C 368 -21.34 13.46 -5.36
N PRO C 369 -22.45 14.02 -4.82
CA PRO C 369 -22.26 14.83 -3.61
C PRO C 369 -21.83 14.00 -2.39
N GLN C 370 -22.38 12.80 -2.34
CA GLN C 370 -22.03 11.83 -1.30
C GLN C 370 -20.62 11.28 -1.43
N TRP C 371 -20.14 11.26 -2.65
CA TRP C 371 -18.78 10.83 -2.89
C TRP C 371 -17.77 11.92 -2.58
N LEU C 372 -18.04 13.12 -3.06
CA LEU C 372 -17.09 14.25 -2.95
C LEU C 372 -17.20 14.93 -1.55
N GLY C 373 -18.37 14.92 -0.96
CA GLY C 373 -18.50 15.63 0.31
C GLY C 373 -17.44 15.29 1.33
N PRO C 374 -17.25 13.99 1.62
CA PRO C 374 -16.33 13.64 2.68
C PRO C 374 -14.91 14.14 2.44
N LEU C 375 -14.40 14.02 1.23
CA LEU C 375 -13.06 14.47 0.95
C LEU C 375 -12.99 16.02 0.94
N VAL C 376 -14.09 16.68 0.61
CA VAL C 376 -14.10 18.15 0.71
C VAL C 376 -13.95 18.56 2.18
N SER C 377 -14.60 17.86 3.09
CA SER C 377 -14.48 18.20 4.51
C SER C 377 -13.00 18.06 4.94
N ASP C 378 -12.35 17.02 4.41
CA ASP C 378 -10.93 16.77 4.67
C ASP C 378 -10.09 17.95 4.19
N LEU C 379 -10.39 18.45 3.00
CA LEU C 379 -9.66 19.57 2.43
C LEU C 379 -9.84 20.84 3.25
N ILE C 380 -11.04 21.04 3.77
CA ILE C 380 -11.30 22.16 4.65
C ILE C 380 -10.58 22.03 5.99
N HIS C 381 -10.51 20.82 6.52
CA HIS C 381 -9.76 20.59 7.74
C HIS C 381 -8.25 20.84 7.53
N ALA C 382 -7.70 20.30 6.44
CA ALA C 382 -6.31 20.54 6.08
C ALA C 382 -6.03 22.03 6.00
N HIS C 383 -7.00 22.78 5.48
CA HIS C 383 -6.83 24.23 5.39
C HIS C 383 -6.65 24.82 6.76
N ALA C 384 -7.49 24.37 7.71
CA ALA C 384 -7.39 24.90 9.08
C ALA C 384 -6.05 24.53 9.71
N VAL C 385 -5.60 23.31 9.48
CA VAL C 385 -4.31 22.85 10.07
C VAL C 385 -3.14 23.62 9.49
N LEU C 386 -3.04 23.68 8.15
CA LEU C 386 -1.93 24.41 7.52
C LEU C 386 -1.93 25.90 7.85
N THR C 387 -3.12 26.50 7.97
CA THR C 387 -3.14 27.93 8.29
C THR C 387 -2.43 28.20 9.62
N ILE C 388 -2.71 27.40 10.62
CA ILE C 388 -1.96 27.53 11.88
C ILE C 388 -0.50 27.18 11.71
N GLU C 389 -0.19 26.06 11.06
CA GLU C 389 1.22 25.68 10.89
C GLU C 389 2.04 26.73 10.15
N ALA C 390 1.51 27.25 9.03
CA ALA C 390 2.28 28.18 8.19
C ALA C 390 2.30 29.60 8.73
N GLY C 391 1.20 30.00 9.36
CA GLY C 391 1.01 31.38 9.74
C GLY C 391 1.05 31.78 11.21
N GLN C 392 0.97 30.81 12.11
CA GLN C 392 0.78 31.11 13.52
C GLN C 392 1.60 30.17 14.43
N SER C 393 2.71 29.64 13.94
CA SER C 393 3.45 28.66 14.74
C SER C 393 4.93 28.93 14.75
N THR C 394 5.54 28.70 15.91
CA THR C 394 6.96 28.68 16.08
C THR C 394 7.39 27.23 16.09
N THR C 395 8.27 26.86 15.17
CA THR C 395 8.58 25.44 14.96
C THR C 395 10.03 25.12 15.21
N ASP C 396 10.86 26.07 15.64
CA ASP C 396 12.22 25.76 15.99
C ASP C 396 12.28 25.31 17.46
N ASN C 397 13.48 25.21 18.02
CA ASN C 397 13.66 24.65 19.35
C ASN C 397 15.12 24.85 19.71
N PRO C 398 15.50 24.96 20.98
CA PRO C 398 14.66 25.33 22.11
C PRO C 398 13.97 26.67 21.96
N LEU C 399 12.89 26.90 22.71
CA LEU C 399 12.13 28.14 22.59
C LEU C 399 12.26 28.96 23.85
N ILE C 400 12.24 30.29 23.68
CA ILE C 400 12.58 31.23 24.75
C ILE C 400 11.31 31.96 25.17
N ASP C 401 11.01 31.92 26.48
CA ASP C 401 9.92 32.69 27.07
C ASP C 401 10.50 33.90 27.74
N VAL C 402 10.51 35.01 27.02
CA VAL C 402 11.19 36.20 27.55
C VAL C 402 10.47 36.71 28.80
N GLU C 403 9.14 36.73 28.77
CA GLU C 403 8.38 37.27 29.90
C GLU C 403 8.73 36.58 31.20
N ASN C 404 8.89 35.26 31.14
CA ASN C 404 9.15 34.47 32.33
C ASN C 404 10.61 34.05 32.44
N LYS C 405 11.46 34.68 31.63
CA LYS C 405 12.89 34.48 31.69
C LYS C 405 13.27 33.01 31.76
N THR C 406 12.78 32.25 30.78
CA THR C 406 13.08 30.85 30.77
C THR C 406 13.12 30.36 29.33
N SER C 407 13.63 29.15 29.17
CA SER C 407 13.64 28.48 27.89
C SER C 407 13.04 27.10 28.06
N HIS C 408 12.58 26.54 26.96
CA HIS C 408 11.79 25.33 27.01
C HIS C 408 12.27 24.42 25.92
N HIS C 409 12.36 23.12 26.26
CA HIS C 409 12.83 22.09 25.36
C HIS C 409 11.66 21.24 24.88
N GLY C 410 11.26 21.46 23.64
CA GLY C 410 10.09 20.78 23.08
C GLY C 410 10.26 20.11 21.74
N GLY C 411 9.17 20.05 20.99
CA GLY C 411 9.12 19.25 19.78
C GLY C 411 8.32 19.85 18.65
N ASN C 412 8.28 21.17 18.55
CA ASN C 412 7.45 21.83 17.51
C ASN C 412 7.95 21.73 16.09
N PHE C 413 9.13 21.11 15.92
CA PHE C 413 9.69 20.83 14.59
C PHE C 413 9.13 19.50 13.99
N GLN C 414 8.36 18.78 14.78
CA GLN C 414 7.82 17.49 14.37
C GLN C 414 6.64 17.76 13.45
N ALA C 415 6.82 17.69 12.12
CA ALA C 415 5.81 18.18 11.14
C ALA C 415 4.65 17.19 10.91
N ALA C 416 4.20 16.47 11.93
CA ALA C 416 3.12 15.51 11.74
C ALA C 416 1.81 16.19 11.34
N ALA C 417 1.59 17.40 11.80
CA ALA C 417 0.37 18.16 11.37
C ALA C 417 0.40 18.35 9.87
N VAL C 418 1.56 18.64 9.33
CA VAL C 418 1.70 18.84 7.87
C VAL C 418 1.50 17.53 7.13
N ALA C 419 2.20 16.50 7.63
CA ALA C 419 2.14 15.19 6.97
C ALA C 419 0.70 14.71 6.94
N ASN C 420 -0.03 14.94 8.01
CA ASN C 420 -1.42 14.51 8.13
C ASN C 420 -2.25 15.11 7.01
N THR C 421 -2.09 16.41 6.78
CA THR C 421 -2.85 17.07 5.69
C THR C 421 -2.50 16.47 4.34
N MSE C 422 -1.25 16.07 4.14
CA MSE C 422 -0.82 15.56 2.83
C MSE C 422 -1.26 14.16 2.57
O MSE C 422 -1.65 13.82 1.46
CB MSE C 422 0.68 15.67 2.63
CG MSE C 422 1.17 17.13 2.60
SE MSE C 422 0.47 18.01 0.96
CE MSE C 422 -1.16 18.80 1.63
N GLU C 423 -1.22 13.33 3.61
CA GLU C 423 -1.73 11.93 3.49
C GLU C 423 -3.21 11.92 3.08
N LYS C 424 -4.05 12.70 3.80
CA LYS C 424 -5.50 12.69 3.53
C LYS C 424 -5.77 13.37 2.18
N THR C 425 -5.08 14.46 1.88
CA THR C 425 -5.31 15.10 0.59
C THR C 425 -4.99 14.14 -0.55
N ARG C 426 -3.93 13.35 -0.39
CA ARG C 426 -3.55 12.47 -1.49
C ARG C 426 -4.59 11.39 -1.73
N LEU C 427 -5.15 10.84 -0.64
CA LEU C 427 -6.23 9.88 -0.79
C LEU C 427 -7.46 10.54 -1.43
N GLY C 428 -7.73 11.78 -1.00
CA GLY C 428 -8.84 12.54 -1.58
C GLY C 428 -8.71 12.73 -3.08
N LEU C 429 -7.49 13.01 -3.51
CA LEU C 429 -7.22 13.25 -4.96
C LEU C 429 -7.48 11.96 -5.72
N ALA C 430 -7.16 10.81 -5.14
CA ALA C 430 -7.42 9.55 -5.85
C ALA C 430 -8.95 9.32 -5.90
N GLN C 431 -9.68 9.71 -4.84
CA GLN C 431 -11.14 9.56 -4.83
C GLN C 431 -11.83 10.46 -5.90
N ILE C 432 -11.43 11.72 -5.95
CA ILE C 432 -11.82 12.63 -7.04
C ILE C 432 -11.55 11.99 -8.38
N GLY C 433 -10.30 11.57 -8.61
CA GLY C 433 -9.90 10.93 -9.88
C GLY C 433 -10.82 9.74 -10.21
N LYS C 434 -11.05 8.83 -9.28
CA LYS C 434 -11.95 7.71 -9.54
C LYS C 434 -13.33 8.21 -9.97
N LEU C 435 -13.83 9.25 -9.33
CA LEU C 435 -15.18 9.70 -9.65
C LEU C 435 -15.20 10.20 -11.10
N ASN C 436 -14.33 11.15 -11.40
CA ASN C 436 -14.39 11.71 -12.76
C ASN C 436 -14.06 10.67 -13.82
N PHE C 437 -13.14 9.75 -13.51
CA PHE C 437 -12.86 8.66 -14.44
C PHE C 437 -14.15 7.89 -14.73
N THR C 438 -14.90 7.49 -13.69
CA THR C 438 -16.14 6.72 -13.92
C THR C 438 -17.16 7.54 -14.74
N GLN C 439 -17.26 8.83 -14.49
CA GLN C 439 -18.17 9.70 -15.24
C GLN C 439 -17.77 9.73 -16.71
N LEU C 440 -16.49 9.95 -16.93
CA LEU C 440 -15.98 10.07 -18.28
C LEU C 440 -16.12 8.76 -19.04
N THR C 441 -15.70 7.64 -18.45
CA THR C 441 -15.72 6.38 -19.18
C THR C 441 -17.16 5.89 -19.48
N GLU C 442 -18.10 6.24 -18.62
CA GLU C 442 -19.50 6.02 -18.92
C GLU C 442 -19.93 6.83 -20.15
N MSE C 443 -19.54 8.11 -20.17
CA MSE C 443 -19.91 8.98 -21.30
C MSE C 443 -19.27 8.52 -22.61
O MSE C 443 -19.82 8.77 -23.71
CB MSE C 443 -19.49 10.42 -20.99
CG MSE C 443 -19.87 11.39 -22.04
SE MSE C 443 -19.46 13.21 -21.39
CE MSE C 443 -17.52 13.06 -21.31
N LEU C 444 -18.09 7.88 -22.53
CA LEU C 444 -17.44 7.36 -23.71
C LEU C 444 -17.85 5.97 -24.14
N ASN C 445 -18.80 5.38 -23.43
CA ASN C 445 -19.28 4.03 -23.72
C ASN C 445 -20.61 4.12 -24.47
N ALA C 446 -20.56 3.78 -25.78
CA ALA C 446 -21.70 3.88 -26.66
C ALA C 446 -22.95 3.15 -26.12
N GLY C 447 -22.76 2.09 -25.33
CA GLY C 447 -23.88 1.36 -24.76
C GLY C 447 -24.52 2.03 -23.58
N MSE C 448 -23.81 3.00 -22.98
CA MSE C 448 -24.24 3.62 -21.75
C MSE C 448 -24.57 5.10 -21.84
O MSE C 448 -25.15 5.67 -20.91
CB MSE C 448 -23.13 3.41 -20.69
CG MSE C 448 -22.82 1.97 -20.43
SE MSE C 448 -21.28 1.93 -19.14
CE MSE C 448 -22.30 2.38 -17.48
N ASN C 449 -24.25 5.71 -22.98
CA ASN C 449 -24.17 7.19 -23.05
C ASN C 449 -25.36 7.92 -23.69
N ARG C 450 -26.50 7.24 -23.73
CA ARG C 450 -27.76 7.82 -24.18
C ARG C 450 -27.66 8.38 -25.57
N GLY C 451 -26.95 7.66 -26.42
CA GLY C 451 -27.03 7.88 -27.85
C GLY C 451 -25.98 8.83 -28.38
N LEU C 452 -25.01 9.21 -27.56
CA LEU C 452 -23.84 9.97 -28.06
C LEU C 452 -23.03 9.12 -29.07
N PRO C 453 -22.48 9.78 -30.11
CA PRO C 453 -21.71 9.00 -31.06
C PRO C 453 -20.59 8.20 -30.41
N SER C 454 -20.33 7.03 -30.99
CA SER C 454 -19.23 6.16 -30.63
C SER C 454 -17.95 6.96 -30.54
N CYS C 455 -17.28 6.85 -29.40
CA CYS C 455 -15.97 7.51 -29.17
C CYS C 455 -16.04 9.02 -29.27
N LEU C 456 -17.27 9.57 -29.23
CA LEU C 456 -17.47 11.01 -29.52
C LEU C 456 -16.90 11.43 -30.90
N ALA C 457 -16.98 10.51 -31.86
CA ALA C 457 -16.67 10.82 -33.27
C ALA C 457 -17.74 11.73 -33.82
N ALA C 458 -17.31 12.77 -34.55
CA ALA C 458 -18.25 13.68 -35.15
C ALA C 458 -18.83 13.17 -36.45
N GLU C 459 -18.08 12.30 -37.13
CA GLU C 459 -18.47 11.78 -38.43
C GLU C 459 -18.53 10.26 -38.34
N ASP C 460 -18.53 9.54 -39.47
CA ASP C 460 -18.71 8.09 -39.41
C ASP C 460 -17.72 7.39 -38.49
N PRO C 461 -18.23 6.65 -37.51
CA PRO C 461 -17.37 5.96 -36.53
C PRO C 461 -16.48 4.84 -37.09
N SER C 462 -16.85 4.27 -38.23
CA SER C 462 -16.00 3.26 -38.84
C SER C 462 -14.54 3.75 -39.06
N LEU C 463 -14.32 5.05 -39.27
CA LEU C 463 -12.99 5.58 -39.53
C LEU C 463 -12.64 6.74 -38.59
N SER C 464 -13.28 6.75 -37.41
CA SER C 464 -13.02 7.82 -36.44
C SER C 464 -13.26 7.26 -35.03
N TYR C 465 -12.19 7.18 -34.23
CA TYR C 465 -12.25 6.62 -32.87
C TYR C 465 -11.89 7.71 -31.88
N HIS C 466 -12.21 8.95 -32.25
CA HIS C 466 -11.85 10.19 -31.56
C HIS C 466 -11.31 10.00 -30.14
N CYS C 467 -12.20 9.81 -29.17
CA CYS C 467 -11.85 9.83 -27.73
C CYS C 467 -11.46 8.47 -27.09
N LYS C 468 -11.25 7.45 -27.91
CA LYS C 468 -10.97 6.10 -27.37
C LYS C 468 -9.59 6.10 -26.69
N GLY C 469 -8.62 6.78 -27.27
CA GLY C 469 -7.30 6.93 -26.62
C GLY C 469 -7.38 7.62 -25.25
N LEU C 470 -8.20 8.66 -25.18
CA LEU C 470 -8.38 9.39 -23.92
C LEU C 470 -9.10 8.56 -22.87
N ASP C 471 -10.00 7.70 -23.30
CA ASP C 471 -10.63 6.76 -22.37
C ASP C 471 -9.54 5.93 -21.67
N ILE C 472 -8.65 5.41 -22.48
CA ILE C 472 -7.52 4.60 -22.02
C ILE C 472 -6.61 5.42 -21.11
N ALA C 473 -6.25 6.62 -21.57
CA ALA C 473 -5.40 7.55 -20.79
C ALA C 473 -6.00 7.83 -19.45
N ALA C 474 -7.33 8.04 -19.43
CA ALA C 474 -8.02 8.35 -18.18
C ALA C 474 -7.87 7.19 -17.20
N ALA C 475 -7.97 5.95 -17.69
CA ALA C 475 -7.72 4.78 -16.86
C ALA C 475 -6.30 4.79 -16.28
N ALA C 476 -5.31 5.03 -17.15
CA ALA C 476 -3.92 5.09 -16.71
C ALA C 476 -3.69 6.12 -15.61
N TYR C 477 -4.28 7.30 -15.78
CA TYR C 477 -4.10 8.38 -14.79
C TYR C 477 -4.70 7.93 -13.47
N THR C 478 -5.88 7.32 -13.54
CA THR C 478 -6.60 6.84 -12.36
C THR C 478 -5.80 5.75 -11.62
N SER C 479 -5.25 4.81 -12.37
CA SER C 479 -4.45 3.75 -11.77
C SER C 479 -3.27 4.36 -11.00
N GLU C 480 -2.63 5.31 -11.67
CA GLU C 480 -1.44 5.98 -11.09
C GLU C 480 -1.79 6.70 -9.79
N LEU C 481 -2.92 7.40 -9.77
CA LEU C 481 -3.41 8.02 -8.54
C LEU C 481 -3.63 7.03 -7.35
N GLY C 482 -4.15 5.84 -7.66
CA GLY C 482 -4.42 4.79 -6.67
C GLY C 482 -3.15 4.43 -5.95
N HIS C 483 -2.10 4.11 -6.71
CA HIS C 483 -0.86 3.72 -6.10
C HIS C 483 -0.25 4.87 -5.30
N LEU C 484 -0.34 6.07 -5.83
CA LEU C 484 0.21 7.23 -5.11
C LEU C 484 -0.40 7.42 -3.75
N ALA C 485 -1.68 7.05 -3.64
CA ALA C 485 -2.51 7.37 -2.45
C ALA C 485 -2.20 6.51 -1.22
N ASN C 486 -1.39 5.46 -1.36
CA ASN C 486 -0.94 4.76 -0.19
C ASN C 486 -0.15 5.73 0.72
N PRO C 487 -0.22 5.50 2.06
CA PRO C 487 0.44 6.41 2.99
C PRO C 487 1.96 6.32 2.94
N VAL C 488 2.61 7.47 3.09
CA VAL C 488 4.06 7.54 3.32
C VAL C 488 4.38 7.36 4.80
N THR C 489 3.47 7.81 5.65
CA THR C 489 3.77 7.94 7.05
C THR C 489 3.88 6.64 7.83
N THR C 490 3.52 5.50 7.20
CA THR C 490 3.75 4.19 7.79
C THR C 490 5.15 3.65 7.53
N HIS C 491 6.00 4.46 6.93
CA HIS C 491 7.35 4.02 6.52
C HIS C 491 8.43 4.67 7.36
N VAL C 492 8.06 5.11 8.56
CA VAL C 492 8.99 5.75 9.46
C VAL C 492 10.11 4.81 9.89
N GLN C 493 11.36 5.29 9.79
CA GLN C 493 12.55 4.55 10.19
C GLN C 493 13.16 5.17 11.46
N PRO C 494 13.94 4.37 12.25
CA PRO C 494 14.55 4.80 13.54
C PRO C 494 15.77 5.69 13.39
N ALA C 495 15.52 6.86 12.88
CA ALA C 495 16.56 7.78 12.46
C ALA C 495 17.40 8.37 13.58
N GLU C 496 18.68 8.56 13.27
CA GLU C 496 19.61 9.29 14.14
C GLU C 496 19.79 8.68 15.53
N MSE C 497 20.35 7.46 15.59
CA MSE C 497 20.56 6.73 16.84
C MSE C 497 19.25 6.59 17.60
O MSE C 497 19.25 6.53 18.86
CB MSE C 497 21.61 7.43 17.69
CG MSE C 497 22.86 7.54 16.95
SE MSE C 497 24.28 8.10 18.14
CE MSE C 497 24.12 6.94 19.73
N ALA C 498 18.17 6.49 16.83
CA ALA C 498 16.81 6.43 17.39
C ALA C 498 16.44 7.66 18.20
N ASN C 499 17.24 8.74 18.13
CA ASN C 499 16.78 10.01 18.72
C ASN C 499 15.51 10.45 18.01
N GLN C 500 15.53 10.29 16.67
CA GLN C 500 14.43 10.71 15.84
C GLN C 500 13.61 9.49 15.43
N ALA C 501 13.28 8.64 16.42
CA ALA C 501 12.62 7.32 16.17
C ALA C 501 11.23 7.49 15.60
N VAL C 502 10.56 8.62 15.91
CA VAL C 502 9.35 9.04 15.19
C VAL C 502 9.70 10.30 14.42
N ASN C 503 9.36 10.31 13.14
CA ASN C 503 9.62 11.43 12.24
C ASN C 503 8.47 11.49 11.25
N SER C 504 8.06 12.70 10.87
CA SER C 504 6.78 12.88 10.24
C SER C 504 6.75 12.52 8.77
N LEU C 505 7.90 12.61 8.09
CA LEU C 505 7.97 12.39 6.63
C LEU C 505 7.08 13.35 5.83
N ALA C 506 6.81 14.52 6.40
CA ALA C 506 5.89 15.46 5.75
C ALA C 506 6.36 15.89 4.36
N LEU C 507 7.65 16.18 4.14
CA LEU C 507 8.02 16.68 2.83
C LEU C 507 7.85 15.59 1.78
N ILE C 508 8.22 14.36 2.12
CA ILE C 508 8.06 13.26 1.15
C ILE C 508 6.58 13.11 0.85
N SER C 509 5.75 13.17 1.88
CA SER C 509 4.31 13.07 1.65
C SER C 509 3.80 14.20 0.75
N ALA C 510 4.24 15.41 1.06
CA ALA C 510 3.94 16.58 0.22
C ALA C 510 4.36 16.45 -1.24
N ARG C 511 5.53 15.85 -1.47
CA ARG C 511 5.98 15.57 -2.81
C ARG C 511 5.05 14.61 -3.50
N ARG C 512 4.62 13.57 -2.81
CA ARG C 512 3.72 12.63 -3.48
C ARG C 512 2.35 13.27 -3.79
N THR C 513 1.85 14.07 -2.86
CA THR C 513 0.55 14.77 -3.07
C THR C 513 0.65 15.73 -4.25
N THR C 514 1.81 16.40 -4.38
CA THR C 514 2.02 17.28 -5.51
C THR C 514 2.00 16.51 -6.86
N GLU C 515 2.59 15.33 -6.86
CA GLU C 515 2.53 14.45 -8.05
C GLU C 515 1.09 14.05 -8.36
N SER C 516 0.32 13.73 -7.31
CA SER C 516 -1.11 13.36 -7.46
C SER C 516 -1.91 14.56 -8.01
N ASN C 517 -1.61 15.78 -7.57
CA ASN C 517 -2.22 16.98 -8.22
C ASN C 517 -1.95 17.03 -9.70
N ASP C 518 -0.72 16.71 -10.07
CA ASP C 518 -0.32 16.75 -11.46
C ASP C 518 -1.07 15.70 -12.25
N VAL C 519 -1.11 14.49 -11.74
CA VAL C 519 -1.77 13.42 -12.47
C VAL C 519 -3.30 13.66 -12.55
N LEU C 520 -3.87 14.13 -11.44
CA LEU C 520 -5.29 14.47 -11.49
C LEU C 520 -5.53 15.63 -12.50
N SER C 521 -4.61 16.57 -12.62
CA SER C 521 -4.73 17.64 -13.63
C SER C 521 -4.79 17.04 -15.02
N LEU C 522 -3.96 16.03 -15.28
CA LEU C 522 -4.00 15.35 -16.60
C LEU C 522 -5.38 14.73 -16.82
N LEU C 523 -5.90 14.09 -15.79
CA LEU C 523 -7.21 13.39 -15.89
C LEU C 523 -8.38 14.35 -16.07
N LEU C 524 -8.41 15.40 -15.27
CA LEU C 524 -9.42 16.43 -15.42
C LEU C 524 -9.37 17.23 -16.72
N ALA C 525 -8.13 17.50 -17.21
CA ALA C 525 -7.96 18.16 -18.51
C ALA C 525 -8.54 17.24 -19.59
N THR C 526 -8.29 15.93 -19.45
CA THR C 526 -8.81 14.92 -20.40
C THR C 526 -10.36 14.86 -20.35
N HIS C 527 -10.92 14.88 -19.15
CA HIS C 527 -12.41 14.84 -18.98
C HIS C 527 -13.02 16.13 -19.58
N LEU C 528 -12.41 17.28 -19.32
CA LEU C 528 -12.94 18.54 -19.79
C LEU C 528 -12.91 18.56 -21.34
N TYR C 529 -11.82 18.07 -21.94
CA TYR C 529 -11.73 17.98 -23.40
C TYR C 529 -12.93 17.14 -23.92
N CYS C 530 -13.14 15.98 -23.31
CA CYS C 530 -14.15 15.08 -23.82
C CYS C 530 -15.56 15.61 -23.62
N VAL C 531 -15.84 16.17 -22.45
CA VAL C 531 -17.22 16.60 -22.17
C VAL C 531 -17.61 17.75 -23.12
N LEU C 532 -16.62 18.55 -23.51
CA LEU C 532 -16.99 19.65 -24.43
C LEU C 532 -17.39 19.11 -25.81
N GLN C 533 -16.60 18.14 -26.32
CA GLN C 533 -16.98 17.44 -27.54
C GLN C 533 -18.38 16.80 -27.43
N ALA C 534 -18.64 16.12 -26.31
CA ALA C 534 -19.95 15.50 -26.09
C ALA C 534 -21.08 16.52 -26.11
N ILE C 535 -20.87 17.65 -25.45
CA ILE C 535 -21.86 18.77 -25.43
C ILE C 535 -22.17 19.26 -26.84
N ASP C 536 -21.13 19.46 -27.62
CA ASP C 536 -21.30 19.87 -29.02
C ASP C 536 -22.08 18.82 -29.82
N LEU C 537 -21.77 17.53 -29.63
CA LEU C 537 -22.47 16.49 -30.37
C LEU C 537 -23.96 16.38 -29.90
N ARG C 538 -24.17 16.59 -28.60
CA ARG C 538 -25.55 16.60 -28.12
C ARG C 538 -26.35 17.78 -28.67
N ALA C 539 -25.69 18.93 -28.79
CA ALA C 539 -26.32 20.13 -29.37
C ALA C 539 -26.70 19.85 -30.83
N ILE C 540 -25.80 19.23 -31.57
CA ILE C 540 -26.08 18.84 -32.96
C ILE C 540 -27.30 17.92 -32.97
N GLU C 541 -27.37 16.95 -32.05
CA GLU C 541 -28.56 16.08 -31.93
C GLU C 541 -29.85 16.84 -31.70
N PHE C 542 -29.86 17.76 -30.75
CA PHE C 542 -31.01 18.60 -30.49
C PHE C 542 -31.39 19.44 -31.69
N GLU C 543 -30.41 20.02 -32.37
CA GLU C 543 -30.72 20.82 -33.57
C GLU C 543 -31.36 19.93 -34.64
N PHE C 544 -30.83 18.72 -34.81
CA PHE C 544 -31.36 17.82 -35.79
C PHE C 544 -32.83 17.50 -35.50
N LYS C 545 -33.10 17.19 -34.24
CA LYS C 545 -34.47 16.80 -33.81
C LYS C 545 -35.53 17.87 -34.06
N LYS C 546 -35.14 19.15 -33.93
CA LYS C 546 -36.03 20.27 -34.25
C LYS C 546 -36.57 20.18 -35.67
N GLN C 547 -35.69 19.80 -36.59
CA GLN C 547 -36.08 19.66 -37.99
C GLN C 547 -36.59 18.29 -38.38
N PHE C 548 -36.09 17.28 -37.68
CA PHE C 548 -36.49 15.87 -37.97
C PHE C 548 -37.95 15.60 -37.63
N GLY C 549 -38.45 16.11 -36.51
CA GLY C 549 -39.81 15.81 -36.12
C GLY C 549 -40.82 16.18 -37.19
N PRO C 550 -40.80 17.43 -37.65
CA PRO C 550 -41.66 17.79 -38.75
C PRO C 550 -41.44 16.96 -40.05
N ALA C 551 -40.21 16.54 -40.31
CA ALA C 551 -39.92 15.78 -41.55
C ALA C 551 -40.57 14.41 -41.48
N ILE C 552 -40.58 13.83 -40.30
CA ILE C 552 -41.22 12.51 -40.07
C ILE C 552 -42.71 12.64 -40.39
N VAL C 553 -43.32 13.71 -39.87
CA VAL C 553 -44.75 13.91 -40.03
C VAL C 553 -45.08 14.17 -41.48
N SER C 554 -44.25 15.00 -42.13
CA SER C 554 -44.51 15.35 -43.50
C SER C 554 -44.46 14.13 -44.42
N LEU C 555 -43.49 13.26 -44.22
CA LEU C 555 -43.37 12.05 -45.08
C LEU C 555 -44.46 11.03 -44.77
N ILE C 556 -44.84 10.88 -43.50
CA ILE C 556 -46.00 10.06 -43.17
C ILE C 556 -47.26 10.57 -43.87
N ASP C 557 -47.48 11.88 -43.87
CA ASP C 557 -48.67 12.43 -44.52
C ASP C 557 -48.67 12.27 -46.03
N GLN C 558 -47.52 12.49 -46.63
CA GLN C 558 -47.36 12.41 -48.06
C GLN C 558 -47.55 11.00 -48.55
N HIS C 559 -46.92 10.06 -47.84
CA HIS C 559 -46.93 8.66 -48.28
C HIS C 559 -48.20 7.93 -47.89
N PHE C 560 -48.70 8.19 -46.70
CA PHE C 560 -49.73 7.36 -46.10
C PHE C 560 -51.06 8.10 -45.93
N GLY C 561 -51.06 9.43 -46.07
CA GLY C 561 -52.25 10.24 -45.81
C GLY C 561 -53.49 9.73 -46.53
N SER C 562 -53.38 9.45 -47.81
CA SER C 562 -54.57 8.97 -48.53
C SER C 562 -55.09 7.66 -47.90
N ALA C 563 -54.19 6.74 -47.58
CA ALA C 563 -54.62 5.45 -47.03
C ALA C 563 -55.24 5.57 -45.64
N MSE C 564 -54.96 6.65 -44.93
CA MSE C 564 -55.45 6.80 -43.56
C MSE C 564 -56.70 7.68 -43.46
O MSE C 564 -57.27 7.81 -42.38
CB MSE C 564 -54.35 7.39 -42.68
CG MSE C 564 -53.09 6.52 -42.66
SE MSE C 564 -51.73 7.27 -41.44
CE MSE C 564 -51.44 9.09 -42.21
N THR C 565 -57.11 8.28 -44.57
CA THR C 565 -58.30 9.16 -44.61
C THR C 565 -59.49 8.49 -43.94
N GLY C 566 -60.11 9.20 -43.02
CA GLY C 566 -61.33 8.71 -42.37
C GLY C 566 -61.07 7.79 -41.19
N SER C 567 -59.80 7.48 -40.97
CA SER C 567 -59.41 6.64 -39.85
C SER C 567 -58.85 7.57 -38.78
N ASN C 568 -58.58 7.01 -37.62
CA ASN C 568 -57.90 7.77 -36.60
C ASN C 568 -56.48 7.29 -36.42
N LEU C 569 -55.93 6.75 -37.51
CA LEU C 569 -54.63 6.07 -37.46
C LEU C 569 -53.45 7.03 -37.47
N ARG C 570 -53.63 8.20 -38.06
CA ARG C 570 -52.51 9.11 -38.26
C ARG C 570 -51.77 9.52 -36.98
N ASP C 571 -52.50 9.97 -35.96
CA ASP C 571 -51.83 10.45 -34.76
C ASP C 571 -51.16 9.26 -34.06
N GLU C 572 -51.82 8.11 -34.07
CA GLU C 572 -51.24 6.87 -33.48
C GLU C 572 -49.92 6.54 -34.18
N LEU C 573 -49.92 6.62 -35.50
CA LEU C 573 -48.72 6.25 -36.28
C LEU C 573 -47.57 7.22 -36.01
N VAL C 574 -47.87 8.51 -36.00
CA VAL C 574 -46.83 9.48 -35.67
C VAL C 574 -46.22 9.20 -34.30
N GLU C 575 -47.03 8.98 -33.28
CA GLU C 575 -46.45 8.68 -31.96
C GLU C 575 -45.60 7.43 -31.93
N LYS C 576 -46.12 6.34 -32.49
CA LYS C 576 -45.45 5.05 -32.39
C LYS C 576 -44.20 5.04 -33.25
N VAL C 577 -44.26 5.76 -34.37
CA VAL C 577 -43.09 5.83 -35.22
C VAL C 577 -42.00 6.67 -34.49
N ASN C 578 -42.41 7.78 -33.88
CA ASN C 578 -41.48 8.60 -33.14
C ASN C 578 -40.82 7.78 -32.01
N LYS C 579 -41.63 7.00 -31.27
CA LYS C 579 -41.13 6.12 -30.20
C LYS C 579 -40.16 5.06 -30.70
N THR C 580 -40.50 4.41 -31.82
CA THR C 580 -39.68 3.38 -32.35
C THR C 580 -38.34 3.95 -32.74
N LEU C 581 -38.35 5.11 -33.40
CA LEU C 581 -37.13 5.65 -33.86
C LEU C 581 -36.23 6.09 -32.68
N ALA C 582 -36.83 6.82 -31.76
CA ALA C 582 -36.15 7.31 -30.55
C ALA C 582 -35.43 6.21 -29.86
N LYS C 583 -36.12 5.10 -29.63
CA LYS C 583 -35.52 4.04 -28.85
C LYS C 583 -34.42 3.39 -29.65
N ARG C 584 -34.60 3.25 -30.96
CA ARG C 584 -33.67 2.47 -31.77
C ARG C 584 -32.37 3.25 -31.97
N LEU C 585 -32.53 4.54 -32.22
CA LEU C 585 -31.38 5.43 -32.52
C LEU C 585 -30.44 5.47 -31.33
N GLU C 586 -30.99 5.37 -30.12
CA GLU C 586 -30.12 5.37 -28.94
C GLU C 586 -29.12 4.19 -28.95
N GLN C 587 -29.40 3.10 -29.68
CA GLN C 587 -28.53 1.96 -29.62
C GLN C 587 -27.75 1.72 -30.92
N THR C 588 -27.92 2.59 -31.91
CA THR C 588 -27.17 2.43 -33.19
C THR C 588 -26.19 3.57 -33.37
N ASN C 589 -25.71 4.11 -32.23
CA ASN C 589 -24.77 5.21 -32.19
C ASN C 589 -23.35 4.83 -32.62
N SER C 590 -23.09 3.54 -32.88
CA SER C 590 -21.84 3.10 -33.47
C SER C 590 -21.92 2.75 -34.95
N TYR C 591 -23.12 2.90 -35.54
CA TYR C 591 -23.33 2.72 -36.96
C TYR C 591 -22.90 3.95 -37.76
N ASP C 592 -22.39 3.72 -38.97
CA ASP C 592 -22.20 4.80 -39.94
C ASP C 592 -23.54 5.31 -40.39
N LEU C 593 -23.52 6.53 -40.92
CA LEU C 593 -24.73 7.32 -41.09
C LEU C 593 -25.76 6.65 -41.98
N VAL C 594 -25.31 6.21 -43.16
CA VAL C 594 -26.24 5.68 -44.15
C VAL C 594 -26.91 4.36 -43.63
N PRO C 595 -26.12 3.36 -43.21
CA PRO C 595 -26.76 2.15 -42.66
C PRO C 595 -27.59 2.44 -41.41
N ARG C 596 -27.15 3.41 -40.60
CA ARG C 596 -27.86 3.76 -39.41
C ARG C 596 -29.31 4.15 -39.72
N TRP C 597 -29.49 4.98 -40.72
CA TRP C 597 -30.82 5.48 -40.98
C TRP C 597 -31.69 4.49 -41.71
N HIS C 598 -31.10 3.66 -42.58
CA HIS C 598 -31.86 2.56 -43.13
C HIS C 598 -32.30 1.56 -42.08
N ASP C 599 -31.44 1.34 -41.10
CA ASP C 599 -31.81 0.47 -39.97
C ASP C 599 -32.98 1.05 -39.18
N ALA C 600 -32.91 2.32 -38.85
CA ALA C 600 -33.93 2.93 -38.00
C ALA C 600 -35.29 2.85 -38.66
N PHE C 601 -35.31 3.16 -39.96
CA PHE C 601 -36.58 3.21 -40.70
C PHE C 601 -37.07 1.81 -41.13
N SER C 602 -36.17 0.85 -41.21
CA SER C 602 -36.56 -0.56 -41.39
C SER C 602 -37.36 -0.99 -40.13
N PHE C 603 -36.85 -0.63 -38.96
CA PHE C 603 -37.55 -0.95 -37.73
C PHE C 603 -38.89 -0.22 -37.71
N ALA C 604 -38.89 1.07 -38.05
CA ALA C 604 -40.15 1.82 -38.08
C ALA C 604 -41.17 1.25 -39.08
N ALA C 605 -40.68 0.69 -40.20
CA ALA C 605 -41.58 0.03 -41.14
C ALA C 605 -42.40 -1.10 -40.49
N GLY C 606 -41.76 -1.80 -39.57
CA GLY C 606 -42.46 -2.86 -38.81
C GLY C 606 -43.59 -2.25 -38.00
N THR C 607 -43.33 -1.05 -37.46
CA THR C 607 -44.38 -0.31 -36.75
C THR C 607 -45.52 0.07 -37.69
N VAL C 608 -45.17 0.48 -38.91
CA VAL C 608 -46.18 0.82 -39.90
C VAL C 608 -47.07 -0.38 -40.24
N VAL C 609 -46.43 -1.53 -40.40
CA VAL C 609 -47.15 -2.78 -40.69
C VAL C 609 -48.23 -3.04 -39.65
N GLU C 610 -47.89 -2.83 -38.36
CA GLU C 610 -48.84 -3.08 -37.27
C GLU C 610 -49.89 -1.98 -37.25
N VAL C 611 -49.46 -0.72 -37.19
CA VAL C 611 -50.43 0.38 -37.03
C VAL C 611 -51.39 0.53 -38.22
N LEU C 612 -50.85 0.36 -39.43
CA LEU C 612 -51.62 0.52 -40.65
C LEU C 612 -52.06 -0.86 -41.22
N SER C 613 -52.14 -1.88 -40.35
CA SER C 613 -52.44 -3.22 -40.83
C SER C 613 -53.81 -3.34 -41.53
N SER C 614 -54.74 -2.43 -41.25
CA SER C 614 -56.08 -2.49 -41.88
C SER C 614 -56.14 -1.77 -43.23
N THR C 615 -55.07 -1.07 -43.61
CA THR C 615 -55.09 -0.25 -44.82
C THR C 615 -54.72 -1.04 -46.08
N SER C 616 -54.91 -0.39 -47.21
CA SER C 616 -54.70 -0.91 -48.53
C SER C 616 -53.27 -0.70 -49.07
N LEU C 617 -52.37 -0.19 -48.24
CA LEU C 617 -51.03 0.15 -48.67
C LEU C 617 -50.24 -1.07 -49.12
N SER C 618 -49.57 -0.96 -50.26
CA SER C 618 -48.70 -2.04 -50.72
C SER C 618 -47.39 -2.09 -49.95
N LEU C 619 -46.68 -3.21 -50.03
CA LEU C 619 -45.39 -3.28 -49.37
C LEU C 619 -44.43 -2.38 -50.09
N ALA C 620 -44.60 -2.24 -51.39
CA ALA C 620 -43.80 -1.30 -52.15
C ALA C 620 -43.97 0.11 -51.63
N ALA C 621 -45.20 0.48 -51.31
CA ALA C 621 -45.48 1.84 -50.80
C ALA C 621 -44.80 2.08 -49.46
N VAL C 622 -44.87 1.06 -48.60
CA VAL C 622 -44.23 1.19 -47.29
C VAL C 622 -42.69 1.26 -47.44
N ASN C 623 -42.15 0.36 -48.26
CA ASN C 623 -40.72 0.40 -48.52
C ASN C 623 -40.26 1.72 -49.10
N ALA C 624 -41.06 2.30 -50.00
CA ALA C 624 -40.68 3.60 -50.57
C ALA C 624 -40.66 4.70 -49.54
N TRP C 625 -41.60 4.66 -48.61
CA TRP C 625 -41.58 5.60 -47.48
C TRP C 625 -40.30 5.42 -46.70
N LYS C 626 -40.00 4.18 -46.34
CA LYS C 626 -38.83 3.85 -45.53
C LYS C 626 -37.54 4.42 -46.19
N VAL C 627 -37.38 4.17 -47.49
CA VAL C 627 -36.24 4.69 -48.24
C VAL C 627 -36.21 6.23 -48.27
N ALA C 628 -37.34 6.85 -48.58
CA ALA C 628 -37.39 8.34 -48.64
C ALA C 628 -37.06 8.96 -47.27
N ALA C 629 -37.61 8.33 -46.23
CA ALA C 629 -37.41 8.82 -44.84
C ALA C 629 -35.98 8.68 -44.40
N ALA C 630 -35.37 7.53 -44.68
CA ALA C 630 -33.94 7.37 -44.46
C ALA C 630 -33.09 8.39 -45.23
N GLU C 631 -33.32 8.56 -46.53
CA GLU C 631 -32.58 9.56 -47.31
C GLU C 631 -32.76 10.95 -46.75
N SER C 632 -33.98 11.26 -46.33
CA SER C 632 -34.24 12.57 -45.73
C SER C 632 -33.41 12.77 -44.46
N ALA C 633 -33.36 11.75 -43.60
CA ALA C 633 -32.63 11.84 -42.33
C ALA C 633 -31.14 11.96 -42.57
N ILE C 634 -30.66 11.23 -43.57
CA ILE C 634 -29.23 11.24 -43.90
C ILE C 634 -28.87 12.66 -44.35
N SER C 635 -29.67 13.19 -45.28
CA SER C 635 -29.43 14.55 -45.84
C SER C 635 -29.49 15.65 -44.75
N LEU C 636 -30.50 15.58 -43.89
CA LEU C 636 -30.66 16.53 -42.79
C LEU C 636 -29.49 16.46 -41.80
N THR C 637 -29.02 15.24 -41.52
CA THR C 637 -27.89 15.08 -40.62
C THR C 637 -26.69 15.78 -41.23
N ARG C 638 -26.46 15.58 -42.53
CA ARG C 638 -25.32 16.24 -43.16
C ARG C 638 -25.45 17.75 -43.08
N GLN C 639 -26.66 18.27 -43.30
CA GLN C 639 -26.90 19.72 -43.29
C GLN C 639 -26.70 20.29 -41.90
N VAL C 640 -27.22 19.59 -40.89
CA VAL C 640 -27.08 20.10 -39.53
C VAL C 640 -25.60 20.13 -39.12
N ARG C 641 -24.86 19.09 -39.49
CA ARG C 641 -23.43 19.06 -39.22
C ARG C 641 -22.67 20.22 -39.92
N GLU C 642 -22.97 20.40 -41.20
CA GLU C 642 -22.36 21.51 -41.95
C GLU C 642 -22.64 22.85 -41.29
N THR C 643 -23.87 23.03 -40.84
CA THR C 643 -24.25 24.27 -40.18
C THR C 643 -23.37 24.47 -38.96
N PHE C 644 -23.15 23.41 -38.19
CA PHE C 644 -22.31 23.49 -37.01
C PHE C 644 -20.88 23.87 -37.34
N TRP C 645 -20.33 23.17 -38.32
CA TRP C 645 -18.91 23.33 -38.67
C TRP C 645 -18.57 24.59 -39.48
N SER C 646 -19.58 25.19 -40.08
CA SER C 646 -19.36 26.30 -40.99
C SER C 646 -19.37 27.63 -40.27
N ALA C 647 -19.62 27.63 -38.97
CA ALA C 647 -19.53 28.83 -38.15
C ALA C 647 -18.66 28.57 -36.93
N ALA C 648 -18.12 29.65 -36.37
CA ALA C 648 -17.25 29.53 -35.20
C ALA C 648 -17.95 29.01 -33.95
N SER C 649 -17.16 28.63 -32.94
CA SER C 649 -17.72 28.13 -31.69
C SER C 649 -18.48 29.21 -30.92
N THR C 650 -18.22 30.49 -31.22
CA THR C 650 -19.04 31.56 -30.63
C THR C 650 -20.51 31.52 -31.11
N SER C 651 -20.76 30.78 -32.19
CA SER C 651 -22.12 30.52 -32.71
C SER C 651 -22.57 29.07 -32.45
N SER C 652 -21.87 28.36 -31.56
CA SER C 652 -22.20 26.94 -31.39
C SER C 652 -23.61 26.78 -30.88
N PRO C 653 -24.33 25.80 -31.40
CA PRO C 653 -25.69 25.58 -30.88
C PRO C 653 -25.64 25.10 -29.42
N ALA C 654 -24.48 24.70 -28.94
CA ALA C 654 -24.30 24.27 -27.54
C ALA C 654 -24.71 25.46 -26.63
N LEU C 655 -24.44 26.67 -27.11
CA LEU C 655 -24.76 27.88 -26.35
C LEU C 655 -26.26 28.12 -26.14
N SER C 656 -27.11 27.48 -26.94
CA SER C 656 -28.56 27.53 -26.78
C SER C 656 -29.09 26.63 -25.67
N TYR C 657 -28.25 25.71 -25.19
CA TYR C 657 -28.68 24.66 -24.26
C TYR C 657 -27.89 24.62 -22.95
N LEU C 658 -26.62 24.98 -22.98
CA LEU C 658 -25.83 24.97 -21.76
C LEU C 658 -26.43 25.91 -20.71
N SER C 659 -26.23 25.58 -19.45
CA SER C 659 -26.55 26.49 -18.38
C SER C 659 -25.66 27.74 -18.53
N PRO C 660 -26.13 28.87 -18.05
CA PRO C 660 -25.32 30.10 -18.11
C PRO C 660 -23.99 29.97 -17.39
N ARG C 661 -23.92 29.17 -16.34
CA ARG C 661 -22.70 29.00 -15.59
C ARG C 661 -21.78 28.01 -16.29
N THR C 662 -22.28 26.85 -16.78
CA THR C 662 -21.36 25.96 -17.48
C THR C 662 -20.86 26.52 -18.83
N GLN C 663 -21.66 27.40 -19.45
CA GLN C 663 -21.21 28.16 -20.63
C GLN C 663 -19.88 28.88 -20.39
N ILE C 664 -19.65 29.34 -19.17
CA ILE C 664 -18.44 30.06 -18.85
C ILE C 664 -17.20 29.21 -19.10
N LEU C 665 -17.27 27.95 -18.68
CA LEU C 665 -16.16 27.06 -18.85
C LEU C 665 -16.04 26.61 -20.29
N TYR C 666 -17.16 26.32 -20.96
CA TYR C 666 -17.14 26.06 -22.41
C TYR C 666 -16.39 27.13 -23.20
N ALA C 667 -16.78 28.39 -23.01
CA ALA C 667 -16.17 29.53 -23.71
C ALA C 667 -14.69 29.71 -23.34
N PHE C 668 -14.33 29.47 -22.09
CA PHE C 668 -12.92 29.54 -21.70
C PHE C 668 -12.09 28.62 -22.51
N VAL C 669 -12.52 27.37 -22.62
CA VAL C 669 -11.75 26.39 -23.37
C VAL C 669 -11.83 26.61 -24.89
N ARG C 670 -13.05 26.73 -25.39
CA ARG C 670 -13.27 26.86 -26.86
C ARG C 670 -12.69 28.15 -27.42
N GLU C 671 -12.86 29.24 -26.70
CA GLU C 671 -12.42 30.58 -27.15
C GLU C 671 -11.06 30.95 -26.57
N GLU C 672 -10.94 31.06 -25.24
CA GLU C 672 -9.66 31.53 -24.70
C GLU C 672 -8.51 30.58 -24.93
N LEU C 673 -8.71 29.28 -24.75
CA LEU C 673 -7.64 28.30 -25.03
C LEU C 673 -7.62 27.87 -26.48
N GLY C 674 -8.68 28.18 -27.21
CA GLY C 674 -8.75 27.81 -28.63
C GLY C 674 -8.85 26.34 -28.92
N VAL C 675 -9.32 25.56 -27.96
CA VAL C 675 -9.51 24.15 -28.18
C VAL C 675 -10.91 23.89 -28.71
N LYS C 676 -10.97 23.44 -29.97
CA LYS C 676 -12.24 23.31 -30.68
C LYS C 676 -12.72 21.86 -30.72
N ALA C 677 -14.00 21.67 -31.03
CA ALA C 677 -14.51 20.37 -31.39
C ALA C 677 -13.66 19.85 -32.56
N ARG C 678 -13.55 18.53 -32.65
CA ARG C 678 -12.69 17.87 -33.61
C ARG C 678 -13.56 17.10 -34.59
N ARG C 679 -13.45 17.40 -35.90
CA ARG C 679 -14.34 16.77 -36.87
C ARG C 679 -13.88 15.37 -37.31
N GLY C 680 -12.55 15.13 -37.38
CA GLY C 680 -12.00 13.82 -37.70
C GLY C 680 -11.01 13.85 -38.83
N ASP C 681 -9.81 13.31 -38.57
CA ASP C 681 -8.76 13.35 -39.61
C ASP C 681 -9.19 12.70 -40.94
N VAL C 682 -9.88 11.57 -40.88
CA VAL C 682 -10.24 10.87 -42.12
C VAL C 682 -11.27 11.68 -42.88
N PHE C 683 -12.29 12.14 -42.16
CA PHE C 683 -13.33 12.93 -42.83
C PHE C 683 -12.74 14.17 -43.51
N LEU C 684 -11.85 14.85 -42.82
CA LEU C 684 -11.23 16.08 -43.36
C LEU C 684 -10.14 15.81 -44.42
N GLY C 685 -9.65 14.58 -44.47
CA GLY C 685 -8.48 14.24 -45.29
C GLY C 685 -7.24 14.98 -44.87
N LYS C 686 -7.12 15.27 -43.57
CA LYS C 686 -6.00 16.02 -43.05
C LYS C 686 -5.69 15.51 -41.65
N GLN C 687 -4.40 15.33 -41.33
CA GLN C 687 -4.02 14.94 -40.00
C GLN C 687 -3.83 16.20 -39.21
N GLU C 688 -4.87 16.61 -38.49
CA GLU C 688 -4.85 17.87 -37.79
C GLU C 688 -3.96 17.79 -36.56
N VAL C 689 -3.60 18.96 -36.05
CA VAL C 689 -2.92 19.07 -34.74
C VAL C 689 -3.60 18.11 -33.77
N THR C 690 -2.80 17.40 -33.01
CA THR C 690 -3.28 16.22 -32.31
C THR C 690 -4.21 16.50 -31.13
N ILE C 691 -5.01 15.49 -30.80
CA ILE C 691 -5.83 15.53 -29.61
C ILE C 691 -4.99 15.89 -28.38
N GLY C 692 -3.79 15.29 -28.31
CA GLY C 692 -2.88 15.48 -27.19
C GLY C 692 -2.43 16.91 -27.07
N SER C 693 -2.11 17.53 -28.22
CA SER C 693 -1.73 18.95 -28.23
C SER C 693 -2.84 19.81 -27.62
N ASN C 694 -4.09 19.47 -27.94
CA ASN C 694 -5.21 20.22 -27.44
C ASN C 694 -5.46 19.93 -25.95
N VAL C 695 -5.42 18.68 -25.56
CA VAL C 695 -5.55 18.40 -24.12
C VAL C 695 -4.45 19.11 -23.34
N SER C 696 -3.24 19.16 -23.91
CA SER C 696 -2.11 19.81 -23.23
C SER C 696 -2.41 21.29 -22.92
N LYS C 697 -3.12 21.98 -23.80
CA LYS C 697 -3.44 23.39 -23.60
C LYS C 697 -4.34 23.52 -22.36
N ILE C 698 -5.27 22.57 -22.16
CA ILE C 698 -6.17 22.62 -21.05
C ILE C 698 -5.38 22.32 -19.76
N TYR C 699 -4.56 21.26 -19.80
CA TYR C 699 -3.68 20.94 -18.66
C TYR C 699 -2.82 22.13 -18.24
N GLU C 700 -2.24 22.84 -19.19
CA GLU C 700 -1.39 23.97 -18.87
C GLU C 700 -2.17 25.10 -18.20
N ALA C 701 -3.42 25.29 -18.61
CA ALA C 701 -4.30 26.28 -17.99
C ALA C 701 -4.70 25.87 -16.57
N ILE C 702 -4.75 24.57 -16.30
CA ILE C 702 -4.99 24.10 -14.92
C ILE C 702 -3.75 24.35 -14.09
N LYS C 703 -2.60 23.91 -14.61
CA LYS C 703 -1.37 23.99 -13.83
C LYS C 703 -0.92 25.41 -13.53
N SER C 704 -1.13 26.31 -14.49
CA SER C 704 -0.76 27.72 -14.32
C SER C 704 -1.73 28.45 -13.38
N GLY C 705 -2.89 27.85 -13.15
CA GLY C 705 -3.94 28.52 -12.41
C GLY C 705 -4.84 29.45 -13.18
N ARG C 706 -4.63 29.54 -14.48
CA ARG C 706 -5.46 30.44 -15.31
C ARG C 706 -6.97 30.04 -15.16
N ILE C 707 -7.25 28.75 -15.02
CA ILE C 707 -8.63 28.28 -14.87
C ILE C 707 -9.28 28.68 -13.53
N ASN C 708 -8.48 29.07 -12.56
CA ASN C 708 -8.96 29.25 -11.19
C ASN C 708 -10.04 30.32 -11.09
N ASN C 709 -9.82 31.48 -11.70
CA ASN C 709 -10.83 32.53 -11.65
C ASN C 709 -12.08 32.16 -12.44
N VAL C 710 -11.90 31.31 -13.44
CA VAL C 710 -13.05 30.84 -14.22
C VAL C 710 -13.94 29.97 -13.31
N LEU C 711 -13.34 29.06 -12.53
CA LEU C 711 -14.11 28.22 -11.61
C LEU C 711 -14.83 29.08 -10.56
N LEU C 712 -14.11 30.05 -10.02
CA LEU C 712 -14.68 30.99 -9.07
C LEU C 712 -15.89 31.71 -9.66
N LYS C 713 -15.74 32.21 -10.88
CA LYS C 713 -16.83 32.92 -11.52
C LYS C 713 -18.09 32.08 -11.62
N MSE C 714 -17.90 30.84 -12.01
CA MSE C 714 -19.02 29.93 -12.21
C MSE C 714 -19.72 29.60 -10.91
O MSE C 714 -20.93 29.36 -10.90
CB MSE C 714 -18.49 28.63 -12.74
CG MSE C 714 -17.96 28.63 -14.09
SE MSE C 714 -16.90 26.89 -14.31
CE MSE C 714 -17.05 26.09 -12.56
N LEU C 715 -18.94 29.52 -9.83
CA LEU C 715 -19.45 28.98 -8.57
C LEU C 715 -19.74 30.00 -7.52
N ALA C 716 -19.32 31.25 -7.72
CA ALA C 716 -19.49 32.26 -6.68
C ALA C 716 -20.97 32.62 -6.57
N ALA D 26 -31.30 16.81 17.81
CA ALA D 26 -29.83 16.54 17.65
C ALA D 26 -29.04 17.50 18.55
N SER D 27 -28.05 16.98 19.27
CA SER D 27 -27.31 17.82 20.25
C SER D 27 -26.36 18.85 19.61
N THR D 28 -26.35 20.06 20.15
CA THR D 28 -25.41 21.10 19.74
C THR D 28 -24.22 21.15 20.71
N ASN D 29 -24.24 20.30 21.73
CA ASN D 29 -23.08 20.09 22.61
C ASN D 29 -22.00 19.32 21.86
N LEU D 30 -20.83 19.94 21.73
CA LEU D 30 -19.75 19.35 20.93
C LEU D 30 -19.21 18.05 21.54
N ALA D 31 -19.34 17.88 22.86
CA ALA D 31 -19.02 16.56 23.49
C ALA D 31 -19.89 15.43 22.93
N VAL D 32 -21.13 15.75 22.55
CA VAL D 32 -21.93 14.84 21.68
C VAL D 32 -21.41 14.87 20.24
N THR D 39 -10.65 22.81 17.30
CA THR D 39 -11.24 23.72 18.24
C THR D 39 -10.94 23.34 19.67
N THR D 40 -10.65 24.35 20.48
CA THR D 40 -10.38 24.15 21.89
C THR D 40 -11.69 23.96 22.68
N GLN D 41 -12.82 24.03 21.97
CA GLN D 41 -14.13 23.94 22.61
C GLN D 41 -14.59 22.50 22.84
N VAL D 42 -13.89 21.50 22.34
CA VAL D 42 -14.33 20.14 22.63
C VAL D 42 -13.31 19.09 22.41
N THR D 43 -13.04 18.33 23.46
CA THR D 43 -11.91 17.46 23.48
C THR D 43 -12.32 16.00 23.41
N GLN D 44 -11.35 15.16 23.09
CA GLN D 44 -11.59 13.72 23.12
C GLN D 44 -12.02 13.23 24.49
N VAL D 45 -11.42 13.74 25.55
CA VAL D 45 -11.92 13.34 26.88
C VAL D 45 -13.42 13.67 27.03
N ASP D 46 -13.84 14.87 26.62
CA ASP D 46 -15.24 15.27 26.71
C ASP D 46 -16.11 14.29 25.97
N ILE D 47 -15.69 13.96 24.76
CA ILE D 47 -16.43 13.00 23.93
C ILE D 47 -16.55 11.61 24.55
N VAL D 48 -15.44 11.13 25.06
CA VAL D 48 -15.38 9.87 25.76
C VAL D 48 -16.26 9.85 27.03
N GLU D 49 -16.17 10.91 27.84
CA GLU D 49 -17.01 11.03 29.03
C GLU D 49 -18.49 10.89 28.65
N LYS D 50 -18.90 11.58 27.60
CA LYS D 50 -20.30 11.53 27.17
C LYS D 50 -20.65 10.13 26.68
N MSE D 51 -19.79 9.51 25.89
CA MSE D 51 -20.05 8.11 25.43
C MSE D 51 -20.22 7.13 26.58
O MSE D 51 -21.14 6.33 26.59
CB MSE D 51 -18.93 7.59 24.50
CG MSE D 51 -18.96 8.21 23.19
SE MSE D 51 -17.91 7.06 21.97
CE MSE D 51 -19.41 5.97 21.23
N LEU D 52 -19.30 7.18 27.53
CA LEU D 52 -19.34 6.25 28.65
C LEU D 52 -20.54 6.50 29.57
N ALA D 53 -21.09 7.72 29.57
CA ALA D 53 -22.28 8.01 30.34
C ALA D 53 -23.59 7.53 29.70
N ALA D 54 -23.55 6.94 28.52
CA ALA D 54 -24.79 6.45 27.92
C ALA D 54 -25.45 5.43 28.84
N PRO D 55 -26.76 5.62 29.12
CA PRO D 55 -27.45 4.62 29.94
C PRO D 55 -27.36 3.26 29.29
N THR D 56 -27.40 2.19 30.10
CA THR D 56 -27.57 0.85 29.58
C THR D 56 -28.87 0.17 29.97
N ASP D 57 -29.56 0.67 30.99
CA ASP D 57 -30.77 0.03 31.50
C ASP D 57 -32.03 0.64 30.89
N SER D 58 -32.07 1.97 30.86
CA SER D 58 -33.25 2.68 30.40
C SER D 58 -33.39 2.60 28.88
N THR D 59 -34.63 2.58 28.44
CA THR D 59 -34.91 2.43 27.03
C THR D 59 -34.33 3.58 26.20
N LEU D 60 -33.63 3.21 25.14
CA LEU D 60 -33.21 4.16 24.11
C LEU D 60 -34.42 4.41 23.19
N GLU D 61 -34.90 5.65 23.19
CA GLU D 61 -36.04 6.00 22.37
C GLU D 61 -35.50 6.66 21.09
N LEU D 62 -35.83 6.06 19.96
CA LEU D 62 -35.36 6.54 18.66
C LEU D 62 -36.34 7.50 18.03
N ASP D 63 -35.86 8.70 17.71
CA ASP D 63 -36.73 9.76 17.16
C ASP D 63 -36.25 10.28 15.80
N GLY D 64 -35.16 9.70 15.27
CA GLY D 64 -34.57 10.08 13.97
C GLY D 64 -33.53 11.21 13.99
N TYR D 65 -33.28 11.80 15.15
CA TYR D 65 -32.41 12.96 15.29
C TYR D 65 -31.45 12.91 16.49
N SER D 66 -31.91 12.34 17.61
CA SER D 66 -31.24 12.43 18.91
C SER D 66 -30.13 11.39 19.13
N LEU D 67 -30.16 10.33 18.33
CA LEU D 67 -29.31 9.16 18.52
C LEU D 67 -27.86 9.56 18.45
N ASN D 68 -27.08 9.19 19.47
CA ASN D 68 -25.67 9.50 19.46
C ASN D 68 -24.82 8.24 19.48
N LEU D 69 -23.51 8.41 19.29
CA LEU D 69 -22.65 7.21 19.19
C LEU D 69 -22.61 6.36 20.48
N GLY D 70 -22.57 7.01 21.64
CA GLY D 70 -22.58 6.27 22.89
C GLY D 70 -23.85 5.42 22.97
N ASP D 71 -24.96 5.98 22.55
CA ASP D 71 -26.25 5.27 22.49
C ASP D 71 -26.14 4.05 21.61
N VAL D 72 -25.61 4.24 20.41
CA VAL D 72 -25.40 3.10 19.51
C VAL D 72 -24.58 2.00 20.16
N VAL D 73 -23.46 2.35 20.78
CA VAL D 73 -22.67 1.33 21.46
C VAL D 73 -23.44 0.61 22.62
N SER D 74 -24.22 1.38 23.36
CA SER D 74 -24.99 0.81 24.49
C SER D 74 -26.02 -0.25 23.99
N ALA D 75 -26.64 0.05 22.85
CA ALA D 75 -27.58 -0.88 22.26
C ALA D 75 -26.85 -2.07 21.64
N ALA D 76 -25.73 -1.81 20.96
CA ALA D 76 -25.04 -2.86 20.25
C ALA D 76 -24.40 -3.87 21.20
N ARG D 77 -23.76 -3.35 22.26
CA ARG D 77 -22.89 -4.15 23.15
C ARG D 77 -23.40 -4.40 24.51
N LYS D 78 -24.27 -3.52 25.03
CA LYS D 78 -24.65 -3.61 26.45
C LYS D 78 -26.09 -4.02 26.63
N GLY D 79 -26.76 -4.39 25.54
CA GLY D 79 -28.10 -4.96 25.64
C GLY D 79 -29.18 -3.96 25.99
N ARG D 80 -28.93 -2.67 25.75
CA ARG D 80 -29.91 -1.64 26.11
C ARG D 80 -31.21 -1.82 25.33
N PRO D 81 -32.38 -1.74 25.98
CA PRO D 81 -33.67 -1.79 25.26
C PRO D 81 -33.77 -0.63 24.29
N VAL D 82 -34.44 -0.87 23.16
CA VAL D 82 -34.57 0.12 22.11
C VAL D 82 -36.00 0.17 21.64
N ARG D 83 -36.53 1.37 21.41
CA ARG D 83 -37.88 1.49 20.85
C ARG D 83 -37.96 2.74 20.00
N VAL D 84 -38.88 2.75 19.04
CA VAL D 84 -39.28 3.99 18.38
C VAL D 84 -39.93 4.86 19.47
N LYS D 85 -39.56 6.13 19.52
CA LYS D 85 -40.09 7.03 20.51
C LYS D 85 -41.60 7.00 20.52
N ASP D 86 -42.20 6.98 21.71
CA ASP D 86 -43.63 6.88 21.89
C ASP D 86 -44.14 8.29 21.71
N SER D 87 -44.55 8.64 20.50
CA SER D 87 -45.12 9.95 20.24
C SER D 87 -45.99 9.96 18.99
N ASP D 88 -47.13 10.63 19.10
CA ASP D 88 -48.03 10.79 17.98
C ASP D 88 -47.34 11.47 16.80
N GLU D 89 -46.48 12.45 17.09
CA GLU D 89 -45.78 13.20 16.06
C GLU D 89 -44.90 12.27 15.21
N ILE D 90 -44.12 11.42 15.87
CA ILE D 90 -43.32 10.40 15.15
C ILE D 90 -44.23 9.41 14.39
N ARG D 91 -45.20 8.81 15.05
CA ARG D 91 -46.11 7.89 14.32
C ARG D 91 -46.78 8.51 13.12
N SER D 92 -47.24 9.75 13.27
CA SER D 92 -47.92 10.41 12.16
C SER D 92 -46.98 10.61 10.98
N LYS D 93 -45.75 11.02 11.26
CA LYS D 93 -44.73 11.24 10.26
C LYS D 93 -44.51 9.94 9.50
N ILE D 94 -44.32 8.85 10.24
CA ILE D 94 -44.14 7.54 9.61
C ILE D 94 -45.37 7.12 8.78
N ASP D 95 -46.55 7.17 9.38
CA ASP D 95 -47.79 6.74 8.73
C ASP D 95 -48.11 7.59 7.48
N LYS D 96 -47.89 8.91 7.55
CA LYS D 96 -48.12 9.79 6.39
C LYS D 96 -47.20 9.51 5.19
N SER D 97 -45.97 9.06 5.42
CA SER D 97 -45.11 8.71 4.29
C SER D 97 -45.61 7.46 3.60
N VAL D 98 -46.04 6.47 4.38
CA VAL D 98 -46.64 5.25 3.81
C VAL D 98 -47.88 5.60 3.00
N GLU D 99 -48.70 6.45 3.60
CA GLU D 99 -49.98 6.81 2.97
C GLU D 99 -49.75 7.61 1.71
N PHE D 100 -48.77 8.51 1.71
CA PHE D 100 -48.46 9.31 0.52
C PHE D 100 -48.18 8.37 -0.60
N LEU D 101 -47.35 7.38 -0.33
CA LEU D 101 -46.95 6.47 -1.36
C LEU D 101 -48.12 5.67 -1.86
N ARG D 102 -49.00 5.24 -0.95
CA ARG D 102 -50.21 4.49 -1.32
C ARG D 102 -51.20 5.36 -2.12
N SER D 103 -51.37 6.60 -1.68
CA SER D 103 -52.27 7.58 -2.33
C SER D 103 -51.59 8.27 -3.50
N THR D 124 -51.00 -5.31 -5.81
CA THR D 124 -50.70 -5.69 -4.42
C THR D 124 -49.82 -6.96 -4.32
N GLU D 125 -50.19 -8.01 -5.05
CA GLU D 125 -49.43 -9.27 -5.03
C GLU D 125 -48.09 -9.04 -5.70
N ASP D 126 -48.12 -8.28 -6.80
CA ASP D 126 -46.92 -7.97 -7.56
C ASP D 126 -45.92 -7.13 -6.76
N ALA D 127 -46.43 -6.25 -5.90
CA ALA D 127 -45.59 -5.45 -5.00
C ALA D 127 -44.92 -6.35 -4.00
N ILE D 128 -45.68 -7.30 -3.47
CA ILE D 128 -45.14 -8.29 -2.54
C ILE D 128 -44.07 -9.09 -3.25
N SER D 129 -44.34 -9.51 -4.48
CA SER D 129 -43.35 -10.29 -5.24
C SER D 129 -42.07 -9.50 -5.48
N LEU D 130 -42.22 -8.22 -5.81
CA LEU D 130 -41.07 -7.42 -6.10
C LEU D 130 -40.13 -7.34 -4.88
N GLN D 131 -40.69 -7.25 -3.67
CA GLN D 131 -39.80 -7.17 -2.49
C GLN D 131 -39.08 -8.51 -2.36
N LYS D 132 -39.78 -9.60 -2.66
CA LYS D 132 -39.15 -10.91 -2.58
C LYS D 132 -38.04 -11.07 -3.62
N ALA D 133 -38.21 -10.48 -4.82
CA ALA D 133 -37.13 -10.53 -5.83
C ALA D 133 -35.92 -9.71 -5.38
N LEU D 134 -36.18 -8.60 -4.69
CA LEU D 134 -35.09 -7.77 -4.14
C LEU D 134 -34.32 -8.58 -3.13
N LEU D 135 -35.01 -9.22 -2.20
CA LEU D 135 -34.25 -10.03 -1.23
C LEU D 135 -33.56 -11.22 -1.87
N GLU D 136 -34.23 -11.89 -2.82
CA GLU D 136 -33.70 -13.14 -3.32
C GLU D 136 -32.28 -12.96 -3.81
N HIS D 137 -32.03 -11.93 -4.64
CA HIS D 137 -30.70 -11.79 -5.24
C HIS D 137 -29.63 -11.27 -4.26
N GLN D 138 -30.03 -10.60 -3.17
CA GLN D 138 -29.10 -10.07 -2.24
C GLN D 138 -28.72 -11.06 -1.13
N LEU D 139 -29.48 -12.17 -1.01
CA LEU D 139 -29.15 -13.24 -0.06
C LEU D 139 -28.12 -14.16 -0.68
N CYS D 140 -26.92 -13.60 -0.92
CA CYS D 140 -25.96 -14.24 -1.82
C CYS D 140 -24.58 -14.39 -1.26
N GLY D 141 -24.46 -14.21 0.06
CA GLY D 141 -23.19 -14.29 0.73
C GLY D 141 -22.96 -15.68 1.34
N VAL D 142 -21.73 -15.87 1.81
CA VAL D 142 -21.30 -17.18 2.28
C VAL D 142 -21.32 -17.29 3.81
N LEU D 143 -21.93 -18.35 4.27
CA LEU D 143 -22.01 -18.71 5.68
C LEU D 143 -21.80 -20.23 5.78
N PRO D 144 -21.41 -20.72 6.98
CA PRO D 144 -21.33 -22.16 7.13
C PRO D 144 -22.64 -22.88 6.84
N SER D 145 -22.59 -23.96 6.09
CA SER D 145 -23.81 -24.65 5.70
C SER D 145 -24.38 -25.49 6.83
N SER D 146 -23.56 -25.93 7.77
CA SER D 146 -24.01 -26.81 8.86
C SER D 146 -23.16 -26.62 10.11
N PHE D 147 -23.70 -27.02 11.25
CA PHE D 147 -22.90 -27.07 12.47
C PHE D 147 -21.75 -28.08 12.41
N ASP D 148 -21.77 -28.98 11.41
CA ASP D 148 -20.74 -30.01 11.31
C ASP D 148 -19.34 -29.43 11.16
N SER D 149 -19.26 -28.19 10.66
CA SER D 149 -17.97 -27.52 10.38
C SER D 149 -17.44 -26.80 11.60
N PHE D 150 -18.30 -26.57 12.60
CA PHE D 150 -17.87 -25.84 13.78
C PHE D 150 -16.91 -26.70 14.55
N ARG D 151 -16.05 -26.03 15.28
CA ARG D 151 -15.03 -26.66 16.11
C ARG D 151 -14.83 -25.78 17.31
N LEU D 152 -14.14 -26.30 18.32
CA LEU D 152 -13.94 -25.55 19.54
C LEU D 152 -13.29 -24.21 19.22
N GLY D 153 -13.92 -23.12 19.67
CA GLY D 153 -13.35 -21.83 19.40
C GLY D 153 -13.43 -21.24 17.98
N ARG D 154 -14.16 -21.91 17.11
CA ARG D 154 -14.18 -21.59 15.70
C ARG D 154 -15.56 -21.83 15.13
N GLY D 155 -15.82 -21.28 13.94
CA GLY D 155 -17.01 -21.67 13.19
C GLY D 155 -17.77 -20.53 12.53
N LEU D 156 -17.75 -19.36 13.17
CA LEU D 156 -18.58 -18.23 12.74
C LEU D 156 -17.76 -17.09 12.12
N GLU D 157 -16.52 -17.43 11.73
CA GLU D 157 -15.62 -16.45 11.09
C GLU D 157 -16.17 -15.80 9.84
N ASN D 158 -17.01 -16.49 9.11
CA ASN D 158 -17.66 -15.91 7.93
C ASN D 158 -18.94 -15.16 8.17
N SER D 159 -19.24 -14.86 9.45
CA SER D 159 -20.41 -14.03 9.78
C SER D 159 -20.00 -12.74 10.48
N LEU D 160 -20.87 -11.71 10.36
CA LEU D 160 -20.60 -10.43 11.01
C LEU D 160 -20.73 -10.60 12.50
N PRO D 161 -19.85 -9.94 13.26
CA PRO D 161 -20.10 -9.96 14.71
C PRO D 161 -21.53 -9.53 15.11
N LEU D 162 -22.06 -10.20 16.13
CA LEU D 162 -23.38 -9.94 16.66
C LEU D 162 -23.57 -8.50 17.07
N GLU D 163 -22.55 -7.91 17.68
CA GLU D 163 -22.70 -6.49 18.08
C GLU D 163 -22.88 -5.58 16.87
N VAL D 164 -22.18 -5.89 15.77
CA VAL D 164 -22.34 -5.07 14.55
C VAL D 164 -23.77 -5.13 14.07
N VAL D 165 -24.32 -6.33 14.04
CA VAL D 165 -25.67 -6.54 13.54
C VAL D 165 -26.69 -5.83 14.44
N ARG D 166 -26.53 -5.91 15.76
CA ARG D 166 -27.41 -5.13 16.67
C ARG D 166 -27.31 -3.62 16.43
N GLY D 167 -26.10 -3.11 16.30
CA GLY D 167 -25.88 -1.68 16.04
C GLY D 167 -26.56 -1.30 14.74
N ALA D 168 -26.49 -2.18 13.76
CA ALA D 168 -27.09 -1.91 12.44
C ALA D 168 -28.60 -1.82 12.50
N MSE D 169 -29.18 -2.74 13.26
CA MSE D 169 -30.65 -2.74 13.44
C MSE D 169 -31.09 -1.44 14.12
O MSE D 169 -32.10 -0.87 13.74
CB MSE D 169 -31.15 -4.00 14.18
CG MSE D 169 -30.97 -5.20 13.33
SE MSE D 169 -31.90 -6.78 14.02
CE MSE D 169 -30.76 -7.04 15.62
N THR D 170 -30.31 -0.99 15.10
CA THR D 170 -30.62 0.20 15.85
C THR D 170 -30.58 1.43 14.91
N ILE D 171 -29.48 1.55 14.14
CA ILE D 171 -29.34 2.66 13.20
C ILE D 171 -30.40 2.60 12.12
N ARG D 172 -30.67 1.41 11.62
CA ARG D 172 -31.66 1.24 10.56
C ARG D 172 -33.01 1.78 11.02
N VAL D 173 -33.44 1.43 12.22
CA VAL D 173 -34.71 1.88 12.73
C VAL D 173 -34.72 3.39 12.86
N ASN D 174 -33.67 3.94 13.45
CA ASN D 174 -33.57 5.39 13.58
C ASN D 174 -33.73 6.11 12.28
N SER D 175 -33.04 5.63 11.25
CA SER D 175 -33.01 6.26 9.93
C SER D 175 -34.39 6.20 9.25
N LEU D 176 -35.24 5.27 9.68
CA LEU D 176 -36.56 5.10 9.08
C LEU D 176 -37.65 5.82 9.89
N THR D 177 -37.34 6.29 11.09
CA THR D 177 -38.32 7.05 11.88
C THR D 177 -38.46 8.48 11.39
N ARG D 178 -37.58 8.85 10.46
CA ARG D 178 -37.53 10.23 9.98
C ARG D 178 -38.65 10.62 9.02
N GLY D 179 -39.44 9.65 8.57
CA GLY D 179 -40.61 9.90 7.76
C GLY D 179 -40.35 10.16 6.29
N HIS D 180 -39.17 9.78 5.82
CA HIS D 180 -38.76 10.01 4.44
C HIS D 180 -38.77 8.75 3.58
N SER D 181 -39.17 7.63 4.17
CA SER D 181 -38.90 6.31 3.60
C SER D 181 -40.10 5.40 3.31
N ALA D 182 -41.26 5.70 3.89
CA ALA D 182 -42.50 4.91 3.63
C ALA D 182 -42.39 3.46 4.06
N VAL D 183 -41.66 3.22 5.15
CA VAL D 183 -41.66 1.93 5.80
C VAL D 183 -42.56 1.97 7.04
N ARG D 184 -43.46 1.00 7.14
CA ARG D 184 -44.44 1.04 8.21
C ARG D 184 -43.84 0.87 9.63
N LEU D 185 -44.51 1.48 10.59
CA LEU D 185 -44.12 1.34 11.97
C LEU D 185 -44.03 -0.13 12.39
N VAL D 186 -44.95 -0.95 11.93
CA VAL D 186 -44.89 -2.37 12.33
C VAL D 186 -43.58 -3.06 11.91
N VAL D 187 -42.99 -2.59 10.82
CA VAL D 187 -41.70 -3.13 10.34
C VAL D 187 -40.56 -2.65 11.22
N LEU D 188 -40.61 -1.38 11.60
CA LEU D 188 -39.61 -0.86 12.54
C LEU D 188 -39.72 -1.59 13.88
N GLU D 189 -40.93 -1.86 14.33
CA GLU D 189 -41.14 -2.59 15.58
C GLU D 189 -40.70 -4.06 15.48
N ALA D 190 -40.73 -4.63 14.30
CA ALA D 190 -40.15 -5.97 14.13
C ALA D 190 -38.65 -5.98 14.44
N LEU D 191 -37.94 -4.93 14.02
CA LEU D 191 -36.51 -4.78 14.32
C LEU D 191 -36.28 -4.50 15.82
N THR D 192 -37.05 -3.57 16.42
CA THR D 192 -36.84 -3.31 17.85
C THR D 192 -37.17 -4.55 18.68
N ASN D 193 -38.19 -5.30 18.25
CA ASN D 193 -38.52 -6.55 18.93
C ASN D 193 -37.36 -7.56 18.83
N PHE D 194 -36.70 -7.64 17.67
CA PHE D 194 -35.51 -8.52 17.58
C PHE D 194 -34.40 -8.06 18.55
N LEU D 195 -34.17 -6.76 18.60
CA LEU D 195 -33.19 -6.19 19.50
C LEU D 195 -33.53 -6.54 20.94
N ASN D 196 -34.79 -6.31 21.28
CA ASN D 196 -35.20 -6.41 22.69
C ASN D 196 -35.35 -7.85 23.18
N HIS D 197 -35.47 -8.79 22.26
CA HIS D 197 -35.42 -10.22 22.59
C HIS D 197 -34.09 -10.91 22.32
N GLY D 198 -33.07 -10.12 21.94
CA GLY D 198 -31.74 -10.63 21.68
C GLY D 198 -31.70 -11.62 20.54
N ILE D 199 -32.57 -11.40 19.54
CA ILE D 199 -32.58 -12.14 18.28
C ILE D 199 -31.68 -11.40 17.28
N THR D 200 -30.58 -11.99 16.89
CA THR D 200 -29.59 -11.30 16.01
C THR D 200 -29.41 -12.10 14.73
N PRO D 201 -29.80 -11.53 13.58
CA PRO D 201 -29.54 -12.23 12.32
C PRO D 201 -28.09 -12.66 12.09
N ILE D 202 -27.95 -13.86 11.54
CA ILE D 202 -26.66 -14.37 11.09
C ILE D 202 -26.48 -13.83 9.67
N VAL D 203 -25.43 -13.03 9.48
CA VAL D 203 -25.25 -12.23 8.27
C VAL D 203 -23.85 -12.51 7.76
N PRO D 204 -23.71 -12.78 6.48
CA PRO D 204 -22.33 -13.00 6.00
C PRO D 204 -21.41 -11.79 6.30
N LEU D 205 -20.14 -12.08 6.56
CA LEU D 205 -19.10 -11.05 6.77
C LEU D 205 -18.81 -10.19 5.52
N ARG D 206 -18.77 -10.87 4.38
CA ARG D 206 -18.38 -10.29 3.12
C ARG D 206 -19.45 -10.35 2.04
N GLY D 207 -19.33 -9.41 1.09
CA GLY D 207 -20.22 -9.36 -0.08
C GLY D 207 -20.68 -7.98 -0.42
N THR D 208 -20.62 -7.06 0.54
CA THR D 208 -21.06 -5.69 0.24
C THR D 208 -19.91 -4.80 -0.17
N ILE D 209 -20.26 -3.90 -1.07
CA ILE D 209 -19.42 -2.78 -1.47
C ILE D 209 -19.87 -1.45 -0.80
N SER D 210 -20.94 -1.49 0.01
CA SER D 210 -21.35 -0.34 0.79
C SER D 210 -21.77 0.83 -0.08
N ALA D 211 -22.51 0.54 -1.14
CA ALA D 211 -23.21 1.56 -1.96
C ALA D 211 -24.67 1.22 -2.06
N SER D 212 -25.47 1.13 -3.12
CA SER D 212 -26.85 1.17 -2.67
C SER D 212 -26.76 0.81 -1.19
N GLY D 213 -25.51 0.96 -0.75
CA GLY D 213 -25.09 0.83 0.60
C GLY D 213 -24.84 -0.63 0.88
N ASP D 214 -25.10 -0.97 2.11
CA ASP D 214 -24.82 -2.30 2.66
C ASP D 214 -25.93 -3.32 2.29
N LEU D 215 -26.19 -3.44 0.99
CA LEU D 215 -27.34 -4.16 0.46
C LEU D 215 -27.44 -5.55 0.97
N SER D 216 -26.38 -6.31 0.77
CA SER D 216 -26.47 -7.73 1.10
C SER D 216 -26.74 -7.94 2.58
N PRO D 217 -25.89 -7.39 3.46
CA PRO D 217 -26.16 -7.67 4.87
C PRO D 217 -27.50 -7.11 5.38
N LEU D 218 -27.94 -5.96 4.85
CA LEU D 218 -29.26 -5.43 5.21
C LEU D 218 -30.38 -6.35 4.73
N SER D 219 -30.17 -7.03 3.59
CA SER D 219 -31.16 -7.94 3.05
C SER D 219 -31.31 -9.17 3.97
N TYR D 220 -30.20 -9.60 4.59
CA TYR D 220 -30.29 -10.67 5.61
C TYR D 220 -31.15 -10.27 6.79
N ILE D 221 -31.00 -9.04 7.23
CA ILE D 221 -31.79 -8.51 8.34
C ILE D 221 -33.26 -8.47 7.92
N ALA D 222 -33.52 -7.92 6.74
CA ALA D 222 -34.89 -7.89 6.19
C ALA D 222 -35.52 -9.27 6.01
N ALA D 223 -34.75 -10.23 5.55
CA ALA D 223 -35.24 -11.58 5.34
C ALA D 223 -35.56 -12.23 6.67
N ALA D 224 -34.78 -11.88 7.68
CA ALA D 224 -35.03 -12.46 9.02
C ALA D 224 -36.33 -11.97 9.60
N ILE D 225 -36.57 -10.66 9.58
CA ILE D 225 -37.85 -10.19 10.20
C ILE D 225 -39.07 -10.56 9.39
N SER D 226 -38.83 -10.90 8.11
CA SER D 226 -39.90 -11.38 7.22
C SER D 226 -40.05 -12.93 7.17
N GLY D 227 -39.27 -13.61 7.96
CA GLY D 227 -39.37 -15.04 8.12
C GLY D 227 -39.06 -15.79 6.85
N HIS D 228 -38.04 -15.34 6.14
CA HIS D 228 -37.61 -16.08 4.97
C HIS D 228 -37.28 -17.50 5.42
N PRO D 229 -37.67 -18.52 4.62
CA PRO D 229 -37.43 -19.91 5.08
C PRO D 229 -35.97 -20.35 5.24
N ASP D 230 -35.03 -19.59 4.68
CA ASP D 230 -33.61 -19.91 4.80
C ASP D 230 -32.86 -18.85 5.57
N SER D 231 -33.58 -18.03 6.35
CA SER D 231 -32.96 -17.08 7.23
C SER D 231 -32.62 -17.73 8.58
N LYS D 232 -31.37 -17.53 9.03
CA LYS D 232 -30.96 -17.98 10.37
C LYS D 232 -30.68 -16.80 11.28
N VAL D 233 -30.95 -17.02 12.57
CA VAL D 233 -30.71 -16.03 13.58
C VAL D 233 -30.10 -16.71 14.82
N HIS D 234 -29.34 -15.93 15.57
CA HIS D 234 -28.75 -16.30 16.84
C HIS D 234 -29.64 -15.77 17.97
N VAL D 235 -29.82 -16.59 19.00
CA VAL D 235 -30.57 -16.15 20.15
C VAL D 235 -29.98 -16.87 21.35
N VAL D 236 -30.22 -16.33 22.54
CA VAL D 236 -29.93 -17.04 23.74
C VAL D 236 -31.30 -17.47 24.26
N HIS D 237 -31.43 -18.76 24.51
CA HIS D 237 -32.69 -19.32 24.92
C HIS D 237 -32.41 -20.52 25.82
N GLU D 238 -33.16 -20.62 26.93
CA GLU D 238 -32.92 -21.70 27.91
C GLU D 238 -31.47 -21.73 28.30
N GLY D 239 -30.91 -20.56 28.50
CA GLY D 239 -29.56 -20.45 28.97
C GLY D 239 -28.44 -20.81 28.00
N LYS D 240 -28.70 -20.99 26.71
CA LYS D 240 -27.60 -21.24 25.81
C LYS D 240 -27.80 -20.60 24.44
N GLU D 241 -26.69 -20.35 23.79
CA GLU D 241 -26.70 -19.79 22.46
C GLU D 241 -27.22 -20.80 21.43
N LYS D 242 -28.16 -20.40 20.58
CA LYS D 242 -28.66 -21.29 19.54
C LYS D 242 -28.68 -20.47 18.25
N ILE D 243 -28.53 -21.18 17.14
CA ILE D 243 -28.80 -20.61 15.83
C ILE D 243 -29.98 -21.40 15.28
N LEU D 244 -31.03 -20.68 14.94
CA LEU D 244 -32.29 -21.26 14.51
C LEU D 244 -32.75 -20.58 13.26
N TYR D 245 -33.70 -21.19 12.58
CA TYR D 245 -34.36 -20.47 11.50
C TYR D 245 -35.16 -19.31 12.09
N ALA D 246 -35.32 -18.25 11.33
CA ALA D 246 -35.98 -17.03 11.85
C ALA D 246 -37.38 -17.35 12.39
N ARG D 247 -38.18 -18.10 11.63
CA ARG D 247 -39.55 -18.39 12.10
C ARG D 247 -39.54 -19.20 13.41
N GLU D 248 -38.58 -20.11 13.55
CA GLU D 248 -38.44 -20.89 14.82
C GLU D 248 -38.18 -19.99 15.99
N ALA D 249 -37.24 -19.08 15.79
CA ALA D 249 -36.85 -18.14 16.79
C ALA D 249 -38.03 -17.22 17.14
N MSE D 250 -38.72 -16.71 16.13
CA MSE D 250 -39.84 -15.80 16.37
C MSE D 250 -40.90 -16.52 17.20
O MSE D 250 -41.49 -15.92 18.11
CB MSE D 250 -40.43 -15.29 15.05
CG MSE D 250 -39.47 -14.17 14.44
CG MSE D 250 -39.69 -14.29 14.27
SE MSE D 250 -40.11 -13.04 12.95
SE MSE D 250 -40.87 -14.20 12.71
CE MSE D 250 -40.67 -14.61 11.80
CE MSE D 250 -39.54 -14.18 11.36
N ALA D 251 -41.15 -17.81 16.93
CA ALA D 251 -42.13 -18.57 17.69
C ALA D 251 -41.74 -18.66 19.15
N LEU D 252 -40.45 -18.73 19.41
CA LEU D 252 -39.97 -18.83 20.77
C LEU D 252 -40.22 -17.56 21.57
N PHE D 253 -40.38 -16.41 20.90
CA PHE D 253 -40.66 -15.18 21.59
C PHE D 253 -41.99 -14.55 21.24
N ASN D 254 -42.83 -15.31 20.55
CA ASN D 254 -44.18 -14.86 20.16
C ASN D 254 -44.15 -13.62 19.30
N LEU D 255 -43.27 -13.63 18.29
CA LEU D 255 -43.23 -12.57 17.31
C LEU D 255 -43.77 -13.09 15.98
N GLU D 256 -44.37 -12.20 15.21
CA GLU D 256 -44.90 -12.51 13.89
C GLU D 256 -44.06 -11.92 12.81
N PRO D 257 -43.91 -12.66 11.71
CA PRO D 257 -43.18 -12.05 10.62
C PRO D 257 -43.98 -10.97 9.97
N VAL D 258 -43.26 -9.98 9.46
CA VAL D 258 -43.85 -8.98 8.57
C VAL D 258 -43.80 -9.45 7.12
N VAL D 259 -44.79 -9.00 6.35
CA VAL D 259 -44.78 -9.17 4.90
C VAL D 259 -44.46 -7.79 4.29
N LEU D 260 -43.37 -7.71 3.52
CA LEU D 260 -42.89 -6.44 2.97
C LEU D 260 -43.79 -5.95 1.85
N GLY D 261 -44.18 -4.68 1.97
CA GLY D 261 -45.02 -4.03 0.96
C GLY D 261 -44.23 -3.05 0.12
N PRO D 262 -44.96 -2.24 -0.65
CA PRO D 262 -44.28 -1.38 -1.58
C PRO D 262 -43.24 -0.50 -0.89
N LYS D 263 -42.07 -0.39 -1.54
CA LYS D 263 -40.95 0.42 -1.03
C LYS D 263 -40.27 -0.16 0.20
N GLU D 264 -40.83 -1.18 0.86
CA GLU D 264 -40.23 -1.64 2.10
C GLU D 264 -38.99 -2.50 1.90
N GLY D 265 -38.90 -3.16 0.75
CA GLY D 265 -37.65 -3.85 0.43
C GLY D 265 -36.49 -2.85 0.32
N LEU D 266 -36.62 -1.83 -0.56
CA LEU D 266 -35.57 -0.81 -0.66
C LEU D 266 -35.41 0.00 0.62
N GLY D 267 -36.52 0.24 1.30
CA GLY D 267 -36.45 1.01 2.55
C GLY D 267 -35.62 0.31 3.61
N LEU D 268 -35.65 -1.02 3.58
CA LEU D 268 -34.87 -1.82 4.53
C LEU D 268 -33.44 -2.11 4.07
N VAL D 269 -33.24 -2.33 2.77
CA VAL D 269 -31.99 -2.87 2.29
C VAL D 269 -31.03 -1.82 1.74
N ASN D 270 -31.56 -0.70 1.28
CA ASN D 270 -30.73 0.43 0.80
C ASN D 270 -30.31 1.23 2.02
N GLY D 271 -29.01 1.48 2.14
CA GLY D 271 -28.55 2.36 3.22
C GLY D 271 -27.24 1.95 3.82
N THR D 272 -26.85 2.67 4.88
CA THR D 272 -25.48 2.56 5.40
C THR D 272 -25.35 2.05 6.83
N ALA D 273 -26.44 1.45 7.35
CA ALA D 273 -26.48 1.10 8.77
C ALA D 273 -25.44 0.11 9.23
N VAL D 274 -25.03 -0.82 8.35
CA VAL D 274 -24.12 -1.89 8.79
C VAL D 274 -22.72 -1.35 8.92
N SER D 275 -22.28 -0.64 7.90
CA SER D 275 -20.98 0.03 7.91
C SER D 275 -20.95 1.12 9.01
N ALA D 276 -22.03 1.87 9.16
CA ALA D 276 -22.05 2.91 10.20
C ALA D 276 -21.98 2.30 11.60
N SER D 277 -22.57 1.11 11.78
CA SER D 277 -22.53 0.45 13.06
C SER D 277 -21.12 0.01 13.40
N MSE D 278 -20.53 -0.72 12.48
CA MSE D 278 -19.18 -1.19 12.68
C MSE D 278 -18.20 -0.07 12.88
O MSE D 278 -17.29 -0.14 13.74
CB MSE D 278 -18.71 -2.10 11.56
CG MSE D 278 -17.48 -2.85 12.01
SE MSE D 278 -17.17 -4.47 10.92
CE MSE D 278 -18.80 -5.38 10.85
N ALA D 279 -18.33 0.98 12.07
CA ALA D 279 -17.51 2.14 12.24
C ALA D 279 -17.70 2.85 13.58
N THR D 280 -18.93 2.89 14.07
CA THR D 280 -19.17 3.55 15.35
C THR D 280 -18.42 2.79 16.49
N LEU D 281 -18.53 1.48 16.45
CA LEU D 281 -17.88 0.61 17.43
C LEU D 281 -16.38 0.79 17.32
N ALA D 282 -15.86 0.81 16.10
CA ALA D 282 -14.42 0.99 15.86
C ALA D 282 -13.95 2.35 16.38
N LEU D 283 -14.73 3.42 16.11
CA LEU D 283 -14.33 4.74 16.57
C LEU D 283 -14.34 4.82 18.09
N HIS D 284 -15.41 4.30 18.73
CA HIS D 284 -15.49 4.21 20.17
C HIS D 284 -14.20 3.58 20.72
N ASP D 285 -13.80 2.46 20.18
CA ASP D 285 -12.63 1.75 20.70
C ASP D 285 -11.34 2.54 20.41
N ALA D 286 -11.27 3.19 19.24
CA ALA D 286 -10.09 3.99 18.85
C ALA D 286 -9.93 5.18 19.80
N HIS D 287 -11.05 5.76 20.23
CA HIS D 287 -10.92 6.86 21.20
C HIS D 287 -10.22 6.39 22.49
N MSE D 288 -10.61 5.19 22.96
CA MSE D 288 -10.03 4.68 24.23
C MSE D 288 -8.53 4.44 24.05
O MSE D 288 -7.72 4.72 24.95
CB MSE D 288 -10.77 3.40 24.64
CG MSE D 288 -12.25 3.54 24.68
SE MSE D 288 -12.89 5.02 25.80
CE MSE D 288 -14.76 5.00 24.97
N LEU D 289 -8.17 3.83 22.93
CA LEU D 289 -6.74 3.55 22.63
C LEU D 289 -5.93 4.83 22.52
N SER D 290 -6.53 5.87 21.97
CA SER D 290 -5.90 7.17 21.92
C SER D 290 -5.57 7.64 23.35
N LEU D 291 -6.55 7.61 24.24
CA LEU D 291 -6.33 8.04 25.63
C LEU D 291 -5.32 7.14 26.36
N LEU D 292 -5.39 5.83 26.08
CA LEU D 292 -4.45 4.92 26.71
C LEU D 292 -3.01 5.22 26.22
N SER D 293 -2.86 5.55 24.94
CA SER D 293 -1.55 5.97 24.43
C SER D 293 -0.95 7.14 25.20
N GLN D 294 -1.76 8.12 25.48
CA GLN D 294 -1.37 9.29 26.27
C GLN D 294 -0.97 8.93 27.69
N SER D 295 -1.76 8.07 28.33
CA SER D 295 -1.46 7.55 29.68
C SER D 295 -0.13 6.80 29.68
N LEU D 296 0.11 5.98 28.65
CA LEU D 296 1.35 5.23 28.52
C LEU D 296 2.51 6.19 28.28
N THR D 297 2.27 7.25 27.52
CA THR D 297 3.31 8.24 27.35
C THR D 297 3.72 8.81 28.71
N ALA D 298 2.73 9.23 29.49
CA ALA D 298 3.05 9.81 30.81
C ALA D 298 3.83 8.81 31.70
N MSE D 299 3.33 7.56 31.76
CA MSE D 299 3.98 6.52 32.60
C MSE D 299 5.38 6.21 32.11
O MSE D 299 6.26 5.86 32.90
CB MSE D 299 3.10 5.31 32.71
CG MSE D 299 1.85 5.70 33.46
SE MSE D 299 0.68 4.15 33.76
CE MSE D 299 1.25 3.59 35.60
N THR D 300 5.60 6.31 30.80
CA THR D 300 6.94 6.05 30.25
C THR D 300 7.88 7.20 30.63
N VAL D 301 7.40 8.45 30.60
CA VAL D 301 8.19 9.57 31.10
C VAL D 301 8.60 9.28 32.56
N GLU D 302 7.64 8.78 33.36
CA GLU D 302 7.98 8.46 34.73
C GLU D 302 9.05 7.35 34.85
N ALA D 303 8.87 6.26 34.13
CA ALA D 303 9.84 5.16 34.16
C ALA D 303 11.22 5.56 33.72
N MSE D 304 11.28 6.46 32.76
CA MSE D 304 12.54 6.91 32.17
C MSE D 304 13.10 8.10 32.92
O MSE D 304 14.12 8.62 32.52
CB MSE D 304 12.25 7.36 30.75
CG MSE D 304 11.82 6.23 29.87
SE MSE D 304 13.41 5.19 29.29
CE MSE D 304 14.24 6.47 28.04
N VAL D 305 12.46 8.50 34.05
CA VAL D 305 12.81 9.71 34.81
C VAL D 305 13.11 10.86 33.82
N GLY D 306 12.16 10.99 32.89
CA GLY D 306 12.23 11.97 31.84
C GLY D 306 11.60 13.28 32.26
N HIS D 307 11.41 14.13 31.25
CA HIS D 307 11.09 15.52 31.46
C HIS D 307 9.62 15.81 31.28
N ALA D 308 8.99 16.25 32.34
CA ALA D 308 7.62 16.73 32.23
C ALA D 308 7.56 18.03 31.41
N GLY D 309 8.68 18.73 31.31
CA GLY D 309 8.76 20.02 30.62
C GLY D 309 8.35 19.98 29.17
N SER D 310 8.41 18.79 28.55
CA SER D 310 7.94 18.64 27.15
C SER D 310 6.50 19.06 26.98
N PHE D 311 5.72 19.05 28.07
CA PHE D 311 4.28 19.24 28.01
C PHE D 311 3.85 20.60 28.58
N HIS D 312 4.81 21.52 28.74
CA HIS D 312 4.55 22.82 29.33
C HIS D 312 3.75 23.67 28.34
N PRO D 313 2.76 24.45 28.85
CA PRO D 313 1.89 25.21 27.91
C PRO D 313 2.61 26.14 26.98
N PHE D 314 3.78 26.63 27.39
CA PHE D 314 4.50 27.54 26.52
C PHE D 314 4.77 26.83 25.19
N LEU D 315 5.04 25.52 25.28
CA LEU D 315 5.42 24.69 24.11
C LEU D 315 4.34 24.32 23.14
N HIS D 316 3.11 24.63 23.53
CA HIS D 316 1.91 24.23 22.79
C HIS D 316 0.94 25.40 22.67
N ASP D 317 0.25 25.72 23.76
CA ASP D 317 -0.72 26.82 23.78
C ASP D 317 -0.15 28.14 23.22
N VAL D 318 1.06 28.50 23.63
CA VAL D 318 1.65 29.75 23.21
C VAL D 318 2.30 29.65 21.83
N THR D 319 3.15 28.66 21.62
CA THR D 319 4.06 28.69 20.48
C THR D 319 3.53 27.99 19.21
N ARG D 320 2.70 26.96 19.36
CA ARG D 320 2.16 26.22 18.22
C ARG D 320 0.76 25.71 18.50
N PRO D 321 -0.23 26.61 18.40
CA PRO D 321 -1.53 26.36 18.99
C PRO D 321 -2.51 25.54 18.15
N HIS D 322 -2.06 24.39 17.71
CA HIS D 322 -2.97 23.45 17.11
C HIS D 322 -3.87 22.93 18.26
N PRO D 323 -5.19 23.09 18.12
CA PRO D 323 -6.01 22.77 19.28
C PRO D 323 -5.76 21.39 19.88
N THR D 324 -5.62 20.36 19.06
CA THR D 324 -5.43 19.00 19.60
C THR D 324 -4.04 18.73 20.12
N GLN D 325 -3.06 19.50 19.64
CA GLN D 325 -1.71 19.42 20.24
C GLN D 325 -1.78 19.95 21.68
N ILE D 326 -2.39 21.12 21.84
CA ILE D 326 -2.68 21.68 23.15
C ILE D 326 -3.43 20.65 24.04
N GLU D 327 -4.42 19.98 23.49
CA GLU D 327 -5.20 18.99 24.21
C GLU D 327 -4.32 17.86 24.74
N VAL D 328 -3.52 17.30 23.85
CA VAL D 328 -2.72 16.12 24.18
C VAL D 328 -1.67 16.55 25.21
N ALA D 329 -1.00 17.67 24.96
CA ALA D 329 -0.01 18.15 25.92
C ALA D 329 -0.66 18.34 27.29
N GLY D 330 -1.87 18.88 27.29
CA GLY D 330 -2.57 19.17 28.54
C GLY D 330 -2.93 17.91 29.30
N ASN D 331 -3.38 16.87 28.59
CA ASN D 331 -3.68 15.58 29.21
C ASN D 331 -2.44 14.99 29.89
N ILE D 332 -1.33 15.00 29.17
CA ILE D 332 -0.12 14.42 29.69
C ILE D 332 0.43 15.22 30.87
N ARG D 333 0.43 16.54 30.72
CA ARG D 333 0.82 17.45 31.79
C ARG D 333 0.00 17.15 33.06
N LYS D 334 -1.30 16.96 32.89
CA LYS D 334 -2.20 16.70 34.04
C LYS D 334 -1.79 15.38 34.67
N LEU D 335 -1.53 14.37 33.84
CA LEU D 335 -1.13 13.06 34.38
C LEU D 335 0.18 13.09 35.13
N LEU D 336 1.14 13.93 34.72
CA LEU D 336 2.46 13.98 35.35
C LEU D 336 2.52 14.85 36.58
N GLU D 337 1.52 15.67 36.80
CA GLU D 337 1.51 16.56 37.99
C GLU D 337 1.67 15.72 39.22
N GLY D 338 2.56 16.12 40.10
CA GLY D 338 2.76 15.37 41.33
C GLY D 338 3.63 14.14 41.22
N SER D 339 4.14 13.82 40.04
CA SER D 339 5.04 12.67 39.93
C SER D 339 6.36 13.03 40.60
N ARG D 340 6.93 12.09 41.33
CA ARG D 340 8.30 12.22 41.80
C ARG D 340 9.27 11.39 40.97
N PHE D 341 8.79 10.74 39.91
CA PHE D 341 9.65 10.10 38.94
C PHE D 341 10.02 11.10 37.83
N ALA D 342 9.00 11.72 37.23
CA ALA D 342 9.28 12.73 36.18
C ALA D 342 9.93 13.98 36.76
N VAL D 343 10.81 14.60 35.98
CA VAL D 343 11.44 15.87 36.37
C VAL D 343 10.59 17.05 35.91
N HIS D 344 10.34 17.97 36.81
CA HIS D 344 9.45 19.10 36.51
C HIS D 344 10.17 20.39 36.08
N HIS D 345 9.67 21.03 35.01
CA HIS D 345 10.30 22.26 34.49
C HIS D 345 10.51 23.28 35.64
N GLU D 346 9.49 23.46 36.48
CA GLU D 346 9.54 24.51 37.52
C GLU D 346 10.52 24.16 38.64
N GLU D 347 10.97 22.91 38.69
CA GLU D 347 12.07 22.55 39.59
C GLU D 347 13.42 22.62 38.91
N GLU D 348 13.49 22.20 37.64
CA GLU D 348 14.75 22.21 36.89
C GLU D 348 15.38 23.58 36.81
N VAL D 349 14.55 24.57 36.56
CA VAL D 349 15.02 25.94 36.45
C VAL D 349 15.52 26.45 37.80
N ASP D 354 31.76 18.17 25.97
CA ASP D 354 32.90 17.37 25.52
C ASP D 354 32.79 15.89 25.93
N GLU D 355 31.55 15.42 26.10
CA GLU D 355 31.24 14.00 26.39
C GLU D 355 30.01 13.43 25.63
N GLY D 356 29.40 14.24 24.77
CA GLY D 356 28.28 13.80 23.92
C GLY D 356 27.09 13.21 24.65
N ILE D 357 26.81 13.70 25.86
CA ILE D 357 25.73 13.18 26.71
C ILE D 357 24.33 13.57 26.17
N LEU D 358 23.36 12.68 26.37
CA LEU D 358 21.95 12.98 26.10
C LEU D 358 21.31 13.53 27.39
N ARG D 359 20.87 14.79 27.31
CA ARG D 359 20.22 15.50 28.42
C ARG D 359 18.73 15.64 28.13
N GLN D 360 18.37 15.74 26.86
N GLN D 360 18.40 15.85 26.85
CA GLN D 360 16.97 15.90 26.55
CA GLN D 360 17.02 15.94 26.39
C GLN D 360 16.37 14.57 26.11
C GLN D 360 16.38 14.53 26.26
N ASP D 361 15.07 14.45 26.33
CA ASP D 361 14.34 13.21 26.00
C ASP D 361 14.35 13.05 24.51
N ARG D 362 14.27 11.82 24.04
CA ARG D 362 14.22 11.57 22.61
C ARG D 362 12.81 11.84 22.10
N TYR D 363 12.63 11.74 20.80
CA TYR D 363 11.33 12.17 20.23
C TYR D 363 10.08 11.41 20.66
N PRO D 364 10.19 10.09 20.86
CA PRO D 364 8.96 9.34 21.26
C PRO D 364 8.29 10.01 22.43
N LEU D 365 9.04 10.61 23.35
CA LEU D 365 8.45 11.35 24.48
C LEU D 365 8.30 12.84 24.17
N ARG D 366 9.38 13.47 23.73
CA ARG D 366 9.44 14.92 23.64
C ARG D 366 8.52 15.46 22.52
N THR D 367 8.26 14.65 21.49
CA THR D 367 7.41 15.09 20.40
C THR D 367 6.02 14.43 20.40
N SER D 368 5.66 13.76 21.50
CA SER D 368 4.41 13.03 21.59
C SER D 368 3.16 13.90 21.35
N PRO D 369 3.10 15.14 21.88
CA PRO D 369 1.89 15.92 21.56
C PRO D 369 1.76 16.33 20.09
N GLN D 370 2.94 16.57 19.47
CA GLN D 370 3.02 16.94 18.07
C GLN D 370 2.71 15.72 17.16
N TRP D 371 2.96 14.53 17.69
CA TRP D 371 2.70 13.30 16.95
C TRP D 371 1.22 12.86 17.09
N LEU D 372 0.70 12.91 18.31
CA LEU D 372 -0.66 12.45 18.54
C LEU D 372 -1.71 13.54 18.17
N GLY D 373 -1.38 14.80 18.35
CA GLY D 373 -2.31 15.86 18.07
C GLY D 373 -3.05 15.68 16.75
N PRO D 374 -2.29 15.53 15.66
CA PRO D 374 -3.01 15.47 14.36
C PRO D 374 -4.02 14.36 14.22
N LEU D 375 -3.65 13.17 14.67
CA LEU D 375 -4.61 12.03 14.63
C LEU D 375 -5.78 12.15 15.57
N VAL D 376 -5.57 12.85 16.69
CA VAL D 376 -6.66 13.11 17.58
C VAL D 376 -7.66 14.03 16.88
N SER D 377 -7.18 15.07 16.17
CA SER D 377 -8.12 15.91 15.39
C SER D 377 -8.94 15.10 14.38
N ASP D 378 -8.29 14.13 13.73
CA ASP D 378 -8.99 13.22 12.82
C ASP D 378 -10.08 12.41 13.51
N LEU D 379 -9.77 11.89 14.71
CA LEU D 379 -10.75 11.12 15.48
C LEU D 379 -11.94 11.98 15.89
N ILE D 380 -11.68 13.23 16.29
CA ILE D 380 -12.74 14.15 16.66
C ILE D 380 -13.64 14.47 15.41
N HIS D 381 -12.98 14.65 14.26
CA HIS D 381 -13.70 14.87 13.01
C HIS D 381 -14.58 13.66 12.64
N ALA D 382 -14.00 12.47 12.75
CA ALA D 382 -14.72 11.24 12.47
C ALA D 382 -15.95 11.16 13.38
N HIS D 383 -15.79 11.58 14.65
CA HIS D 383 -16.91 11.54 15.55
C HIS D 383 -18.07 12.41 15.05
N ALA D 384 -17.74 13.61 14.56
CA ALA D 384 -18.76 14.52 14.04
C ALA D 384 -19.47 13.89 12.82
N VAL D 385 -18.70 13.26 11.93
CA VAL D 385 -19.24 12.69 10.73
C VAL D 385 -20.16 11.50 11.06
N LEU D 386 -19.66 10.61 11.90
CA LEU D 386 -20.44 9.43 12.26
C LEU D 386 -21.66 9.81 13.06
N THR D 387 -21.60 10.88 13.88
CA THR D 387 -22.79 11.27 14.60
C THR D 387 -23.94 11.63 13.65
N ILE D 388 -23.63 12.38 12.59
CA ILE D 388 -24.64 12.70 11.60
C ILE D 388 -25.09 11.42 10.86
N GLU D 389 -24.14 10.60 10.46
CA GLU D 389 -24.48 9.41 9.67
C GLU D 389 -25.34 8.40 10.41
N ALA D 390 -24.95 8.14 11.65
CA ALA D 390 -25.59 7.15 12.45
C ALA D 390 -26.87 7.67 13.08
N GLY D 391 -26.90 8.94 13.44
CA GLY D 391 -28.00 9.49 14.24
C GLY D 391 -28.98 10.44 13.60
N GLN D 392 -28.65 10.96 12.43
CA GLN D 392 -29.42 12.09 11.86
C GLN D 392 -29.57 12.00 10.34
N SER D 393 -29.51 10.79 9.81
CA SER D 393 -29.49 10.63 8.37
C SER D 393 -30.50 9.59 7.88
N THR D 394 -31.06 9.89 6.74
CA THR D 394 -31.88 8.94 6.01
C THR D 394 -31.03 8.43 4.85
N THR D 395 -30.81 7.12 4.77
CA THR D 395 -29.85 6.60 3.80
C THR D 395 -30.45 5.63 2.80
N ASP D 396 -31.77 5.41 2.82
CA ASP D 396 -32.37 4.63 1.80
C ASP D 396 -32.72 5.51 0.60
N ASN D 397 -33.50 4.98 -0.34
CA ASN D 397 -33.74 5.62 -1.62
C ASN D 397 -34.80 4.80 -2.33
N PRO D 398 -35.61 5.41 -3.20
CA PRO D 398 -35.93 6.83 -3.23
C PRO D 398 -36.57 7.35 -1.96
N LEU D 399 -36.52 8.66 -1.79
CA LEU D 399 -36.98 9.29 -0.56
C LEU D 399 -38.19 10.16 -0.82
N ILE D 400 -39.06 10.25 0.17
CA ILE D 400 -40.38 10.85 0.02
C ILE D 400 -40.44 12.15 0.81
N ASP D 401 -40.75 13.27 0.12
CA ASP D 401 -41.00 14.55 0.75
C ASP D 401 -42.52 14.69 0.82
N VAL D 402 -43.06 14.35 1.98
CA VAL D 402 -44.53 14.32 2.14
C VAL D 402 -45.10 15.71 2.09
N GLU D 403 -44.43 16.66 2.75
CA GLU D 403 -44.91 18.04 2.80
C GLU D 403 -45.09 18.60 1.40
N ASN D 404 -44.13 18.36 0.54
CA ASN D 404 -44.19 18.83 -0.84
C ASN D 404 -44.70 17.80 -1.86
N LYS D 405 -45.19 16.67 -1.38
CA LYS D 405 -45.77 15.63 -2.24
C LYS D 405 -44.91 15.18 -3.43
N THR D 406 -43.66 14.87 -3.13
CA THR D 406 -42.71 14.51 -4.19
C THR D 406 -41.80 13.39 -3.69
N SER D 407 -41.47 12.49 -4.60
CA SER D 407 -40.41 11.49 -4.41
C SER D 407 -39.13 11.99 -5.09
N HIS D 408 -38.00 11.58 -4.56
CA HIS D 408 -36.69 12.04 -5.01
C HIS D 408 -35.73 10.87 -5.16
N HIS D 409 -34.99 10.85 -6.27
CA HIS D 409 -34.05 9.79 -6.56
C HIS D 409 -32.64 10.31 -6.33
N GLY D 410 -32.01 9.78 -5.30
CA GLY D 410 -30.75 10.29 -4.81
C GLY D 410 -29.73 9.19 -4.53
N GLY D 411 -28.80 9.49 -3.63
CA GLY D 411 -27.67 8.59 -3.40
C GLY D 411 -27.17 8.52 -1.98
N ASN D 412 -28.09 8.67 -1.02
CA ASN D 412 -27.71 8.72 0.37
C ASN D 412 -27.24 7.41 0.96
N PHE D 413 -27.31 6.35 0.17
CA PHE D 413 -26.80 5.03 0.50
C PHE D 413 -25.27 4.91 0.21
N GLN D 414 -24.67 5.93 -0.44
CA GLN D 414 -23.26 5.85 -0.74
C GLN D 414 -22.43 6.20 0.50
N ALA D 415 -21.92 5.18 1.17
CA ALA D 415 -21.41 5.30 2.55
C ALA D 415 -19.95 5.85 2.54
N ALA D 416 -19.65 6.76 1.63
CA ALA D 416 -18.30 7.36 1.60
C ALA D 416 -18.01 8.14 2.89
N ALA D 417 -19.03 8.75 3.50
CA ALA D 417 -18.73 9.46 4.76
C ALA D 417 -18.18 8.48 5.80
N VAL D 418 -18.76 7.28 5.84
CA VAL D 418 -18.31 6.22 6.77
C VAL D 418 -16.93 5.70 6.42
N ALA D 419 -16.73 5.35 5.15
CA ALA D 419 -15.41 4.88 4.70
C ALA D 419 -14.35 5.89 5.06
N ASN D 420 -14.62 7.16 4.80
CA ASN D 420 -13.67 8.25 5.09
C ASN D 420 -13.19 8.19 6.53
N THR D 421 -14.13 8.03 7.45
CA THR D 421 -13.77 7.92 8.89
C THR D 421 -12.84 6.75 9.16
N MSE D 422 -13.13 5.65 8.48
CA MSE D 422 -12.43 4.40 8.77
C MSE D 422 -11.03 4.40 8.16
O MSE D 422 -10.08 3.88 8.80
CB MSE D 422 -13.24 3.24 8.28
CG MSE D 422 -14.52 3.07 9.06
SE MSE D 422 -14.08 2.50 10.95
CE MSE D 422 -14.25 4.28 11.85
N GLU D 423 -10.86 5.01 7.00
CA GLU D 423 -9.53 5.07 6.39
C GLU D 423 -8.61 5.94 7.25
N LYS D 424 -9.08 7.13 7.63
CA LYS D 424 -8.29 8.04 8.49
C LYS D 424 -7.99 7.40 9.87
N THR D 425 -8.99 6.81 10.49
CA THR D 425 -8.78 6.18 11.79
C THR D 425 -7.73 5.09 11.71
N ARG D 426 -7.76 4.26 10.67
CA ARG D 426 -6.81 3.15 10.59
C ARG D 426 -5.38 3.63 10.41
N LEU D 427 -5.20 4.70 9.64
CA LEU D 427 -3.86 5.34 9.55
C LEU D 427 -3.48 5.90 10.93
N GLY D 428 -4.46 6.49 11.64
CA GLY D 428 -4.17 7.03 12.98
C GLY D 428 -3.77 5.94 13.96
N LEU D 429 -4.38 4.76 13.88
CA LEU D 429 -4.03 3.69 14.82
C LEU D 429 -2.58 3.23 14.55
N ALA D 430 -2.18 3.21 13.28
CA ALA D 430 -0.81 2.86 12.94
C ALA D 430 0.14 3.90 13.51
N GLN D 431 -0.25 5.16 13.47
CA GLN D 431 0.61 6.24 13.98
C GLN D 431 0.72 6.18 15.52
N ILE D 432 -0.37 5.90 16.22
CA ILE D 432 -0.31 5.68 17.67
C ILE D 432 0.61 4.50 17.93
N GLY D 433 0.42 3.42 17.19
CA GLY D 433 1.20 2.21 17.44
C GLY D 433 2.68 2.46 17.24
N LYS D 434 3.06 3.16 16.16
CA LYS D 434 4.47 3.49 15.95
C LYS D 434 5.00 4.33 17.16
N LEU D 435 4.21 5.28 17.65
CA LEU D 435 4.68 6.06 18.80
C LEU D 435 4.94 5.20 20.01
N ASN D 436 3.94 4.45 20.43
CA ASN D 436 4.12 3.68 21.64
C ASN D 436 5.19 2.60 21.44
N PHE D 437 5.29 1.99 20.25
CA PHE D 437 6.35 1.02 20.04
C PHE D 437 7.74 1.71 20.26
N THR D 438 7.92 2.90 19.70
CA THR D 438 9.21 3.59 19.83
C THR D 438 9.52 3.92 21.29
N GLN D 439 8.50 4.30 22.04
CA GLN D 439 8.69 4.62 23.46
C GLN D 439 9.08 3.35 24.20
N LEU D 440 8.35 2.26 23.93
CA LEU D 440 8.60 0.98 24.60
C LEU D 440 9.97 0.45 24.28
N THR D 441 10.31 0.43 23.02
CA THR D 441 11.54 -0.29 22.65
C THR D 441 12.75 0.54 23.16
N GLU D 442 12.58 1.86 23.25
CA GLU D 442 13.61 2.68 23.90
C GLU D 442 13.78 2.27 25.37
N MSE D 443 12.66 2.11 26.05
CA MSE D 443 12.65 1.76 27.44
C MSE D 443 13.24 0.35 27.71
O MSE D 443 13.84 0.09 28.77
CB MSE D 443 11.22 1.88 28.00
CG MSE D 443 11.15 1.60 29.46
SE MSE D 443 9.37 1.92 30.18
CE MSE D 443 8.33 0.72 29.04
N LEU D 444 13.11 -0.53 26.72
CA LEU D 444 13.66 -1.89 26.84
C LEU D 444 15.10 -2.02 26.32
N ASN D 445 15.68 -0.90 25.87
CA ASN D 445 17.05 -0.90 25.39
C ASN D 445 17.99 -0.44 26.50
N ALA D 446 18.84 -1.35 27.01
CA ALA D 446 19.71 -1.01 28.15
C ALA D 446 20.66 0.18 27.86
N GLY D 447 21.00 0.38 26.60
CA GLY D 447 21.85 1.46 26.21
C GLY D 447 21.18 2.80 26.25
N MSE D 448 19.85 2.83 26.28
CA MSE D 448 19.06 4.06 26.13
C MSE D 448 18.14 4.43 27.31
O MSE D 448 17.57 5.55 27.37
CB MSE D 448 18.17 3.90 24.88
CG MSE D 448 18.94 3.64 23.65
SE MSE D 448 17.69 3.39 22.10
CE MSE D 448 17.25 5.20 21.92
N ASN D 449 18.00 3.51 28.25
CA ASN D 449 16.90 3.58 29.21
C ASN D 449 17.26 4.10 30.60
N ARG D 450 18.31 4.92 30.65
CA ARG D 450 18.69 5.64 31.86
C ARG D 450 18.88 4.67 33.00
N GLY D 451 19.49 3.54 32.72
CA GLY D 451 19.92 2.67 33.79
C GLY D 451 18.91 1.67 34.32
N LEU D 452 17.77 1.51 33.64
CA LEU D 452 16.86 0.42 34.01
C LEU D 452 17.54 -0.93 33.74
N PRO D 453 17.26 -1.95 34.58
CA PRO D 453 17.85 -3.25 34.31
C PRO D 453 17.62 -3.74 32.91
N SER D 454 18.61 -4.43 32.36
CA SER D 454 18.41 -4.99 31.03
C SER D 454 17.21 -5.93 30.98
N CYS D 455 16.42 -5.73 29.92
CA CYS D 455 15.18 -6.46 29.66
C CYS D 455 14.14 -6.33 30.76
N LEU D 456 14.33 -5.33 31.64
CA LEU D 456 13.53 -5.16 32.84
C LEU D 456 13.52 -6.42 33.73
N ALA D 457 14.65 -7.14 33.73
CA ALA D 457 14.84 -8.28 34.62
C ALA D 457 14.95 -7.76 36.05
N ALA D 458 14.29 -8.43 36.99
CA ALA D 458 14.33 -8.02 38.40
C ALA D 458 15.62 -8.47 39.13
N GLU D 459 16.23 -9.55 38.63
CA GLU D 459 17.35 -10.19 39.25
C GLU D 459 18.47 -10.28 38.17
N ASP D 460 19.52 -11.08 38.37
CA ASP D 460 20.69 -11.03 37.51
C ASP D 460 20.30 -11.26 36.07
N PRO D 461 20.66 -10.32 35.19
CA PRO D 461 20.23 -10.49 33.81
C PRO D 461 20.85 -11.63 33.03
N SER D 462 21.97 -12.18 33.50
CA SER D 462 22.55 -13.31 32.80
C SER D 462 21.58 -14.50 32.66
N LEU D 463 20.62 -14.60 33.56
CA LEU D 463 19.66 -15.69 33.51
C LEU D 463 18.19 -15.23 33.50
N SER D 464 17.99 -14.00 33.04
CA SER D 464 16.65 -13.45 32.98
C SER D 464 16.58 -12.41 31.86
N TYR D 465 15.75 -12.67 30.86
CA TYR D 465 15.62 -11.79 29.70
C TYR D 465 14.17 -11.26 29.63
N HIS D 466 13.58 -11.12 30.82
CA HIS D 466 12.17 -10.77 31.03
C HIS D 466 11.38 -10.26 29.84
N CYS D 467 11.54 -8.98 29.50
CA CYS D 467 10.73 -8.35 28.45
C CYS D 467 11.30 -8.38 27.02
N LYS D 468 12.33 -9.17 26.79
CA LYS D 468 12.92 -9.28 25.45
C LYS D 468 11.93 -9.80 24.42
N GLY D 469 11.14 -10.81 24.76
CA GLY D 469 10.13 -11.31 23.84
C GLY D 469 9.06 -10.27 23.54
N LEU D 470 8.68 -9.50 24.55
CA LEU D 470 7.66 -8.46 24.36
C LEU D 470 8.21 -7.33 23.47
N ASP D 471 9.50 -7.05 23.55
CA ASP D 471 10.12 -6.05 22.66
C ASP D 471 9.89 -6.51 21.20
N ILE D 472 10.16 -7.77 20.97
CA ILE D 472 9.95 -8.41 19.65
C ILE D 472 8.48 -8.38 19.24
N ALA D 473 7.60 -8.79 20.17
CA ALA D 473 6.14 -8.81 19.89
C ALA D 473 5.66 -7.43 19.51
N ALA D 474 6.17 -6.43 20.24
CA ALA D 474 5.76 -5.04 19.97
C ALA D 474 6.12 -4.65 18.55
N ALA D 475 7.31 -5.06 18.08
CA ALA D 475 7.69 -4.83 16.69
C ALA D 475 6.72 -5.47 15.73
N ALA D 476 6.40 -6.73 16.01
CA ALA D 476 5.53 -7.50 15.16
C ALA D 476 4.13 -6.83 15.04
N TYR D 477 3.59 -6.37 16.17
CA TYR D 477 2.29 -5.71 16.18
C TYR D 477 2.35 -4.43 15.33
N THR D 478 3.43 -3.66 15.50
CA THR D 478 3.60 -2.42 14.78
C THR D 478 3.69 -2.66 13.27
N SER D 479 4.49 -3.65 12.87
CA SER D 479 4.56 -3.98 11.45
C SER D 479 3.18 -4.29 10.87
N GLU D 480 2.45 -5.13 11.58
CA GLU D 480 1.08 -5.52 11.18
C GLU D 480 0.17 -4.27 11.01
N LEU D 481 0.25 -3.33 11.93
CA LEU D 481 -0.53 -2.08 11.82
C LEU D 481 -0.17 -1.31 10.57
N GLY D 482 1.11 -1.27 10.21
CA GLY D 482 1.56 -0.50 9.04
C GLY D 482 0.91 -1.01 7.76
N HIS D 483 0.94 -2.32 7.58
CA HIS D 483 0.32 -2.91 6.39
C HIS D 483 -1.19 -2.68 6.42
N LEU D 484 -1.83 -2.83 7.61
CA LEU D 484 -3.30 -2.65 7.69
C LEU D 484 -3.70 -1.23 7.22
N ALA D 485 -2.83 -0.22 7.47
CA ALA D 485 -3.17 1.19 7.26
C ALA D 485 -3.23 1.68 5.82
N ASN D 486 -2.86 0.83 4.86
CA ASN D 486 -3.07 1.21 3.44
C ASN D 486 -4.55 1.33 3.20
N PRO D 487 -4.96 2.26 2.32
CA PRO D 487 -6.38 2.50 2.04
C PRO D 487 -7.07 1.31 1.36
N VAL D 488 -8.30 1.05 1.74
CA VAL D 488 -9.18 0.12 1.04
C VAL D 488 -9.86 0.86 -0.15
N THR D 489 -10.10 2.14 0.04
CA THR D 489 -10.96 2.92 -0.85
C THR D 489 -10.40 3.17 -2.24
N THR D 490 -9.14 2.86 -2.43
CA THR D 490 -8.56 2.92 -3.73
C THR D 490 -8.72 1.64 -4.57
N HIS D 491 -9.49 0.70 -4.07
CA HIS D 491 -9.65 -0.59 -4.74
C HIS D 491 -11.06 -0.77 -5.28
N VAL D 492 -11.70 0.36 -5.56
CA VAL D 492 -13.06 0.36 -6.09
C VAL D 492 -13.12 -0.30 -7.48
N GLN D 493 -14.06 -1.23 -7.64
CA GLN D 493 -14.33 -1.94 -8.86
C GLN D 493 -15.64 -1.49 -9.51
N PRO D 494 -15.77 -1.65 -10.83
CA PRO D 494 -17.00 -1.22 -11.54
C PRO D 494 -18.20 -2.10 -11.37
N ALA D 495 -18.78 -2.05 -10.21
CA ALA D 495 -19.78 -3.01 -9.85
C ALA D 495 -21.14 -2.84 -10.52
N GLU D 496 -21.80 -3.97 -10.77
CA GLU D 496 -23.18 -4.01 -11.20
C GLU D 496 -23.42 -3.31 -12.51
N MSE D 497 -22.78 -3.82 -13.57
CA MSE D 497 -22.89 -3.24 -14.89
C MSE D 497 -22.46 -1.77 -14.93
O MSE D 497 -22.94 -0.98 -15.75
CB MSE D 497 -24.28 -3.40 -15.49
CG MSE D 497 -24.61 -4.86 -15.66
SE MSE D 497 -26.43 -5.03 -16.47
CE MSE D 497 -26.28 -3.95 -18.03
N ALA D 498 -21.52 -1.45 -14.04
CA ALA D 498 -21.07 -0.08 -13.84
C ALA D 498 -22.16 0.87 -13.37
N ASN D 499 -23.35 0.39 -12.97
CA ASN D 499 -24.29 1.27 -12.30
C ASN D 499 -23.69 1.79 -10.98
N GLN D 500 -22.96 0.87 -10.32
CA GLN D 500 -22.29 1.15 -9.09
C GLN D 500 -20.80 1.35 -9.31
N ALA D 501 -20.46 2.14 -10.33
CA ALA D 501 -19.06 2.28 -10.73
C ALA D 501 -18.15 2.96 -9.66
N VAL D 502 -18.78 3.77 -8.81
CA VAL D 502 -18.19 4.23 -7.57
C VAL D 502 -18.98 3.60 -6.41
N ASN D 503 -18.25 3.06 -5.45
CA ASN D 503 -18.80 2.38 -4.30
C ASN D 503 -17.81 2.58 -3.14
N SER D 504 -18.33 2.75 -1.93
CA SER D 504 -17.55 3.32 -0.88
C SER D 504 -16.60 2.35 -0.22
N LEU D 505 -16.96 1.07 -0.25
CA LEU D 505 -16.20 0.02 0.45
C LEU D 505 -16.10 0.28 1.96
N ALA D 506 -17.09 0.98 2.52
CA ALA D 506 -17.05 1.35 3.92
C ALA D 506 -16.99 0.16 4.88
N LEU D 507 -17.75 -0.91 4.63
CA LEU D 507 -17.74 -2.04 5.58
C LEU D 507 -16.40 -2.74 5.58
N ILE D 508 -15.81 -2.94 4.38
CA ILE D 508 -14.48 -3.54 4.31
C ILE D 508 -13.48 -2.67 5.06
N SER D 509 -13.53 -1.37 4.87
CA SER D 509 -12.65 -0.48 5.58
C SER D 509 -12.84 -0.59 7.11
N ALA D 510 -14.09 -0.56 7.52
CA ALA D 510 -14.43 -0.73 8.91
C ALA D 510 -13.91 -2.00 9.55
N ARG D 511 -14.02 -3.11 8.81
CA ARG D 511 -13.42 -4.38 9.27
C ARG D 511 -11.92 -4.25 9.46
N ARG D 512 -11.23 -3.60 8.54
CA ARG D 512 -9.80 -3.44 8.68
C ARG D 512 -9.46 -2.61 9.88
N THR D 513 -10.24 -1.53 10.11
CA THR D 513 -9.95 -0.65 11.23
C THR D 513 -10.21 -1.38 12.55
N THR D 514 -11.22 -2.22 12.53
CA THR D 514 -11.53 -3.04 13.71
C THR D 514 -10.34 -3.96 14.04
N GLU D 515 -9.75 -4.57 13.02
CA GLU D 515 -8.55 -5.39 13.21
C GLU D 515 -7.35 -4.55 13.73
N SER D 516 -7.17 -3.33 13.19
CA SER D 516 -6.17 -2.42 13.73
C SER D 516 -6.40 -2.08 15.20
N ASN D 517 -7.66 -1.89 15.60
CA ASN D 517 -7.94 -1.67 17.03
C ASN D 517 -7.43 -2.87 17.83
N ASP D 518 -7.69 -4.07 17.35
CA ASP D 518 -7.31 -5.28 18.02
C ASP D 518 -5.81 -5.41 18.13
N VAL D 519 -5.09 -5.19 17.03
CA VAL D 519 -3.62 -5.27 17.05
C VAL D 519 -3.04 -4.17 17.99
N LEU D 520 -3.57 -2.95 17.91
CA LEU D 520 -3.06 -1.91 18.81
C LEU D 520 -3.34 -2.19 20.27
N SER D 521 -4.47 -2.86 20.52
CA SER D 521 -4.77 -3.33 21.86
C SER D 521 -3.71 -4.31 22.38
N LEU D 522 -3.25 -5.20 21.51
CA LEU D 522 -2.21 -6.11 21.90
C LEU D 522 -0.91 -5.33 22.22
N LEU D 523 -0.62 -4.35 21.40
CA LEU D 523 0.57 -3.53 21.57
C LEU D 523 0.52 -2.67 22.84
N LEU D 524 -0.61 -2.00 23.06
CA LEU D 524 -0.75 -1.19 24.27
C LEU D 524 -0.82 -2.02 25.54
N ALA D 525 -1.37 -3.22 25.47
CA ALA D 525 -1.36 -4.12 26.64
C ALA D 525 0.10 -4.46 27.00
N THR D 526 0.86 -4.74 25.94
CA THR D 526 2.25 -5.06 26.08
C THR D 526 3.06 -3.92 26.69
N HIS D 527 2.82 -2.75 26.17
CA HIS D 527 3.50 -1.54 26.67
C HIS D 527 3.10 -1.32 28.15
N LEU D 528 1.84 -1.47 28.48
CA LEU D 528 1.40 -1.25 29.87
C LEU D 528 2.06 -2.28 30.78
N TYR D 529 2.07 -3.54 30.35
CA TYR D 529 2.76 -4.55 31.15
C TYR D 529 4.21 -4.13 31.49
N CYS D 530 4.94 -3.73 30.44
CA CYS D 530 6.35 -3.40 30.58
C CYS D 530 6.56 -2.15 31.43
N VAL D 531 5.74 -1.13 31.20
CA VAL D 531 5.98 0.13 31.91
C VAL D 531 5.78 -0.06 33.40
N LEU D 532 4.84 -0.94 33.78
CA LEU D 532 4.60 -1.14 35.22
C LEU D 532 5.80 -1.86 35.87
N GLN D 533 6.36 -2.86 35.18
CA GLN D 533 7.62 -3.49 35.65
C GLN D 533 8.72 -2.45 35.78
N ALA D 534 8.90 -1.60 34.75
CA ALA D 534 9.94 -0.54 34.80
C ALA D 534 9.73 0.40 35.97
N ILE D 535 8.46 0.74 36.26
CA ILE D 535 8.16 1.68 37.34
C ILE D 535 8.57 1.05 38.65
N ASP D 536 8.29 -0.25 38.81
CA ASP D 536 8.70 -0.95 40.04
C ASP D 536 10.21 -1.02 40.19
N LEU D 537 10.91 -1.26 39.09
CA LEU D 537 12.36 -1.34 39.17
C LEU D 537 12.93 0.01 39.46
N ARG D 538 12.32 1.06 38.89
CA ARG D 538 12.80 2.42 39.21
C ARG D 538 12.57 2.77 40.68
N ALA D 539 11.44 2.33 41.23
CA ALA D 539 11.12 2.57 42.65
C ALA D 539 12.16 1.86 43.52
N ILE D 540 12.54 0.63 43.13
CA ILE D 540 13.57 -0.11 43.87
C ILE D 540 14.88 0.65 43.82
N GLU D 541 15.18 1.20 42.66
CA GLU D 541 16.37 2.05 42.51
C GLU D 541 16.28 3.24 43.46
N PHE D 542 15.12 3.88 43.57
CA PHE D 542 15.03 5.04 44.40
C PHE D 542 15.16 4.67 45.90
N GLU D 543 14.59 3.53 46.28
CA GLU D 543 14.68 3.07 47.70
C GLU D 543 16.16 2.77 48.01
N PHE D 544 16.84 2.12 47.07
CA PHE D 544 18.28 1.88 47.25
C PHE D 544 19.03 3.18 47.48
N LYS D 545 18.76 4.15 46.63
CA LYS D 545 19.49 5.42 46.68
C LYS D 545 19.33 6.07 48.04
N LYS D 546 18.14 5.94 48.63
CA LYS D 546 17.88 6.52 49.97
C LYS D 546 18.86 6.06 51.01
N GLN D 547 19.19 4.78 50.96
CA GLN D 547 20.12 4.20 51.90
C GLN D 547 21.56 4.30 51.42
N PHE D 548 21.77 4.26 50.10
CA PHE D 548 23.14 4.23 49.63
C PHE D 548 23.90 5.56 49.67
N GLY D 549 23.22 6.68 49.47
CA GLY D 549 23.91 7.99 49.63
C GLY D 549 24.61 8.11 50.98
N PRO D 550 23.88 7.88 52.07
CA PRO D 550 24.55 7.90 53.39
C PRO D 550 25.62 6.80 53.58
N ALA D 551 25.48 5.65 52.93
CA ALA D 551 26.48 4.57 53.03
C ALA D 551 27.80 4.99 52.39
N ILE D 552 27.70 5.68 51.25
CA ILE D 552 28.89 6.16 50.54
C ILE D 552 29.67 7.08 51.50
N VAL D 553 28.93 7.98 52.13
CA VAL D 553 29.56 8.96 53.02
C VAL D 553 30.20 8.23 54.20
N SER D 554 29.48 7.27 54.80
CA SER D 554 30.00 6.63 56.00
C SER D 554 31.25 5.82 55.72
N LEU D 555 31.26 5.17 54.56
CA LEU D 555 32.44 4.35 54.22
C LEU D 555 33.64 5.23 53.89
N ILE D 556 33.41 6.37 53.24
CA ILE D 556 34.44 7.33 52.97
C ILE D 556 35.04 7.84 54.28
N ASP D 557 34.16 8.15 55.23
CA ASP D 557 34.63 8.62 56.54
C ASP D 557 35.39 7.57 57.30
N GLN D 558 34.88 6.34 57.27
CA GLN D 558 35.51 5.25 58.01
C GLN D 558 36.90 4.93 57.46
N HIS D 559 37.02 4.85 56.14
CA HIS D 559 38.30 4.43 55.52
C HIS D 559 39.28 5.56 55.31
N PHE D 560 38.74 6.75 54.95
CA PHE D 560 39.57 7.87 54.58
C PHE D 560 39.55 9.11 55.51
N GLY D 561 38.67 9.11 56.52
CA GLY D 561 38.53 10.29 57.40
C GLY D 561 39.84 10.79 57.99
N SER D 562 40.58 9.88 58.58
CA SER D 562 41.84 10.24 59.20
C SER D 562 42.84 10.88 58.22
N ALA D 563 42.95 10.30 57.03
CA ALA D 563 43.85 10.79 56.00
C ALA D 563 43.44 12.17 55.48
N MSE D 564 42.16 12.52 55.62
CA MSE D 564 41.65 13.80 55.11
C MSE D 564 41.61 14.86 56.19
O MSE D 564 41.33 15.99 55.87
CB MSE D 564 40.26 13.64 54.52
CG MSE D 564 40.22 12.71 53.35
SE MSE D 564 38.46 12.60 52.54
CE MSE D 564 38.68 13.70 51.25
N THR D 565 41.88 14.53 57.44
CA THR D 565 41.76 15.51 58.53
C THR D 565 42.59 16.75 58.27
N GLY D 566 42.01 17.92 58.55
CA GLY D 566 42.67 19.19 58.34
C GLY D 566 42.69 19.68 56.90
N SER D 567 42.11 18.90 56.00
CA SER D 567 42.07 19.25 54.61
C SER D 567 40.67 19.69 54.23
N ASN D 568 40.56 20.14 53.00
CA ASN D 568 39.31 20.49 52.42
C ASN D 568 38.98 19.46 51.36
N LEU D 569 39.30 18.18 51.60
CA LEU D 569 39.11 17.15 50.53
C LEU D 569 37.79 16.38 50.57
N ARG D 570 37.12 16.35 51.74
CA ARG D 570 35.98 15.45 51.95
C ARG D 570 34.78 15.80 51.08
N ASP D 571 34.36 17.05 51.08
CA ASP D 571 33.26 17.46 50.20
C ASP D 571 33.54 17.14 48.73
N GLU D 572 34.75 17.50 48.31
CA GLU D 572 35.15 17.21 46.95
C GLU D 572 35.06 15.73 46.65
N LEU D 573 35.57 14.90 47.55
CA LEU D 573 35.63 13.43 47.29
C LEU D 573 34.20 12.86 47.22
N VAL D 574 33.34 13.26 48.16
CA VAL D 574 31.96 12.76 48.14
C VAL D 574 31.28 13.14 46.83
N GLU D 575 31.39 14.41 46.44
CA GLU D 575 30.75 14.86 45.21
C GLU D 575 31.25 14.05 44.02
N LYS D 576 32.57 13.95 43.91
CA LYS D 576 33.17 13.36 42.73
C LYS D 576 32.97 11.85 42.66
N VAL D 577 33.02 11.16 43.79
CA VAL D 577 32.75 9.73 43.83
C VAL D 577 31.28 9.46 43.47
N ASN D 578 30.36 10.28 43.99
CA ASN D 578 28.96 10.16 43.58
C ASN D 578 28.77 10.33 42.06
N LYS D 579 29.39 11.36 41.49
CA LYS D 579 29.32 11.56 40.03
C LYS D 579 29.85 10.37 39.24
N THR D 580 30.98 9.83 39.69
CA THR D 580 31.64 8.75 38.98
C THR D 580 30.74 7.51 39.01
N LEU D 581 30.21 7.21 40.18
CA LEU D 581 29.34 6.05 40.39
C LEU D 581 28.11 6.18 39.51
N ALA D 582 27.44 7.32 39.60
CA ALA D 582 26.21 7.55 38.78
C ALA D 582 26.44 7.45 37.29
N LYS D 583 27.52 8.04 36.77
CA LYS D 583 27.82 7.97 35.35
C LYS D 583 28.09 6.51 34.93
N ARG D 584 28.79 5.76 35.78
CA ARG D 584 29.21 4.41 35.39
C ARG D 584 28.04 3.44 35.42
N LEU D 585 27.29 3.49 36.50
CA LEU D 585 26.16 2.57 36.73
C LEU D 585 25.11 2.65 35.63
N GLU D 586 24.96 3.83 35.06
CA GLU D 586 23.97 4.02 33.97
C GLU D 586 24.29 3.09 32.82
N GLN D 587 25.58 2.76 32.68
CA GLN D 587 26.10 2.00 31.57
C GLN D 587 26.23 0.51 31.83
N THR D 588 26.18 0.08 33.09
CA THR D 588 26.43 -1.31 33.40
C THR D 588 25.17 -2.00 33.90
N ASN D 589 24.02 -1.56 33.38
CA ASN D 589 22.73 -2.13 33.74
C ASN D 589 22.50 -3.53 33.15
N SER D 590 23.43 -4.00 32.30
CA SER D 590 23.43 -5.40 31.80
C SER D 590 24.33 -6.35 32.57
N TYR D 591 25.11 -5.81 33.51
CA TYR D 591 25.96 -6.66 34.34
C TYR D 591 25.19 -7.35 35.46
N ASP D 592 25.69 -8.53 35.83
CA ASP D 592 25.23 -9.18 37.05
C ASP D 592 25.66 -8.37 38.30
N LEU D 593 24.92 -8.52 39.38
CA LEU D 593 25.06 -7.65 40.52
C LEU D 593 26.47 -7.56 41.08
N VAL D 594 27.10 -8.70 41.32
CA VAL D 594 28.41 -8.71 41.96
C VAL D 594 29.47 -8.00 41.08
N PRO D 595 29.66 -8.45 39.83
CA PRO D 595 30.65 -7.72 38.99
C PRO D 595 30.28 -6.26 38.75
N ARG D 596 28.99 -5.94 38.72
CA ARG D 596 28.58 -4.58 38.52
C ARG D 596 29.14 -3.65 39.58
N TRP D 597 29.01 -4.04 40.84
CA TRP D 597 29.42 -3.16 41.92
C TRP D 597 30.94 -3.09 42.04
N HIS D 598 31.64 -4.19 41.79
CA HIS D 598 33.08 -4.09 41.79
C HIS D 598 33.60 -3.20 40.67
N ASP D 599 32.92 -3.27 39.53
CA ASP D 599 33.24 -2.40 38.40
C ASP D 599 33.06 -0.93 38.77
N ALA D 600 31.90 -0.61 39.34
CA ALA D 600 31.60 0.80 39.68
C ALA D 600 32.62 1.35 40.69
N PHE D 601 32.90 0.59 41.74
CA PHE D 601 33.88 1.07 42.71
C PHE D 601 35.35 1.02 42.28
N SER D 602 35.66 0.19 41.29
CA SER D 602 36.96 0.22 40.72
C SER D 602 37.15 1.56 39.99
N PHE D 603 36.11 1.98 39.28
CA PHE D 603 36.16 3.27 38.60
C PHE D 603 36.26 4.35 39.68
N ALA D 604 35.44 4.28 40.72
CA ALA D 604 35.49 5.28 41.79
C ALA D 604 36.86 5.34 42.49
N ALA D 605 37.54 4.19 42.60
CA ALA D 605 38.90 4.18 43.18
C ALA D 605 39.86 5.08 42.40
N GLY D 606 39.65 5.15 41.07
CA GLY D 606 40.43 6.10 40.24
C GLY D 606 40.19 7.55 40.66
N THR D 607 38.93 7.87 40.94
CA THR D 607 38.59 9.18 41.46
C THR D 607 39.25 9.44 42.80
N VAL D 608 39.29 8.44 43.68
CA VAL D 608 39.94 8.61 44.97
C VAL D 608 41.42 8.93 44.74
N VAL D 609 42.07 8.17 43.85
CA VAL D 609 43.47 8.44 43.53
C VAL D 609 43.71 9.89 43.17
N GLU D 610 42.85 10.48 42.34
CA GLU D 610 43.03 11.87 41.94
C GLU D 610 42.73 12.81 43.12
N VAL D 611 41.56 12.65 43.71
CA VAL D 611 41.13 13.65 44.70
C VAL D 611 41.99 13.59 45.96
N LEU D 612 42.43 12.38 46.34
CA LEU D 612 43.25 12.19 47.53
C LEU D 612 44.73 11.96 47.21
N SER D 613 45.16 12.49 46.07
CA SER D 613 46.55 12.31 45.65
C SER D 613 47.55 12.86 46.64
N SER D 614 47.15 13.87 47.43
CA SER D 614 48.05 14.47 48.40
C SER D 614 48.20 13.69 49.71
N THR D 615 47.35 12.69 49.90
CA THR D 615 47.27 12.00 51.19
C THR D 615 48.27 10.84 51.29
N SER D 616 48.33 10.29 52.50
CA SER D 616 49.26 9.23 52.85
C SER D 616 48.70 7.82 52.64
N LEU D 617 47.51 7.74 52.06
CA LEU D 617 46.79 6.45 51.96
C LEU D 617 47.59 5.45 51.14
N SER D 618 47.68 4.22 51.61
CA SER D 618 48.24 3.14 50.79
C SER D 618 47.26 2.67 49.70
N LEU D 619 47.79 1.99 48.69
CA LEU D 619 46.92 1.38 47.69
C LEU D 619 46.04 0.30 48.34
N ALA D 620 46.60 -0.41 49.32
CA ALA D 620 45.84 -1.44 50.04
C ALA D 620 44.62 -0.79 50.70
N ALA D 621 44.81 0.36 51.35
CA ALA D 621 43.69 1.09 52.00
C ALA D 621 42.62 1.48 51.01
N VAL D 622 43.01 2.00 49.85
CA VAL D 622 42.01 2.38 48.83
C VAL D 622 41.33 1.14 48.26
N ASN D 623 42.10 0.10 47.96
CA ASN D 623 41.48 -1.17 47.52
C ASN D 623 40.51 -1.74 48.57
N ALA D 624 40.86 -1.65 49.84
CA ALA D 624 40.01 -2.18 50.91
C ALA D 624 38.71 -1.42 50.96
N TRP D 625 38.77 -0.11 50.79
CA TRP D 625 37.52 0.69 50.70
C TRP D 625 36.69 0.23 49.52
N LYS D 626 37.34 0.09 48.38
CA LYS D 626 36.65 -0.31 47.14
C LYS D 626 35.90 -1.66 47.35
N VAL D 627 36.57 -2.61 47.99
CA VAL D 627 35.97 -3.91 48.25
C VAL D 627 34.79 -3.77 49.23
N ALA D 628 35.04 -3.06 50.32
CA ALA D 628 34.01 -2.87 51.34
C ALA D 628 32.78 -2.18 50.74
N ALA D 629 33.03 -1.15 49.94
CA ALA D 629 31.92 -0.37 49.39
C ALA D 629 31.10 -1.18 48.37
N ALA D 630 31.78 -1.95 47.52
CA ALA D 630 31.09 -2.85 46.64
C ALA D 630 30.27 -3.90 47.40
N GLU D 631 30.83 -4.52 48.42
CA GLU D 631 30.10 -5.51 49.23
C GLU D 631 28.87 -4.85 49.92
N SER D 632 29.05 -3.63 50.43
CA SER D 632 27.91 -2.83 51.00
C SER D 632 26.76 -2.64 50.01
N ALA D 633 27.12 -2.28 48.78
CA ALA D 633 26.14 -2.01 47.75
C ALA D 633 25.44 -3.28 47.30
N ILE D 634 26.21 -4.34 47.20
CA ILE D 634 25.65 -5.65 46.85
C ILE D 634 24.63 -6.07 47.91
N SER D 635 25.03 -6.02 49.18
CA SER D 635 24.11 -6.35 50.28
C SER D 635 22.89 -5.44 50.35
N LEU D 636 23.08 -4.13 50.16
CA LEU D 636 21.97 -3.22 50.21
C LEU D 636 20.99 -3.47 49.04
N THR D 637 21.53 -3.76 47.86
CA THR D 637 20.66 -4.09 46.74
C THR D 637 19.80 -5.32 47.06
N ARG D 638 20.42 -6.37 47.62
CA ARG D 638 19.69 -7.59 47.98
C ARG D 638 18.62 -7.30 49.01
N GLN D 639 18.92 -6.42 49.95
CA GLN D 639 17.98 -6.00 51.01
C GLN D 639 16.76 -5.29 50.44
N VAL D 640 17.01 -4.31 49.58
CA VAL D 640 15.94 -3.49 49.05
C VAL D 640 15.03 -4.37 48.20
N ARG D 641 15.62 -5.28 47.45
CA ARG D 641 14.82 -6.24 46.67
C ARG D 641 13.95 -7.11 47.59
N GLU D 642 14.53 -7.64 48.65
CA GLU D 642 13.73 -8.42 49.57
C GLU D 642 12.59 -7.63 50.15
N THR D 643 12.84 -6.38 50.53
CA THR D 643 11.80 -5.56 51.12
C THR D 643 10.65 -5.39 50.10
N PHE D 644 11.00 -5.22 48.82
CA PHE D 644 10.00 -5.09 47.76
C PHE D 644 9.15 -6.34 47.60
N TRP D 645 9.81 -7.48 47.48
CA TRP D 645 9.13 -8.75 47.20
C TRP D 645 8.37 -9.36 48.37
N SER D 646 8.65 -8.92 49.59
CA SER D 646 8.07 -9.51 50.79
C SER D 646 6.84 -8.72 51.30
N ALA D 647 6.39 -7.75 50.52
CA ALA D 647 5.18 -7.01 50.85
C ALA D 647 4.28 -7.07 49.66
N ALA D 648 3.01 -6.86 49.92
CA ALA D 648 2.04 -6.82 48.85
C ALA D 648 2.19 -5.56 48.00
N SER D 649 1.66 -5.63 46.79
CA SER D 649 1.77 -4.53 45.84
C SER D 649 1.01 -3.33 46.30
N THR D 650 0.06 -3.48 47.21
CA THR D 650 -0.62 -2.36 47.82
C THR D 650 0.31 -1.47 48.67
N SER D 651 1.46 -2.03 49.03
CA SER D 651 2.55 -1.30 49.71
C SER D 651 3.77 -1.06 48.80
N SER D 652 3.59 -1.19 47.48
CA SER D 652 4.71 -1.04 46.58
C SER D 652 5.34 0.33 46.77
N PRO D 653 6.68 0.40 46.75
CA PRO D 653 7.30 1.71 46.85
C PRO D 653 7.02 2.57 45.61
N ALA D 654 6.51 1.96 44.54
CA ALA D 654 6.10 2.75 43.36
C ALA D 654 5.06 3.83 43.77
N LEU D 655 4.23 3.49 44.76
CA LEU D 655 3.17 4.38 45.23
C LEU D 655 3.71 5.66 45.88
N SER D 656 4.96 5.61 46.34
CA SER D 656 5.64 6.77 46.90
C SER D 656 6.07 7.80 45.85
N TYR D 657 6.17 7.38 44.59
CA TYR D 657 6.75 8.23 43.55
C TYR D 657 5.82 8.51 42.35
N LEU D 658 4.92 7.60 42.05
CA LEU D 658 3.96 7.83 40.94
C LEU D 658 3.12 9.06 41.20
N SER D 659 2.80 9.77 40.11
CA SER D 659 1.76 10.78 40.14
C SER D 659 0.48 10.16 40.72
N PRO D 660 -0.35 10.95 41.39
CA PRO D 660 -1.63 10.43 41.87
C PRO D 660 -2.56 9.95 40.76
N ARG D 661 -2.47 10.52 39.58
CA ARG D 661 -3.31 10.04 38.47
C ARG D 661 -2.78 8.77 37.81
N THR D 662 -1.47 8.65 37.63
CA THR D 662 -0.95 7.42 37.03
C THR D 662 -1.04 6.25 38.01
N GLN D 663 -1.00 6.55 39.32
CA GLN D 663 -1.20 5.56 40.36
C GLN D 663 -2.52 4.78 40.12
N ILE D 664 -3.53 5.46 39.60
CA ILE D 664 -4.83 4.83 39.35
C ILE D 664 -4.67 3.64 38.39
N LEU D 665 -3.88 3.83 37.34
CA LEU D 665 -3.69 2.75 36.35
C LEU D 665 -2.82 1.65 36.89
N TYR D 666 -1.80 2.03 37.64
CA TYR D 666 -0.93 1.06 38.30
C TYR D 666 -1.75 0.12 39.17
N ALA D 667 -2.58 0.70 40.03
CA ALA D 667 -3.42 -0.09 40.93
C ALA D 667 -4.42 -0.93 40.15
N PHE D 668 -4.98 -0.38 39.07
CA PHE D 668 -5.93 -1.17 38.29
C PHE D 668 -5.29 -2.49 37.80
N VAL D 669 -4.10 -2.40 37.23
CA VAL D 669 -3.43 -3.61 36.73
C VAL D 669 -2.90 -4.49 37.86
N ARG D 670 -2.20 -3.89 38.83
CA ARG D 670 -1.52 -4.65 39.87
C ARG D 670 -2.52 -5.28 40.81
N GLU D 671 -3.59 -4.56 41.15
CA GLU D 671 -4.58 -5.05 42.12
C GLU D 671 -5.81 -5.66 41.42
N GLU D 672 -6.56 -4.90 40.63
CA GLU D 672 -7.80 -5.47 40.07
C GLU D 672 -7.57 -6.61 39.08
N LEU D 673 -6.59 -6.45 38.20
CA LEU D 673 -6.26 -7.51 37.25
C LEU D 673 -5.29 -8.53 37.80
N GLY D 674 -4.64 -8.23 38.90
CA GLY D 674 -3.76 -9.17 39.59
C GLY D 674 -2.43 -9.44 38.89
N VAL D 675 -2.08 -8.55 37.96
CA VAL D 675 -0.83 -8.71 37.23
C VAL D 675 0.29 -8.08 38.04
N LYS D 676 1.19 -8.92 38.56
CA LYS D 676 2.25 -8.45 39.46
C LYS D 676 3.57 -8.23 38.72
N ALA D 677 4.49 -7.51 39.34
CA ALA D 677 5.86 -7.54 38.90
C ALA D 677 6.34 -8.99 38.87
N ARG D 678 7.27 -9.27 37.96
CA ARG D 678 7.79 -10.61 37.76
C ARG D 678 9.24 -10.64 38.22
N ARG D 679 9.53 -11.54 39.15
CA ARG D 679 10.86 -11.61 39.72
C ARG D 679 11.84 -12.41 38.87
N GLY D 680 11.37 -13.47 38.21
CA GLY D 680 12.19 -14.24 37.27
C GLY D 680 12.20 -15.74 37.59
N ASP D 681 11.89 -16.56 36.57
CA ASP D 681 11.74 -18.01 36.76
C ASP D 681 13.02 -18.67 37.32
N VAL D 682 14.19 -18.26 36.83
CA VAL D 682 15.42 -18.88 37.29
C VAL D 682 15.72 -18.51 38.74
N PHE D 683 15.62 -17.20 39.06
CA PHE D 683 15.78 -16.78 40.45
C PHE D 683 14.90 -17.56 41.39
N LEU D 684 13.63 -17.68 40.99
CA LEU D 684 12.62 -18.34 41.83
C LEU D 684 12.70 -19.88 41.85
N GLY D 685 13.43 -20.47 40.92
CA GLY D 685 13.40 -21.92 40.76
C GLY D 685 12.01 -22.44 40.42
N LYS D 686 11.23 -21.61 39.73
CA LYS D 686 9.83 -21.94 39.42
C LYS D 686 9.50 -21.35 38.06
N GLN D 687 8.82 -22.14 37.23
CA GLN D 687 8.31 -21.60 35.98
C GLN D 687 6.91 -21.04 36.20
N GLU D 688 6.83 -19.74 36.46
CA GLU D 688 5.55 -19.16 36.85
C GLU D 688 4.62 -19.02 35.65
N VAL D 689 3.34 -18.84 35.95
CA VAL D 689 2.36 -18.42 34.90
C VAL D 689 3.04 -17.42 34.00
N THR D 690 2.87 -17.60 32.71
CA THR D 690 3.70 -16.92 31.72
C THR D 690 3.43 -15.42 31.63
N ILE D 691 4.43 -14.74 31.12
CA ILE D 691 4.30 -13.33 30.75
C ILE D 691 3.06 -13.14 29.89
N GLY D 692 2.91 -13.98 28.89
CA GLY D 692 1.82 -13.82 27.93
C GLY D 692 0.45 -13.94 28.57
N SER D 693 0.33 -14.88 29.52
CA SER D 693 -0.90 -15.02 30.34
C SER D 693 -1.27 -13.69 31.04
N ASN D 694 -0.26 -13.02 31.55
CA ASN D 694 -0.47 -11.73 32.26
C ASN D 694 -0.77 -10.60 31.28
N VAL D 695 -0.05 -10.53 30.16
CA VAL D 695 -0.40 -9.56 29.12
C VAL D 695 -1.82 -9.76 28.63
N SER D 696 -2.23 -11.03 28.50
CA SER D 696 -3.56 -11.36 28.01
C SER D 696 -4.65 -10.79 28.94
N LYS D 697 -4.44 -10.84 30.26
CA LYS D 697 -5.39 -10.22 31.23
C LYS D 697 -5.55 -8.72 30.93
N ILE D 698 -4.44 -8.06 30.63
CA ILE D 698 -4.51 -6.63 30.33
C ILE D 698 -5.26 -6.39 29.01
N TYR D 699 -4.87 -7.11 27.96
CA TYR D 699 -5.55 -7.06 26.67
C TYR D 699 -7.06 -7.26 26.86
N GLU D 700 -7.45 -8.27 27.64
CA GLU D 700 -8.89 -8.54 27.85
C GLU D 700 -9.63 -7.37 28.48
N ALA D 701 -8.95 -6.67 29.40
CA ALA D 701 -9.55 -5.50 30.05
C ALA D 701 -9.67 -4.32 29.10
N ILE D 702 -8.78 -4.27 28.11
CA ILE D 702 -8.88 -3.27 27.08
C ILE D 702 -10.03 -3.59 26.14
N LYS D 703 -10.08 -4.83 25.62
CA LYS D 703 -11.13 -5.23 24.67
C LYS D 703 -12.55 -5.16 25.24
N SER D 704 -12.69 -5.48 26.53
CA SER D 704 -13.98 -5.49 27.22
C SER D 704 -14.43 -4.09 27.58
N GLY D 705 -13.51 -3.13 27.55
CA GLY D 705 -13.86 -1.78 27.96
C GLY D 705 -13.75 -1.57 29.47
N ARG D 706 -13.33 -2.59 30.22
CA ARG D 706 -13.15 -2.43 31.65
C ARG D 706 -12.18 -1.29 31.98
N ILE D 707 -11.16 -1.15 31.16
CA ILE D 707 -10.17 -0.07 31.37
C ILE D 707 -10.73 1.35 31.15
N ASN D 708 -11.87 1.46 30.48
CA ASN D 708 -12.34 2.74 29.98
C ASN D 708 -12.60 3.76 31.11
N ASN D 709 -13.31 3.33 32.12
CA ASN D 709 -13.59 4.19 33.26
C ASN D 709 -12.32 4.52 34.06
N VAL D 710 -11.29 3.68 33.95
CA VAL D 710 -10.02 3.95 34.62
C VAL D 710 -9.37 5.13 33.91
N LEU D 711 -9.38 5.06 32.58
CA LEU D 711 -8.84 6.13 31.77
C LEU D 711 -9.54 7.44 32.03
N LEU D 712 -10.87 7.38 32.11
CA LEU D 712 -11.67 8.57 32.39
C LEU D 712 -11.34 9.16 33.75
N LYS D 713 -11.25 8.31 34.77
CA LYS D 713 -10.88 8.76 36.10
C LYS D 713 -9.56 9.48 36.10
N MSE D 714 -8.58 8.92 35.42
CA MSE D 714 -7.23 9.51 35.40
C MSE D 714 -7.22 10.89 34.76
O MSE D 714 -6.41 11.73 35.14
CB MSE D 714 -6.25 8.64 34.61
CG MSE D 714 -6.05 7.30 35.15
SE MSE D 714 -5.16 6.24 33.71
CE MSE D 714 -3.31 7.06 33.81
N LEU D 715 -8.11 11.09 33.78
CA LEU D 715 -8.06 12.29 32.93
C LEU D 715 -9.10 13.37 33.21
N ALA D 716 -9.88 13.20 34.27
CA ALA D 716 -10.73 14.29 34.75
C ALA D 716 -10.98 14.13 36.24
#